data_2RIR
#
_entry.id   2RIR
#
_cell.length_a   261.578
_cell.length_b   75.108
_cell.length_c   200.464
_cell.angle_alpha   90.000
_cell.angle_beta   119.740
_cell.angle_gamma   90.000
#
_symmetry.space_group_name_H-M   'C 1 2 1'
#
loop_
_entity.id
_entity.type
_entity.pdbx_description
1 polymer 'Dipicolinate synthase, A chain'
2 non-polymer 'CHLORIDE ION'
3 non-polymer 'NADP NICOTINAMIDE-ADENINE-DINUCLEOTIDE PHOSPHATE'
4 water water
#
_entity_poly.entity_id   1
_entity_poly.type   'polypeptide(L)'
_entity_poly.pdbx_seq_one_letter_code
;SNA(MSE)LTGLKIAVIGGDARQLEIIRKLTEQQADIYLVGFDQLDHGFTGAVKCNIDEIPFQQIDSIILPVSATTGEGV
VSTVFSNEEVVLKQDHLDRTPAHCVIFSGISNAYLENIAAQAKRKLVKLFERDDIAIYNSIPTVEGTI(MSE)LAIQHTD
YTIHGSQVAVLGLGRTG(MSE)TIARTFAALGANVKVGARSSAHLARITE(MSE)GLVPFHTDELKEHVKDIDICINTIP
S(MSE)ILNQTVLSS(MSE)TPKTLILDLASRPGGTDFKYAEKQGIKALLAPGLPGIVAPKTAGQILANVLSKLLAEIQA
EEGL
;
_entity_poly.pdbx_strand_id   A,B,C,D,E,F,G,H
#
loop_
_chem_comp.id
_chem_comp.type
_chem_comp.name
_chem_comp.formula
CL non-polymer 'CHLORIDE ION' 'Cl -1'
NAP non-polymer 'NADP NICOTINAMIDE-ADENINE-DINUCLEOTIDE PHOSPHATE' 'C21 H28 N7 O17 P3'
#
# COMPACT_ATOMS: atom_id res chain seq x y z
N ASN A 2 -26.71 57.81 -10.55
CA ASN A 2 -27.57 59.01 -10.32
C ASN A 2 -26.92 60.34 -10.78
N ALA A 3 -25.59 60.37 -10.93
CA ALA A 3 -24.87 61.57 -11.41
C ALA A 3 -25.12 61.82 -12.92
N MSE A 4 -25.99 62.78 -13.23
CA MSE A 4 -26.53 62.97 -14.59
C MSE A 4 -25.95 64.14 -15.38
O MSE A 4 -25.24 64.99 -14.83
CB MSE A 4 -28.06 63.07 -14.53
CG MSE A 4 -28.74 61.79 -14.03
SE MSE A 4 -28.64 60.29 -15.29
CE MSE A 4 -27.11 59.30 -14.58
N LEU A 5 -26.25 64.18 -16.69
CA LEU A 5 -25.61 65.12 -17.63
C LEU A 5 -26.63 65.60 -18.65
N THR A 6 -27.81 65.94 -18.14
CA THR A 6 -29.02 66.21 -18.93
C THR A 6 -28.95 67.44 -19.83
N GLY A 7 -28.77 68.60 -19.24
CA GLY A 7 -28.76 69.85 -20.01
C GLY A 7 -27.44 70.05 -20.76
N LEU A 8 -27.12 69.12 -21.65
CA LEU A 8 -25.83 69.17 -22.32
C LEU A 8 -25.86 68.69 -23.75
N LYS A 9 -25.40 69.58 -24.63
CA LYS A 9 -25.31 69.32 -26.06
C LYS A 9 -23.88 68.94 -26.32
N ILE A 10 -23.65 67.81 -26.99
CA ILE A 10 -22.29 67.38 -27.31
C ILE A 10 -22.20 66.77 -28.69
N ALA A 11 -21.16 67.15 -29.45
CA ALA A 11 -20.85 66.45 -30.70
C ALA A 11 -19.76 65.43 -30.45
N VAL A 12 -19.92 64.25 -31.04
CA VAL A 12 -18.89 63.24 -31.03
C VAL A 12 -18.54 63.01 -32.48
N ILE A 13 -17.37 63.50 -32.87
CA ILE A 13 -17.00 63.44 -34.26
C ILE A 13 -15.89 62.42 -34.44
N GLY A 14 -16.21 61.33 -35.15
CA GLY A 14 -15.26 60.27 -35.49
C GLY A 14 -14.97 59.35 -34.32
N GLY A 15 -13.99 58.47 -34.46
CA GLY A 15 -13.67 57.55 -33.37
C GLY A 15 -13.40 56.10 -33.71
N ASP A 16 -13.06 55.33 -32.68
CA ASP A 16 -12.66 53.94 -32.79
C ASP A 16 -13.73 53.17 -32.10
N ALA A 17 -13.45 51.88 -31.92
CA ALA A 17 -14.14 51.07 -30.90
C ALA A 17 -14.17 51.80 -29.56
N ARG A 18 -13.11 52.54 -29.24
CA ARG A 18 -13.02 53.21 -27.96
C ARG A 18 -14.16 54.18 -27.78
N GLN A 19 -14.50 54.93 -28.82
CA GLN A 19 -15.47 56.01 -28.70
C GLN A 19 -16.81 55.39 -28.38
N LEU A 20 -17.02 54.16 -28.83
CA LEU A 20 -18.25 53.45 -28.59
C LEU A 20 -18.57 53.39 -27.11
N GLU A 21 -17.53 53.23 -26.30
CA GLU A 21 -17.67 53.27 -24.86
C GLU A 21 -18.04 54.67 -24.34
N ILE A 22 -17.49 55.70 -24.97
CA ILE A 22 -17.75 57.07 -24.56
C ILE A 22 -19.22 57.45 -24.77
N ILE A 23 -19.68 57.25 -25.99
CA ILE A 23 -21.05 57.53 -26.31
C ILE A 23 -21.93 56.76 -25.31
N ARG A 24 -21.59 55.48 -25.10
CA ARG A 24 -22.33 54.61 -24.20
C ARG A 24 -22.57 55.25 -22.83
N LYS A 25 -21.54 55.90 -22.29
CA LYS A 25 -21.63 56.49 -20.95
C LYS A 25 -22.40 57.81 -20.96
N LEU A 26 -22.16 58.62 -21.98
CA LEU A 26 -22.82 59.91 -22.08
C LEU A 26 -24.33 59.72 -22.30
N THR A 27 -24.68 58.67 -23.03
CA THR A 27 -26.07 58.39 -23.31
C THR A 27 -26.75 57.76 -22.10
N GLU A 28 -26.01 56.97 -21.33
CA GLU A 28 -26.49 56.54 -20.02
C GLU A 28 -26.78 57.78 -19.16
N GLN A 29 -26.04 58.85 -19.39
CA GLN A 29 -26.14 60.08 -18.59
C GLN A 29 -27.04 61.14 -19.23
N GLN A 30 -27.70 60.73 -20.32
CA GLN A 30 -28.81 61.48 -20.90
C GLN A 30 -28.40 62.78 -21.57
N ALA A 31 -27.17 62.81 -22.09
CA ALA A 31 -26.67 63.95 -22.85
C ALA A 31 -27.26 63.95 -24.27
N ASP A 32 -27.25 65.10 -24.93
CA ASP A 32 -27.84 65.25 -26.25
C ASP A 32 -26.72 65.19 -27.25
N ILE A 33 -26.70 64.15 -28.07
CA ILE A 33 -25.48 63.86 -28.83
C ILE A 33 -25.66 63.87 -30.35
N TYR A 34 -24.63 64.38 -31.04
CA TYR A 34 -24.60 64.35 -32.49
C TYR A 34 -23.41 63.50 -32.93
N LEU A 35 -23.70 62.38 -33.61
CA LEU A 35 -22.68 61.45 -34.12
C LEU A 35 -22.31 61.54 -35.61
N VAL A 36 -21.11 62.03 -35.90
CA VAL A 36 -20.64 62.02 -37.29
C VAL A 36 -19.50 61.04 -37.45
N GLY A 37 -19.46 60.37 -38.60
CA GLY A 37 -18.46 59.34 -38.87
C GLY A 37 -18.87 57.96 -38.39
N PHE A 38 -20.19 57.71 -38.29
CA PHE A 38 -20.70 56.43 -37.81
C PHE A 38 -21.82 55.81 -38.62
N ASP A 39 -22.00 56.25 -39.88
CA ASP A 39 -23.00 55.65 -40.82
C ASP A 39 -22.87 54.13 -40.93
N GLN A 40 -21.62 53.65 -40.99
CA GLN A 40 -21.32 52.23 -41.16
C GLN A 40 -21.51 51.40 -39.88
N LEU A 41 -21.84 52.05 -38.77
CA LEU A 41 -22.06 51.32 -37.52
C LEU A 41 -23.43 50.63 -37.53
N ASP A 42 -23.47 49.36 -37.15
CA ASP A 42 -24.71 48.56 -37.31
C ASP A 42 -25.90 48.89 -36.39
N HIS A 43 -25.74 49.85 -35.47
CA HIS A 43 -26.79 50.21 -34.50
C HIS A 43 -26.64 51.65 -34.00
N GLY A 44 -27.63 52.08 -33.20
CA GLY A 44 -27.65 53.43 -32.63
C GLY A 44 -27.51 53.49 -31.12
N PHE A 45 -27.68 54.69 -30.56
CA PHE A 45 -27.62 54.93 -29.12
C PHE A 45 -28.74 55.82 -28.62
N THR A 46 -29.06 55.69 -27.34
CA THR A 46 -30.21 56.41 -26.77
C THR A 46 -29.96 57.89 -26.52
N GLY A 47 -30.44 58.72 -27.42
CA GLY A 47 -30.36 60.18 -27.26
C GLY A 47 -29.49 60.86 -28.29
N ALA A 48 -28.94 60.09 -29.23
CA ALA A 48 -27.97 60.57 -30.21
C ALA A 48 -28.43 60.33 -31.65
N VAL A 49 -28.27 61.32 -32.55
CA VAL A 49 -28.46 61.07 -33.99
C VAL A 49 -27.18 60.94 -34.79
N LYS A 50 -27.20 60.04 -35.75
CA LYS A 50 -26.17 60.01 -36.75
C LYS A 50 -26.44 61.12 -37.77
N CYS A 51 -25.45 62.00 -38.00
CA CYS A 51 -25.54 63.04 -39.04
C CYS A 51 -24.16 63.47 -39.61
N ASN A 52 -24.16 64.54 -40.39
CA ASN A 52 -22.96 65.11 -40.95
C ASN A 52 -22.49 66.27 -40.09
N ILE A 53 -21.20 66.56 -40.17
CA ILE A 53 -20.66 67.75 -39.53
C ILE A 53 -21.38 69.03 -39.98
N ASP A 54 -21.78 69.09 -41.24
CA ASP A 54 -22.48 70.26 -41.77
C ASP A 54 -23.92 70.34 -41.25
N GLU A 55 -24.33 69.30 -40.53
CA GLU A 55 -25.71 69.19 -40.07
C GLU A 55 -25.87 69.58 -38.60
N ILE A 56 -24.77 69.56 -37.87
CA ILE A 56 -24.78 69.80 -36.42
C ILE A 56 -24.95 71.28 -36.10
N PRO A 57 -25.74 71.60 -35.05
CA PRO A 57 -26.00 72.98 -34.63
C PRO A 57 -24.95 73.53 -33.66
N PHE A 58 -23.74 73.72 -34.18
CA PHE A 58 -22.60 74.16 -33.41
C PHE A 58 -22.81 75.34 -32.46
N GLN A 59 -23.73 76.23 -32.79
CA GLN A 59 -24.00 77.43 -31.98
C GLN A 59 -24.35 77.09 -30.53
N GLN A 60 -24.82 75.85 -30.34
CA GLN A 60 -25.34 75.36 -29.07
C GLN A 60 -24.51 74.26 -28.40
N ILE A 61 -23.43 73.81 -29.04
CA ILE A 61 -22.68 72.63 -28.57
C ILE A 61 -21.80 72.97 -27.37
N ASP A 62 -21.98 72.25 -26.27
CA ASP A 62 -21.19 72.53 -25.07
C ASP A 62 -19.84 71.84 -25.08
N SER A 63 -19.72 70.77 -25.87
CA SER A 63 -18.45 70.05 -26.02
C SER A 63 -18.34 69.25 -27.32
N ILE A 64 -17.12 69.23 -27.87
CA ILE A 64 -16.81 68.42 -29.05
C ILE A 64 -15.84 67.35 -28.64
N ILE A 65 -16.09 66.11 -29.03
CA ILE A 65 -15.16 65.00 -28.74
C ILE A 65 -14.56 64.36 -29.98
N LEU A 66 -13.24 64.30 -29.98
CA LEU A 66 -12.47 63.87 -31.14
C LEU A 66 -11.69 62.59 -30.85
N PRO A 67 -11.21 61.93 -31.89
CA PRO A 67 -10.51 60.68 -31.61
C PRO A 67 -9.22 60.92 -30.86
N VAL A 68 -8.73 59.87 -30.20
CA VAL A 68 -7.39 59.90 -29.61
C VAL A 68 -6.45 60.72 -30.49
N SER A 69 -6.34 60.39 -31.77
CA SER A 69 -5.45 61.17 -32.65
C SER A 69 -6.28 62.04 -33.56
N ALA A 70 -6.39 63.30 -33.18
CA ALA A 70 -7.50 64.13 -33.58
C ALA A 70 -7.70 64.26 -35.08
N THR A 71 -6.63 64.58 -35.78
CA THR A 71 -6.75 65.07 -37.14
C THR A 71 -5.49 64.79 -37.91
N THR A 72 -5.64 64.57 -39.23
CA THR A 72 -4.49 64.43 -40.11
C THR A 72 -4.36 65.66 -40.99
N GLY A 73 -3.27 66.40 -40.76
CA GLY A 73 -2.94 67.59 -41.49
C GLY A 73 -4.18 68.32 -41.92
N GLU A 74 -4.52 68.14 -43.19
CA GLU A 74 -5.57 68.88 -43.90
C GLU A 74 -6.97 68.89 -43.23
N GLY A 75 -7.05 68.50 -41.97
CA GLY A 75 -8.31 68.57 -41.24
C GLY A 75 -9.18 67.32 -41.26
N VAL A 76 -8.74 66.24 -41.91
CA VAL A 76 -9.54 65.02 -41.91
C VAL A 76 -9.56 64.37 -40.51
N VAL A 77 -10.77 64.02 -40.06
CA VAL A 77 -10.99 63.32 -38.80
C VAL A 77 -11.00 61.84 -39.13
N SER A 78 -10.33 61.04 -38.31
CA SER A 78 -10.22 59.61 -38.57
C SER A 78 -11.53 58.90 -38.20
N THR A 79 -12.05 58.11 -39.14
CA THR A 79 -13.28 57.34 -38.92
C THR A 79 -13.10 55.87 -39.32
N VAL A 80 -13.53 54.97 -38.44
CA VAL A 80 -13.44 53.54 -38.72
C VAL A 80 -14.82 53.06 -39.16
N PHE A 81 -15.82 53.86 -38.82
CA PHE A 81 -17.20 53.47 -39.00
C PHE A 81 -17.92 54.33 -40.01
N SER A 82 -17.21 54.74 -41.06
CA SER A 82 -17.80 55.58 -42.09
C SER A 82 -17.05 55.49 -43.41
N ASN A 83 -17.80 55.46 -44.50
CA ASN A 83 -17.25 55.47 -45.85
C ASN A 83 -16.82 56.88 -46.20
N GLU A 84 -17.66 57.83 -45.81
CA GLU A 84 -17.52 59.24 -46.17
C GLU A 84 -16.46 59.97 -45.32
N GLU A 85 -15.56 60.66 -46.01
CA GLU A 85 -14.46 61.38 -45.38
C GLU A 85 -14.95 62.61 -44.61
N VAL A 86 -14.51 62.73 -43.37
CA VAL A 86 -15.03 63.73 -42.47
C VAL A 86 -13.93 64.74 -42.16
N VAL A 87 -14.15 66.00 -42.55
CA VAL A 87 -13.13 67.06 -42.35
C VAL A 87 -13.61 68.19 -41.41
N LEU A 88 -12.82 68.46 -40.36
CA LEU A 88 -13.19 69.48 -39.38
C LEU A 88 -12.55 70.81 -39.71
N LYS A 89 -13.40 71.79 -39.93
CA LYS A 89 -12.96 73.09 -40.40
C LYS A 89 -12.87 74.12 -39.27
N GLN A 90 -12.06 75.17 -39.49
CA GLN A 90 -11.98 76.34 -38.60
C GLN A 90 -13.36 76.96 -38.32
N ASP A 91 -14.12 77.16 -39.40
CA ASP A 91 -15.46 77.72 -39.34
C ASP A 91 -16.38 77.02 -38.32
N HIS A 92 -16.21 75.69 -38.16
CA HIS A 92 -17.03 74.91 -37.22
C HIS A 92 -16.89 75.36 -35.77
N LEU A 93 -15.65 75.57 -35.35
CA LEU A 93 -15.37 75.92 -33.97
C LEU A 93 -15.79 77.36 -33.63
N ASP A 94 -15.77 78.23 -34.64
CA ASP A 94 -16.15 79.64 -34.47
C ASP A 94 -17.63 79.77 -34.19
N ARG A 95 -18.42 78.88 -34.81
CA ARG A 95 -19.86 78.90 -34.64
C ARG A 95 -20.25 78.55 -33.19
N THR A 96 -19.24 78.16 -32.41
CA THR A 96 -19.40 77.57 -31.08
C THR A 96 -19.49 78.62 -29.96
N PRO A 97 -20.25 78.34 -28.87
CA PRO A 97 -20.32 79.29 -27.73
C PRO A 97 -18.98 79.41 -26.99
N ALA A 98 -18.89 80.28 -26.00
CA ALA A 98 -17.60 80.53 -25.34
C ALA A 98 -17.11 79.33 -24.53
N HIS A 99 -17.99 78.77 -23.72
CA HIS A 99 -17.64 77.77 -22.71
C HIS A 99 -17.33 76.40 -23.29
N CYS A 100 -17.49 76.24 -24.58
CA CYS A 100 -17.39 74.93 -25.23
C CYS A 100 -16.00 74.29 -25.19
N VAL A 101 -15.92 73.05 -24.74
CA VAL A 101 -14.62 72.39 -24.59
C VAL A 101 -14.43 71.32 -25.66
N ILE A 102 -13.29 71.37 -26.34
CA ILE A 102 -12.92 70.37 -27.33
C ILE A 102 -12.00 69.36 -26.66
N PHE A 103 -12.42 68.08 -26.65
CA PHE A 103 -11.60 67.01 -26.08
C PHE A 103 -10.96 66.14 -27.15
N SER A 104 -9.71 65.79 -26.93
CA SER A 104 -8.94 64.90 -27.80
C SER A 104 -7.94 64.10 -26.93
N GLY A 105 -7.05 63.37 -27.57
CA GLY A 105 -6.15 62.49 -26.85
C GLY A 105 -4.74 62.98 -26.89
N ILE A 106 -4.09 62.79 -28.05
CA ILE A 106 -2.72 63.25 -28.18
C ILE A 106 -2.72 64.62 -28.85
N SER A 107 -1.57 65.29 -28.77
CA SER A 107 -1.31 66.55 -29.45
C SER A 107 -1.55 66.40 -30.96
N ASN A 108 -1.82 67.51 -31.63
CA ASN A 108 -1.98 67.55 -33.07
C ASN A 108 -1.94 69.01 -33.49
N ALA A 109 -0.99 69.35 -34.36
CA ALA A 109 -0.77 70.77 -34.74
C ALA A 109 -2.04 71.49 -35.25
N TYR A 110 -2.71 70.87 -36.23
CA TYR A 110 -3.88 71.47 -36.90
C TYR A 110 -5.01 71.82 -35.94
N LEU A 111 -5.25 70.92 -35.00
CA LEU A 111 -6.33 71.05 -34.04
C LEU A 111 -6.04 72.19 -33.07
N GLU A 112 -4.81 72.22 -32.57
CA GLU A 112 -4.38 73.26 -31.63
C GLU A 112 -4.51 74.64 -32.24
N ASN A 113 -4.10 74.76 -33.50
CA ASN A 113 -4.22 76.00 -34.28
C ASN A 113 -5.63 76.52 -34.32
N ILE A 114 -6.51 75.75 -34.94
CA ILE A 114 -7.87 76.19 -35.22
C ILE A 114 -8.64 76.40 -33.92
N ALA A 115 -8.26 75.66 -32.87
CA ALA A 115 -8.87 75.83 -31.55
C ALA A 115 -8.45 77.14 -30.85
N ALA A 116 -7.14 77.32 -30.61
CA ALA A 116 -6.64 78.60 -30.07
C ALA A 116 -7.20 79.74 -30.90
N GLN A 117 -7.11 79.65 -32.22
CA GLN A 117 -7.73 80.64 -33.11
C GLN A 117 -9.20 80.93 -32.79
N ALA A 118 -9.98 79.87 -32.53
CA ALA A 118 -11.42 80.01 -32.26
C ALA A 118 -11.71 80.51 -30.86
N LYS A 119 -10.65 80.79 -30.08
CA LYS A 119 -10.75 81.16 -28.67
C LYS A 119 -11.53 80.13 -27.86
N ARG A 120 -11.29 78.84 -28.13
CA ARG A 120 -11.95 77.72 -27.43
C ARG A 120 -10.96 76.75 -26.82
N LYS A 121 -11.24 76.34 -25.60
CA LYS A 121 -10.35 75.47 -24.84
C LYS A 121 -10.23 74.07 -25.47
N LEU A 122 -8.98 73.60 -25.61
CA LEU A 122 -8.70 72.26 -26.09
C LEU A 122 -8.02 71.43 -25.02
N VAL A 123 -8.69 70.38 -24.59
CA VAL A 123 -8.15 69.47 -23.58
C VAL A 123 -7.69 68.16 -24.23
N LYS A 124 -6.37 67.96 -24.25
CA LYS A 124 -5.77 66.74 -24.71
C LYS A 124 -5.67 65.78 -23.51
N LEU A 125 -6.56 64.80 -23.47
CA LEU A 125 -6.71 63.94 -22.31
C LEU A 125 -5.48 63.10 -21.95
N PHE A 126 -4.68 62.71 -22.93
CA PHE A 126 -3.52 61.86 -22.65
C PHE A 126 -2.39 62.52 -21.85
N GLU A 127 -2.49 63.84 -21.65
CA GLU A 127 -1.48 64.54 -20.87
C GLU A 127 -1.89 64.64 -19.42
N ARG A 128 -3.00 64.00 -19.06
CA ARG A 128 -3.44 64.00 -17.68
C ARG A 128 -2.82 62.83 -16.96
N ASP A 129 -2.58 62.98 -15.66
CA ASP A 129 -2.00 61.90 -14.87
C ASP A 129 -2.98 60.75 -14.72
N ASP A 130 -4.26 61.06 -14.54
CA ASP A 130 -5.18 59.97 -14.26
C ASP A 130 -5.37 59.09 -15.49
N ILE A 131 -5.54 59.71 -16.65
CA ILE A 131 -5.54 58.93 -17.86
C ILE A 131 -4.28 58.09 -17.98
N ALA A 132 -3.12 58.71 -17.85
CA ALA A 132 -1.87 57.96 -17.98
C ALA A 132 -1.79 56.78 -17.01
N ILE A 133 -2.39 56.90 -15.82
CA ILE A 133 -2.24 55.86 -14.79
C ILE A 133 -3.19 54.70 -15.07
N TYR A 134 -4.45 55.02 -15.39
CA TYR A 134 -5.45 54.05 -15.81
C TYR A 134 -4.98 53.31 -17.06
N ASN A 135 -4.48 54.04 -18.06
CA ASN A 135 -3.99 53.37 -19.25
C ASN A 135 -2.81 52.42 -19.03
N SER A 136 -2.06 52.60 -17.95
CA SER A 136 -0.91 51.74 -17.77
C SER A 136 -1.35 50.27 -17.59
N ILE A 137 -2.56 50.09 -17.09
CA ILE A 137 -3.11 48.74 -16.89
C ILE A 137 -3.29 48.04 -18.24
N PRO A 138 -4.09 48.63 -19.16
CA PRO A 138 -4.19 47.97 -20.46
C PRO A 138 -2.81 47.78 -21.05
N THR A 139 -1.90 48.70 -20.79
CA THR A 139 -0.59 48.58 -21.43
C THR A 139 0.30 47.45 -20.89
N VAL A 140 0.31 47.18 -19.58
CA VAL A 140 0.99 45.95 -19.13
C VAL A 140 0.42 44.76 -19.83
N GLU A 141 -0.91 44.71 -19.94
CA GLU A 141 -1.55 43.50 -20.44
C GLU A 141 -1.02 43.27 -21.84
N GLY A 142 -0.85 44.38 -22.56
CA GLY A 142 -0.23 44.38 -23.87
C GLY A 142 1.17 43.84 -23.80
N THR A 143 1.92 44.28 -22.79
CA THR A 143 3.35 43.97 -22.68
C THR A 143 3.54 42.55 -22.27
N ILE A 144 2.62 42.06 -21.42
CA ILE A 144 2.62 40.67 -21.02
C ILE A 144 2.43 39.88 -22.29
N MSE A 145 1.41 40.25 -23.07
CA MSE A 145 1.14 39.59 -24.35
CA MSE A 145 1.13 39.57 -24.34
C MSE A 145 2.41 39.54 -25.19
O MSE A 145 2.90 38.45 -25.54
CB MSE A 145 0.01 40.29 -25.11
CB MSE A 145 -0.03 40.24 -25.09
CG MSE A 145 -0.21 39.70 -26.47
CG MSE A 145 -0.63 39.39 -26.20
SE MSE A 145 -1.46 40.67 -27.57
SE MSE A 145 -0.88 37.48 -25.77
CE MSE A 145 -0.27 41.97 -28.43
CE MSE A 145 0.66 36.69 -26.68
N LEU A 146 2.96 40.72 -25.48
CA LEU A 146 4.19 40.76 -26.25
C LEU A 146 5.32 39.85 -25.70
N ALA A 147 5.39 39.71 -24.37
CA ALA A 147 6.42 38.88 -23.77
C ALA A 147 6.11 37.39 -23.92
N ILE A 148 4.87 37.00 -23.72
CA ILE A 148 4.53 35.60 -23.95
C ILE A 148 4.82 35.18 -25.39
N GLN A 149 4.43 35.98 -26.38
CA GLN A 149 4.65 35.56 -27.77
C GLN A 149 6.10 35.57 -28.27
N HIS A 150 6.92 36.53 -27.84
CA HIS A 150 8.28 36.59 -28.37
C HIS A 150 9.31 35.86 -27.53
N THR A 151 8.85 34.94 -26.67
CA THR A 151 9.76 34.11 -25.84
C THR A 151 9.36 32.61 -25.84
N ASP A 152 10.33 31.70 -25.74
CA ASP A 152 9.99 30.30 -25.61
C ASP A 152 10.07 29.78 -24.15
N TYR A 153 10.26 30.73 -23.23
CA TYR A 153 10.31 30.49 -21.79
C TYR A 153 9.18 31.22 -21.07
N THR A 154 9.12 30.97 -19.78
CA THR A 154 8.03 31.35 -18.89
C THR A 154 8.40 32.69 -18.23
N ILE A 155 7.46 33.63 -18.16
CA ILE A 155 7.74 34.94 -17.54
C ILE A 155 8.15 34.68 -16.10
N HIS A 156 7.38 33.81 -15.47
CA HIS A 156 7.61 33.38 -14.12
C HIS A 156 9.05 32.89 -14.05
N GLY A 157 9.79 33.33 -13.04
CA GLY A 157 11.15 32.87 -12.79
C GLY A 157 12.26 33.39 -13.72
N SER A 158 11.90 34.28 -14.63
CA SER A 158 12.85 34.95 -15.52
C SER A 158 13.37 36.28 -14.94
N GLN A 159 14.38 36.88 -15.62
CA GLN A 159 14.98 38.15 -15.19
C GLN A 159 14.40 39.28 -16.04
N VAL A 160 13.69 40.19 -15.38
CA VAL A 160 13.10 41.29 -16.11
C VAL A 160 13.56 42.59 -15.52
N ALA A 161 14.09 43.49 -16.38
CA ALA A 161 14.31 44.92 -16.10
C ALA A 161 13.15 45.79 -16.62
N VAL A 162 12.67 46.69 -15.77
CA VAL A 162 11.75 47.75 -16.17
C VAL A 162 12.51 49.02 -15.92
N LEU A 163 12.61 49.84 -16.97
CA LEU A 163 13.33 51.10 -16.92
C LEU A 163 12.33 52.19 -16.67
N GLY A 164 12.45 52.88 -15.53
CA GLY A 164 11.56 54.01 -15.24
C GLY A 164 10.48 53.66 -14.23
N LEU A 165 10.34 54.47 -13.19
CA LEU A 165 9.26 54.21 -12.23
C LEU A 165 8.30 55.36 -12.31
N GLY A 166 7.96 55.71 -13.54
CA GLY A 166 7.02 56.79 -13.76
C GLY A 166 5.64 56.20 -13.67
N ARG A 167 4.68 56.96 -14.19
CA ARG A 167 3.28 56.58 -14.05
C ARG A 167 3.06 55.16 -14.59
N THR A 168 3.59 54.81 -15.74
CA THR A 168 3.30 53.47 -16.23
C THR A 168 4.27 52.43 -15.67
N GLY A 169 5.56 52.78 -15.66
CA GLY A 169 6.63 51.92 -15.11
C GLY A 169 6.26 51.27 -13.80
N MSE A 170 5.68 52.04 -12.89
CA MSE A 170 5.21 51.52 -11.63
C MSE A 170 4.26 50.38 -11.87
O MSE A 170 4.39 49.38 -11.22
CB MSE A 170 4.50 52.58 -10.82
CG MSE A 170 5.01 52.66 -9.39
SE MSE A 170 3.64 53.44 -8.23
CE MSE A 170 2.50 51.88 -8.39
N THR A 171 3.33 50.51 -12.80
CA THR A 171 2.41 49.41 -13.08
C THR A 171 3.08 48.22 -13.76
N ILE A 172 4.03 48.49 -14.66
CA ILE A 172 4.74 47.41 -15.34
C ILE A 172 5.56 46.58 -14.33
N ALA A 173 6.27 47.25 -13.45
CA ALA A 173 7.02 46.58 -12.41
C ALA A 173 6.15 45.74 -11.47
N ARG A 174 5.05 46.31 -10.99
CA ARG A 174 4.24 45.61 -10.02
C ARG A 174 3.74 44.31 -10.66
N THR A 175 3.27 44.46 -11.89
CA THR A 175 2.62 43.36 -12.62
C THR A 175 3.57 42.22 -13.01
N PHE A 176 4.70 42.53 -13.63
CA PHE A 176 5.67 41.46 -13.88
C PHE A 176 6.18 40.74 -12.60
N ALA A 177 6.34 41.50 -11.51
CA ALA A 177 6.57 40.90 -10.19
C ALA A 177 5.43 39.95 -9.79
N ALA A 178 4.19 40.37 -9.96
CA ALA A 178 3.03 39.57 -9.52
C ALA A 178 3.01 38.20 -10.14
N LEU A 179 3.63 38.14 -11.32
CA LEU A 179 3.51 37.08 -12.26
C LEU A 179 4.73 36.21 -12.15
N GLY A 180 5.58 36.47 -11.17
CA GLY A 180 6.65 35.54 -10.86
C GLY A 180 8.02 35.77 -11.43
N ALA A 181 8.19 36.81 -12.25
CA ALA A 181 9.54 37.17 -12.70
C ALA A 181 10.34 37.77 -11.56
N ASN A 182 11.65 37.74 -11.70
CA ASN A 182 12.56 38.45 -10.82
C ASN A 182 12.80 39.81 -11.44
N VAL A 183 12.05 40.79 -10.91
CA VAL A 183 12.03 42.13 -11.46
C VAL A 183 13.04 43.03 -10.76
N LYS A 184 13.92 43.62 -11.57
CA LYS A 184 14.72 44.76 -11.15
C LYS A 184 14.14 45.98 -11.88
N VAL A 185 14.22 47.14 -11.25
CA VAL A 185 13.84 48.37 -11.95
C VAL A 185 14.84 49.49 -11.81
N GLY A 186 15.20 50.09 -12.93
CA GLY A 186 16.16 51.19 -12.92
C GLY A 186 15.49 52.56 -12.92
N ALA A 187 16.03 53.46 -12.09
CA ALA A 187 15.53 54.83 -12.04
C ALA A 187 16.66 55.77 -11.68
N ARG A 188 16.34 57.06 -11.64
CA ARG A 188 17.36 58.11 -11.43
C ARG A 188 17.14 58.81 -10.06
N SER A 189 15.89 59.11 -9.70
CA SER A 189 15.57 59.80 -8.44
C SER A 189 15.77 58.92 -7.22
N SER A 190 16.10 59.53 -6.09
CA SER A 190 16.24 58.74 -4.86
C SER A 190 14.91 58.19 -4.32
N ALA A 191 13.81 58.91 -4.58
CA ALA A 191 12.51 58.48 -4.09
C ALA A 191 12.05 57.25 -4.90
N HIS A 192 12.29 57.29 -6.20
CA HIS A 192 12.00 56.13 -6.98
C HIS A 192 12.78 54.97 -6.47
N LEU A 193 14.08 55.19 -6.27
CA LEU A 193 14.94 54.13 -5.79
C LEU A 193 14.43 53.56 -4.49
N ALA A 194 13.96 54.42 -3.59
CA ALA A 194 13.43 53.98 -2.31
C ALA A 194 12.10 53.24 -2.45
N ARG A 195 11.28 53.66 -3.41
CA ARG A 195 9.97 53.05 -3.58
C ARG A 195 10.19 51.68 -4.23
N ILE A 196 11.06 51.64 -5.22
CA ILE A 196 11.38 50.36 -5.82
C ILE A 196 11.72 49.36 -4.72
N THR A 197 12.52 49.76 -3.72
CA THR A 197 12.74 48.82 -2.62
C THR A 197 11.48 48.52 -1.76
N GLU A 198 10.69 49.53 -1.34
CA GLU A 198 9.47 49.17 -0.56
C GLU A 198 8.55 48.18 -1.26
N MSE A 199 8.42 48.29 -2.58
CA MSE A 199 7.65 47.34 -3.38
C MSE A 199 8.29 45.95 -3.47
O MSE A 199 7.78 45.08 -4.17
CB MSE A 199 7.44 47.87 -4.80
CG MSE A 199 6.72 49.20 -4.90
SE MSE A 199 6.67 49.84 -6.73
CE MSE A 199 5.22 48.67 -7.31
N GLY A 200 9.43 45.76 -2.80
CA GLY A 200 10.10 44.47 -2.80
C GLY A 200 10.89 44.15 -4.07
N LEU A 201 11.06 45.13 -4.96
CA LEU A 201 11.86 44.89 -6.17
C LEU A 201 13.34 45.26 -6.00
N VAL A 202 14.15 45.05 -7.04
CA VAL A 202 15.59 45.35 -6.94
C VAL A 202 15.83 46.67 -7.64
N PRO A 203 16.25 47.70 -6.89
CA PRO A 203 16.47 48.96 -7.59
C PRO A 203 17.91 49.06 -8.13
N PHE A 204 18.05 49.78 -9.24
CA PHE A 204 19.35 50.29 -9.62
C PHE A 204 19.25 51.68 -10.24
N HIS A 205 20.37 52.38 -10.21
CA HIS A 205 20.42 53.69 -10.80
C HIS A 205 20.76 53.59 -12.27
N THR A 206 20.14 54.41 -13.09
CA THR A 206 20.23 54.20 -14.54
C THR A 206 21.64 54.48 -15.06
N ASP A 207 22.45 55.19 -14.26
CA ASP A 207 23.87 55.33 -14.53
C ASP A 207 24.60 53.98 -14.49
N GLU A 208 23.97 52.98 -13.86
CA GLU A 208 24.53 51.63 -13.94
C GLU A 208 23.87 50.74 -15.03
N LEU A 209 22.97 51.31 -15.84
CA LEU A 209 22.23 50.54 -16.85
C LEU A 209 23.05 49.43 -17.52
N LYS A 210 24.21 49.76 -18.10
CA LYS A 210 25.11 48.78 -18.71
C LYS A 210 25.28 47.48 -17.84
N GLU A 211 25.70 47.64 -16.59
CA GLU A 211 25.95 46.47 -15.74
C GLU A 211 24.72 45.60 -15.37
N HIS A 212 23.52 46.21 -15.35
CA HIS A 212 22.31 45.55 -14.84
C HIS A 212 21.48 44.90 -15.91
N VAL A 213 21.82 45.15 -17.17
CA VAL A 213 21.17 44.46 -18.29
C VAL A 213 22.08 43.46 -18.97
N LYS A 214 23.27 43.24 -18.43
CA LYS A 214 24.19 42.29 -19.04
C LYS A 214 23.49 40.96 -19.28
N ASP A 215 22.91 40.38 -18.23
CA ASP A 215 22.18 39.13 -18.41
C ASP A 215 20.75 39.18 -17.88
N ILE A 216 19.83 39.67 -18.70
CA ILE A 216 18.40 39.59 -18.39
C ILE A 216 17.67 39.04 -19.59
N ASP A 217 16.48 38.52 -19.34
CA ASP A 217 15.70 37.91 -20.37
C ASP A 217 14.90 38.99 -21.11
N ILE A 218 14.25 39.89 -20.39
CA ILE A 218 13.31 40.84 -20.98
C ILE A 218 13.57 42.22 -20.39
N CYS A 219 13.70 43.23 -21.24
CA CYS A 219 14.00 44.58 -20.77
C CYS A 219 12.90 45.51 -21.25
N ILE A 220 12.02 45.90 -20.34
CA ILE A 220 10.88 46.69 -20.73
C ILE A 220 11.29 48.11 -20.48
N ASN A 221 11.21 48.95 -21.51
CA ASN A 221 11.59 50.33 -21.34
C ASN A 221 10.42 51.29 -21.24
N THR A 222 10.62 52.31 -20.43
CA THR A 222 9.60 53.30 -20.13
C THR A 222 10.08 54.73 -20.37
N ILE A 223 11.39 54.93 -20.32
CA ILE A 223 11.92 56.30 -20.29
C ILE A 223 11.97 56.97 -21.69
N PRO A 224 11.47 58.22 -21.81
CA PRO A 224 11.47 58.91 -23.11
C PRO A 224 12.82 59.54 -23.50
N SER A 225 13.85 58.70 -23.71
CA SER A 225 15.23 59.14 -23.88
C SER A 225 16.03 57.94 -24.30
N MSE A 226 17.11 58.14 -25.03
CA MSE A 226 17.81 57.02 -25.64
C MSE A 226 18.84 56.42 -24.70
O MSE A 226 20.04 56.55 -24.93
CB MSE A 226 18.45 57.38 -26.97
CG MSE A 226 18.93 56.14 -27.73
SE MSE A 226 19.60 56.58 -29.50
CE MSE A 226 21.44 57.06 -28.96
N ILE A 227 18.34 55.73 -23.68
CA ILE A 227 19.19 55.15 -22.66
C ILE A 227 19.77 53.81 -23.11
N LEU A 228 18.98 53.07 -23.90
CA LEU A 228 19.44 51.82 -24.53
C LEU A 228 20.25 52.16 -25.78
N ASN A 229 21.41 52.73 -25.55
CA ASN A 229 22.18 53.31 -26.61
C ASN A 229 23.20 52.28 -27.02
N GLN A 230 24.00 52.59 -28.06
CA GLN A 230 24.97 51.64 -28.57
C GLN A 230 25.85 51.04 -27.50
N THR A 231 26.17 51.79 -26.46
CA THR A 231 27.16 51.28 -25.53
C THR A 231 26.53 50.34 -24.46
N VAL A 232 25.27 50.60 -24.09
CA VAL A 232 24.56 49.66 -23.25
C VAL A 232 24.30 48.35 -23.98
N LEU A 233 23.80 48.44 -25.21
CA LEU A 233 23.49 47.26 -26.00
C LEU A 233 24.69 46.40 -26.31
N SER A 234 25.87 47.01 -26.41
CA SER A 234 27.08 46.26 -26.77
C SER A 234 27.38 45.06 -25.84
N SER A 235 26.89 45.12 -24.61
CA SER A 235 27.19 44.09 -23.62
C SER A 235 25.89 43.46 -23.09
N MSE A 236 24.81 43.66 -23.86
CA MSE A 236 23.65 42.81 -23.77
C MSE A 236 23.89 41.63 -24.71
O MSE A 236 24.70 41.73 -25.64
CB MSE A 236 22.44 43.56 -24.26
CG MSE A 236 21.67 44.31 -23.24
SE MSE A 236 19.96 44.67 -24.10
CE MSE A 236 19.90 43.10 -25.22
N THR A 237 23.17 40.54 -24.49
CA THR A 237 23.26 39.37 -25.39
C THR A 237 22.00 39.22 -26.27
N PRO A 238 22.12 38.64 -27.49
CA PRO A 238 20.96 38.31 -28.36
C PRO A 238 19.79 37.60 -27.67
N LYS A 239 20.08 36.93 -26.55
CA LYS A 239 19.05 36.36 -25.67
C LYS A 239 18.08 37.39 -25.08
N THR A 240 18.41 38.67 -25.13
CA THR A 240 17.49 39.64 -24.55
C THR A 240 16.42 40.10 -25.52
N LEU A 241 15.23 40.24 -25.00
CA LEU A 241 14.16 40.90 -25.69
C LEU A 241 14.06 42.30 -25.12
N ILE A 242 14.07 43.32 -25.98
CA ILE A 242 13.77 44.70 -25.54
C ILE A 242 12.33 45.02 -25.94
N LEU A 243 11.50 45.43 -24.99
CA LEU A 243 10.18 45.84 -25.35
C LEU A 243 10.04 47.29 -24.95
N ASP A 244 9.98 48.15 -25.97
CA ASP A 244 10.10 49.60 -25.80
C ASP A 244 8.72 50.30 -25.83
N LEU A 245 8.29 50.85 -24.70
CA LEU A 245 6.97 51.46 -24.67
C LEU A 245 7.00 52.98 -24.72
N ALA A 246 8.20 53.55 -24.63
CA ALA A 246 8.34 55.00 -24.72
C ALA A 246 7.84 55.47 -26.08
N SER A 247 7.33 56.70 -26.15
CA SER A 247 6.79 57.25 -27.40
C SER A 247 7.86 57.51 -28.45
N ARG A 248 7.47 57.44 -29.72
CA ARG A 248 8.36 57.78 -30.82
C ARG A 248 9.26 58.91 -30.34
N PRO A 249 10.58 58.72 -30.38
CA PRO A 249 11.40 57.67 -31.00
C PRO A 249 11.74 56.46 -30.11
N GLY A 250 10.98 56.25 -29.04
CA GLY A 250 11.30 55.20 -28.10
C GLY A 250 12.51 55.54 -27.26
N GLY A 251 13.24 54.52 -26.83
CA GLY A 251 14.34 54.71 -25.88
C GLY A 251 15.60 54.01 -26.30
N THR A 252 15.61 53.46 -27.51
CA THR A 252 16.69 52.57 -27.90
C THR A 252 17.24 52.82 -29.30
N ASP A 253 18.54 52.59 -29.44
CA ASP A 253 19.21 52.58 -30.74
C ASP A 253 18.86 51.23 -31.43
N PHE A 254 17.66 51.19 -31.99
CA PHE A 254 17.15 50.01 -32.72
C PHE A 254 18.11 49.47 -33.78
N LYS A 255 18.59 50.38 -34.64
CA LYS A 255 19.48 50.08 -35.77
C LYS A 255 20.66 49.24 -35.31
N TYR A 256 21.13 49.54 -34.09
CA TYR A 256 22.30 48.88 -33.54
C TYR A 256 21.92 47.54 -32.97
N ALA A 257 20.92 47.55 -32.10
CA ALA A 257 20.31 46.32 -31.62
C ALA A 257 20.18 45.33 -32.79
N GLU A 258 19.61 45.81 -33.89
CA GLU A 258 19.47 45.00 -35.09
C GLU A 258 20.82 44.33 -35.41
N LYS A 259 21.82 45.12 -35.77
CA LYS A 259 23.15 44.56 -36.05
C LYS A 259 23.59 43.57 -34.97
N GLN A 260 23.35 43.91 -33.72
CA GLN A 260 23.73 43.02 -32.62
C GLN A 260 22.94 41.72 -32.51
N GLY A 261 21.90 41.61 -33.32
CA GLY A 261 21.02 40.46 -33.30
C GLY A 261 20.04 40.52 -32.15
N ILE A 262 19.53 41.71 -31.83
CA ILE A 262 18.66 41.86 -30.67
C ILE A 262 17.24 42.27 -31.05
N LYS A 263 16.27 41.46 -30.64
CA LYS A 263 14.90 41.83 -30.89
C LYS A 263 14.52 42.90 -29.91
N ALA A 264 14.41 44.12 -30.44
CA ALA A 264 13.88 45.23 -29.71
C ALA A 264 12.65 45.66 -30.49
N LEU A 265 11.55 45.88 -29.78
CA LEU A 265 10.28 46.18 -30.41
C LEU A 265 9.71 47.44 -29.83
N LEU A 266 9.25 48.34 -30.68
CA LEU A 266 8.62 49.56 -30.21
C LEU A 266 7.14 49.27 -30.26
N ALA A 267 6.43 49.53 -29.17
CA ALA A 267 5.04 49.14 -29.10
C ALA A 267 4.06 50.26 -28.71
N PRO A 268 3.63 51.06 -29.71
CA PRO A 268 2.80 52.22 -29.47
C PRO A 268 1.30 51.88 -29.37
N GLY A 269 0.53 52.68 -28.63
CA GLY A 269 -0.92 52.56 -28.59
C GLY A 269 -1.42 51.18 -28.20
N LEU A 270 -0.73 50.60 -27.20
CA LEU A 270 -1.03 49.28 -26.71
C LEU A 270 -2.43 49.17 -26.11
N PRO A 271 -2.87 50.16 -25.29
CA PRO A 271 -4.27 50.12 -24.80
C PRO A 271 -5.28 49.99 -25.93
N GLY A 272 -5.12 50.83 -26.95
CA GLY A 272 -5.99 50.74 -28.13
C GLY A 272 -6.03 49.40 -28.83
N ILE A 273 -4.88 48.75 -28.94
CA ILE A 273 -4.81 47.46 -29.64
C ILE A 273 -5.34 46.32 -28.77
N VAL A 274 -5.00 46.32 -27.49
CA VAL A 274 -5.20 45.12 -26.67
C VAL A 274 -6.52 45.05 -25.95
N ALA A 275 -7.01 46.18 -25.45
CA ALA A 275 -8.28 46.22 -24.75
C ALA A 275 -9.08 47.49 -25.10
N PRO A 276 -9.57 47.53 -26.35
CA PRO A 276 -10.32 48.70 -26.79
C PRO A 276 -11.47 49.07 -25.85
N LYS A 277 -12.20 48.10 -25.33
CA LYS A 277 -13.32 48.41 -24.44
C LYS A 277 -12.84 49.18 -23.22
N THR A 278 -11.74 48.73 -22.63
CA THR A 278 -11.28 49.26 -21.36
C THR A 278 -10.62 50.60 -21.63
N ALA A 279 -9.81 50.65 -22.71
CA ALA A 279 -9.22 51.91 -23.14
C ALA A 279 -10.33 52.95 -23.27
N GLY A 280 -11.41 52.57 -23.95
CA GLY A 280 -12.54 53.44 -24.15
C GLY A 280 -13.27 53.77 -22.87
N GLN A 281 -13.40 52.79 -22.00
CA GLN A 281 -14.13 53.00 -20.76
C GLN A 281 -13.40 54.05 -19.89
N ILE A 282 -12.08 54.07 -19.98
CA ILE A 282 -11.25 54.98 -19.19
C ILE A 282 -11.48 56.43 -19.60
N LEU A 283 -11.42 56.67 -20.92
CA LEU A 283 -11.64 57.98 -21.49
C LEU A 283 -13.05 58.42 -21.14
N ALA A 284 -14.03 57.57 -21.42
CA ALA A 284 -15.42 57.85 -21.04
C ALA A 284 -15.54 58.27 -19.58
N ASN A 285 -14.98 57.51 -18.65
CA ASN A 285 -15.12 57.82 -17.23
C ASN A 285 -14.54 59.19 -16.80
N VAL A 286 -13.43 59.58 -17.42
CA VAL A 286 -12.81 60.87 -17.11
C VAL A 286 -13.60 61.96 -17.83
N LEU A 287 -14.04 61.66 -19.05
CA LEU A 287 -14.84 62.62 -19.82
C LEU A 287 -16.12 62.98 -19.08
N SER A 288 -16.77 61.98 -18.51
CA SER A 288 -17.94 62.17 -17.68
C SER A 288 -17.66 63.20 -16.58
N LYS A 289 -16.61 62.97 -15.80
CA LYS A 289 -16.26 63.82 -14.69
C LYS A 289 -16.05 65.26 -15.17
N LEU A 290 -15.38 65.44 -16.31
CA LEU A 290 -15.00 66.79 -16.75
C LEU A 290 -16.18 67.60 -17.29
N LEU A 291 -17.16 66.88 -17.83
CA LEU A 291 -18.36 67.47 -18.41
C LEU A 291 -19.34 67.88 -17.33
N ALA A 292 -19.32 67.15 -16.22
CA ALA A 292 -20.15 67.48 -15.05
C ALA A 292 -19.73 68.82 -14.47
N GLU A 293 -18.42 69.09 -14.50
CA GLU A 293 -17.85 70.41 -14.18
C GLU A 293 -18.34 71.55 -15.11
N ILE A 294 -18.23 71.35 -16.42
CA ILE A 294 -18.74 72.30 -17.39
C ILE A 294 -20.23 72.52 -17.15
N GLN A 295 -20.97 71.44 -16.97
CA GLN A 295 -22.41 71.53 -16.72
C GLN A 295 -22.72 72.30 -15.44
N ALA A 296 -21.80 72.29 -14.48
CA ALA A 296 -21.97 72.99 -13.21
C ALA A 296 -21.77 74.52 -13.32
N GLU A 297 -20.93 74.96 -14.25
CA GLU A 297 -20.76 76.41 -14.48
C GLU A 297 -22.00 77.19 -14.98
N GLU A 298 -22.91 76.55 -15.70
CA GLU A 298 -24.10 77.24 -16.27
C GLU A 298 -25.42 76.74 -15.69
N ALA B 3 25.52 15.21 -7.96
CA ALA B 3 24.43 14.65 -8.81
C ALA B 3 24.95 14.25 -10.19
N MSE B 4 25.35 12.98 -10.29
CA MSE B 4 25.86 12.41 -11.53
C MSE B 4 25.20 11.04 -11.80
O MSE B 4 25.04 10.22 -10.88
CB MSE B 4 27.40 12.31 -11.49
CG MSE B 4 28.11 13.68 -11.43
SE MSE B 4 27.93 14.77 -13.08
CE MSE B 4 27.59 16.56 -12.31
N LEU B 5 24.82 10.82 -13.05
CA LEU B 5 24.26 9.55 -13.51
C LEU B 5 25.33 8.73 -14.26
N THR B 6 26.57 8.84 -13.77
CA THR B 6 27.76 8.17 -14.31
C THR B 6 27.51 6.73 -14.77
N GLY B 7 27.15 5.85 -13.84
CA GLY B 7 26.96 4.44 -14.16
C GLY B 7 25.53 4.09 -14.48
N LEU B 8 24.98 4.68 -15.53
CA LEU B 8 23.56 4.50 -15.87
C LEU B 8 23.34 4.46 -17.36
N LYS B 9 22.84 3.33 -17.83
CA LYS B 9 22.52 3.17 -19.24
C LYS B 9 21.04 3.51 -19.47
N ILE B 10 20.80 4.47 -20.36
CA ILE B 10 19.46 4.99 -20.60
C ILE B 10 19.18 5.08 -22.10
N ALA B 11 18.02 4.55 -22.52
CA ALA B 11 17.52 4.66 -23.89
C ALA B 11 16.48 5.75 -23.98
N VAL B 12 16.74 6.77 -24.80
CA VAL B 12 15.71 7.76 -25.07
C VAL B 12 15.16 7.38 -26.41
N ILE B 13 13.84 7.14 -26.49
CA ILE B 13 13.19 6.67 -27.72
C ILE B 13 12.09 7.61 -28.22
N GLY B 14 12.29 8.18 -29.42
CA GLY B 14 11.36 9.15 -30.00
C GLY B 14 11.27 10.42 -29.17
N GLY B 15 10.47 11.38 -29.62
CA GLY B 15 10.21 12.62 -28.88
C GLY B 15 10.24 13.89 -29.72
N ASP B 16 9.96 15.04 -29.08
CA ASP B 16 10.03 16.35 -29.76
C ASP B 16 11.07 17.29 -29.14
N ALA B 17 10.91 18.60 -29.35
CA ALA B 17 11.81 19.60 -28.77
C ALA B 17 12.10 19.32 -27.28
N ARG B 18 11.04 18.91 -26.57
CA ARG B 18 11.13 18.64 -25.15
C ARG B 18 12.16 17.55 -24.81
N GLN B 19 12.18 16.50 -25.62
CA GLN B 19 13.07 15.37 -25.36
C GLN B 19 14.55 15.79 -25.50
N LEU B 20 14.80 16.72 -26.42
CA LEU B 20 16.13 17.29 -26.64
C LEU B 20 16.64 17.88 -25.35
N GLU B 21 15.73 18.59 -24.69
CA GLU B 21 15.97 19.19 -23.40
C GLU B 21 16.38 18.15 -22.36
N ILE B 22 15.71 17.01 -22.37
CA ILE B 22 16.02 15.91 -21.47
C ILE B 22 17.42 15.30 -21.78
N ILE B 23 17.66 15.05 -23.07
CA ILE B 23 18.95 14.49 -23.48
C ILE B 23 20.09 15.45 -23.05
N ARG B 24 20.01 16.73 -23.43
CA ARG B 24 20.88 17.75 -22.89
C ARG B 24 21.22 17.48 -21.40
N LYS B 25 20.20 17.62 -20.55
CA LYS B 25 20.38 17.43 -19.10
C LYS B 25 20.98 16.06 -18.71
N LEU B 26 20.59 15.00 -19.40
CA LEU B 26 21.08 13.69 -19.06
C LEU B 26 22.51 13.43 -19.54
N THR B 27 22.93 14.16 -20.57
CA THR B 27 24.33 14.08 -20.97
C THR B 27 25.18 14.93 -20.02
N GLU B 28 24.63 16.05 -19.57
CA GLU B 28 25.34 16.87 -18.57
C GLU B 28 25.76 16.03 -17.37
N GLN B 29 24.99 14.99 -17.09
CA GLN B 29 25.19 14.19 -15.90
C GLN B 29 25.92 12.88 -16.14
N GLN B 30 26.40 12.76 -17.38
CA GLN B 30 27.23 11.65 -17.88
C GLN B 30 26.63 10.26 -17.80
N ALA B 31 25.31 10.20 -17.97
CA ALA B 31 24.61 8.97 -18.25
C ALA B 31 25.04 8.45 -19.60
N ASP B 32 25.06 7.13 -19.74
CA ASP B 32 25.27 6.53 -21.05
C ASP B 32 23.92 6.47 -21.75
N ILE B 33 23.78 7.31 -22.79
CA ILE B 33 22.54 7.42 -23.55
C ILE B 33 22.59 6.64 -24.87
N TYR B 34 21.47 5.98 -25.19
CA TYR B 34 21.22 5.33 -26.49
C TYR B 34 20.07 6.10 -27.09
N LEU B 35 20.26 6.56 -28.31
CA LEU B 35 19.31 7.48 -28.86
C LEU B 35 18.66 6.88 -30.10
N VAL B 36 17.41 6.46 -29.97
CA VAL B 36 16.71 5.94 -31.13
C VAL B 36 15.63 6.89 -31.60
N GLY B 37 15.47 6.97 -32.93
CA GLY B 37 14.49 7.87 -33.54
C GLY B 37 14.99 9.30 -33.65
N PHE B 38 16.32 9.45 -33.72
CA PHE B 38 16.99 10.75 -33.81
C PHE B 38 18.04 10.81 -34.92
N ASP B 39 17.93 9.94 -35.93
CA ASP B 39 18.82 10.01 -37.10
C ASP B 39 18.71 11.31 -37.94
N GLN B 40 17.50 11.86 -38.11
CA GLN B 40 17.29 13.13 -38.84
C GLN B 40 17.89 14.39 -38.17
N LEU B 41 18.39 14.23 -36.94
CA LEU B 41 19.01 15.31 -36.15
C LEU B 41 20.49 15.43 -36.51
N ASP B 42 21.04 16.63 -36.72
CA ASP B 42 22.46 16.64 -37.08
C ASP B 42 23.47 17.00 -36.00
N HIS B 43 23.06 17.64 -34.91
CA HIS B 43 23.99 17.66 -33.77
C HIS B 43 23.83 16.43 -32.85
N GLY B 44 24.92 15.97 -32.26
CA GLY B 44 24.89 14.83 -31.36
C GLY B 44 24.83 15.23 -29.90
N PHE B 45 24.97 14.22 -29.05
CA PHE B 45 25.01 14.45 -27.62
C PHE B 45 26.13 13.65 -26.97
N THR B 46 26.87 14.30 -26.09
CA THR B 46 28.00 13.69 -25.40
C THR B 46 27.67 12.38 -24.67
N GLY B 47 28.35 11.31 -25.09
CA GLY B 47 28.13 9.98 -24.52
C GLY B 47 26.78 9.39 -24.91
N ALA B 48 26.30 9.78 -26.09
CA ALA B 48 25.06 9.27 -26.64
C ALA B 48 25.30 8.71 -28.04
N VAL B 49 24.86 7.47 -28.25
CA VAL B 49 24.96 6.77 -29.54
C VAL B 49 23.61 6.67 -30.24
N LYS B 50 23.48 7.31 -31.39
CA LYS B 50 22.27 7.16 -32.17
C LYS B 50 22.22 5.73 -32.78
N CYS B 51 21.15 4.98 -32.52
CA CYS B 51 20.98 3.64 -33.10
C CYS B 51 19.53 3.25 -33.41
N ASN B 52 19.34 2.01 -33.84
CA ASN B 52 18.01 1.47 -34.10
C ASN B 52 17.56 0.74 -32.87
N ILE B 53 16.25 0.58 -32.74
CA ILE B 53 15.70 -0.04 -31.54
C ILE B 53 16.23 -1.48 -31.35
N ASP B 54 16.38 -2.20 -32.47
CA ASP B 54 16.88 -3.57 -32.47
C ASP B 54 18.39 -3.66 -32.20
N GLU B 55 19.05 -2.51 -32.05
CA GLU B 55 20.49 -2.46 -31.78
C GLU B 55 20.85 -2.12 -30.32
N ILE B 56 19.85 -1.87 -29.48
CA ILE B 56 20.10 -1.56 -28.07
C ILE B 56 20.12 -2.78 -27.13
N PRO B 57 21.17 -2.89 -26.27
CA PRO B 57 21.34 -3.92 -25.24
C PRO B 57 20.36 -3.79 -24.06
N PHE B 58 19.09 -4.06 -24.33
CA PHE B 58 18.01 -3.93 -23.35
C PHE B 58 18.26 -4.63 -22.01
N GLN B 59 18.99 -5.74 -22.07
CA GLN B 59 19.49 -6.48 -20.90
C GLN B 59 20.21 -5.61 -19.87
N GLN B 60 20.78 -4.49 -20.33
CA GLN B 60 21.54 -3.58 -19.45
C GLN B 60 20.96 -2.15 -19.28
N ILE B 61 19.80 -1.90 -19.89
CA ILE B 61 19.16 -0.58 -19.82
C ILE B 61 18.51 -0.43 -18.46
N ASP B 62 18.77 0.67 -17.77
CA ASP B 62 18.18 0.85 -16.44
C ASP B 62 16.88 1.63 -16.52
N SER B 63 16.76 2.47 -17.55
CA SER B 63 15.53 3.17 -17.78
C SER B 63 15.29 3.41 -19.25
N ILE B 64 14.02 3.56 -19.60
CA ILE B 64 13.60 3.85 -20.95
C ILE B 64 12.72 5.08 -20.92
N ILE B 65 13.02 6.05 -21.79
CA ILE B 65 12.27 7.31 -21.83
C ILE B 65 11.52 7.50 -23.16
N LEU B 66 10.19 7.58 -23.08
CA LEU B 66 9.34 7.76 -24.25
C LEU B 66 8.85 9.19 -24.33
N PRO B 67 8.27 9.57 -25.47
CA PRO B 67 7.77 10.94 -25.61
C PRO B 67 6.51 11.14 -24.79
N VAL B 68 6.05 12.38 -24.70
CA VAL B 68 4.92 12.69 -23.84
C VAL B 68 3.73 11.83 -24.21
N SER B 69 3.33 11.84 -25.49
CA SER B 69 2.23 10.97 -25.89
C SER B 69 2.73 9.61 -26.35
N ALA B 70 2.94 8.73 -25.37
CA ALA B 70 3.76 7.52 -25.51
C ALA B 70 3.82 6.96 -26.91
N THR B 71 2.69 6.44 -27.38
CA THR B 71 2.64 5.70 -28.64
C THR B 71 1.22 5.55 -29.19
N THR B 72 1.13 5.05 -30.42
CA THR B 72 -0.16 4.71 -31.01
C THR B 72 -0.61 3.32 -30.53
N GLY B 73 -1.84 2.95 -30.86
CA GLY B 73 -2.35 1.59 -30.64
C GLY B 73 -1.52 0.48 -31.29
N GLU B 74 -0.95 0.75 -32.46
CA GLU B 74 -0.08 -0.21 -33.14
C GLU B 74 1.36 -0.26 -32.57
N GLY B 75 1.65 0.60 -31.61
CA GLY B 75 2.93 0.60 -30.89
C GLY B 75 4.09 1.39 -31.47
N VAL B 76 3.81 2.24 -32.48
CA VAL B 76 4.81 3.13 -33.07
C VAL B 76 4.97 4.44 -32.29
N VAL B 77 6.20 4.66 -31.82
CA VAL B 77 6.61 5.86 -31.07
C VAL B 77 6.67 7.09 -31.97
N SER B 78 6.22 8.23 -31.46
CA SER B 78 6.13 9.48 -32.23
C SER B 78 7.45 10.29 -32.32
N THR B 79 8.31 9.90 -33.26
CA THR B 79 9.53 10.65 -33.56
C THR B 79 9.22 11.90 -34.40
N VAL B 80 9.92 12.99 -34.14
CA VAL B 80 9.85 14.16 -35.03
C VAL B 80 11.18 14.20 -35.78
N PHE B 81 12.17 13.52 -35.21
CA PHE B 81 13.56 13.57 -35.69
C PHE B 81 14.03 12.33 -36.46
N SER B 82 13.12 11.75 -37.24
CA SER B 82 13.46 10.58 -38.04
C SER B 82 12.44 10.37 -39.15
N ASN B 83 12.93 10.20 -40.38
CA ASN B 83 12.09 9.76 -41.49
C ASN B 83 11.60 8.32 -41.28
N GLU B 84 12.28 7.59 -40.39
CA GLU B 84 12.05 6.16 -40.17
C GLU B 84 11.11 5.84 -39.00
N GLU B 85 10.26 4.83 -39.19
CA GLU B 85 9.24 4.47 -38.20
C GLU B 85 9.73 3.51 -37.10
N VAL B 86 9.55 3.91 -35.84
CA VAL B 86 9.98 3.10 -34.70
C VAL B 86 8.81 2.46 -33.94
N VAL B 87 8.85 1.14 -33.78
CA VAL B 87 7.83 0.41 -33.02
C VAL B 87 8.38 -0.30 -31.76
N LEU B 88 7.81 0.10 -30.60
CA LEU B 88 8.11 -0.53 -29.32
C LEU B 88 7.24 -1.77 -29.10
N LYS B 89 7.91 -2.91 -28.93
CA LYS B 89 7.28 -4.24 -28.77
C LYS B 89 7.40 -4.82 -27.37
N GLN B 90 6.61 -5.85 -27.11
CA GLN B 90 6.65 -6.56 -25.85
C GLN B 90 8.05 -7.13 -25.53
N ASP B 91 8.75 -7.61 -26.55
CA ASP B 91 10.04 -8.26 -26.34
C ASP B 91 11.15 -7.30 -25.93
N HIS B 92 11.08 -6.05 -26.39
CA HIS B 92 12.00 -5.01 -25.94
C HIS B 92 11.95 -4.93 -24.41
N LEU B 93 10.75 -4.98 -23.85
CA LEU B 93 10.60 -4.79 -22.42
C LEU B 93 10.93 -6.03 -21.56
N ASP B 94 10.77 -7.21 -22.15
CA ASP B 94 11.11 -8.49 -21.51
C ASP B 94 12.62 -8.70 -21.38
N ARG B 95 13.39 -8.20 -22.36
CA ARG B 95 14.86 -8.30 -22.36
C ARG B 95 15.47 -7.32 -21.37
N THR B 96 14.62 -6.43 -20.86
CA THR B 96 14.98 -5.36 -19.96
C THR B 96 15.14 -5.93 -18.55
N PRO B 97 16.01 -5.34 -17.70
CA PRO B 97 16.17 -5.92 -16.37
C PRO B 97 15.01 -5.59 -15.44
N ALA B 98 14.94 -6.32 -14.33
CA ALA B 98 13.83 -6.21 -13.37
C ALA B 98 13.56 -4.78 -12.87
N HIS B 99 14.64 -4.03 -12.61
CA HIS B 99 14.59 -2.69 -12.00
C HIS B 99 14.38 -1.54 -12.99
N CYS B 100 14.53 -1.83 -14.27
CA CYS B 100 14.26 -0.87 -15.35
C CYS B 100 12.92 -0.15 -15.25
N VAL B 101 12.94 1.18 -15.31
CA VAL B 101 11.72 1.98 -15.30
C VAL B 101 11.42 2.62 -16.66
N ILE B 102 10.20 2.42 -17.15
CA ILE B 102 9.72 3.15 -18.32
C ILE B 102 9.04 4.44 -17.89
N PHE B 103 9.59 5.56 -18.37
CA PHE B 103 8.97 6.87 -18.21
C PHE B 103 8.25 7.29 -19.48
N SER B 104 7.05 7.81 -19.27
CA SER B 104 6.26 8.45 -20.30
C SER B 104 5.43 9.58 -19.68
N GLY B 105 4.70 10.32 -20.53
CA GLY B 105 3.95 11.47 -20.08
C GLY B 105 2.54 11.07 -19.72
N ILE B 106 1.71 10.90 -20.75
CA ILE B 106 0.30 10.58 -20.54
C ILE B 106 -0.04 9.09 -20.68
N SER B 107 -1.32 8.80 -20.47
CA SER B 107 -1.87 7.46 -20.41
C SER B 107 -1.95 6.81 -21.79
N ASN B 108 -1.66 5.51 -21.86
CA ASN B 108 -1.77 4.76 -23.10
C ASN B 108 -1.98 3.26 -22.87
N ALA B 109 -3.10 2.75 -23.41
CA ALA B 109 -3.55 1.36 -23.21
C ALA B 109 -2.51 0.31 -23.66
N TYR B 110 -1.97 0.50 -24.85
CA TYR B 110 -0.95 -0.39 -25.38
C TYR B 110 0.30 -0.46 -24.48
N LEU B 111 0.76 0.71 -24.06
CA LEU B 111 1.93 0.83 -23.22
C LEU B 111 1.71 0.23 -21.83
N GLU B 112 0.58 0.55 -21.21
CA GLU B 112 0.28 0.02 -19.89
C GLU B 112 0.25 -1.51 -19.95
N ASN B 113 -0.36 -2.04 -21.02
CA ASN B 113 -0.44 -3.48 -21.26
C ASN B 113 0.90 -4.17 -21.44
N ILE B 114 1.77 -3.63 -22.29
CA ILE B 114 3.03 -4.32 -22.51
C ILE B 114 3.99 -4.21 -21.30
N ALA B 115 3.94 -3.08 -20.60
CA ALA B 115 4.72 -2.88 -19.39
C ALA B 115 4.24 -3.82 -18.30
N ALA B 116 2.92 -3.92 -18.14
CA ALA B 116 2.33 -4.84 -17.15
C ALA B 116 2.71 -6.31 -17.43
N GLN B 117 2.62 -6.71 -18.70
CA GLN B 117 3.05 -8.05 -19.14
C GLN B 117 4.56 -8.28 -19.07
N ALA B 118 5.36 -7.22 -19.12
CA ALA B 118 6.82 -7.33 -18.96
C ALA B 118 7.28 -7.36 -17.51
N LYS B 119 6.35 -7.07 -16.58
CA LYS B 119 6.61 -6.87 -15.14
C LYS B 119 7.56 -5.69 -14.92
N ARG B 120 7.26 -4.57 -15.60
CA ARG B 120 8.16 -3.41 -15.62
C ARG B 120 7.45 -2.14 -15.22
N LYS B 121 8.07 -1.38 -14.31
CA LYS B 121 7.47 -0.16 -13.77
C LYS B 121 7.28 0.92 -14.84
N LEU B 122 6.02 1.30 -15.05
CA LEU B 122 5.68 2.40 -15.91
C LEU B 122 5.24 3.60 -15.10
N VAL B 123 6.08 4.65 -15.11
CA VAL B 123 5.77 5.96 -14.53
C VAL B 123 5.21 6.88 -15.63
N LYS B 124 4.03 7.44 -15.36
CA LYS B 124 3.39 8.44 -16.21
C LYS B 124 3.56 9.80 -15.54
N LEU B 125 4.41 10.64 -16.10
CA LEU B 125 4.90 11.81 -15.40
C LEU B 125 3.85 12.89 -15.19
N PHE B 126 2.99 13.10 -16.18
CA PHE B 126 1.95 14.11 -16.10
C PHE B 126 0.95 13.80 -14.97
N GLU B 127 0.99 12.56 -14.48
CA GLU B 127 0.15 12.16 -13.35
C GLU B 127 0.75 12.49 -11.96
N ARG B 128 1.99 12.96 -11.90
CA ARG B 128 2.60 13.18 -10.60
C ARG B 128 2.36 14.61 -10.22
N ASP B 129 2.09 14.81 -8.93
CA ASP B 129 1.95 16.17 -8.40
C ASP B 129 3.02 17.21 -8.88
N ASP B 130 4.30 16.92 -8.72
CA ASP B 130 5.28 17.97 -9.03
C ASP B 130 5.22 18.41 -10.51
N ILE B 131 5.10 17.44 -11.42
CA ILE B 131 4.96 17.82 -12.81
C ILE B 131 3.68 18.65 -13.00
N ALA B 132 2.57 18.17 -12.47
CA ALA B 132 1.33 18.92 -12.47
C ALA B 132 1.54 20.36 -11.97
N ILE B 133 2.29 20.51 -10.88
CA ILE B 133 2.48 21.81 -10.29
C ILE B 133 3.43 22.70 -11.11
N TYR B 134 4.64 22.21 -11.39
CA TYR B 134 5.57 22.94 -12.25
C TYR B 134 4.90 23.29 -13.55
N ASN B 135 4.14 22.34 -14.11
CA ASN B 135 3.50 22.60 -15.39
C ASN B 135 2.41 23.62 -15.26
N SER B 136 1.87 23.86 -14.07
CA SER B 136 0.75 24.79 -13.91
C SER B 136 1.17 26.23 -14.23
N ILE B 137 2.46 26.50 -14.02
CA ILE B 137 3.01 27.82 -14.32
C ILE B 137 2.89 28.17 -15.82
N PRO B 138 3.57 27.41 -16.71
CA PRO B 138 3.40 27.71 -18.12
C PRO B 138 1.94 27.55 -18.53
N THR B 139 1.18 26.74 -17.84
CA THR B 139 -0.24 26.74 -18.19
C THR B 139 -1.06 27.99 -17.84
N VAL B 140 -0.75 28.71 -16.76
CA VAL B 140 -1.43 30.01 -16.52
C VAL B 140 -1.07 30.96 -17.62
N GLU B 141 0.21 30.99 -17.98
CA GLU B 141 0.65 31.99 -18.94
C GLU B 141 -0.11 31.78 -20.26
N GLY B 142 -0.23 30.53 -20.67
CA GLY B 142 -1.10 30.19 -21.76
C GLY B 142 -2.52 30.66 -21.57
N THR B 143 -3.05 30.57 -20.35
CA THR B 143 -4.46 30.89 -20.09
C THR B 143 -4.65 32.39 -20.16
N ILE B 144 -3.75 33.11 -19.49
CA ILE B 144 -3.56 34.54 -19.67
C ILE B 144 -3.52 34.92 -21.15
N MSE B 145 -2.60 34.32 -21.90
CA MSE B 145 -2.49 34.62 -23.31
CA MSE B 145 -2.48 34.60 -23.34
C MSE B 145 -3.86 34.55 -23.98
O MSE B 145 -4.28 35.49 -24.66
CB MSE B 145 -1.52 33.66 -23.98
CB MSE B 145 -1.52 33.60 -24.02
CG MSE B 145 -1.24 33.98 -25.43
CG MSE B 145 -1.40 33.74 -25.55
SE MSE B 145 -0.50 35.75 -25.65
SE MSE B 145 -0.34 32.37 -26.52
CE MSE B 145 -2.13 36.75 -26.11
CE MSE B 145 -1.58 30.82 -26.52
N LEU B 146 -4.56 33.43 -23.77
CA LEU B 146 -5.86 33.24 -24.41
C LEU B 146 -6.86 34.27 -23.91
N ALA B 147 -6.89 34.47 -22.61
CA ALA B 147 -7.66 35.56 -22.02
C ALA B 147 -7.43 36.93 -22.70
N ILE B 148 -6.17 37.29 -22.94
CA ILE B 148 -5.85 38.56 -23.59
C ILE B 148 -6.32 38.62 -25.03
N GLN B 149 -5.98 37.60 -25.83
CA GLN B 149 -6.33 37.67 -27.24
C GLN B 149 -7.79 37.43 -27.52
N HIS B 150 -8.55 36.83 -26.62
CA HIS B 150 -9.96 36.58 -26.92
C HIS B 150 -10.98 37.54 -26.30
N THR B 151 -10.52 38.71 -25.85
CA THR B 151 -11.39 39.65 -25.18
C THR B 151 -10.95 41.04 -25.59
N ASP B 152 -11.83 42.01 -25.43
CA ASP B 152 -11.50 43.35 -25.83
C ASP B 152 -11.35 44.22 -24.59
N TYR B 153 -11.40 43.58 -23.42
CA TYR B 153 -11.31 44.27 -22.13
C TYR B 153 -10.13 43.69 -21.37
N THR B 154 -9.85 44.28 -20.22
CA THR B 154 -8.61 44.04 -19.47
C THR B 154 -8.84 42.98 -18.38
N ILE B 155 -7.84 42.16 -18.10
CA ILE B 155 -7.99 41.13 -17.03
C ILE B 155 -8.22 41.82 -15.68
N HIS B 156 -7.43 42.88 -15.44
CA HIS B 156 -7.57 43.80 -14.30
C HIS B 156 -9.02 44.31 -14.18
N GLY B 157 -9.54 44.31 -12.96
CA GLY B 157 -10.93 44.61 -12.71
C GLY B 157 -12.02 43.80 -13.41
N SER B 158 -11.70 42.69 -14.09
CA SER B 158 -12.77 41.82 -14.56
C SER B 158 -13.30 40.83 -13.51
N GLN B 159 -14.40 40.15 -13.85
CA GLN B 159 -14.95 39.08 -12.99
C GLN B 159 -14.44 37.72 -13.47
N VAL B 160 -13.55 37.09 -12.70
CA VAL B 160 -13.08 35.76 -13.12
C VAL B 160 -13.50 34.59 -12.20
N ALA B 161 -13.89 33.48 -12.80
CA ALA B 161 -14.21 32.28 -12.06
C ALA B 161 -13.30 31.15 -12.50
N VAL B 162 -12.73 30.47 -11.52
CA VAL B 162 -11.82 29.35 -11.74
C VAL B 162 -12.48 28.16 -11.08
N LEU B 163 -12.62 27.07 -11.83
CA LEU B 163 -13.34 25.90 -11.32
C LEU B 163 -12.37 24.82 -10.87
N GLY B 164 -12.31 24.57 -9.57
CA GLY B 164 -11.46 23.54 -9.00
C GLY B 164 -10.19 24.15 -8.46
N LEU B 165 -9.93 23.92 -7.17
CA LEU B 165 -8.67 24.37 -6.60
C LEU B 165 -7.73 23.17 -6.55
N GLY B 166 -7.61 22.49 -7.69
CA GLY B 166 -6.68 21.41 -7.76
C GLY B 166 -5.30 21.99 -7.89
N ARG B 167 -4.36 21.14 -8.31
CA ARG B 167 -3.00 21.55 -8.58
C ARG B 167 -2.92 22.74 -9.55
N THR B 168 -3.50 22.64 -10.76
CA THR B 168 -3.43 23.77 -11.71
C THR B 168 -4.31 24.95 -11.32
N GLY B 169 -5.55 24.66 -10.90
CA GLY B 169 -6.52 25.67 -10.47
C GLY B 169 -5.98 26.59 -9.39
N MSE B 170 -5.21 26.02 -8.46
CA MSE B 170 -4.60 26.81 -7.40
C MSE B 170 -3.78 27.87 -8.06
O MSE B 170 -3.93 29.05 -7.80
CB MSE B 170 -3.73 25.99 -6.45
CG MSE B 170 -4.16 26.14 -4.96
SE MSE B 170 -2.62 26.01 -3.74
CE MSE B 170 -1.42 27.20 -4.73
N THR B 171 -2.94 27.45 -8.99
CA THR B 171 -2.05 28.38 -9.67
C THR B 171 -2.82 29.35 -10.53
N ILE B 172 -3.83 28.83 -11.22
CA ILE B 172 -4.65 29.67 -12.07
C ILE B 172 -5.29 30.81 -11.26
N ALA B 173 -5.83 30.53 -10.08
CA ALA B 173 -6.46 31.56 -9.27
C ALA B 173 -5.49 32.61 -8.70
N ARG B 174 -4.41 32.18 -8.06
CA ARG B 174 -3.46 33.14 -7.47
C ARG B 174 -2.98 34.09 -8.56
N THR B 175 -2.54 33.54 -9.70
CA THR B 175 -2.04 34.36 -10.79
C THR B 175 -3.08 35.39 -11.26
N PHE B 176 -4.28 34.92 -11.61
CA PHE B 176 -5.30 35.88 -12.05
C PHE B 176 -5.59 36.94 -10.99
N ALA B 177 -5.58 36.58 -9.72
CA ALA B 177 -5.94 37.55 -8.68
C ALA B 177 -4.86 38.61 -8.60
N ALA B 178 -3.60 38.17 -8.74
CA ALA B 178 -2.41 39.04 -8.66
C ALA B 178 -2.38 39.98 -9.84
N LEU B 179 -2.89 39.51 -10.98
CA LEU B 179 -3.13 40.37 -12.11
C LEU B 179 -4.30 41.38 -11.90
N GLY B 180 -4.93 41.38 -10.72
CA GLY B 180 -5.95 42.36 -10.40
C GLY B 180 -7.36 42.08 -10.86
N ALA B 181 -7.60 40.85 -11.31
CA ALA B 181 -8.96 40.36 -11.58
C ALA B 181 -9.66 40.06 -10.27
N ASN B 182 -10.97 40.21 -10.27
CA ASN B 182 -11.79 39.80 -9.13
C ASN B 182 -12.07 38.32 -9.27
N VAL B 183 -11.39 37.51 -8.48
CA VAL B 183 -11.45 36.07 -8.69
C VAL B 183 -12.35 35.41 -7.66
N LYS B 184 -13.21 34.53 -8.14
CA LYS B 184 -13.96 33.66 -7.26
C LYS B 184 -13.67 32.31 -7.77
N VAL B 185 -13.70 31.32 -6.88
CA VAL B 185 -13.35 29.97 -7.27
C VAL B 185 -14.31 28.97 -6.70
N GLY B 186 -14.80 28.10 -7.57
CA GLY B 186 -15.64 26.99 -7.16
C GLY B 186 -14.87 25.72 -6.83
N ALA B 187 -15.10 25.20 -5.63
CA ALA B 187 -14.64 23.89 -5.26
C ALA B 187 -15.80 23.21 -4.59
N ARG B 188 -15.54 22.03 -4.03
CA ARG B 188 -16.55 21.23 -3.34
C ARG B 188 -16.15 20.85 -1.90
N SER B 189 -14.89 20.45 -1.68
CA SER B 189 -14.42 20.16 -0.33
C SER B 189 -14.24 21.41 0.51
N SER B 190 -14.49 21.26 1.81
CA SER B 190 -14.41 22.36 2.76
C SER B 190 -13.02 22.93 2.90
N ALA B 191 -12.00 22.08 2.78
CA ALA B 191 -10.63 22.50 2.87
C ALA B 191 -10.26 23.41 1.69
N HIS B 192 -10.68 23.02 0.48
CA HIS B 192 -10.53 23.91 -0.68
C HIS B 192 -11.22 25.26 -0.46
N LEU B 193 -12.44 25.26 0.09
CA LEU B 193 -13.12 26.51 0.35
C LEU B 193 -12.42 27.36 1.41
N ALA B 194 -11.88 26.72 2.44
CA ALA B 194 -11.03 27.40 3.41
C ALA B 194 -9.82 28.03 2.74
N ARG B 195 -9.14 27.25 1.92
CA ARG B 195 -7.94 27.76 1.26
C ARG B 195 -8.26 28.97 0.40
N ILE B 196 -9.33 28.88 -0.37
CA ILE B 196 -9.75 30.01 -1.19
C ILE B 196 -9.95 31.26 -0.34
N THR B 197 -10.63 31.07 0.79
CA THR B 197 -10.83 32.16 1.73
C THR B 197 -9.46 32.70 2.19
N GLU B 198 -8.54 31.83 2.56
CA GLU B 198 -7.27 32.39 3.06
C GLU B 198 -6.53 33.16 1.99
N MSE B 199 -6.44 32.63 0.79
CA MSE B 199 -5.83 33.32 -0.36
C MSE B 199 -6.49 34.65 -0.71
O MSE B 199 -6.08 35.30 -1.66
CB MSE B 199 -5.88 32.41 -1.57
CG MSE B 199 -5.03 31.20 -1.42
SE MSE B 199 -5.34 29.95 -2.83
CE MSE B 199 -4.30 30.74 -4.30
N GLY B 200 -7.52 35.05 0.02
CA GLY B 200 -8.18 36.32 -0.22
C GLY B 200 -9.19 36.32 -1.36
N LEU B 201 -9.61 35.15 -1.82
CA LEU B 201 -10.52 35.09 -2.98
C LEU B 201 -11.90 34.64 -2.53
N VAL B 202 -12.90 34.82 -3.38
CA VAL B 202 -14.27 34.50 -3.01
C VAL B 202 -14.61 33.03 -3.31
N PRO B 203 -14.93 32.22 -2.27
CA PRO B 203 -15.24 30.82 -2.53
C PRO B 203 -16.75 30.57 -2.78
N PHE B 204 -17.04 29.64 -3.68
CA PHE B 204 -18.38 29.15 -3.83
C PHE B 204 -18.30 27.67 -4.06
N HIS B 205 -19.42 27.00 -3.80
CA HIS B 205 -19.51 25.56 -3.94
C HIS B 205 -20.07 25.23 -5.30
N THR B 206 -19.44 24.30 -6.00
CA THR B 206 -19.88 23.90 -7.33
C THR B 206 -21.34 23.46 -7.45
N ASP B 207 -22.01 23.13 -6.34
CA ASP B 207 -23.48 22.97 -6.36
C ASP B 207 -24.21 24.28 -6.69
N GLU B 208 -23.64 25.41 -6.28
CA GLU B 208 -24.18 26.75 -6.62
C GLU B 208 -23.72 27.32 -7.97
N LEU B 209 -23.26 26.48 -8.88
CA LEU B 209 -22.50 27.01 -10.01
C LEU B 209 -23.34 27.90 -10.91
N LYS B 210 -24.58 27.49 -11.14
CA LYS B 210 -25.49 28.26 -11.96
C LYS B 210 -25.60 29.66 -11.37
N GLU B 211 -25.68 29.80 -10.05
CA GLU B 211 -25.82 31.13 -9.45
C GLU B 211 -24.58 32.00 -9.54
N HIS B 212 -23.42 31.38 -9.67
CA HIS B 212 -22.15 32.11 -9.55
C HIS B 212 -21.48 32.43 -10.86
N VAL B 213 -22.03 31.94 -11.97
CA VAL B 213 -21.43 32.25 -13.26
C VAL B 213 -22.34 33.02 -14.21
N LYS B 214 -23.46 33.51 -13.67
CA LYS B 214 -24.39 34.36 -14.42
C LYS B 214 -23.68 35.54 -15.09
N ASP B 215 -22.87 36.26 -14.30
CA ASP B 215 -22.36 37.54 -14.72
C ASP B 215 -20.87 37.63 -14.73
N ILE B 216 -20.17 36.51 -14.87
CA ILE B 216 -18.73 36.57 -15.03
C ILE B 216 -18.28 36.85 -16.46
N ASP B 217 -17.06 37.36 -16.57
CA ASP B 217 -16.46 37.65 -17.85
C ASP B 217 -15.68 36.48 -18.42
N ILE B 218 -14.88 35.84 -17.59
CA ILE B 218 -14.09 34.70 -18.00
C ILE B 218 -14.38 33.55 -17.02
N CYS B 219 -14.72 32.38 -17.53
CA CYS B 219 -14.82 31.22 -16.68
C CYS B 219 -13.75 30.26 -17.11
N ILE B 220 -12.83 29.98 -16.18
CA ILE B 220 -11.73 29.07 -16.45
C ILE B 220 -12.01 27.73 -15.80
N ASN B 221 -11.98 26.64 -16.55
CA ASN B 221 -12.28 25.33 -15.94
C ASN B 221 -11.12 24.34 -15.80
N THR B 222 -11.09 23.65 -14.67
CA THR B 222 -9.97 22.80 -14.24
C THR B 222 -10.48 21.40 -13.91
N ILE B 223 -11.80 21.28 -13.80
CA ILE B 223 -12.44 20.04 -13.41
C ILE B 223 -12.59 19.04 -14.57
N PRO B 224 -12.08 17.82 -14.38
CA PRO B 224 -12.12 16.83 -15.46
C PRO B 224 -13.41 16.01 -15.49
N SER B 225 -14.54 16.70 -15.50
CA SER B 225 -15.85 16.07 -15.42
C SER B 225 -16.87 17.10 -15.89
N MSE B 226 -17.98 16.70 -16.46
CA MSE B 226 -18.94 17.67 -17.00
C MSE B 226 -19.58 18.53 -15.93
O MSE B 226 -20.39 18.03 -15.16
CB MSE B 226 -20.03 16.96 -17.81
CG MSE B 226 -21.14 17.89 -18.28
SE MSE B 226 -20.70 18.90 -19.89
CE MSE B 226 -20.84 17.45 -21.21
N ILE B 227 -19.25 19.82 -15.90
CA ILE B 227 -20.04 20.81 -15.13
C ILE B 227 -20.50 22.09 -15.85
N LEU B 228 -19.73 22.56 -16.82
CA LEU B 228 -20.24 23.60 -17.68
C LEU B 228 -21.23 22.96 -18.65
N ASN B 229 -22.42 22.62 -18.14
CA ASN B 229 -23.44 21.89 -18.91
C ASN B 229 -24.58 22.75 -19.40
N GLN B 230 -25.48 22.14 -20.16
CA GLN B 230 -26.57 22.83 -20.87
C GLN B 230 -27.44 23.68 -19.94
N THR B 231 -27.68 23.19 -18.73
CA THR B 231 -28.55 23.92 -17.80
C THR B 231 -27.82 25.12 -17.13
N VAL B 232 -26.55 24.92 -16.78
CA VAL B 232 -25.70 26.02 -16.32
C VAL B 232 -25.50 27.04 -17.45
N LEU B 233 -25.02 26.54 -18.59
CA LEU B 233 -24.68 27.39 -19.72
C LEU B 233 -25.86 28.29 -20.08
N SER B 234 -27.07 27.81 -19.81
CA SER B 234 -28.31 28.51 -20.21
C SER B 234 -28.59 29.75 -19.38
N SER B 235 -27.82 29.93 -18.31
CA SER B 235 -27.85 31.13 -17.49
C SER B 235 -26.89 32.19 -18.00
N MSE B 236 -25.68 31.75 -18.36
CA MSE B 236 -24.65 32.60 -18.89
C MSE B 236 -25.06 33.24 -20.20
O MSE B 236 -26.01 32.79 -20.86
CB MSE B 236 -23.44 31.76 -19.19
CG MSE B 236 -22.61 31.41 -18.05
SE MSE B 236 -21.14 30.35 -18.72
CE MSE B 236 -21.00 31.06 -20.51
N THR B 237 -24.33 34.27 -20.59
CA THR B 237 -24.63 35.04 -21.77
C THR B 237 -23.36 35.17 -22.63
N PRO B 238 -23.51 35.40 -23.96
CA PRO B 238 -22.35 35.40 -24.85
C PRO B 238 -21.21 36.29 -24.36
N LYS B 239 -21.53 37.27 -23.51
CA LYS B 239 -20.53 38.11 -22.86
C LYS B 239 -19.42 37.23 -22.23
N THR B 240 -19.79 36.10 -21.61
CA THR B 240 -18.82 35.23 -20.91
C THR B 240 -17.93 34.40 -21.83
N LEU B 241 -16.66 34.26 -21.46
CA LEU B 241 -15.71 33.46 -22.21
C LEU B 241 -15.27 32.24 -21.40
N ILE B 242 -15.39 31.06 -21.97
CA ILE B 242 -15.02 29.88 -21.22
C ILE B 242 -13.66 29.40 -21.67
N LEU B 243 -12.70 29.34 -20.77
CA LEU B 243 -11.46 28.65 -21.07
C LEU B 243 -11.42 27.29 -20.36
N ASP B 244 -11.82 26.24 -21.08
CA ASP B 244 -11.76 24.89 -20.52
C ASP B 244 -10.41 24.24 -20.73
N LEU B 245 -9.73 23.97 -19.62
CA LEU B 245 -8.37 23.46 -19.66
C LEU B 245 -8.30 21.98 -19.37
N ALA B 246 -9.43 21.39 -18.97
CA ALA B 246 -9.44 20.01 -18.55
C ALA B 246 -9.10 19.14 -19.75
N SER B 247 -8.67 17.91 -19.50
CA SER B 247 -8.37 16.99 -20.57
C SER B 247 -9.63 16.67 -21.36
N ARG B 248 -9.46 16.36 -22.66
CA ARG B 248 -10.54 15.86 -23.51
C ARG B 248 -11.33 14.76 -22.79
N PRO B 249 -12.67 14.75 -22.92
CA PRO B 249 -13.58 15.66 -23.64
C PRO B 249 -13.72 17.08 -23.05
N GLY B 250 -13.07 17.35 -21.93
CA GLY B 250 -13.25 18.61 -21.23
C GLY B 250 -14.37 18.60 -20.19
N GLY B 251 -14.72 19.77 -19.70
CA GLY B 251 -15.77 19.90 -18.71
C GLY B 251 -16.94 20.71 -19.20
N THR B 252 -17.02 20.88 -20.53
CA THR B 252 -18.05 21.74 -21.12
C THR B 252 -18.84 21.07 -22.22
N ASP B 253 -20.14 21.37 -22.21
CA ASP B 253 -21.06 21.07 -23.27
C ASP B 253 -20.86 22.08 -24.40
N PHE B 254 -19.74 21.92 -25.12
CA PHE B 254 -19.31 22.80 -26.19
C PHE B 254 -20.34 23.01 -27.30
N LYS B 255 -20.98 21.92 -27.74
CA LYS B 255 -22.00 22.00 -28.79
C LYS B 255 -23.16 22.92 -28.36
N TYR B 256 -23.44 22.98 -27.06
CA TYR B 256 -24.45 23.88 -26.53
C TYR B 256 -23.96 25.32 -26.42
N ALA B 257 -22.73 25.48 -25.93
CA ALA B 257 -22.11 26.79 -25.89
C ALA B 257 -22.17 27.41 -27.29
N GLU B 258 -21.94 26.56 -28.28
CA GLU B 258 -22.15 26.91 -29.68
C GLU B 258 -23.53 27.54 -29.96
N LYS B 259 -24.60 26.76 -29.74
CA LYS B 259 -25.98 27.21 -29.96
C LYS B 259 -26.36 28.52 -29.26
N GLN B 260 -25.75 28.77 -28.10
CA GLN B 260 -26.02 29.98 -27.31
C GLN B 260 -25.15 31.16 -27.71
N GLY B 261 -24.10 30.89 -28.48
CA GLY B 261 -23.16 31.92 -28.93
C GLY B 261 -22.05 32.20 -27.93
N ILE B 262 -21.86 31.29 -26.98
CA ILE B 262 -20.78 31.44 -26.02
C ILE B 262 -19.46 30.88 -26.57
N LYS B 263 -18.47 31.76 -26.72
CA LYS B 263 -17.15 31.31 -27.08
C LYS B 263 -16.62 30.45 -25.94
N ALA B 264 -16.34 29.17 -26.22
CA ALA B 264 -15.79 28.24 -25.25
C ALA B 264 -14.65 27.46 -25.88
N LEU B 265 -13.43 27.64 -25.38
CA LEU B 265 -12.29 27.02 -26.00
C LEU B 265 -11.77 25.81 -25.22
N LEU B 266 -11.35 24.79 -25.96
CA LEU B 266 -10.61 23.68 -25.37
C LEU B 266 -9.15 23.97 -25.60
N ALA B 267 -8.36 24.05 -24.54
CA ALA B 267 -6.94 24.33 -24.71
C ALA B 267 -6.07 23.20 -24.17
N PRO B 268 -5.81 22.19 -25.02
CA PRO B 268 -4.93 21.11 -24.60
C PRO B 268 -3.45 21.50 -24.80
N GLY B 269 -2.60 21.00 -23.91
CA GLY B 269 -1.15 21.04 -24.10
C GLY B 269 -0.57 22.44 -24.18
N LEU B 270 -1.06 23.32 -23.32
CA LEU B 270 -0.57 24.68 -23.29
C LEU B 270 0.94 24.78 -23.01
N PRO B 271 1.45 24.14 -21.93
CA PRO B 271 2.89 24.24 -21.65
C PRO B 271 3.76 24.01 -22.88
N GLY B 272 3.53 22.91 -23.60
CA GLY B 272 4.27 22.60 -24.83
C GLY B 272 4.22 23.65 -25.94
N ILE B 273 3.14 24.44 -25.97
CA ILE B 273 2.93 25.45 -26.99
C ILE B 273 3.47 26.79 -26.51
N VAL B 274 3.02 27.22 -25.34
CA VAL B 274 3.35 28.54 -24.86
C VAL B 274 4.81 28.67 -24.48
N ALA B 275 5.38 27.62 -23.89
CA ALA B 275 6.71 27.70 -23.32
C ALA B 275 7.51 26.41 -23.47
N PRO B 276 7.86 26.05 -24.72
CA PRO B 276 8.49 24.75 -24.94
C PRO B 276 9.82 24.56 -24.19
N LYS B 277 10.62 25.60 -24.05
CA LYS B 277 11.90 25.41 -23.36
C LYS B 277 11.64 25.04 -21.90
N THR B 278 10.75 25.78 -21.25
CA THR B 278 10.41 25.53 -19.87
C THR B 278 9.82 24.14 -19.68
N ALA B 279 8.87 23.80 -20.55
CA ALA B 279 8.17 22.54 -20.42
C ALA B 279 9.20 21.39 -20.41
N GLY B 280 10.18 21.50 -21.28
CA GLY B 280 11.19 20.47 -21.43
C GLY B 280 12.14 20.43 -20.26
N GLN B 281 12.36 21.59 -19.64
CA GLN B 281 13.18 21.67 -18.45
C GLN B 281 12.51 21.06 -17.22
N ILE B 282 11.19 21.22 -17.15
CA ILE B 282 10.41 20.68 -16.06
C ILE B 282 10.62 19.18 -16.15
N LEU B 283 10.26 18.60 -17.29
CA LEU B 283 10.49 17.18 -17.53
C LEU B 283 11.93 16.77 -17.22
N ALA B 284 12.88 17.44 -17.85
CA ALA B 284 14.29 17.13 -17.70
C ALA B 284 14.65 17.03 -16.24
N ASN B 285 14.21 18.00 -15.45
CA ASN B 285 14.68 18.14 -14.07
C ASN B 285 14.13 17.09 -13.14
N VAL B 286 12.85 16.81 -13.27
CA VAL B 286 12.23 15.71 -12.52
C VAL B 286 12.85 14.35 -12.88
N LEU B 287 13.02 14.09 -14.18
CA LEU B 287 13.65 12.84 -14.58
C LEU B 287 15.00 12.65 -13.92
N SER B 288 15.78 13.72 -13.88
CA SER B 288 17.14 13.65 -13.37
C SER B 288 17.11 13.32 -11.89
N LYS B 289 16.14 13.87 -11.20
CA LYS B 289 15.93 13.63 -9.78
C LYS B 289 15.48 12.16 -9.61
N LEU B 290 14.57 11.74 -10.47
CA LEU B 290 14.05 10.39 -10.42
C LEU B 290 15.11 9.37 -10.80
N LEU B 291 15.86 9.65 -11.86
CA LEU B 291 16.87 8.69 -12.34
C LEU B 291 17.98 8.46 -11.35
N ALA B 292 18.27 9.44 -10.50
CA ALA B 292 19.31 9.29 -9.47
C ALA B 292 18.84 8.32 -8.40
N GLU B 293 17.54 8.42 -8.07
CA GLU B 293 16.88 7.49 -7.14
C GLU B 293 17.08 6.05 -7.59
N ILE B 294 16.77 5.75 -8.86
CA ILE B 294 17.03 4.43 -9.41
C ILE B 294 18.50 4.01 -9.24
N GLN B 295 19.43 4.89 -9.58
CA GLN B 295 20.87 4.63 -9.41
C GLN B 295 21.28 4.40 -7.95
N ALA B 296 20.54 5.02 -7.01
CA ALA B 296 20.82 4.89 -5.58
C ALA B 296 20.58 3.48 -5.01
N GLU B 297 19.84 2.64 -5.73
CA GLU B 297 19.62 1.26 -5.27
C GLU B 297 20.69 0.26 -5.73
N GLU B 298 21.17 0.40 -6.97
CA GLU B 298 22.18 -0.54 -7.53
C GLU B 298 23.58 0.09 -7.62
N ASN C 2 -30.27 33.00 5.84
CA ASN C 2 -31.38 32.10 5.40
C ASN C 2 -31.31 30.67 6.01
N ALA C 3 -30.10 30.13 6.09
CA ALA C 3 -29.81 28.81 6.68
C ALA C 3 -30.14 28.76 8.18
N MSE C 4 -31.31 28.22 8.51
CA MSE C 4 -31.81 28.24 9.89
C MSE C 4 -31.55 26.95 10.70
O MSE C 4 -31.45 25.86 10.16
CB MSE C 4 -33.30 28.61 9.91
CG MSE C 4 -33.62 30.06 9.62
SE MSE C 4 -32.64 31.36 10.70
CE MSE C 4 -31.65 32.27 9.29
N LEU C 5 -31.45 27.08 12.03
CA LEU C 5 -31.30 25.95 12.93
C LEU C 5 -32.46 25.91 13.92
N THR C 6 -33.66 26.12 13.37
CA THR C 6 -34.84 26.43 14.17
C THR C 6 -35.29 25.31 15.11
N GLY C 7 -35.43 24.09 14.58
CA GLY C 7 -35.92 23.01 15.43
C GLY C 7 -34.81 22.19 16.06
N LEU C 8 -33.93 22.86 16.82
CA LEU C 8 -32.75 22.19 17.36
C LEU C 8 -32.41 22.59 18.78
N LYS C 9 -32.15 21.59 19.62
CA LYS C 9 -31.87 21.81 21.05
C LYS C 9 -30.41 21.50 21.32
N ILE C 10 -29.65 22.52 21.72
CA ILE C 10 -28.21 22.44 21.85
C ILE C 10 -27.79 22.86 23.22
N ALA C 11 -26.88 22.12 23.83
CA ALA C 11 -26.32 22.55 25.09
C ALA C 11 -24.93 23.14 24.83
N VAL C 12 -24.68 24.36 25.32
CA VAL C 12 -23.35 24.95 25.26
C VAL C 12 -22.84 24.99 26.71
N ILE C 13 -21.81 24.18 26.97
CA ILE C 13 -21.33 23.92 28.31
C ILE C 13 -19.91 24.43 28.45
N GLY C 14 -19.77 25.53 29.21
CA GLY C 14 -18.47 26.22 29.41
C GLY C 14 -17.86 26.87 28.18
N GLY C 15 -16.62 27.37 28.32
CA GLY C 15 -15.85 27.98 27.22
C GLY C 15 -15.33 29.40 27.43
N ASP C 16 -14.76 29.97 26.36
CA ASP C 16 -14.03 31.25 26.27
C ASP C 16 -14.90 32.35 25.73
N ALA C 17 -14.25 33.49 25.45
CA ALA C 17 -14.77 34.50 24.51
C ALA C 17 -15.06 33.91 23.11
N ARG C 18 -14.28 32.90 22.72
CA ARG C 18 -14.58 32.10 21.55
C ARG C 18 -16.03 31.62 21.57
N GLN C 19 -16.47 31.04 22.68
CA GLN C 19 -17.83 30.47 22.71
C GLN C 19 -18.95 31.50 22.47
N LEU C 20 -18.66 32.77 22.70
CA LEU C 20 -19.63 33.86 22.59
C LEU C 20 -20.06 34.04 21.15
N GLU C 21 -19.06 33.93 20.26
CA GLU C 21 -19.27 34.00 18.82
C GLU C 21 -20.08 32.81 18.36
N ILE C 22 -19.78 31.65 18.95
CA ILE C 22 -20.49 30.43 18.64
C ILE C 22 -21.93 30.59 19.08
N ILE C 23 -22.16 31.03 20.30
CA ILE C 23 -23.51 31.20 20.77
C ILE C 23 -24.23 32.21 19.86
N ARG C 24 -23.58 33.35 19.63
CA ARG C 24 -24.14 34.43 18.83
C ARG C 24 -24.67 33.90 17.49
N LYS C 25 -23.92 32.97 16.90
CA LYS C 25 -24.28 32.41 15.60
C LYS C 25 -25.48 31.48 15.72
N LEU C 26 -25.52 30.69 16.78
CA LEU C 26 -26.54 29.66 16.89
C LEU C 26 -27.86 30.31 17.25
N THR C 27 -27.80 31.33 18.07
CA THR C 27 -28.97 32.05 18.49
C THR C 27 -29.51 32.77 17.27
N GLU C 28 -28.61 33.29 16.44
CA GLU C 28 -29.04 33.97 15.24
C GLU C 28 -29.73 32.99 14.30
N GLN C 29 -29.39 31.71 14.42
CA GLN C 29 -30.01 30.69 13.59
C GLN C 29 -31.22 30.05 14.29
N GLN C 30 -31.63 30.71 15.37
CA GLN C 30 -32.82 30.37 16.12
C GLN C 30 -32.83 28.94 16.66
N ALA C 31 -31.66 28.47 17.06
CA ALA C 31 -31.55 27.24 17.82
C ALA C 31 -32.04 27.52 19.23
N ASP C 32 -32.41 26.45 19.92
CA ASP C 32 -32.79 26.49 21.32
C ASP C 32 -31.58 26.15 22.19
N ILE C 33 -31.07 27.11 22.94
CA ILE C 33 -29.80 26.82 23.66
C ILE C 33 -29.85 26.77 25.18
N TYR C 34 -29.16 25.77 25.73
CA TYR C 34 -28.90 25.68 27.17
C TYR C 34 -27.45 26.02 27.38
N LEU C 35 -27.25 27.08 28.15
CA LEU C 35 -26.00 27.73 28.34
C LEU C 35 -25.50 27.51 29.75
N VAL C 36 -24.57 26.58 29.93
CA VAL C 36 -23.98 26.43 31.26
C VAL C 36 -22.52 26.88 31.25
N GLY C 37 -22.13 27.56 32.32
CA GLY C 37 -20.77 28.02 32.45
C GLY C 37 -20.63 29.52 32.30
N PHE C 38 -21.74 30.25 32.34
CA PHE C 38 -21.74 31.68 32.02
C PHE C 38 -22.54 32.57 32.96
N ASP C 39 -22.85 32.10 34.17
CA ASP C 39 -23.61 32.92 35.14
C ASP C 39 -23.01 34.31 35.30
N GLN C 40 -21.71 34.41 35.00
CA GLN C 40 -20.91 35.58 35.29
C GLN C 40 -20.67 36.46 34.06
N LEU C 41 -21.37 36.15 32.96
CA LEU C 41 -21.35 36.97 31.76
C LEU C 41 -22.32 38.14 31.93
N ASP C 42 -21.90 39.36 31.54
CA ASP C 42 -22.69 40.57 31.84
C ASP C 42 -24.02 40.72 31.06
N HIS C 43 -24.22 39.90 30.04
CA HIS C 43 -25.44 39.93 29.21
C HIS C 43 -25.88 38.48 28.91
N GLY C 44 -27.02 38.34 28.23
CA GLY C 44 -27.53 37.04 27.84
C GLY C 44 -27.69 36.95 26.33
N PHE C 45 -28.18 35.81 25.85
CA PHE C 45 -28.44 35.63 24.44
C PHE C 45 -29.89 35.29 24.14
N THR C 46 -30.34 35.67 22.95
CA THR C 46 -31.70 35.43 22.49
C THR C 46 -31.99 33.95 22.17
N GLY C 47 -32.85 33.35 22.97
CA GLY C 47 -33.23 31.95 22.75
C GLY C 47 -32.43 30.94 23.56
N ALA C 48 -31.45 31.42 24.33
CA ALA C 48 -30.65 30.57 25.21
C ALA C 48 -30.90 30.94 26.68
N VAL C 49 -31.15 29.93 27.52
CA VAL C 49 -31.11 30.11 28.98
C VAL C 49 -29.81 29.70 29.61
N LYS C 50 -29.36 30.53 30.53
CA LYS C 50 -28.33 30.19 31.47
C LYS C 50 -28.90 29.18 32.46
N CYS C 51 -28.14 28.12 32.75
CA CYS C 51 -28.56 27.12 33.75
C CYS C 51 -27.40 26.26 34.24
N ASN C 52 -27.73 25.29 35.10
CA ASN C 52 -26.78 24.33 35.63
C ASN C 52 -26.87 23.06 34.85
N ILE C 53 -25.78 22.31 34.79
CA ILE C 53 -25.74 21.07 33.99
C ILE C 53 -26.83 20.05 34.37
N ASP C 54 -27.22 20.06 35.64
CA ASP C 54 -28.24 19.12 36.09
C ASP C 54 -29.64 19.57 35.69
N GLU C 55 -29.76 20.82 35.24
CA GLU C 55 -31.03 21.38 34.80
C GLU C 55 -31.28 21.11 33.30
N ILE C 56 -30.24 20.74 32.55
CA ILE C 56 -30.33 20.43 31.13
C ILE C 56 -31.13 19.17 30.89
N PRO C 57 -32.15 19.26 30.01
CA PRO C 57 -32.95 18.12 29.63
C PRO C 57 -32.25 17.31 28.55
N PHE C 58 -31.20 16.58 28.94
CA PHE C 58 -30.32 15.89 28.01
C PHE C 58 -31.04 14.91 27.11
N GLN C 59 -32.10 14.31 27.64
CA GLN C 59 -32.90 13.33 26.91
C GLN C 59 -33.44 13.93 25.61
N GLN C 60 -33.33 15.24 25.46
CA GLN C 60 -33.86 15.91 24.30
C GLN C 60 -32.81 16.67 23.52
N ILE C 61 -31.63 16.79 24.10
CA ILE C 61 -30.55 17.55 23.49
C ILE C 61 -30.13 16.93 22.16
N ASP C 62 -30.16 17.74 21.10
CA ASP C 62 -29.75 17.29 19.77
C ASP C 62 -28.24 17.33 19.71
N SER C 63 -27.62 18.19 20.50
CA SER C 63 -26.16 18.31 20.42
C SER C 63 -25.52 19.07 21.57
N ILE C 64 -24.29 18.69 21.93
CA ILE C 64 -23.59 19.28 23.07
C ILE C 64 -22.34 19.86 22.51
N ILE C 65 -22.08 21.14 22.81
CA ILE C 65 -20.89 21.84 22.35
C ILE C 65 -20.00 22.18 23.52
N LEU C 66 -18.81 21.59 23.55
CA LEU C 66 -17.82 21.80 24.63
C LEU C 66 -16.70 22.74 24.21
N PRO C 67 -15.88 23.21 25.18
CA PRO C 67 -14.77 24.15 24.94
C PRO C 67 -13.71 23.61 23.99
N VAL C 68 -12.74 24.43 23.62
CA VAL C 68 -11.68 23.94 22.76
C VAL C 68 -10.97 22.78 23.45
N SER C 69 -10.44 23.03 24.65
CA SER C 69 -9.83 21.92 25.37
C SER C 69 -10.91 21.43 26.27
N ALA C 70 -11.56 20.36 25.82
CA ALA C 70 -12.88 19.96 26.33
C ALA C 70 -13.01 19.91 27.83
N THR C 71 -12.09 19.19 28.48
CA THR C 71 -12.32 18.71 29.84
C THR C 71 -11.03 18.22 30.52
N THR C 72 -10.96 18.28 31.84
CA THR C 72 -9.83 17.69 32.56
C THR C 72 -10.04 16.18 32.73
N GLY C 73 -9.11 15.54 33.44
CA GLY C 73 -9.14 14.11 33.71
C GLY C 73 -10.35 13.73 34.55
N GLU C 74 -10.59 14.49 35.60
CA GLU C 74 -11.73 14.26 36.49
C GLU C 74 -13.09 14.70 35.86
N GLY C 75 -13.04 15.27 34.65
CA GLY C 75 -14.27 15.67 33.94
C GLY C 75 -14.75 17.11 34.11
N VAL C 76 -13.91 17.96 34.70
CA VAL C 76 -14.28 19.35 34.85
C VAL C 76 -14.15 20.08 33.51
N VAL C 77 -15.10 20.97 33.23
CA VAL C 77 -15.15 21.72 31.99
C VAL C 77 -14.70 23.14 32.27
N SER C 78 -13.69 23.57 31.54
CA SER C 78 -13.12 24.91 31.68
C SER C 78 -14.18 26.00 31.48
N THR C 79 -14.27 26.91 32.46
CA THR C 79 -15.21 28.04 32.39
C THR C 79 -14.51 29.32 32.84
N VAL C 80 -14.48 30.31 31.96
CA VAL C 80 -13.84 31.58 32.26
C VAL C 80 -14.90 32.59 32.69
N PHE C 81 -16.16 32.20 32.54
CA PHE C 81 -17.27 33.05 32.94
C PHE C 81 -18.09 32.48 34.08
N SER C 82 -17.49 31.59 34.87
CA SER C 82 -18.21 30.98 35.99
C SER C 82 -17.34 30.80 37.21
N ASN C 83 -17.90 31.14 38.36
CA ASN C 83 -17.31 30.76 39.65
C ASN C 83 -17.41 29.26 39.82
N GLU C 84 -18.66 28.79 39.83
CA GLU C 84 -19.01 27.39 40.04
C GLU C 84 -18.31 26.43 39.10
N GLU C 85 -18.00 25.28 39.65
CA GLU C 85 -17.26 24.27 38.98
C GLU C 85 -18.21 23.35 38.22
N VAL C 86 -18.10 23.32 36.89
CA VAL C 86 -18.96 22.46 36.06
C VAL C 86 -18.29 21.14 35.71
N VAL C 87 -18.88 20.04 36.18
CA VAL C 87 -18.32 18.73 35.86
C VAL C 87 -19.25 17.81 35.06
N LEU C 88 -18.72 17.28 33.96
CA LEU C 88 -19.53 16.53 32.99
C LEU C 88 -19.40 15.04 33.23
N LYS C 89 -20.52 14.40 33.54
CA LYS C 89 -20.53 13.00 33.94
C LYS C 89 -20.98 12.07 32.80
N GLN C 90 -20.57 10.80 32.87
CA GLN C 90 -21.02 9.75 31.94
C GLN C 90 -22.54 9.73 31.83
N ASP C 91 -23.20 9.72 32.98
CA ASP C 91 -24.65 9.67 33.11
C ASP C 91 -25.35 10.72 32.21
N HIS C 92 -24.75 11.91 32.08
CA HIS C 92 -25.26 12.98 31.22
C HIS C 92 -25.35 12.63 29.75
N LEU C 93 -24.37 11.90 29.25
CA LEU C 93 -24.33 11.57 27.84
C LEU C 93 -25.23 10.38 27.60
N ASP C 94 -25.32 9.53 28.62
CA ASP C 94 -26.22 8.40 28.58
C ASP C 94 -27.68 8.82 28.38
N ARG C 95 -28.11 9.91 29.03
CA ARG C 95 -29.53 10.33 28.93
C ARG C 95 -29.88 10.80 27.50
N THR C 96 -28.84 11.21 26.80
CA THR C 96 -28.92 11.86 25.50
C THR C 96 -29.49 10.93 24.41
N PRO C 97 -30.21 11.45 23.40
CA PRO C 97 -30.73 10.58 22.33
C PRO C 97 -29.64 10.00 21.44
N ALA C 98 -30.03 9.07 20.55
CA ALA C 98 -29.08 8.34 19.71
C ALA C 98 -28.21 9.21 18.78
N HIS C 99 -28.85 10.03 17.94
CA HIS C 99 -28.22 10.85 16.89
C HIS C 99 -27.35 11.97 17.42
N CYS C 100 -27.45 12.18 18.74
CA CYS C 100 -26.80 13.31 19.44
C CYS C 100 -25.30 13.36 19.25
N VAL C 101 -24.81 14.48 18.73
CA VAL C 101 -23.40 14.62 18.48
C VAL C 101 -22.77 15.61 19.47
N ILE C 102 -21.57 15.27 19.94
CA ILE C 102 -20.86 16.11 20.90
C ILE C 102 -19.71 16.73 20.16
N PHE C 103 -19.55 18.06 20.28
CA PHE C 103 -18.44 18.78 19.65
C PHE C 103 -17.45 19.32 20.64
N SER C 104 -16.19 19.09 20.35
CA SER C 104 -15.10 19.69 21.11
C SER C 104 -13.97 20.15 20.18
N GLY C 105 -12.92 20.71 20.79
CA GLY C 105 -11.80 21.23 20.02
C GLY C 105 -10.75 20.19 19.74
N ILE C 106 -9.82 20.05 20.67
CA ILE C 106 -8.73 19.08 20.54
C ILE C 106 -9.14 17.81 21.22
N SER C 107 -8.25 16.83 21.19
CA SER C 107 -8.50 15.54 21.78
C SER C 107 -8.50 15.65 23.30
N ASN C 108 -9.14 14.68 23.94
CA ASN C 108 -8.90 14.42 25.36
C ASN C 108 -9.54 13.11 25.83
N ALA C 109 -8.80 12.38 26.65
CA ALA C 109 -9.12 11.00 27.01
C ALA C 109 -10.48 10.87 27.68
N TYR C 110 -10.66 11.62 28.76
CA TYR C 110 -11.84 11.45 29.57
C TYR C 110 -13.06 11.54 28.69
N LEU C 111 -13.13 12.62 27.91
CA LEU C 111 -14.26 12.88 27.01
C LEU C 111 -14.38 11.80 25.97
N GLU C 112 -13.25 11.57 25.30
CA GLU C 112 -13.11 10.52 24.32
C GLU C 112 -13.72 9.24 24.87
N ASN C 113 -13.26 8.84 26.05
CA ASN C 113 -13.74 7.62 26.68
C ASN C 113 -15.23 7.57 26.98
N ILE C 114 -15.74 8.57 27.69
CA ILE C 114 -17.15 8.54 28.08
C ILE C 114 -18.09 8.75 26.90
N ALA C 115 -17.62 9.42 25.85
CA ALA C 115 -18.41 9.43 24.62
C ALA C 115 -18.51 8.00 24.05
N ALA C 116 -17.37 7.39 23.74
CA ALA C 116 -17.30 5.99 23.23
C ALA C 116 -18.15 5.02 24.02
N GLN C 117 -18.08 5.15 25.34
CA GLN C 117 -18.85 4.31 26.22
C GLN C 117 -20.33 4.68 26.25
N ALA C 118 -20.69 5.89 25.84
CA ALA C 118 -22.11 6.24 25.79
C ALA C 118 -22.70 5.82 24.44
N LYS C 119 -21.81 5.34 23.56
CA LYS C 119 -22.11 5.11 22.14
C LYS C 119 -22.60 6.38 21.44
N ARG C 120 -21.87 7.48 21.62
CA ARG C 120 -22.30 8.80 21.11
C ARG C 120 -21.22 9.48 20.29
N LYS C 121 -21.60 10.10 19.17
CA LYS C 121 -20.61 10.62 18.22
C LYS C 121 -19.86 11.85 18.76
N LEU C 122 -18.53 11.77 18.74
CA LEU C 122 -17.69 12.87 19.16
C LEU C 122 -16.81 13.37 18.02
N VAL C 123 -17.00 14.64 17.66
CA VAL C 123 -16.29 15.30 16.57
C VAL C 123 -15.28 16.29 17.15
N LYS C 124 -14.00 16.07 16.84
CA LYS C 124 -12.94 16.92 17.33
C LYS C 124 -12.53 17.87 16.23
N LEU C 125 -12.93 19.13 16.39
CA LEU C 125 -12.93 20.12 15.31
C LEU C 125 -11.55 20.43 14.79
N PHE C 126 -10.58 20.49 15.71
CA PHE C 126 -9.22 20.88 15.35
C PHE C 126 -8.59 19.86 14.45
N GLU C 127 -9.14 18.67 14.43
CA GLU C 127 -8.65 17.66 13.52
C GLU C 127 -9.21 17.82 12.12
N ARG C 128 -9.90 18.92 11.82
CA ARG C 128 -10.45 19.07 10.48
C ARG C 128 -9.53 19.91 9.63
N ASP C 129 -9.55 19.63 8.33
CA ASP C 129 -8.73 20.39 7.41
C ASP C 129 -9.11 21.88 7.38
N ASP C 130 -10.41 22.16 7.31
CA ASP C 130 -10.85 23.54 7.10
C ASP C 130 -10.64 24.37 8.34
N ILE C 131 -10.86 23.78 9.50
CA ILE C 131 -10.54 24.46 10.74
C ILE C 131 -9.05 24.79 10.72
N ALA C 132 -8.25 23.77 10.47
CA ALA C 132 -6.81 23.96 10.50
C ALA C 132 -6.39 25.17 9.63
N ILE C 133 -6.91 25.19 8.39
CA ILE C 133 -6.61 26.24 7.42
C ILE C 133 -7.19 27.60 7.80
N TYR C 134 -8.45 27.63 8.22
CA TYR C 134 -9.04 28.88 8.70
C TYR C 134 -8.20 29.44 9.83
N ASN C 135 -7.90 28.59 10.81
CA ASN C 135 -7.05 29.02 11.92
C ASN C 135 -5.64 29.47 11.51
N SER C 136 -5.12 29.01 10.38
CA SER C 136 -3.78 29.44 9.97
C SER C 136 -3.66 30.97 9.90
N ILE C 137 -4.76 31.61 9.49
CA ILE C 137 -4.81 33.07 9.33
C ILE C 137 -4.57 33.79 10.66
N PRO C 138 -5.47 33.61 11.63
CA PRO C 138 -5.19 34.20 12.92
C PRO C 138 -3.87 33.73 13.46
N THR C 139 -3.45 32.50 13.20
CA THR C 139 -2.08 32.15 13.61
C THR C 139 -0.87 32.90 12.93
N VAL C 140 -0.93 33.26 11.62
CA VAL C 140 0.19 34.05 11.05
C VAL C 140 0.27 35.36 11.78
N GLU C 141 -0.88 35.99 12.00
CA GLU C 141 -0.88 37.29 12.63
C GLU C 141 -0.22 37.20 14.01
N GLY C 142 -0.53 36.16 14.79
CA GLY C 142 0.16 35.90 16.05
C GLY C 142 1.67 35.82 15.84
N THR C 143 2.08 35.12 14.79
CA THR C 143 3.49 34.98 14.44
C THR C 143 4.14 36.30 14.02
N ILE C 144 3.41 37.12 13.28
CA ILE C 144 3.87 38.44 12.85
C ILE C 144 4.14 39.27 14.10
N MSE C 145 3.14 39.30 14.97
CA MSE C 145 3.26 39.97 16.25
CA MSE C 145 3.24 39.96 16.26
C MSE C 145 4.56 39.57 16.92
O MSE C 145 5.39 40.43 17.24
CB MSE C 145 2.07 39.64 17.17
CB MSE C 145 2.03 39.56 17.11
CG MSE C 145 2.07 40.38 18.51
CG MSE C 145 1.58 40.56 18.19
SE MSE C 145 0.55 39.89 19.64
SE MSE C 145 2.31 42.35 18.05
CE MSE C 145 1.23 38.16 20.31
CE MSE C 145 1.59 42.96 16.36
N LEU C 146 4.77 38.27 17.10
CA LEU C 146 5.95 37.76 17.76
C LEU C 146 7.24 38.21 17.06
N ALA C 147 7.24 38.13 15.74
CA ALA C 147 8.36 38.64 14.98
C ALA C 147 8.57 40.11 15.29
N ILE C 148 7.54 40.93 15.15
CA ILE C 148 7.71 42.35 15.42
C ILE C 148 8.18 42.62 16.84
N GLN C 149 7.59 41.94 17.84
CA GLN C 149 7.94 42.30 19.21
C GLN C 149 9.29 41.78 19.67
N HIS C 150 9.83 40.79 18.96
CA HIS C 150 11.12 40.20 19.33
C HIS C 150 12.27 40.53 18.38
N THR C 151 12.15 41.55 17.57
CA THR C 151 13.29 41.97 16.73
C THR C 151 13.44 43.46 16.79
N ASP C 152 14.65 43.96 16.51
CA ASP C 152 14.89 45.40 16.36
C ASP C 152 15.01 45.83 14.88
N TYR C 153 14.61 44.95 13.97
CA TYR C 153 14.63 45.22 12.53
C TYR C 153 13.27 44.91 11.92
N THR C 154 13.15 45.28 10.67
CA THR C 154 11.94 45.15 9.88
C THR C 154 11.78 43.75 9.29
N ILE C 155 10.56 43.25 9.23
CA ILE C 155 10.32 41.94 8.57
C ILE C 155 10.66 42.09 7.09
N HIS C 156 10.16 43.17 6.49
CA HIS C 156 10.53 43.59 5.14
C HIS C 156 12.04 43.53 4.94
N GLY C 157 12.49 42.76 3.97
CA GLY C 157 13.91 42.74 3.66
C GLY C 157 14.74 41.82 4.51
N SER C 158 14.11 41.03 5.38
CA SER C 158 14.88 40.09 6.17
C SER C 158 14.95 38.71 5.50
N GLN C 159 15.72 37.80 6.11
CA GLN C 159 15.78 36.42 5.67
C GLN C 159 14.88 35.61 6.59
N VAL C 160 13.82 35.06 6.01
CA VAL C 160 12.89 34.28 6.78
C VAL C 160 12.86 32.86 6.24
N ALA C 161 13.01 31.86 7.12
CA ALA C 161 12.79 30.46 6.75
C ALA C 161 11.52 29.95 7.39
N VAL C 162 10.66 29.35 6.56
CA VAL C 162 9.50 28.65 7.09
C VAL C 162 9.67 27.15 6.88
N LEU C 163 9.47 26.37 7.92
CA LEU C 163 9.66 24.93 7.86
C LEU C 163 8.31 24.18 7.66
N GLY C 164 8.16 23.55 6.51
CA GLY C 164 6.94 22.80 6.19
C GLY C 164 5.91 23.62 5.45
N LEU C 165 5.33 23.00 4.43
CA LEU C 165 4.27 23.66 3.69
C LEU C 165 2.95 22.91 3.91
N GLY C 166 2.61 22.72 5.16
CA GLY C 166 1.40 22.01 5.51
C GLY C 166 0.30 23.01 5.57
N ARG C 167 -0.78 22.67 6.26
CA ARG C 167 -1.92 23.57 6.21
C ARG C 167 -1.61 24.99 6.66
N THR C 168 -0.83 25.15 7.75
CA THR C 168 -0.46 26.50 8.22
C THR C 168 0.80 27.04 7.57
N GLY C 169 1.72 26.15 7.20
CA GLY C 169 2.98 26.55 6.61
C GLY C 169 2.72 27.37 5.36
N MSE C 170 1.73 26.95 4.57
CA MSE C 170 1.38 27.64 3.32
C MSE C 170 1.07 29.10 3.65
O MSE C 170 1.74 30.01 3.16
CB MSE C 170 0.21 26.96 2.64
CG MSE C 170 0.51 26.52 1.21
SE MSE C 170 -1.11 26.55 0.10
CE MSE C 170 -1.52 28.46 0.40
N THR C 171 0.08 29.32 4.51
CA THR C 171 -0.29 30.64 4.93
C THR C 171 0.86 31.45 5.54
N ILE C 172 1.67 30.81 6.36
CA ILE C 172 2.78 31.51 6.97
C ILE C 172 3.77 32.02 5.92
N ALA C 173 4.18 31.13 5.01
CA ALA C 173 5.17 31.46 4.02
C ALA C 173 4.65 32.54 3.10
N ARG C 174 3.38 32.37 2.71
CA ARG C 174 2.72 33.32 1.82
C ARG C 174 2.73 34.69 2.44
N THR C 175 2.37 34.79 3.72
CA THR C 175 2.11 36.09 4.35
C THR C 175 3.37 36.81 4.74
N PHE C 176 4.39 36.08 5.19
CA PHE C 176 5.65 36.74 5.45
C PHE C 176 6.23 37.26 4.15
N ALA C 177 5.99 36.56 3.04
CA ALA C 177 6.50 37.02 1.71
C ALA C 177 5.76 38.25 1.28
N ALA C 178 4.46 38.29 1.55
CA ALA C 178 3.69 39.45 1.23
C ALA C 178 4.17 40.64 2.09
N LEU C 179 4.68 40.38 3.28
CA LEU C 179 5.21 41.45 4.11
C LEU C 179 6.50 41.99 3.54
N GLY C 180 7.06 41.31 2.55
CA GLY C 180 8.28 41.75 1.89
C GLY C 180 9.55 41.15 2.47
N ALA C 181 9.43 40.04 3.21
CA ALA C 181 10.60 39.28 3.62
C ALA C 181 11.22 38.54 2.42
N ASN C 182 12.39 37.99 2.59
CA ASN C 182 12.90 37.04 1.60
C ASN C 182 12.69 35.66 2.16
N VAL C 183 11.64 34.98 1.72
CA VAL C 183 11.22 33.75 2.38
C VAL C 183 11.75 32.55 1.66
N LYS C 184 12.47 31.69 2.40
CA LYS C 184 12.76 30.34 1.90
C LYS C 184 11.92 29.36 2.69
N VAL C 185 11.50 28.27 2.06
CA VAL C 185 10.73 27.29 2.81
C VAL C 185 11.22 25.85 2.59
N GLY C 186 11.37 25.13 3.69
CA GLY C 186 11.83 23.77 3.62
C GLY C 186 10.68 22.80 3.68
N ALA C 187 10.64 21.89 2.73
CA ALA C 187 9.69 20.79 2.71
C ALA C 187 10.48 19.55 2.30
N ARG C 188 9.78 18.44 2.11
CA ARG C 188 10.42 17.19 1.75
C ARG C 188 9.73 16.54 0.56
N SER C 189 8.42 16.69 0.41
CA SER C 189 7.78 16.14 -0.78
C SER C 189 8.18 16.91 -2.03
N SER C 190 8.41 16.17 -3.09
CA SER C 190 8.49 16.74 -4.41
C SER C 190 7.38 17.77 -4.68
N ALA C 191 6.15 17.41 -4.31
CA ALA C 191 4.99 18.25 -4.52
C ALA C 191 5.05 19.56 -3.76
N HIS C 192 5.55 19.57 -2.54
CA HIS C 192 5.60 20.83 -1.80
C HIS C 192 6.65 21.79 -2.38
N LEU C 193 7.87 21.28 -2.54
CA LEU C 193 8.91 21.96 -3.28
C LEU C 193 8.42 22.67 -4.55
N ALA C 194 7.78 21.97 -5.49
CA ALA C 194 7.15 22.62 -6.66
C ALA C 194 6.15 23.73 -6.29
N ARG C 195 5.27 23.43 -5.32
CA ARG C 195 4.31 24.42 -4.92
C ARG C 195 5.03 25.68 -4.50
N ILE C 196 6.06 25.50 -3.66
CA ILE C 196 6.86 26.60 -3.19
C ILE C 196 7.39 27.38 -4.39
N THR C 197 8.00 26.69 -5.34
CA THR C 197 8.57 27.45 -6.41
C THR C 197 7.47 28.18 -7.18
N GLU C 198 6.32 27.55 -7.41
CA GLU C 198 5.30 28.32 -8.14
C GLU C 198 4.89 29.54 -7.33
N MSE C 199 4.81 29.39 -6.02
CA MSE C 199 4.55 30.50 -5.14
C MSE C 199 5.53 31.68 -5.19
O MSE C 199 5.33 32.70 -4.48
CB MSE C 199 4.50 29.98 -3.72
CG MSE C 199 3.10 29.65 -3.38
SE MSE C 199 2.95 28.69 -1.77
CE MSE C 199 3.15 30.25 -0.56
N GLY C 200 6.59 31.56 -5.98
CA GLY C 200 7.56 32.63 -6.11
C GLY C 200 8.53 32.70 -4.96
N LEU C 201 8.63 31.63 -4.20
CA LEU C 201 9.54 31.57 -3.07
C LEU C 201 10.71 30.60 -3.32
N VAL C 202 11.74 30.67 -2.48
CA VAL C 202 12.86 29.75 -2.62
C VAL C 202 12.63 28.46 -1.81
N PRO C 203 12.59 27.28 -2.48
CA PRO C 203 12.39 26.00 -1.80
C PRO C 203 13.71 25.34 -1.43
N PHE C 204 13.72 24.53 -0.37
CA PHE C 204 14.82 23.58 -0.12
C PHE C 204 14.29 22.32 0.56
N HIS C 205 15.03 21.22 0.46
CA HIS C 205 14.66 19.97 1.11
C HIS C 205 15.16 20.01 2.55
N THR C 206 14.40 19.44 3.49
CA THR C 206 14.79 19.57 4.90
C THR C 206 16.02 18.75 5.28
N ASP C 207 16.34 17.74 4.47
CA ASP C 207 17.64 17.04 4.61
C ASP C 207 18.81 18.05 4.66
N GLU C 208 18.58 19.25 4.12
CA GLU C 208 19.61 20.29 3.95
C GLU C 208 19.46 21.46 4.92
N LEU C 209 18.70 21.26 5.98
CA LEU C 209 18.34 22.35 6.83
C LEU C 209 19.53 23.11 7.39
N LYS C 210 20.52 22.38 7.89
CA LYS C 210 21.71 22.98 8.45
C LYS C 210 22.27 24.03 7.46
N GLU C 211 22.45 23.63 6.21
CA GLU C 211 22.94 24.54 5.18
C GLU C 211 22.14 25.81 4.98
N HIS C 212 20.82 25.70 5.02
CA HIS C 212 19.96 26.80 4.61
C HIS C 212 19.60 27.81 5.70
N VAL C 213 19.75 27.42 6.96
CA VAL C 213 19.51 28.34 8.06
C VAL C 213 20.75 28.95 8.65
N LYS C 214 21.88 28.90 7.95
CA LYS C 214 23.10 29.51 8.48
C LYS C 214 22.94 31.02 8.69
N ASP C 215 22.44 31.72 7.66
CA ASP C 215 22.19 33.18 7.75
C ASP C 215 20.73 33.60 7.69
N ILE C 216 19.85 33.01 8.49
CA ILE C 216 18.50 33.55 8.54
C ILE C 216 18.26 34.45 9.75
N ASP C 217 17.41 35.45 9.54
CA ASP C 217 17.01 36.31 10.63
C ASP C 217 15.94 35.62 11.45
N ILE C 218 14.88 35.12 10.78
CA ILE C 218 13.80 34.46 11.49
C ILE C 218 13.51 33.06 10.94
N CYS C 219 13.37 32.10 11.83
CA CYS C 219 13.06 30.75 11.42
C CYS C 219 11.75 30.33 12.01
N ILE C 220 10.76 30.06 11.14
CA ILE C 220 9.46 29.65 11.66
C ILE C 220 9.23 28.18 11.35
N ASN C 221 9.08 27.38 12.40
CA ASN C 221 8.84 25.94 12.28
C ASN C 221 7.35 25.62 12.31
N THR C 222 6.95 24.71 11.46
CA THR C 222 5.57 24.28 11.42
C THR C 222 5.48 22.76 11.57
N ILE C 223 6.66 22.11 11.61
CA ILE C 223 6.80 20.65 11.61
C ILE C 223 6.81 20.01 13.00
N PRO C 224 5.86 19.08 13.26
CA PRO C 224 5.76 18.47 14.59
C PRO C 224 6.73 17.30 14.73
N SER C 225 8.03 17.60 14.60
CA SER C 225 9.11 16.63 14.70
C SER C 225 10.40 17.39 15.02
N MSE C 226 11.26 16.75 15.81
CA MSE C 226 12.59 17.28 16.13
C MSE C 226 13.39 17.56 14.86
O MSE C 226 14.14 16.70 14.37
CB MSE C 226 13.37 16.26 16.98
CG MSE C 226 14.70 16.79 17.41
SE MSE C 226 14.35 18.30 18.58
CE MSE C 226 15.27 19.66 17.61
N ILE C 227 13.24 18.76 14.31
CA ILE C 227 14.01 19.12 13.13
C ILE C 227 15.09 20.11 13.47
N LEU C 228 14.76 21.07 14.31
CA LEU C 228 15.67 22.17 14.58
C LEU C 228 16.60 21.72 15.68
N ASN C 229 17.39 20.70 15.38
CA ASN C 229 18.15 19.99 16.41
C ASN C 229 19.50 20.59 16.72
N GLN C 230 20.22 19.93 17.60
CA GLN C 230 21.47 20.45 18.12
C GLN C 230 22.48 20.65 17.02
N THR C 231 22.56 19.68 16.11
CA THR C 231 23.54 19.74 15.03
C THR C 231 23.22 20.89 14.05
N VAL C 232 21.95 21.07 13.71
CA VAL C 232 21.47 22.23 12.96
C VAL C 232 21.74 23.50 13.72
N LEU C 233 21.41 23.50 15.00
CA LEU C 233 21.51 24.69 15.81
C LEU C 233 22.93 25.12 15.99
N SER C 234 23.87 24.20 15.88
CA SER C 234 25.26 24.56 16.05
C SER C 234 25.79 25.40 14.88
N SER C 235 25.16 25.28 13.73
CA SER C 235 25.53 26.10 12.58
C SER C 235 24.98 27.52 12.68
N MSE C 236 23.81 27.65 13.29
CA MSE C 236 23.15 28.94 13.48
C MSE C 236 23.94 29.88 14.39
O MSE C 236 24.87 29.45 15.07
CB MSE C 236 21.78 28.72 14.07
CG MSE C 236 20.76 28.26 13.10
SE MSE C 236 19.00 28.39 13.92
CE MSE C 236 19.28 29.95 15.01
N THR C 237 23.55 31.16 14.37
CA THR C 237 24.18 32.21 15.18
C THR C 237 23.13 32.86 16.09
N PRO C 238 23.55 33.39 17.25
CA PRO C 238 22.64 34.12 18.17
C PRO C 238 21.68 35.09 17.48
N LYS C 239 22.10 35.64 16.36
CA LYS C 239 21.25 36.57 15.58
C LYS C 239 19.89 36.01 15.14
N THR C 240 19.73 34.69 15.14
CA THR C 240 18.51 34.09 14.63
C THR C 240 17.47 33.98 15.71
N LEU C 241 16.22 34.23 15.31
CA LEU C 241 15.07 34.11 16.16
C LEU C 241 14.32 32.90 15.69
N ILE C 242 13.94 32.00 16.60
CA ILE C 242 13.11 30.86 16.20
C ILE C 242 11.70 30.94 16.79
N LEU C 243 10.70 30.82 15.91
CA LEU C 243 9.34 30.81 16.35
C LEU C 243 8.83 29.42 16.09
N ASP C 244 8.60 28.65 17.15
CA ASP C 244 8.12 27.30 16.99
C ASP C 244 6.61 27.19 17.18
N LEU C 245 5.89 26.95 16.09
CA LEU C 245 4.42 26.94 16.12
C LEU C 245 3.80 25.56 16.33
N ALA C 246 4.60 24.50 16.21
CA ALA C 246 4.09 23.14 16.30
C ALA C 246 3.72 22.82 17.74
N SER C 247 2.83 21.83 17.89
CA SER C 247 2.31 21.44 19.19
C SER C 247 3.39 20.95 20.13
N ARG C 248 3.18 21.21 21.42
CA ARG C 248 4.17 20.91 22.46
C ARG C 248 4.67 19.47 22.22
N PRO C 249 6.00 19.26 22.27
CA PRO C 249 7.05 20.18 22.64
C PRO C 249 7.74 20.84 21.45
N GLY C 250 6.99 21.09 20.39
CA GLY C 250 7.53 21.76 19.20
C GLY C 250 8.54 20.91 18.43
N GLY C 251 9.35 21.57 17.61
CA GLY C 251 10.37 20.86 16.84
C GLY C 251 11.77 21.30 17.16
N THR C 252 11.97 21.85 18.36
CA THR C 252 13.24 22.42 18.76
C THR C 252 13.86 21.86 20.06
N ASP C 253 15.18 21.76 20.03
CA ASP C 253 15.98 21.59 21.20
C ASP C 253 16.13 22.97 21.85
N PHE C 254 15.06 23.40 22.53
CA PHE C 254 15.03 24.70 23.23
C PHE C 254 16.13 24.78 24.29
N LYS C 255 16.41 23.66 24.96
CA LYS C 255 17.52 23.63 25.92
C LYS C 255 18.90 23.90 25.25
N TYR C 256 19.15 23.32 24.07
CA TYR C 256 20.39 23.62 23.35
C TYR C 256 20.38 25.03 22.80
N ALA C 257 19.23 25.46 22.29
CA ALA C 257 19.10 26.78 21.72
C ALA C 257 19.34 27.88 22.75
N GLU C 258 18.87 27.65 23.97
CA GLU C 258 19.11 28.59 25.07
C GLU C 258 20.61 28.69 25.41
N LYS C 259 21.30 27.56 25.53
CA LYS C 259 22.74 27.55 25.75
C LYS C 259 23.52 28.33 24.67
N GLN C 260 23.07 28.26 23.42
CA GLN C 260 23.84 28.84 22.31
C GLN C 260 23.62 30.32 22.18
N GLY C 261 22.84 30.87 23.11
CA GLY C 261 22.37 32.26 23.06
C GLY C 261 21.35 32.53 21.97
N ILE C 262 20.59 31.53 21.55
CA ILE C 262 19.56 31.76 20.53
C ILE C 262 18.16 31.83 21.15
N LYS C 263 17.45 32.91 20.90
CA LYS C 263 16.06 32.95 21.37
C LYS C 263 15.23 31.99 20.54
N ALA C 264 14.54 31.06 21.19
CA ALA C 264 13.58 30.20 20.52
C ALA C 264 12.32 30.21 21.37
N LEU C 265 11.15 30.40 20.73
CA LEU C 265 9.87 30.49 21.44
C LEU C 265 8.94 29.39 21.03
N LEU C 266 8.18 28.86 21.98
CA LEU C 266 7.06 27.97 21.68
C LEU C 266 5.84 28.85 21.78
N ALA C 267 4.94 28.81 20.81
CA ALA C 267 3.78 29.70 20.87
C ALA C 267 2.44 28.97 20.69
N PRO C 268 1.95 28.38 21.78
CA PRO C 268 0.75 27.58 21.71
C PRO C 268 -0.53 28.43 21.66
N GLY C 269 -1.51 27.95 20.87
CA GLY C 269 -2.85 28.52 20.78
C GLY C 269 -2.88 29.99 20.48
N LEU C 270 -2.17 30.39 19.41
CA LEU C 270 -2.11 31.77 19.00
C LEU C 270 -3.47 32.38 18.56
N PRO C 271 -4.31 31.62 17.81
CA PRO C 271 -5.62 32.15 17.39
C PRO C 271 -6.43 32.63 18.57
N GLY C 272 -6.58 31.75 19.57
CA GLY C 272 -7.16 32.09 20.86
C GLY C 272 -6.61 33.31 21.58
N ILE C 273 -5.29 33.49 21.60
CA ILE C 273 -4.72 34.69 22.24
C ILE C 273 -4.95 35.92 21.37
N VAL C 274 -4.76 35.77 20.08
CA VAL C 274 -4.50 36.90 19.24
C VAL C 274 -5.73 37.48 18.58
N ALA C 275 -6.69 36.64 18.25
CA ALA C 275 -7.92 37.10 17.60
C ALA C 275 -9.08 36.20 18.02
N PRO C 276 -9.52 36.34 19.28
CA PRO C 276 -10.50 35.39 19.78
C PRO C 276 -11.81 35.47 19.00
N LYS C 277 -12.25 36.67 18.64
CA LYS C 277 -13.44 36.86 17.79
C LYS C 277 -13.37 36.03 16.48
N THR C 278 -12.19 35.98 15.87
CA THR C 278 -12.05 35.33 14.60
C THR C 278 -11.93 33.83 14.87
N ALA C 279 -11.22 33.48 15.91
CA ALA C 279 -11.16 32.09 16.34
C ALA C 279 -12.58 31.55 16.55
N GLY C 280 -13.38 32.32 17.28
CA GLY C 280 -14.75 31.93 17.62
C GLY C 280 -15.63 31.81 16.39
N GLN C 281 -15.57 32.83 15.55
CA GLN C 281 -16.34 32.87 14.33
C GLN C 281 -15.97 31.70 13.41
N ILE C 282 -14.67 31.48 13.23
CA ILE C 282 -14.22 30.34 12.46
C ILE C 282 -14.92 29.09 13.00
N LEU C 283 -14.90 28.91 14.31
CA LEU C 283 -15.53 27.75 14.90
C LEU C 283 -17.05 27.74 14.67
N ALA C 284 -17.70 28.88 14.87
CA ALA C 284 -19.14 28.89 14.73
C ALA C 284 -19.55 28.52 13.31
N ASN C 285 -18.93 29.11 12.29
CA ASN C 285 -19.39 28.89 10.90
C ASN C 285 -19.27 27.40 10.49
N VAL C 286 -18.18 26.77 10.89
CA VAL C 286 -18.06 25.32 10.76
C VAL C 286 -19.12 24.54 11.59
N LEU C 287 -19.33 24.96 12.84
CA LEU C 287 -20.37 24.34 13.65
C LEU C 287 -21.76 24.50 13.06
N SER C 288 -22.04 25.66 12.51
CA SER C 288 -23.33 25.94 11.94
C SER C 288 -23.60 25.02 10.75
N LYS C 289 -22.64 24.96 9.85
CA LYS C 289 -22.72 24.11 8.69
C LYS C 289 -22.93 22.62 9.07
N LEU C 290 -22.30 22.16 10.15
CA LEU C 290 -22.38 20.73 10.55
C LEU C 290 -23.66 20.39 11.29
N LEU C 291 -24.15 21.32 12.08
CA LEU C 291 -25.38 21.10 12.80
C LEU C 291 -26.53 21.05 11.81
N ALA C 292 -26.33 21.64 10.62
CA ALA C 292 -27.35 21.62 9.59
C ALA C 292 -27.44 20.25 8.95
N GLU C 293 -26.34 19.50 9.00
CA GLU C 293 -26.37 18.13 8.53
C GLU C 293 -27.13 17.24 9.53
N ILE C 294 -26.90 17.44 10.82
CA ILE C 294 -27.64 16.68 11.81
C ILE C 294 -29.13 16.96 11.67
N GLN C 295 -29.49 18.24 11.51
CA GLN C 295 -30.91 18.61 11.40
C GLN C 295 -31.62 17.96 10.21
N ALA C 296 -30.95 17.97 9.06
CA ALA C 296 -31.47 17.34 7.85
C ALA C 296 -31.76 15.84 8.08
N GLU C 297 -30.75 15.11 8.58
CA GLU C 297 -30.90 13.70 9.00
C GLU C 297 -32.02 13.46 10.05
N GLU C 298 -31.83 13.98 11.27
CA GLU C 298 -32.71 13.71 12.42
C GLU C 298 -32.59 12.26 12.91
N ASN D 2 33.57 49.10 -0.70
CA ASN D 2 34.16 49.71 -1.94
C ASN D 2 34.09 51.26 -2.02
N ALA D 3 33.10 51.88 -1.37
CA ALA D 3 33.00 53.35 -1.31
C ALA D 3 33.43 53.88 0.06
N MSE D 4 34.38 54.82 0.06
CA MSE D 4 35.04 55.30 1.29
C MSE D 4 34.75 56.74 1.69
O MSE D 4 34.27 57.55 0.89
CB MSE D 4 36.56 55.07 1.21
CG MSE D 4 36.95 53.60 1.21
SE MSE D 4 35.95 52.52 2.53
CE MSE D 4 36.02 50.79 1.59
N LEU D 5 35.07 57.04 2.95
CA LEU D 5 34.87 58.37 3.53
C LEU D 5 36.07 58.70 4.42
N THR D 6 37.24 58.28 3.94
CA THR D 6 38.54 58.57 4.52
C THR D 6 38.89 60.02 4.25
N GLY D 7 39.42 60.71 5.26
CA GLY D 7 39.76 62.11 5.10
C GLY D 7 38.57 63.01 5.41
N LEU D 8 37.53 62.40 5.99
CA LEU D 8 36.51 63.19 6.66
C LEU D 8 36.54 62.92 8.15
N LYS D 9 36.02 63.91 8.88
CA LYS D 9 36.07 63.96 10.33
C LYS D 9 34.68 64.41 10.76
N ILE D 10 34.00 63.52 11.46
CA ILE D 10 32.59 63.70 11.82
C ILE D 10 32.43 63.70 13.32
N ALA D 11 31.51 64.53 13.82
CA ALA D 11 31.06 64.46 15.21
C ALA D 11 29.63 63.89 15.32
N VAL D 12 29.50 62.73 15.96
CA VAL D 12 28.17 62.16 16.26
C VAL D 12 27.77 62.61 17.68
N ILE D 13 26.92 63.64 17.74
CA ILE D 13 26.47 64.21 19.03
C ILE D 13 25.07 63.74 19.44
N GLY D 14 25.00 62.95 20.50
CA GLY D 14 23.73 62.39 21.00
C GLY D 14 23.22 61.18 20.24
N GLY D 15 21.98 60.78 20.54
CA GLY D 15 21.28 59.73 19.80
C GLY D 15 20.72 58.53 20.57
N ASP D 16 20.16 57.59 19.82
CA ASP D 16 19.59 56.38 20.41
C ASP D 16 20.19 55.19 19.73
N ALA D 17 19.50 54.05 19.84
CA ALA D 17 19.87 52.83 19.15
C ALA D 17 20.16 53.07 17.66
N ARG D 18 19.49 54.05 17.05
CA ARG D 18 19.68 54.34 15.64
C ARG D 18 21.05 54.89 15.30
N GLN D 19 21.56 55.76 16.15
CA GLN D 19 22.85 56.36 15.85
C GLN D 19 23.96 55.30 15.78
N LEU D 20 23.83 54.25 16.58
CA LEU D 20 24.77 53.12 16.54
C LEU D 20 24.97 52.63 15.10
N GLU D 21 23.87 52.47 14.37
CA GLU D 21 23.91 52.03 12.99
C GLU D 21 24.69 52.99 12.13
N ILE D 22 24.56 54.30 12.41
CA ILE D 22 25.29 55.33 11.67
C ILE D 22 26.78 55.26 11.94
N ILE D 23 27.13 55.31 13.22
CA ILE D 23 28.49 55.09 13.74
C ILE D 23 29.11 53.82 13.15
N ARG D 24 28.38 52.70 13.20
CA ARG D 24 28.84 51.45 12.58
C ARG D 24 29.18 51.70 11.13
N LYS D 25 28.25 52.36 10.43
CA LYS D 25 28.40 52.58 8.99
C LYS D 25 29.62 53.42 8.66
N LEU D 26 29.75 54.54 9.36
CA LEU D 26 30.84 55.48 9.12
C LEU D 26 32.22 54.92 9.49
N THR D 27 32.29 54.07 10.51
CA THR D 27 33.56 53.39 10.84
C THR D 27 33.92 52.33 9.75
N GLU D 28 32.92 51.65 9.19
CA GLU D 28 33.12 50.74 8.04
C GLU D 28 33.67 51.50 6.84
N GLN D 29 33.31 52.78 6.74
CA GLN D 29 33.76 53.66 5.67
C GLN D 29 34.97 54.52 6.09
N GLN D 30 35.55 54.16 7.23
CA GLN D 30 36.84 54.71 7.68
C GLN D 30 36.90 56.21 7.90
N ALA D 31 35.74 56.82 8.17
CA ALA D 31 35.70 58.19 8.63
C ALA D 31 36.41 58.33 9.98
N ASP D 32 36.85 59.55 10.31
CA ASP D 32 37.40 59.83 11.64
C ASP D 32 36.29 60.31 12.54
N ILE D 33 35.97 59.51 13.55
CA ILE D 33 34.74 59.74 14.27
C ILE D 33 34.98 60.26 15.68
N TYR D 34 34.10 61.21 16.03
CA TYR D 34 34.01 61.79 17.36
C TYR D 34 32.62 61.53 17.95
N LEU D 35 32.61 60.91 19.11
CA LEU D 35 31.40 60.50 19.83
C LEU D 35 31.14 61.29 21.10
N VAL D 36 30.08 62.08 21.11
CA VAL D 36 29.62 62.64 22.38
C VAL D 36 28.22 62.12 22.78
N GLY D 37 28.09 61.70 24.04
CA GLY D 37 26.84 61.19 24.57
C GLY D 37 26.80 59.67 24.64
N PHE D 38 27.97 59.04 24.71
CA PHE D 38 28.10 57.58 24.65
C PHE D 38 29.08 56.99 25.66
N ASP D 39 29.40 57.74 26.71
CA ASP D 39 30.48 57.38 27.63
C ASP D 39 30.15 56.13 28.48
N GLN D 40 28.87 55.83 28.62
CA GLN D 40 28.44 54.68 29.40
C GLN D 40 28.57 53.36 28.60
N LEU D 41 28.14 53.36 27.33
CA LEU D 41 28.09 52.17 26.44
C LEU D 41 29.42 51.65 25.87
N ASP D 42 29.65 50.34 26.03
CA ASP D 42 30.69 49.64 25.30
C ASP D 42 30.16 49.19 23.94
N HIS D 43 30.02 50.17 23.08
CA HIS D 43 29.52 50.01 21.73
C HIS D 43 30.23 48.91 20.94
N GLY D 44 31.53 48.76 21.18
CA GLY D 44 32.40 47.90 20.39
C GLY D 44 32.83 48.53 19.06
N PHE D 45 33.00 49.86 19.04
CA PHE D 45 33.31 50.54 17.78
C PHE D 45 34.72 51.08 17.67
N THR D 46 35.55 50.26 17.04
CA THR D 46 36.96 50.51 16.83
C THR D 46 37.28 51.92 16.31
N GLY D 47 38.28 52.54 16.95
CA GLY D 47 38.88 53.78 16.51
C GLY D 47 38.17 55.04 16.95
N ALA D 48 36.87 54.93 17.21
CA ALA D 48 36.06 56.07 17.58
C ALA D 48 36.46 56.65 18.95
N VAL D 49 36.48 57.98 19.03
CA VAL D 49 36.99 58.72 20.21
C VAL D 49 35.89 59.40 21.03
N LYS D 50 35.69 58.96 22.26
CA LYS D 50 34.64 59.53 23.14
C LYS D 50 35.11 60.74 23.96
N CYS D 51 34.37 61.84 23.80
CA CYS D 51 34.67 63.10 24.50
C CYS D 51 33.42 63.97 24.68
N ASN D 52 33.62 65.12 25.31
CA ASN D 52 32.53 66.07 25.48
C ASN D 52 32.50 67.04 24.33
N ILE D 53 31.51 67.92 24.37
CA ILE D 53 31.30 68.87 23.31
C ILE D 53 32.33 70.04 23.32
N ASP D 54 32.97 70.28 24.46
CA ASP D 54 33.95 71.38 24.55
C ASP D 54 35.36 70.88 24.26
N GLU D 55 35.45 69.62 23.88
CA GLU D 55 36.73 68.98 23.59
C GLU D 55 36.70 68.41 22.17
N ILE D 56 35.66 68.75 21.41
CA ILE D 56 35.60 68.47 19.98
C ILE D 56 36.32 69.61 19.24
N PRO D 57 37.22 69.26 18.32
CA PRO D 57 37.95 70.28 17.55
C PRO D 57 37.17 70.73 16.32
N PHE D 58 36.15 71.57 16.54
CA PHE D 58 35.27 72.03 15.45
C PHE D 58 35.98 72.66 14.26
N GLN D 59 37.16 73.22 14.48
CA GLN D 59 38.00 73.79 13.43
C GLN D 59 38.17 72.81 12.25
N GLN D 60 38.34 71.53 12.58
CA GLN D 60 38.59 70.46 11.61
C GLN D 60 37.33 69.69 11.13
N ILE D 61 36.19 69.94 11.78
CA ILE D 61 34.99 69.11 11.56
C ILE D 61 34.24 69.44 10.26
N ASP D 62 34.01 68.38 9.47
CA ASP D 62 33.39 68.44 8.17
C ASP D 62 31.90 68.22 8.32
N SER D 63 31.51 67.52 9.38
CA SER D 63 30.11 67.26 9.61
C SER D 63 29.72 66.95 11.05
N ILE D 64 28.51 67.36 11.39
CA ILE D 64 27.89 67.14 12.68
C ILE D 64 26.58 66.38 12.46
N ILE D 65 26.43 65.26 13.15
CA ILE D 65 25.23 64.45 13.03
C ILE D 65 24.51 64.44 14.36
N LEU D 66 23.49 65.29 14.48
CA LEU D 66 22.57 65.31 15.63
C LEU D 66 21.56 64.15 15.58
N PRO D 67 20.78 63.96 16.67
CA PRO D 67 19.71 62.96 16.64
C PRO D 67 18.44 63.42 15.93
N VAL D 68 17.52 62.49 15.76
CA VAL D 68 16.34 62.69 14.95
C VAL D 68 15.51 63.88 15.41
N SER D 69 15.12 63.91 16.68
CA SER D 69 14.57 65.13 17.25
C SER D 69 15.79 65.73 17.91
N ALA D 70 16.24 66.83 17.32
CA ALA D 70 17.62 67.30 17.48
C ALA D 70 17.87 67.87 18.85
N THR D 71 17.07 68.88 19.20
CA THR D 71 17.40 69.71 20.33
C THR D 71 16.13 70.25 21.01
N THR D 72 16.23 70.45 22.33
CA THR D 72 15.13 71.04 23.10
C THR D 72 15.10 72.57 22.95
N GLY D 73 14.26 73.23 23.76
CA GLY D 73 14.23 74.69 23.80
C GLY D 73 15.61 75.23 24.11
N GLU D 74 16.05 74.99 25.36
CA GLU D 74 17.41 75.29 25.86
C GLU D 74 18.53 74.62 25.02
N GLY D 75 18.14 73.89 23.96
CA GLY D 75 19.11 73.30 23.04
C GLY D 75 19.91 72.11 23.55
N VAL D 76 19.38 71.41 24.55
CA VAL D 76 20.01 70.18 25.02
C VAL D 76 19.73 68.98 24.08
N VAL D 77 20.82 68.39 23.60
CA VAL D 77 20.81 67.23 22.71
C VAL D 77 20.50 65.95 23.51
N SER D 78 19.57 65.16 22.99
CA SER D 78 19.11 63.93 23.64
C SER D 78 20.12 62.78 23.57
N THR D 79 20.61 62.33 24.74
CA THR D 79 21.47 61.14 24.78
C THR D 79 20.82 60.01 25.59
N VAL D 80 21.21 58.77 25.29
CA VAL D 80 20.60 57.62 25.96
C VAL D 80 21.70 56.74 26.54
N PHE D 81 22.94 57.02 26.16
CA PHE D 81 24.08 56.22 26.63
C PHE D 81 25.10 57.04 27.46
N SER D 82 24.64 58.17 27.98
CA SER D 82 25.45 59.08 28.79
C SER D 82 24.54 59.67 29.87
N ASN D 83 25.12 59.96 31.04
CA ASN D 83 24.39 60.63 32.13
C ASN D 83 24.62 62.13 32.09
N GLU D 84 25.78 62.53 31.57
CA GLU D 84 26.12 63.92 31.46
C GLU D 84 25.24 64.53 30.40
N GLU D 85 24.49 65.56 30.79
CA GLU D 85 23.65 66.36 29.90
C GLU D 85 24.51 67.03 28.82
N VAL D 86 24.03 67.00 27.57
CA VAL D 86 24.79 67.55 26.46
C VAL D 86 24.05 68.71 25.82
N VAL D 87 24.73 69.84 25.69
CA VAL D 87 24.13 71.07 25.16
C VAL D 87 24.92 71.62 23.96
N LEU D 88 24.19 71.91 22.88
CA LEU D 88 24.78 72.50 21.66
C LEU D 88 24.55 74.00 21.64
N LYS D 89 25.63 74.75 21.47
CA LYS D 89 25.61 76.21 21.52
C LYS D 89 26.02 76.82 20.19
N GLN D 90 25.61 78.07 19.98
CA GLN D 90 26.06 78.90 18.85
C GLN D 90 27.57 78.74 18.60
N ASP D 91 28.35 79.04 19.64
CA ASP D 91 29.81 79.09 19.58
C ASP D 91 30.43 77.83 18.94
N HIS D 92 29.86 76.67 19.27
CA HIS D 92 30.31 75.38 18.70
C HIS D 92 30.29 75.37 17.17
N LEU D 93 29.20 75.91 16.59
CA LEU D 93 29.00 75.93 15.13
C LEU D 93 29.82 77.00 14.42
N ASP D 94 30.26 78.01 15.17
CA ASP D 94 31.09 79.05 14.59
C ASP D 94 32.50 78.53 14.31
N ARG D 95 33.04 77.76 15.25
CA ARG D 95 34.40 77.21 15.15
C ARG D 95 34.58 76.25 13.97
N THR D 96 33.55 76.18 13.15
CA THR D 96 33.40 75.15 12.14
C THR D 96 33.64 75.67 10.71
N PRO D 97 34.35 74.91 9.86
CA PRO D 97 34.59 75.29 8.45
C PRO D 97 33.34 75.74 7.69
N ALA D 98 33.52 76.47 6.59
CA ALA D 98 32.40 76.91 5.75
C ALA D 98 31.61 75.73 5.16
N HIS D 99 32.35 74.69 4.75
CA HIS D 99 31.80 73.55 4.04
C HIS D 99 31.14 72.54 4.98
N CYS D 100 31.13 72.88 6.28
CA CYS D 100 30.58 71.98 7.27
C CYS D 100 29.08 71.98 7.18
N VAL D 101 28.56 70.75 7.12
CA VAL D 101 27.13 70.47 7.03
C VAL D 101 26.65 69.81 8.33
N ILE D 102 25.48 70.26 8.79
CA ILE D 102 24.80 69.65 9.93
C ILE D 102 23.61 68.80 9.45
N PHE D 103 23.43 67.67 10.12
CA PHE D 103 22.35 66.76 9.81
C PHE D 103 21.51 66.54 11.06
N SER D 104 20.19 66.58 10.88
CA SER D 104 19.24 66.23 11.93
C SER D 104 18.04 65.58 11.28
N GLY D 105 17.08 65.15 12.09
CA GLY D 105 15.85 64.57 11.56
C GLY D 105 14.79 65.61 11.23
N ILE D 106 14.07 66.03 12.26
CA ILE D 106 12.97 66.98 12.10
C ILE D 106 13.37 68.44 12.36
N SER D 107 12.44 69.35 12.08
CA SER D 107 12.62 70.80 12.25
C SER D 107 12.86 71.21 13.73
N ASN D 108 13.33 72.45 13.94
CA ASN D 108 13.52 73.01 15.28
C ASN D 108 13.97 74.48 15.23
N ALA D 109 13.14 75.38 15.73
CA ALA D 109 13.43 76.82 15.64
C ALA D 109 14.84 77.20 16.15
N TYR D 110 15.24 76.63 17.29
CA TYR D 110 16.57 76.89 17.88
C TYR D 110 17.74 76.43 17.01
N LEU D 111 17.64 75.23 16.43
CA LEU D 111 18.71 74.69 15.62
C LEU D 111 18.81 75.44 14.29
N GLU D 112 17.67 75.82 13.71
CA GLU D 112 17.65 76.53 12.44
C GLU D 112 18.24 77.91 12.62
N ASN D 113 17.93 78.54 13.77
CA ASN D 113 18.56 79.77 14.27
C ASN D 113 20.06 79.78 14.17
N ILE D 114 20.68 79.11 15.15
CA ILE D 114 22.13 79.05 15.34
C ILE D 114 22.88 78.48 14.14
N ALA D 115 22.15 77.84 13.23
CA ALA D 115 22.73 77.40 11.96
C ALA D 115 22.69 78.50 10.90
N ALA D 116 21.58 79.22 10.80
CA ALA D 116 21.48 80.38 9.91
C ALA D 116 22.45 81.48 10.37
N GLN D 117 22.64 81.55 11.69
CA GLN D 117 23.51 82.54 12.31
C GLN D 117 24.98 82.22 12.10
N ALA D 118 25.30 80.94 12.01
CA ALA D 118 26.69 80.55 11.80
C ALA D 118 27.01 80.36 10.31
N LYS D 119 26.01 80.61 9.45
CA LYS D 119 26.10 80.42 8.00
C LYS D 119 26.56 78.98 7.62
N ARG D 120 25.99 77.98 8.31
CA ARG D 120 26.30 76.57 8.04
C ARG D 120 25.04 75.80 7.61
N LYS D 121 25.21 74.86 6.69
CA LYS D 121 24.07 74.20 6.08
C LYS D 121 23.44 73.15 6.98
N LEU D 122 22.12 73.23 7.15
CA LEU D 122 21.37 72.27 7.94
C LEU D 122 20.46 71.42 7.04
N VAL D 123 20.77 70.12 6.94
CA VAL D 123 19.92 69.16 6.23
C VAL D 123 18.92 68.50 7.18
N LYS D 124 17.64 68.63 6.87
CA LYS D 124 16.60 68.05 7.70
C LYS D 124 16.09 66.75 7.08
N LEU D 125 16.74 65.67 7.47
CA LEU D 125 16.59 64.39 6.80
C LEU D 125 15.15 63.92 6.65
N PHE D 126 14.38 64.05 7.72
CA PHE D 126 12.99 63.55 7.76
C PHE D 126 12.11 64.24 6.71
N GLU D 127 12.63 65.31 6.10
CA GLU D 127 11.95 65.99 5.00
C GLU D 127 12.30 65.49 3.58
N ARG D 128 13.28 64.62 3.43
CA ARG D 128 13.58 64.14 2.08
C ARG D 128 12.59 63.03 1.73
N ASP D 129 12.41 62.79 0.44
CA ASP D 129 11.44 61.77 0.04
C ASP D 129 11.94 60.36 0.34
N ASP D 130 13.22 60.11 0.09
CA ASP D 130 13.73 58.75 0.23
C ASP D 130 13.62 58.24 1.69
N ILE D 131 13.94 59.15 2.63
CA ILE D 131 13.81 58.89 4.07
C ILE D 131 12.37 58.64 4.47
N ALA D 132 11.45 59.51 4.05
CA ALA D 132 10.03 59.26 4.27
C ALA D 132 9.61 57.91 3.72
N ILE D 133 9.98 57.63 2.46
CA ILE D 133 9.57 56.40 1.80
C ILE D 133 10.17 55.20 2.52
N TYR D 134 11.48 55.20 2.70
CA TYR D 134 12.11 54.08 3.39
C TYR D 134 11.50 53.91 4.77
N ASN D 135 11.21 55.02 5.44
CA ASN D 135 10.69 54.97 6.78
C ASN D 135 9.25 54.48 6.79
N SER D 136 8.52 54.54 5.67
CA SER D 136 7.15 54.01 5.68
C SER D 136 7.11 52.52 6.05
N ILE D 137 8.17 51.79 5.66
CA ILE D 137 8.29 50.36 5.93
C ILE D 137 8.25 50.07 7.46
N PRO D 138 9.24 50.57 8.22
CA PRO D 138 9.05 50.39 9.66
C PRO D 138 7.72 50.98 10.13
N THR D 139 7.26 52.09 9.57
CA THR D 139 5.98 52.54 10.07
C THR D 139 4.74 51.62 9.76
N VAL D 140 4.61 51.00 8.58
CA VAL D 140 3.58 49.94 8.50
C VAL D 140 3.71 48.89 9.59
N GLU D 141 4.94 48.42 9.83
CA GLU D 141 5.13 47.33 10.79
C GLU D 141 4.68 47.77 12.18
N GLY D 142 4.98 49.01 12.51
CA GLY D 142 4.38 49.65 13.66
C GLY D 142 2.86 49.61 13.62
N THR D 143 2.28 49.95 12.46
CA THR D 143 0.81 50.08 12.37
C THR D 143 0.16 48.72 12.50
N ILE D 144 0.72 47.75 11.80
CA ILE D 144 0.29 46.38 11.90
C ILE D 144 0.29 45.97 13.37
N MSE D 145 1.42 46.24 14.06
CA MSE D 145 1.55 45.87 15.47
CA MSE D 145 1.59 45.91 15.49
C MSE D 145 0.41 46.43 16.31
O MSE D 145 -0.22 45.69 17.05
CB MSE D 145 2.92 46.29 16.03
CB MSE D 145 2.92 46.45 16.04
CG MSE D 145 3.08 46.01 17.52
CG MSE D 145 3.11 46.35 17.57
SE MSE D 145 2.73 44.15 17.97
SE MSE D 145 4.76 47.18 18.30
CE MSE D 145 4.56 43.60 18.34
CE MSE D 145 4.12 48.99 18.71
N LEU D 146 0.13 47.72 16.15
CA LEU D 146 -0.94 48.38 16.89
C LEU D 146 -2.30 47.76 16.62
N ALA D 147 -2.63 47.56 15.33
CA ALA D 147 -3.90 46.94 14.96
C ALA D 147 -4.07 45.53 15.56
N ILE D 148 -3.02 44.71 15.53
CA ILE D 148 -3.06 43.35 16.07
C ILE D 148 -3.37 43.37 17.56
N GLN D 149 -2.72 44.27 18.27
CA GLN D 149 -2.85 44.30 19.72
C GLN D 149 -3.97 45.20 20.23
N HIS D 150 -4.62 46.00 19.40
CA HIS D 150 -5.79 46.72 19.88
C HIS D 150 -7.14 46.20 19.34
N THR D 151 -7.11 45.06 18.66
CA THR D 151 -8.34 44.37 18.23
C THR D 151 -8.42 42.91 18.72
N ASP D 152 -9.63 42.34 18.69
CA ASP D 152 -9.82 40.92 19.03
C ASP D 152 -10.02 40.09 17.74
N TYR D 153 -9.90 40.77 16.59
CA TYR D 153 -10.16 40.14 15.30
C TYR D 153 -8.93 40.25 14.43
N THR D 154 -8.95 39.44 13.38
CA THR D 154 -7.85 39.29 12.46
C THR D 154 -7.88 40.42 11.43
N ILE D 155 -6.72 40.98 11.11
CA ILE D 155 -6.63 42.02 10.08
C ILE D 155 -7.21 41.49 8.77
N HIS D 156 -6.75 40.30 8.38
CA HIS D 156 -7.23 39.60 7.22
C HIS D 156 -8.77 39.60 7.21
N GLY D 157 -9.37 39.95 6.07
CA GLY D 157 -10.83 39.89 5.92
C GLY D 157 -11.60 41.00 6.60
N SER D 158 -10.91 41.94 7.25
CA SER D 158 -11.57 43.09 7.89
C SER D 158 -11.71 44.23 6.87
N GLN D 159 -12.37 45.30 7.33
CA GLN D 159 -12.58 46.47 6.50
C GLN D 159 -11.65 47.55 6.97
N VAL D 160 -10.80 48.04 6.08
CA VAL D 160 -9.72 48.93 6.48
C VAL D 160 -9.67 50.17 5.59
N ALA D 161 -9.62 51.36 6.19
CA ALA D 161 -9.51 52.60 5.42
C ALA D 161 -8.13 53.20 5.64
N VAL D 162 -7.47 53.62 4.57
CA VAL D 162 -6.24 54.37 4.72
C VAL D 162 -6.59 55.75 4.22
N LEU D 163 -6.35 56.73 5.05
CA LEU D 163 -6.55 58.13 4.66
C LEU D 163 -5.27 58.75 4.05
N GLY D 164 -5.34 59.10 2.76
CA GLY D 164 -4.25 59.80 2.09
C GLY D 164 -3.23 58.85 1.47
N LEU D 165 -2.82 59.18 0.25
CA LEU D 165 -1.92 58.27 -0.49
C LEU D 165 -0.55 58.90 -0.71
N GLY D 166 0.00 59.53 0.33
CA GLY D 166 1.29 60.16 0.22
C GLY D 166 2.40 59.15 0.24
N ARG D 167 3.59 59.59 0.61
CA ARG D 167 4.73 58.67 0.63
C ARG D 167 4.50 57.44 1.52
N THR D 168 3.95 57.62 2.73
CA THR D 168 3.60 56.48 3.62
C THR D 168 2.23 55.83 3.34
N GLY D 169 1.22 56.64 3.06
CA GLY D 169 -0.10 56.10 2.77
C GLY D 169 -0.04 54.99 1.72
N MSE D 170 0.73 55.22 0.67
CA MSE D 170 0.91 54.22 -0.37
C MSE D 170 1.40 52.93 0.22
O MSE D 170 0.93 51.85 -0.17
CB MSE D 170 1.89 54.69 -1.40
CG MSE D 170 2.43 53.58 -2.30
SE MSE D 170 2.70 54.29 -4.10
CE MSE D 170 0.83 54.96 -4.36
N THR D 171 2.34 53.01 1.16
CA THR D 171 2.89 51.79 1.74
C THR D 171 1.88 51.15 2.69
N ILE D 172 1.19 51.96 3.48
CA ILE D 172 0.26 51.40 4.43
C ILE D 172 -0.82 50.65 3.69
N ALA D 173 -1.36 51.26 2.65
CA ALA D 173 -2.44 50.62 1.94
C ALA D 173 -1.96 49.37 1.20
N ARG D 174 -0.79 49.44 0.57
CA ARG D 174 -0.33 48.24 -0.10
C ARG D 174 -0.19 47.07 0.88
N THR D 175 0.56 47.26 1.97
CA THR D 175 0.84 46.18 2.93
C THR D 175 -0.42 45.65 3.63
N PHE D 176 -1.30 46.56 4.05
CA PHE D 176 -2.58 46.08 4.56
C PHE D 176 -3.36 45.21 3.57
N ALA D 177 -3.36 45.58 2.30
CA ALA D 177 -4.06 44.80 1.30
C ALA D 177 -3.41 43.42 1.16
N ALA D 178 -2.09 43.38 1.23
CA ALA D 178 -1.33 42.16 1.03
C ALA D 178 -1.54 41.21 2.19
N LEU D 179 -1.85 41.79 3.35
CA LEU D 179 -2.11 41.05 4.58
C LEU D 179 -3.55 40.48 4.57
N GLY D 180 -4.31 40.74 3.49
CA GLY D 180 -5.66 40.17 3.28
C GLY D 180 -6.85 41.04 3.70
N ALA D 181 -6.59 42.27 4.12
CA ALA D 181 -7.68 43.15 4.49
C ALA D 181 -8.41 43.60 3.25
N ASN D 182 -9.62 44.10 3.41
CA ASN D 182 -10.33 44.76 2.31
C ASN D 182 -10.03 46.21 2.45
N VAL D 183 -9.12 46.71 1.63
CA VAL D 183 -8.61 48.04 1.90
C VAL D 183 -9.28 49.03 1.01
N LYS D 184 -9.85 50.08 1.61
CA LYS D 184 -10.22 51.28 0.86
C LYS D 184 -9.26 52.46 1.16
N VAL D 185 -9.07 53.35 0.19
CA VAL D 185 -8.19 54.52 0.36
C VAL D 185 -8.86 55.85 0.00
N GLY D 186 -8.73 56.86 0.84
CA GLY D 186 -9.28 58.18 0.54
C GLY D 186 -8.18 59.13 0.14
N ALA D 187 -8.39 59.77 -1.02
CA ALA D 187 -7.48 60.78 -1.55
C ALA D 187 -8.29 61.97 -2.08
N ARG D 188 -7.62 62.93 -2.72
CA ARG D 188 -8.33 64.05 -3.34
C ARG D 188 -7.94 64.24 -4.82
N SER D 189 -6.65 64.11 -5.14
CA SER D 189 -6.21 64.22 -6.53
C SER D 189 -6.62 62.99 -7.34
N SER D 190 -7.11 63.24 -8.57
CA SER D 190 -7.47 62.19 -9.54
C SER D 190 -6.35 61.19 -9.74
N ALA D 191 -5.11 61.66 -9.69
CA ALA D 191 -3.94 60.78 -9.84
C ALA D 191 -3.90 59.74 -8.73
N HIS D 192 -3.94 60.18 -7.49
CA HIS D 192 -4.00 59.20 -6.43
C HIS D 192 -5.18 58.20 -6.60
N LEU D 193 -6.36 58.70 -6.96
CA LEU D 193 -7.54 57.86 -7.11
C LEU D 193 -7.36 56.78 -8.19
N ALA D 194 -6.66 57.13 -9.27
CA ALA D 194 -6.36 56.18 -10.35
C ALA D 194 -5.42 55.09 -9.85
N ARG D 195 -4.36 55.52 -9.13
CA ARG D 195 -3.32 54.61 -8.67
C ARG D 195 -3.95 53.64 -7.70
N ILE D 196 -4.74 54.16 -6.78
CA ILE D 196 -5.51 53.31 -5.88
C ILE D 196 -6.17 52.20 -6.71
N THR D 197 -6.99 52.58 -7.71
CA THR D 197 -7.64 51.52 -8.43
C THR D 197 -6.63 50.59 -9.12
N GLU D 198 -5.49 51.09 -9.60
CA GLU D 198 -4.59 50.16 -10.27
C GLU D 198 -3.98 49.17 -9.28
N MSE D 199 -3.63 49.65 -8.10
CA MSE D 199 -3.21 48.80 -6.99
C MSE D 199 -4.26 47.75 -6.58
O MSE D 199 -3.98 46.91 -5.73
CB MSE D 199 -2.85 49.66 -5.78
CG MSE D 199 -1.63 50.51 -6.04
SE MSE D 199 -1.35 51.73 -4.58
CE MSE D 199 -0.35 50.55 -3.42
N GLY D 200 -5.44 47.79 -7.17
CA GLY D 200 -6.46 46.81 -6.84
C GLY D 200 -7.23 47.16 -5.58
N LEU D 201 -7.11 48.39 -5.10
CA LEU D 201 -7.84 48.81 -3.90
C LEU D 201 -9.15 49.58 -4.22
N VAL D 202 -9.94 49.96 -3.21
CA VAL D 202 -11.15 50.75 -3.44
C VAL D 202 -10.91 52.23 -3.10
N PRO D 203 -11.10 53.13 -4.08
CA PRO D 203 -10.87 54.56 -3.88
C PRO D 203 -12.11 55.39 -3.55
N PHE D 204 -12.00 56.28 -2.57
CA PHE D 204 -13.03 57.27 -2.34
C PHE D 204 -12.40 58.67 -2.23
N HIS D 205 -13.16 59.71 -2.55
CA HIS D 205 -12.67 61.07 -2.41
C HIS D 205 -12.89 61.49 -0.97
N THR D 206 -11.93 62.24 -0.41
CA THR D 206 -12.02 62.62 1.02
C THR D 206 -13.24 63.49 1.38
N ASP D 207 -13.90 64.08 0.40
CA ASP D 207 -15.17 64.76 0.63
C ASP D 207 -16.23 63.74 1.17
N GLU D 208 -16.25 62.54 0.60
CA GLU D 208 -17.14 61.47 1.05
C GLU D 208 -16.61 60.68 2.26
N LEU D 209 -15.78 61.29 3.10
CA LEU D 209 -15.20 60.49 4.19
C LEU D 209 -16.26 60.01 5.17
N LYS D 210 -17.29 60.85 5.39
CA LYS D 210 -18.41 60.52 6.23
C LYS D 210 -18.95 59.16 5.82
N GLU D 211 -19.40 59.03 4.58
CA GLU D 211 -20.07 57.82 4.11
C GLU D 211 -19.20 56.55 4.05
N HIS D 212 -17.90 56.73 3.80
CA HIS D 212 -17.00 55.61 3.57
C HIS D 212 -16.34 55.07 4.84
N VAL D 213 -16.55 55.70 5.98
CA VAL D 213 -16.07 55.14 7.25
C VAL D 213 -17.19 54.78 8.23
N LYS D 214 -18.44 54.96 7.80
CA LYS D 214 -19.61 54.60 8.62
C LYS D 214 -19.40 53.22 9.28
N ASP D 215 -19.08 52.22 8.45
CA ASP D 215 -18.93 50.86 8.96
C ASP D 215 -17.59 50.22 8.56
N ILE D 216 -16.47 50.76 9.05
CA ILE D 216 -15.14 50.15 8.84
C ILE D 216 -14.51 49.70 10.15
N ASP D 217 -13.61 48.74 10.04
CA ASP D 217 -13.03 48.17 11.24
C ASP D 217 -11.83 48.95 11.72
N ILE D 218 -10.94 49.32 10.82
CA ILE D 218 -9.78 50.10 11.22
C ILE D 218 -9.61 51.28 10.31
N CYS D 219 -9.33 52.45 10.87
CA CYS D 219 -9.14 53.64 10.08
C CYS D 219 -7.77 54.27 10.31
N ILE D 220 -6.91 54.21 9.32
CA ILE D 220 -5.55 54.65 9.51
C ILE D 220 -5.34 55.99 8.85
N ASN D 221 -4.95 56.99 9.62
CA ASN D 221 -4.77 58.32 9.01
C ASN D 221 -3.33 58.67 8.66
N THR D 222 -3.17 59.27 7.48
CA THR D 222 -1.88 59.76 6.99
C THR D 222 -1.92 61.27 6.75
N ILE D 223 -3.10 61.87 6.83
CA ILE D 223 -3.28 63.28 6.45
C ILE D 223 -2.88 64.22 7.57
N PRO D 224 -1.87 65.06 7.33
CA PRO D 224 -1.38 65.92 8.41
C PRO D 224 -2.23 67.20 8.48
N SER D 225 -3.49 67.02 8.87
CA SER D 225 -4.50 68.08 8.98
C SER D 225 -5.77 67.51 9.67
N MSE D 226 -6.71 68.37 10.05
CA MSE D 226 -7.94 67.89 10.68
C MSE D 226 -8.88 67.38 9.61
O MSE D 226 -9.52 68.15 8.90
CB MSE D 226 -8.60 68.97 11.54
CG MSE D 226 -9.93 68.53 12.16
SE MSE D 226 -9.68 67.17 13.55
CE MSE D 226 -9.40 68.35 15.11
N ILE D 227 -8.93 66.05 9.51
CA ILE D 227 -9.82 65.35 8.58
C ILE D 227 -10.88 64.50 9.31
N LEU D 228 -10.47 63.81 10.36
CA LEU D 228 -11.39 63.02 11.18
C LEU D 228 -12.14 63.91 12.15
N ASN D 229 -12.85 64.88 11.59
CA ASN D 229 -13.56 65.90 12.36
C ASN D 229 -14.77 65.36 13.13
N GLN D 230 -15.31 66.18 14.00
CA GLN D 230 -16.47 65.83 14.81
C GLN D 230 -17.63 65.26 13.95
N THR D 231 -17.98 65.97 12.88
CA THR D 231 -19.06 65.61 11.95
C THR D 231 -18.92 64.20 11.37
N VAL D 232 -17.67 63.77 11.16
CA VAL D 232 -17.35 62.45 10.59
C VAL D 232 -17.36 61.36 11.67
N LEU D 233 -16.80 61.67 12.83
CA LEU D 233 -16.83 60.76 13.95
C LEU D 233 -18.27 60.48 14.39
N SER D 234 -19.17 61.41 14.13
CA SER D 234 -20.57 61.25 14.55
C SER D 234 -21.22 60.02 13.91
N SER D 235 -20.75 59.70 12.70
CA SER D 235 -21.28 58.58 11.95
C SER D 235 -20.64 57.26 12.36
N MSE D 236 -19.48 57.33 12.99
CA MSE D 236 -18.81 56.12 13.43
C MSE D 236 -19.40 55.53 14.69
O MSE D 236 -19.97 56.23 15.54
CB MSE D 236 -17.35 56.39 13.65
CG MSE D 236 -16.56 56.33 12.41
SE MSE D 236 -14.75 56.79 12.84
CE MSE D 236 -14.47 55.66 14.39
N THR D 237 -19.21 54.21 14.80
CA THR D 237 -19.55 53.40 15.96
C THR D 237 -18.24 53.10 16.71
N PRO D 238 -18.31 52.81 18.03
CA PRO D 238 -17.14 52.31 18.78
C PRO D 238 -16.47 51.01 18.23
N LYS D 239 -17.05 50.38 17.21
CA LYS D 239 -16.39 49.24 16.56
C LYS D 239 -15.12 49.59 15.78
N THR D 240 -14.78 50.87 15.71
CA THR D 240 -13.72 51.30 14.83
C THR D 240 -12.52 51.72 15.63
N LEU D 241 -11.35 51.23 15.20
CA LEU D 241 -10.06 51.63 15.73
C LEU D 241 -9.40 52.67 14.83
N ILE D 242 -9.13 53.85 15.37
CA ILE D 242 -8.45 54.88 14.62
C ILE D 242 -6.99 54.88 15.01
N LEU D 243 -6.14 54.59 14.04
CA LEU D 243 -4.70 54.67 14.20
C LEU D 243 -4.26 55.86 13.42
N ASP D 244 -3.93 56.94 14.13
CA ASP D 244 -3.58 58.20 13.51
C ASP D 244 -2.07 58.44 13.54
N LEU D 245 -1.50 58.42 12.34
CA LEU D 245 -0.06 58.43 12.13
C LEU D 245 0.47 59.82 11.80
N ALA D 246 -0.44 60.77 11.56
CA ALA D 246 -0.05 62.11 11.19
C ALA D 246 0.79 62.80 12.28
N SER D 247 1.58 63.80 11.92
CA SER D 247 2.34 64.55 12.94
C SER D 247 1.44 65.40 13.79
N ARG D 248 1.78 65.47 15.07
CA ARG D 248 1.02 66.20 16.07
C ARG D 248 0.66 67.57 15.53
N PRO D 249 -0.59 67.99 15.74
CA PRO D 249 -1.56 67.35 16.62
C PRO D 249 -2.40 66.26 15.92
N GLY D 250 -1.85 65.70 14.83
CA GLY D 250 -2.46 64.59 14.12
C GLY D 250 -3.65 65.00 13.30
N GLY D 251 -4.50 64.03 12.98
CA GLY D 251 -5.61 64.29 12.08
C GLY D 251 -7.02 64.14 12.62
N THR D 252 -7.17 63.81 13.90
CA THR D 252 -8.51 63.45 14.43
C THR D 252 -8.90 64.11 15.74
N ASP D 253 -10.15 64.57 15.80
CA ASP D 253 -10.68 65.18 17.02
C ASP D 253 -10.70 64.17 18.17
N PHE D 254 -9.59 64.11 18.89
CA PHE D 254 -9.38 63.12 19.94
C PHE D 254 -10.37 63.21 21.11
N LYS D 255 -10.57 64.42 21.64
CA LYS D 255 -11.54 64.59 22.72
C LYS D 255 -12.88 63.97 22.35
N TYR D 256 -13.40 64.32 21.16
CA TYR D 256 -14.73 63.88 20.72
C TYR D 256 -14.84 62.35 20.59
N ALA D 257 -13.77 61.75 20.06
CA ALA D 257 -13.69 60.31 19.88
C ALA D 257 -13.74 59.60 21.25
N GLU D 258 -12.85 60.03 22.13
CA GLU D 258 -12.90 59.61 23.51
C GLU D 258 -14.35 59.60 24.03
N LYS D 259 -15.07 60.72 23.88
CA LYS D 259 -16.46 60.85 24.32
C LYS D 259 -17.34 59.73 23.77
N GLN D 260 -17.23 59.51 22.46
CA GLN D 260 -18.08 58.56 21.74
C GLN D 260 -17.70 57.10 21.99
N GLY D 261 -16.64 56.88 22.77
CA GLY D 261 -16.14 55.54 23.05
C GLY D 261 -15.35 54.98 21.89
N ILE D 262 -14.68 55.87 21.17
CA ILE D 262 -13.88 55.47 20.02
C ILE D 262 -12.43 55.49 20.45
N LYS D 263 -11.75 54.37 20.23
CA LYS D 263 -10.33 54.31 20.52
C LYS D 263 -9.61 54.94 19.36
N ALA D 264 -9.00 56.09 19.61
CA ALA D 264 -8.22 56.76 18.60
C ALA D 264 -6.82 56.98 19.16
N LEU D 265 -5.83 56.36 18.54
CA LEU D 265 -4.45 56.41 19.03
C LEU D 265 -3.57 57.26 18.14
N LEU D 266 -2.86 58.19 18.75
CA LEU D 266 -1.82 58.96 18.07
C LEU D 266 -0.56 58.17 18.28
N ALA D 267 0.14 57.87 17.21
CA ALA D 267 1.29 56.97 17.36
C ALA D 267 2.52 57.60 16.76
N PRO D 268 3.17 58.49 17.51
CA PRO D 268 4.29 59.17 16.90
C PRO D 268 5.55 58.29 16.92
N GLY D 269 6.39 58.44 15.92
CA GLY D 269 7.73 57.86 15.99
C GLY D 269 7.82 56.34 15.86
N LEU D 270 6.93 55.75 15.07
CA LEU D 270 6.86 54.30 14.96
C LEU D 270 8.21 53.61 14.64
N PRO D 271 8.93 54.05 13.59
CA PRO D 271 10.21 53.46 13.23
C PRO D 271 11.18 53.29 14.39
N GLY D 272 11.42 54.37 15.12
CA GLY D 272 12.40 54.32 16.18
C GLY D 272 12.00 53.32 17.23
N ILE D 273 10.68 53.25 17.48
CA ILE D 273 10.11 52.43 18.55
C ILE D 273 10.20 50.93 18.16
N VAL D 274 9.90 50.65 16.89
CA VAL D 274 9.62 49.30 16.42
C VAL D 274 10.81 48.62 15.72
N ALA D 275 11.55 49.38 14.90
CA ALA D 275 12.73 48.82 14.27
C ALA D 275 13.94 49.78 14.27
N PRO D 276 14.56 49.99 15.45
CA PRO D 276 15.67 50.94 15.51
C PRO D 276 16.87 50.50 14.67
N LYS D 277 17.12 49.19 14.53
CA LYS D 277 18.23 48.74 13.68
C LYS D 277 17.97 49.19 12.26
N THR D 278 16.75 48.92 11.77
CA THR D 278 16.31 49.33 10.45
C THR D 278 16.24 50.85 10.35
N ALA D 279 15.44 51.50 11.19
CA ALA D 279 15.41 52.97 11.21
C ALA D 279 16.83 53.55 11.14
N GLY D 280 17.76 52.93 11.87
CA GLY D 280 19.13 53.40 11.92
C GLY D 280 19.88 53.19 10.62
N GLN D 281 19.82 51.96 10.11
CA GLN D 281 20.40 51.62 8.82
C GLN D 281 19.91 52.53 7.71
N ILE D 282 18.66 53.01 7.81
CA ILE D 282 18.09 53.89 6.78
C ILE D 282 18.78 55.23 6.75
N LEU D 283 19.03 55.81 7.92
CA LEU D 283 19.67 57.13 8.00
C LEU D 283 21.12 56.97 7.65
N ALA D 284 21.72 55.90 8.19
CA ALA D 284 23.12 55.61 7.93
C ALA D 284 23.37 55.58 6.42
N ASN D 285 22.46 54.96 5.68
CA ASN D 285 22.67 54.82 4.26
C ASN D 285 22.53 56.11 3.46
N VAL D 286 21.61 56.97 3.87
CA VAL D 286 21.38 58.20 3.15
C VAL D 286 22.53 59.13 3.53
N LEU D 287 22.83 59.16 4.82
CA LEU D 287 23.98 59.91 5.33
C LEU D 287 25.31 59.57 4.64
N SER D 288 25.57 58.28 4.42
CA SER D 288 26.80 57.86 3.72
C SER D 288 26.84 58.33 2.26
N LYS D 289 25.67 58.45 1.66
CA LYS D 289 25.55 58.94 0.31
C LYS D 289 25.88 60.43 0.33
N LEU D 290 25.30 61.18 1.26
CA LEU D 290 25.41 62.65 1.25
C LEU D 290 26.79 63.13 1.64
N LEU D 291 27.31 62.60 2.74
CA LEU D 291 28.70 62.85 3.16
C LEU D 291 29.73 62.62 2.06
N ALA D 292 29.57 61.54 1.30
CA ALA D 292 30.39 61.24 0.12
C ALA D 292 30.48 62.41 -0.87
N GLU D 293 29.35 63.08 -1.13
CA GLU D 293 29.30 64.22 -2.05
C GLU D 293 30.09 65.41 -1.55
N ILE D 294 29.98 65.69 -0.26
CA ILE D 294 30.76 66.74 0.39
C ILE D 294 32.26 66.50 0.16
N GLN D 295 32.68 65.25 0.36
CA GLN D 295 34.07 64.79 0.23
C GLN D 295 34.66 64.89 -1.19
N ALA D 296 33.84 64.54 -2.19
CA ALA D 296 34.22 64.65 -3.60
C ALA D 296 34.55 66.09 -3.99
N GLU D 297 33.85 67.06 -3.38
CA GLU D 297 34.10 68.49 -3.63
C GLU D 297 35.40 69.02 -3.01
N GLU D 298 35.88 68.39 -1.94
CA GLU D 298 37.19 68.70 -1.34
C GLU D 298 37.97 67.44 -0.94
N SER E 1 -36.09 -20.79 11.74
CA SER E 1 -35.27 -19.99 12.70
C SER E 1 -33.78 -19.95 12.32
N ASN E 2 -33.47 -20.37 11.08
CA ASN E 2 -32.09 -20.48 10.56
C ASN E 2 -31.24 -21.51 11.32
N ALA E 3 -30.53 -21.04 12.36
CA ALA E 3 -29.73 -21.86 13.25
C ALA E 3 -29.47 -21.03 14.52
N MSE E 4 -30.56 -20.60 15.16
CA MSE E 4 -30.51 -19.56 16.21
C MSE E 4 -31.05 -19.99 17.58
O MSE E 4 -31.77 -20.98 17.69
CB MSE E 4 -31.24 -18.28 15.73
CG MSE E 4 -30.68 -17.66 14.44
SE MSE E 4 -28.96 -16.77 14.70
CE MSE E 4 -28.12 -17.16 12.96
N LEU E 5 -30.68 -19.22 18.61
CA LEU E 5 -31.07 -19.49 19.99
C LEU E 5 -31.93 -18.35 20.58
N THR E 6 -32.51 -17.56 19.68
CA THR E 6 -33.40 -16.44 20.00
C THR E 6 -34.42 -16.87 21.04
N GLY E 7 -34.32 -16.32 22.24
CA GLY E 7 -35.20 -16.73 23.31
C GLY E 7 -34.67 -18.01 23.91
N LEU E 8 -33.51 -17.89 24.55
CA LEU E 8 -32.97 -18.91 25.43
C LEU E 8 -32.15 -18.16 26.48
N LYS E 9 -32.33 -18.52 27.75
CA LYS E 9 -31.65 -17.79 28.82
C LYS E 9 -30.47 -18.61 29.34
N ILE E 10 -29.26 -18.13 29.04
CA ILE E 10 -28.04 -18.79 29.50
C ILE E 10 -27.29 -17.97 30.53
N ALA E 11 -26.74 -18.67 31.52
CA ALA E 11 -25.91 -18.06 32.53
C ALA E 11 -24.48 -18.50 32.32
N VAL E 12 -23.59 -17.55 32.13
CA VAL E 12 -22.18 -17.89 32.01
C VAL E 12 -21.43 -17.42 33.25
N ILE E 13 -20.70 -18.33 33.87
CA ILE E 13 -20.10 -18.12 35.19
C ILE E 13 -18.63 -18.55 35.24
N GLY E 14 -17.72 -17.57 35.27
CA GLY E 14 -16.28 -17.82 35.29
C GLY E 14 -15.76 -18.43 34.01
N GLY E 15 -14.43 -18.40 33.82
CA GLY E 15 -13.78 -19.08 32.67
C GLY E 15 -12.49 -18.51 32.07
N ASP E 16 -12.08 -19.09 30.94
CA ASP E 16 -10.87 -18.70 30.19
C ASP E 16 -11.20 -17.93 28.90
N ALA E 17 -10.20 -17.81 28.03
CA ALA E 17 -10.43 -17.41 26.65
C ALA E 17 -11.55 -18.27 26.06
N ARG E 18 -11.46 -19.58 26.29
CA ARG E 18 -12.48 -20.58 25.91
C ARG E 18 -13.92 -20.14 26.20
N GLN E 19 -14.13 -19.49 27.34
CA GLN E 19 -15.46 -19.00 27.69
C GLN E 19 -15.84 -17.74 26.90
N LEU E 20 -14.89 -16.80 26.74
CA LEU E 20 -15.07 -15.64 25.85
C LEU E 20 -15.55 -16.07 24.46
N GLU E 21 -14.96 -17.15 23.97
CA GLU E 21 -15.36 -17.70 22.69
C GLU E 21 -16.83 -18.08 22.71
N ILE E 22 -17.23 -18.94 23.64
CA ILE E 22 -18.64 -19.37 23.74
C ILE E 22 -19.55 -18.16 23.73
N ILE E 23 -19.24 -17.17 24.55
CA ILE E 23 -20.02 -15.95 24.61
C ILE E 23 -20.20 -15.36 23.21
N ARG E 24 -19.10 -15.05 22.53
CA ARG E 24 -19.22 -14.47 21.20
C ARG E 24 -19.99 -15.41 20.28
N LYS E 25 -19.88 -16.72 20.51
CA LYS E 25 -20.65 -17.68 19.72
C LYS E 25 -22.15 -17.63 20.04
N LEU E 26 -22.50 -17.53 21.32
CA LEU E 26 -23.91 -17.45 21.70
C LEU E 26 -24.53 -16.12 21.31
N THR E 27 -23.75 -15.04 21.38
CA THR E 27 -24.24 -13.71 20.97
C THR E 27 -24.51 -13.62 19.48
N GLU E 28 -23.66 -14.29 18.68
CA GLU E 28 -23.90 -14.37 17.25
C GLU E 28 -25.27 -14.98 17.01
N GLN E 29 -25.71 -15.78 17.98
CA GLN E 29 -26.98 -16.48 17.91
C GLN E 29 -28.02 -15.80 18.78
N GLN E 30 -27.69 -14.58 19.19
CA GLN E 30 -28.57 -13.65 19.94
C GLN E 30 -29.44 -14.29 21.02
N ALA E 31 -28.82 -15.13 21.84
CA ALA E 31 -29.41 -15.63 23.07
C ALA E 31 -29.47 -14.53 24.13
N ASP E 32 -30.34 -14.71 25.11
CA ASP E 32 -30.32 -13.87 26.29
C ASP E 32 -29.19 -14.37 27.17
N ILE E 33 -28.14 -13.56 27.30
CA ILE E 33 -26.97 -13.99 28.04
C ILE E 33 -26.85 -13.30 29.39
N TYR E 34 -26.78 -14.12 30.45
CA TYR E 34 -26.45 -13.65 31.78
C TYR E 34 -24.99 -13.95 32.09
N LEU E 35 -24.30 -12.98 32.67
CA LEU E 35 -22.85 -12.99 32.73
C LEU E 35 -22.33 -12.69 34.14
N VAL E 36 -21.93 -13.72 34.88
CA VAL E 36 -21.37 -13.48 36.21
C VAL E 36 -19.88 -13.84 36.30
N GLY E 37 -19.16 -13.02 37.05
CA GLY E 37 -17.71 -13.14 37.20
C GLY E 37 -16.92 -12.45 36.09
N PHE E 38 -17.51 -11.41 35.50
CA PHE E 38 -16.88 -10.74 34.39
C PHE E 38 -17.01 -9.23 34.47
N ASP E 39 -17.24 -8.75 35.69
CA ASP E 39 -17.29 -7.32 35.98
C ASP E 39 -16.00 -6.62 35.58
N GLN E 40 -14.89 -7.33 35.77
CA GLN E 40 -13.55 -6.80 35.55
C GLN E 40 -13.11 -6.97 34.10
N LEU E 41 -14.04 -7.39 33.25
CA LEU E 41 -13.74 -7.70 31.85
C LEU E 41 -14.38 -6.68 30.89
N ASP E 42 -13.55 -6.11 30.02
CA ASP E 42 -14.00 -5.16 29.00
C ASP E 42 -14.39 -5.92 27.74
N HIS E 43 -15.34 -6.84 27.89
CA HIS E 43 -15.69 -7.79 26.83
C HIS E 43 -16.27 -7.14 25.58
N GLY E 44 -17.21 -6.21 25.77
CA GLY E 44 -17.86 -5.49 24.68
C GLY E 44 -18.86 -6.31 23.90
N PHE E 45 -19.81 -6.94 24.59
CA PHE E 45 -20.84 -7.75 23.92
C PHE E 45 -22.25 -7.18 23.97
N THR E 46 -22.82 -6.98 22.79
CA THR E 46 -24.22 -6.60 22.66
C THR E 46 -25.12 -7.58 23.46
N GLY E 47 -25.99 -7.02 24.28
CA GLY E 47 -27.03 -7.80 24.99
C GLY E 47 -26.58 -8.51 26.26
N ALA E 48 -25.28 -8.77 26.37
CA ALA E 48 -24.73 -9.46 27.52
C ALA E 48 -24.99 -8.66 28.80
N VAL E 49 -25.68 -9.30 29.76
CA VAL E 49 -25.94 -8.66 31.04
C VAL E 49 -24.92 -9.11 32.07
N LYS E 50 -23.90 -8.29 32.30
CA LYS E 50 -23.10 -8.39 33.52
C LYS E 50 -24.09 -8.42 34.67
N CYS E 51 -23.75 -9.14 35.74
CA CYS E 51 -24.73 -9.47 36.76
C CYS E 51 -24.02 -10.09 37.97
N ASN E 52 -24.79 -10.41 38.99
CA ASN E 52 -24.27 -11.06 40.19
C ASN E 52 -24.91 -12.42 40.41
N ILE E 53 -24.18 -13.33 41.05
CA ILE E 53 -24.68 -14.68 41.30
C ILE E 53 -25.99 -14.74 42.11
N ASP E 54 -26.60 -13.59 42.38
CA ASP E 54 -27.79 -13.51 43.23
C ASP E 54 -28.98 -12.82 42.58
N GLU E 55 -28.71 -12.03 41.56
CA GLU E 55 -29.77 -11.34 40.82
C GLU E 55 -30.04 -12.04 39.47
N ILE E 56 -29.46 -13.23 39.32
CA ILE E 56 -29.78 -14.14 38.21
C ILE E 56 -31.20 -14.70 38.42
N PRO E 57 -32.08 -14.50 37.42
CA PRO E 57 -33.42 -15.08 37.51
C PRO E 57 -33.37 -16.60 37.24
N PHE E 58 -32.78 -17.35 38.17
CA PHE E 58 -32.48 -18.78 37.98
C PHE E 58 -33.69 -19.57 37.49
N GLN E 59 -34.88 -19.10 37.88
CA GLN E 59 -36.17 -19.65 37.46
C GLN E 59 -36.22 -19.80 35.94
N GLN E 60 -35.97 -18.68 35.25
CA GLN E 60 -36.09 -18.61 33.79
C GLN E 60 -34.89 -19.21 33.04
N ILE E 61 -33.78 -19.46 33.74
CA ILE E 61 -32.52 -19.87 33.10
C ILE E 61 -32.50 -21.32 32.57
N ASP E 62 -32.15 -21.45 31.30
CA ASP E 62 -32.28 -22.71 30.58
C ASP E 62 -31.01 -23.54 30.66
N SER E 63 -29.86 -22.86 30.65
CA SER E 63 -28.59 -23.54 30.81
C SER E 63 -27.58 -22.65 31.55
N ILE E 64 -26.72 -23.31 32.32
CA ILE E 64 -25.71 -22.63 33.10
C ILE E 64 -24.38 -23.13 32.57
N ILE E 65 -23.50 -22.21 32.16
CA ILE E 65 -22.21 -22.64 31.62
C ILE E 65 -21.07 -22.28 32.54
N LEU E 66 -20.39 -23.30 33.06
CA LEU E 66 -19.24 -23.18 33.94
C LEU E 66 -17.91 -23.32 33.19
N PRO E 67 -16.78 -22.93 33.82
CA PRO E 67 -15.46 -23.09 33.20
C PRO E 67 -15.11 -24.56 33.00
N VAL E 68 -14.05 -24.81 32.25
CA VAL E 68 -13.56 -26.16 32.06
C VAL E 68 -13.43 -26.88 33.41
N SER E 69 -12.68 -26.27 34.34
CA SER E 69 -12.55 -26.76 35.72
C SER E 69 -13.62 -26.11 36.57
N ALA E 70 -14.70 -26.84 36.80
CA ALA E 70 -15.91 -26.31 37.40
C ALA E 70 -15.72 -25.43 38.64
N THR E 71 -15.29 -26.02 39.75
CA THR E 71 -15.28 -25.32 41.06
C THR E 71 -14.42 -26.03 42.15
N THR E 72 -13.98 -25.28 43.17
CA THR E 72 -13.23 -25.89 44.30
C THR E 72 -14.15 -26.63 45.30
N GLY E 73 -13.57 -27.04 46.44
CA GLY E 73 -14.31 -27.73 47.51
C GLY E 73 -15.51 -26.94 48.00
N GLU E 74 -15.28 -25.76 48.57
CA GLU E 74 -16.37 -24.93 49.12
C GLU E 74 -17.33 -24.41 48.03
N GLY E 75 -16.98 -24.63 46.76
CA GLY E 75 -17.85 -24.22 45.65
C GLY E 75 -17.54 -22.90 44.95
N VAL E 76 -16.34 -22.36 45.15
CA VAL E 76 -15.93 -21.12 44.49
C VAL E 76 -15.68 -21.40 43.02
N VAL E 77 -16.19 -20.53 42.15
CA VAL E 77 -16.06 -20.71 40.71
C VAL E 77 -14.77 -20.09 40.21
N SER E 78 -14.04 -20.84 39.40
CA SER E 78 -12.79 -20.37 38.81
C SER E 78 -13.03 -19.12 37.94
N THR E 79 -12.75 -17.95 38.49
CA THR E 79 -13.04 -16.68 37.79
C THR E 79 -11.82 -15.92 37.20
N VAL E 80 -11.22 -16.47 36.13
CA VAL E 80 -9.99 -15.88 35.54
C VAL E 80 -10.06 -14.34 35.25
N PHE E 81 -11.27 -13.83 34.95
CA PHE E 81 -11.47 -12.43 34.51
C PHE E 81 -12.16 -11.51 35.52
N SER E 82 -12.02 -11.81 36.81
CA SER E 82 -12.62 -10.99 37.86
C SER E 82 -12.02 -11.24 39.23
N ASN E 83 -11.88 -10.15 39.97
CA ASN E 83 -11.63 -10.19 41.40
C ASN E 83 -12.96 -10.10 42.10
N GLU E 84 -13.46 -11.26 42.52
CA GLU E 84 -14.65 -11.44 43.35
C GLU E 84 -14.89 -12.92 43.56
N GLU E 85 -15.17 -13.28 44.82
CA GLU E 85 -15.46 -14.65 45.18
C GLU E 85 -16.90 -15.01 44.86
N VAL E 86 -17.11 -15.56 43.66
CA VAL E 86 -18.41 -16.06 43.27
C VAL E 86 -18.53 -17.55 43.61
N VAL E 87 -19.45 -17.83 44.52
CA VAL E 87 -19.67 -19.17 45.05
C VAL E 87 -21.03 -19.73 44.59
N LEU E 88 -20.99 -20.86 43.88
CA LEU E 88 -22.20 -21.55 43.41
C LEU E 88 -22.75 -22.56 44.42
N LYS E 89 -23.99 -22.35 44.83
CA LYS E 89 -24.64 -23.11 45.90
C LYS E 89 -25.72 -24.06 45.40
N GLN E 90 -25.98 -25.09 46.21
CA GLN E 90 -27.12 -25.98 46.06
C GLN E 90 -28.43 -25.24 45.78
N ASP E 91 -28.72 -24.26 46.64
CA ASP E 91 -29.89 -23.41 46.53
C ASP E 91 -30.13 -22.83 45.11
N HIS E 92 -29.04 -22.51 44.39
CA HIS E 92 -29.13 -21.94 43.04
C HIS E 92 -29.69 -22.93 42.02
N LEU E 93 -29.16 -24.15 42.06
CA LEU E 93 -29.59 -25.21 41.15
C LEU E 93 -31.05 -25.61 41.41
N ASP E 94 -31.47 -25.54 42.68
CA ASP E 94 -32.82 -25.92 43.03
C ASP E 94 -33.86 -25.05 42.33
N ARG E 95 -33.60 -23.75 42.27
CA ARG E 95 -34.56 -22.79 41.71
C ARG E 95 -34.69 -22.87 40.17
N THR E 96 -33.86 -23.67 39.52
CA THR E 96 -33.84 -23.78 38.07
C THR E 96 -34.81 -24.86 37.54
N PRO E 97 -35.34 -24.72 36.31
CA PRO E 97 -36.31 -25.72 35.86
C PRO E 97 -35.65 -27.06 35.52
N ALA E 98 -36.47 -28.11 35.37
CA ALA E 98 -35.98 -29.45 35.11
C ALA E 98 -35.11 -29.50 33.85
N HIS E 99 -35.65 -28.95 32.76
CA HIS E 99 -34.98 -28.94 31.43
C HIS E 99 -33.66 -28.19 31.40
N CYS E 100 -33.46 -27.28 32.36
CA CYS E 100 -32.22 -26.54 32.50
C CYS E 100 -31.02 -27.47 32.65
N VAL E 101 -29.98 -27.21 31.85
CA VAL E 101 -28.80 -28.06 31.83
C VAL E 101 -27.53 -27.32 32.26
N ILE E 102 -26.74 -27.98 33.10
CA ILE E 102 -25.48 -27.47 33.60
C ILE E 102 -24.35 -28.05 32.76
N PHE E 103 -23.63 -27.14 32.10
CA PHE E 103 -22.47 -27.49 31.31
C PHE E 103 -21.17 -27.13 32.01
N SER E 104 -20.25 -28.08 32.02
CA SER E 104 -18.87 -27.86 32.44
C SER E 104 -18.03 -28.81 31.62
N GLY E 105 -16.73 -28.79 31.87
CA GLY E 105 -15.81 -29.62 31.12
C GLY E 105 -15.54 -30.92 31.82
N ILE E 106 -14.82 -30.83 32.94
CA ILE E 106 -14.31 -32.03 33.60
C ILE E 106 -15.02 -32.31 34.92
N SER E 107 -14.83 -33.53 35.42
CA SER E 107 -15.47 -34.03 36.64
C SER E 107 -15.24 -33.09 37.85
N ASN E 108 -16.25 -32.96 38.69
CA ASN E 108 -16.10 -32.16 39.89
C ASN E 108 -16.80 -32.84 41.07
N ALA E 109 -16.01 -33.33 42.02
CA ALA E 109 -16.54 -33.99 43.22
C ALA E 109 -17.69 -33.18 43.88
N TYR E 110 -17.49 -31.87 44.04
CA TYR E 110 -18.54 -30.97 44.53
C TYR E 110 -19.74 -30.92 43.57
N LEU E 111 -19.48 -30.69 42.28
CA LEU E 111 -20.57 -30.38 41.32
C LEU E 111 -21.52 -31.54 41.04
N GLU E 112 -20.97 -32.73 40.76
CA GLU E 112 -21.83 -33.92 40.58
C GLU E 112 -22.82 -34.01 41.73
N ASN E 113 -22.35 -33.68 42.93
CA ASN E 113 -23.16 -33.78 44.11
C ASN E 113 -24.37 -32.83 44.10
N ILE E 114 -24.12 -31.51 44.05
CA ILE E 114 -25.22 -30.55 44.09
C ILE E 114 -26.07 -30.56 42.81
N ALA E 115 -25.53 -31.17 41.75
CA ALA E 115 -26.33 -31.44 40.56
C ALA E 115 -27.32 -32.53 40.91
N ALA E 116 -26.81 -33.58 41.56
CA ALA E 116 -27.62 -34.73 41.97
C ALA E 116 -28.77 -34.39 42.95
N GLN E 117 -28.52 -33.53 43.94
CA GLN E 117 -29.60 -33.10 44.83
C GLN E 117 -30.64 -32.24 44.10
N ALA E 118 -30.20 -31.38 43.20
CA ALA E 118 -31.09 -30.57 42.38
C ALA E 118 -31.89 -31.44 41.42
N LYS E 119 -31.26 -32.56 41.07
CA LYS E 119 -31.61 -33.41 39.92
C LYS E 119 -31.68 -32.68 38.57
N ARG E 120 -30.56 -32.07 38.22
CA ARG E 120 -30.37 -31.46 36.92
C ARG E 120 -29.21 -32.11 36.19
N LYS E 121 -29.38 -32.29 34.88
CA LYS E 121 -28.40 -32.97 34.04
C LYS E 121 -27.09 -32.19 34.06
N LEU E 122 -26.03 -32.83 34.52
CA LEU E 122 -24.70 -32.22 34.44
C LEU E 122 -23.98 -32.79 33.23
N VAL E 123 -23.49 -31.93 32.35
CA VAL E 123 -22.80 -32.45 31.17
C VAL E 123 -21.30 -32.16 31.24
N LYS E 124 -20.51 -33.22 31.42
CA LYS E 124 -19.05 -33.09 31.49
C LYS E 124 -18.40 -33.13 30.09
N LEU E 125 -18.29 -31.97 29.44
CA LEU E 125 -17.93 -31.90 27.99
C LEU E 125 -16.74 -32.75 27.57
N PHE E 126 -15.65 -32.66 28.32
CA PHE E 126 -14.44 -33.45 28.01
C PHE E 126 -14.72 -34.96 28.01
N GLU E 127 -15.81 -35.37 28.63
CA GLU E 127 -16.28 -36.75 28.55
C GLU E 127 -16.87 -37.14 27.18
N ARG E 128 -17.54 -36.20 26.52
CA ARG E 128 -18.17 -36.47 25.24
C ARG E 128 -17.15 -36.91 24.23
N ASP E 129 -17.52 -37.90 23.43
CA ASP E 129 -16.61 -38.45 22.44
C ASP E 129 -16.14 -37.40 21.44
N ASP E 130 -17.06 -36.58 20.94
CA ASP E 130 -16.68 -35.59 19.91
C ASP E 130 -15.64 -34.60 20.43
N ILE E 131 -15.91 -34.02 21.59
CA ILE E 131 -15.01 -33.08 22.25
C ILE E 131 -13.61 -33.66 22.40
N ALA E 132 -13.54 -34.90 22.88
CA ALA E 132 -12.29 -35.61 23.05
C ALA E 132 -11.53 -35.62 21.74
N ILE E 133 -12.22 -35.98 20.66
CA ILE E 133 -11.61 -36.16 19.35
C ILE E 133 -11.13 -34.86 18.70
N TYR E 134 -12.00 -33.87 18.65
CA TYR E 134 -11.60 -32.54 18.22
C TYR E 134 -10.43 -32.03 19.04
N ASN E 135 -10.49 -32.28 20.35
CA ASN E 135 -9.48 -31.79 21.26
C ASN E 135 -8.15 -32.46 21.01
N SER E 136 -8.21 -33.71 20.52
CA SER E 136 -7.01 -34.47 20.20
C SER E 136 -6.10 -33.78 19.19
N ILE E 137 -6.69 -33.02 18.26
CA ILE E 137 -5.92 -32.33 17.21
C ILE E 137 -4.89 -31.33 17.78
N PRO E 138 -5.34 -30.32 18.56
CA PRO E 138 -4.31 -29.49 19.16
C PRO E 138 -3.46 -30.31 20.10
N THR E 139 -4.02 -31.31 20.76
CA THR E 139 -3.15 -32.07 21.66
C THR E 139 -2.00 -32.84 20.99
N VAL E 140 -2.18 -33.32 19.77
CA VAL E 140 -1.03 -33.81 19.00
C VAL E 140 -0.11 -32.67 18.67
N GLU E 141 -0.64 -31.50 18.36
CA GLU E 141 0.26 -30.39 18.04
C GLU E 141 1.12 -30.08 19.28
N GLY E 142 0.48 -30.01 20.44
CA GLY E 142 1.21 -29.90 21.67
C GLY E 142 2.27 -30.98 21.77
N THR E 143 1.88 -32.23 21.48
CA THR E 143 2.80 -33.37 21.61
C THR E 143 4.02 -33.26 20.68
N ILE E 144 3.76 -32.87 19.43
CA ILE E 144 4.76 -32.55 18.45
C ILE E 144 5.66 -31.44 18.96
N MSE E 145 5.05 -30.35 19.45
CA MSE E 145 5.80 -29.25 20.06
CA MSE E 145 5.82 -29.26 20.02
C MSE E 145 6.82 -29.80 21.07
O MSE E 145 8.01 -29.49 21.01
CB MSE E 145 4.82 -28.28 20.75
CB MSE E 145 4.87 -28.22 20.61
CG MSE E 145 5.44 -27.23 21.68
CG MSE E 145 5.51 -27.00 21.22
SE MSE E 145 4.13 -26.22 22.78
SE MSE E 145 6.95 -26.21 20.18
CE MSE E 145 4.20 -27.20 24.48
CE MSE E 145 6.02 -25.60 18.60
N LEU E 146 6.33 -30.61 22.01
CA LEU E 146 7.17 -31.13 23.08
C LEU E 146 8.25 -32.00 22.50
N ALA E 147 7.81 -32.87 21.59
CA ALA E 147 8.68 -33.79 20.92
C ALA E 147 9.88 -33.04 20.37
N ILE E 148 9.60 -31.93 19.67
CA ILE E 148 10.66 -31.16 19.04
C ILE E 148 11.55 -30.48 20.07
N GLN E 149 10.98 -29.86 21.09
CA GLN E 149 11.85 -29.03 21.93
C GLN E 149 12.63 -29.80 22.95
N HIS E 150 12.33 -31.08 23.15
CA HIS E 150 13.07 -31.88 24.12
C HIS E 150 13.98 -32.93 23.51
N THR E 151 14.27 -32.84 22.22
CA THR E 151 15.17 -33.82 21.60
C THR E 151 16.14 -33.06 20.73
N ASP E 152 17.19 -33.73 20.31
CA ASP E 152 18.13 -33.09 19.42
C ASP E 152 18.16 -33.83 18.08
N TYR E 153 17.10 -34.60 17.86
CA TYR E 153 16.92 -35.32 16.61
C TYR E 153 15.52 -35.06 16.09
N THR E 154 15.32 -35.53 14.89
CA THR E 154 14.19 -35.20 14.07
C THR E 154 13.09 -36.25 14.26
N ILE E 155 11.84 -35.84 14.32
CA ILE E 155 10.75 -36.79 14.49
C ILE E 155 10.81 -37.78 13.32
N HIS E 156 10.89 -37.22 12.12
CA HIS E 156 11.12 -37.99 10.91
C HIS E 156 12.23 -39.04 11.07
N GLY E 157 11.94 -40.29 10.72
CA GLY E 157 12.90 -41.38 10.84
C GLY E 157 13.31 -41.78 12.25
N SER E 158 12.63 -41.26 13.27
CA SER E 158 12.80 -41.76 14.64
C SER E 158 11.90 -42.96 14.89
N GLN E 159 12.02 -43.53 16.08
CA GLN E 159 11.19 -44.68 16.52
C GLN E 159 10.20 -44.20 17.58
N VAL E 160 8.92 -44.16 17.24
CA VAL E 160 7.92 -43.65 18.17
C VAL E 160 6.93 -44.72 18.57
N ALA E 161 6.72 -44.90 19.87
CA ALA E 161 5.63 -45.75 20.31
C ALA E 161 4.50 -44.93 20.92
N VAL E 162 3.26 -45.32 20.60
CA VAL E 162 2.04 -44.68 21.14
C VAL E 162 1.22 -45.68 21.93
N LEU E 163 0.88 -45.35 23.17
CA LEU E 163 0.13 -46.28 24.02
C LEU E 163 -1.41 -46.03 23.98
N GLY E 164 -2.10 -46.97 23.35
CA GLY E 164 -3.54 -46.97 23.36
C GLY E 164 -4.02 -46.31 22.11
N LEU E 165 -4.80 -47.03 21.32
CA LEU E 165 -5.48 -46.45 20.16
C LEU E 165 -6.86 -45.91 20.54
N GLY E 166 -6.90 -45.00 21.50
CA GLY E 166 -8.15 -44.38 21.88
C GLY E 166 -8.51 -43.18 21.04
N ARG E 167 -9.55 -42.46 21.48
CA ARG E 167 -9.97 -41.21 20.82
C ARG E 167 -8.79 -40.29 20.50
N THR E 168 -7.94 -40.02 21.51
CA THR E 168 -6.72 -39.25 21.26
C THR E 168 -5.61 -40.09 20.62
N GLY E 169 -5.36 -41.29 21.16
CA GLY E 169 -4.30 -42.19 20.67
C GLY E 169 -4.30 -42.36 19.16
N MSE E 170 -5.49 -42.49 18.58
CA MSE E 170 -5.59 -42.67 17.15
C MSE E 170 -5.10 -41.46 16.36
O MSE E 170 -4.50 -41.60 15.28
CB MSE E 170 -7.03 -42.98 16.77
CG MSE E 170 -7.09 -44.11 15.77
SE MSE E 170 -8.72 -44.01 14.78
CE MSE E 170 -8.26 -42.47 13.60
N THR E 171 -5.36 -40.27 16.90
CA THR E 171 -4.97 -39.04 16.26
C THR E 171 -3.46 -38.85 16.36
N ILE E 172 -2.91 -39.26 17.49
CA ILE E 172 -1.48 -39.12 17.71
C ILE E 172 -0.70 -40.03 16.76
N ALA E 173 -1.13 -41.28 16.66
CA ALA E 173 -0.36 -42.25 15.93
C ALA E 173 -0.37 -41.86 14.46
N ARG E 174 -1.51 -41.38 13.97
CA ARG E 174 -1.67 -41.04 12.55
C ARG E 174 -0.72 -39.93 12.18
N THR E 175 -0.78 -38.83 12.95
CA THR E 175 0.04 -37.64 12.72
C THR E 175 1.55 -37.89 12.85
N PHE E 176 1.98 -38.57 13.90
CA PHE E 176 3.40 -38.95 13.97
C PHE E 176 3.89 -39.81 12.80
N ALA E 177 3.01 -40.63 12.24
CA ALA E 177 3.38 -41.44 11.10
C ALA E 177 3.49 -40.55 9.89
N ALA E 178 2.57 -39.62 9.78
CA ALA E 178 2.52 -38.73 8.65
C ALA E 178 3.74 -37.82 8.66
N LEU E 179 4.27 -37.55 9.84
CA LEU E 179 5.46 -36.73 10.01
C LEU E 179 6.72 -37.54 9.68
N GLY E 180 6.57 -38.84 9.48
CA GLY E 180 7.67 -39.62 8.98
C GLY E 180 8.42 -40.40 10.01
N ALA E 181 7.89 -40.44 11.21
CA ALA E 181 8.45 -41.30 12.24
C ALA E 181 7.92 -42.73 12.01
N ASN E 182 8.74 -43.73 12.38
CA ASN E 182 8.36 -45.13 12.29
C ASN E 182 7.55 -45.47 13.53
N VAL E 183 6.23 -45.49 13.41
CA VAL E 183 5.37 -45.58 14.58
C VAL E 183 4.88 -47.01 14.87
N LYS E 184 5.07 -47.47 16.12
CA LYS E 184 4.44 -48.72 16.60
C LYS E 184 3.52 -48.33 17.74
N VAL E 185 2.36 -48.99 17.85
CA VAL E 185 1.35 -48.63 18.85
C VAL E 185 0.82 -49.81 19.66
N GLY E 186 0.75 -49.63 20.98
CA GLY E 186 0.35 -50.71 21.87
C GLY E 186 -1.12 -50.55 22.13
N ALA E 187 -1.84 -51.67 22.07
CA ALA E 187 -3.26 -51.71 22.40
C ALA E 187 -3.55 -53.09 22.92
N ARG E 188 -4.81 -53.31 23.29
CA ARG E 188 -5.25 -54.52 23.97
C ARG E 188 -6.16 -55.32 23.08
N SER E 189 -7.24 -54.69 22.63
CA SER E 189 -8.27 -55.35 21.84
C SER E 189 -7.75 -55.79 20.48
N SER E 190 -8.30 -56.88 19.96
CA SER E 190 -7.94 -57.37 18.64
C SER E 190 -8.33 -56.42 17.54
N ALA E 191 -9.45 -55.72 17.75
CA ALA E 191 -9.95 -54.73 16.80
C ALA E 191 -8.97 -53.55 16.70
N HIS E 192 -8.61 -52.98 17.84
CA HIS E 192 -7.55 -51.97 17.88
C HIS E 192 -6.28 -52.42 17.13
N LEU E 193 -5.83 -53.65 17.38
CA LEU E 193 -4.66 -54.20 16.72
C LEU E 193 -4.88 -54.29 15.21
N ALA E 194 -6.10 -54.59 14.77
CA ALA E 194 -6.41 -54.67 13.35
C ALA E 194 -6.32 -53.30 12.71
N ARG E 195 -6.92 -52.32 13.36
CA ARG E 195 -6.92 -50.98 12.82
C ARG E 195 -5.51 -50.45 12.63
N ILE E 196 -4.67 -50.60 13.66
CA ILE E 196 -3.28 -50.19 13.60
C ILE E 196 -2.62 -50.77 12.36
N THR E 197 -2.89 -52.04 12.12
CA THR E 197 -2.36 -52.70 10.95
C THR E 197 -2.89 -52.00 9.69
N GLU E 198 -4.19 -51.77 9.61
CA GLU E 198 -4.73 -51.16 8.39
C GLU E 198 -4.16 -49.77 8.14
N MSE E 199 -3.96 -49.04 9.23
CA MSE E 199 -3.37 -47.70 9.21
C MSE E 199 -1.91 -47.69 8.77
O MSE E 199 -1.27 -46.65 8.76
CB MSE E 199 -3.48 -47.09 10.62
CG MSE E 199 -4.82 -46.53 10.95
SE MSE E 199 -5.00 -46.06 12.82
CE MSE E 199 -4.43 -44.20 12.78
N GLY E 200 -1.35 -48.86 8.46
CA GLY E 200 0.01 -48.94 7.98
C GLY E 200 1.03 -48.91 9.08
N LEU E 201 0.60 -49.08 10.33
CA LEU E 201 1.50 -49.07 11.50
C LEU E 201 1.81 -50.43 12.16
N VAL E 202 2.83 -50.48 13.02
CA VAL E 202 3.21 -51.75 13.65
C VAL E 202 2.46 -51.88 14.97
N PRO E 203 1.59 -52.91 15.08
CA PRO E 203 0.83 -53.17 16.30
C PRO E 203 1.61 -54.08 17.24
N PHE E 204 1.38 -53.90 18.54
CA PHE E 204 1.83 -54.86 19.53
C PHE E 204 0.90 -54.82 20.73
N HIS E 205 0.79 -55.95 21.43
CA HIS E 205 -0.06 -56.06 22.61
C HIS E 205 0.62 -55.53 23.86
N THR E 206 -0.10 -54.72 24.63
CA THR E 206 0.46 -54.16 25.85
C THR E 206 0.99 -55.19 26.87
N ASP E 207 0.52 -56.43 26.80
CA ASP E 207 1.11 -57.49 27.61
C ASP E 207 2.61 -57.63 27.36
N GLU E 208 3.03 -57.36 26.12
CA GLU E 208 4.45 -57.43 25.73
C GLU E 208 5.17 -56.07 25.80
N LEU E 209 4.65 -55.13 26.57
CA LEU E 209 5.13 -53.75 26.53
C LEU E 209 6.64 -53.62 26.64
N LYS E 210 7.23 -54.33 27.58
CA LYS E 210 8.65 -54.20 27.88
C LYS E 210 9.50 -54.44 26.63
N GLU E 211 9.33 -55.58 25.97
CA GLU E 211 10.15 -55.90 24.81
C GLU E 211 10.04 -54.89 23.68
N HIS E 212 8.91 -54.18 23.64
CA HIS E 212 8.61 -53.30 22.53
C HIS E 212 9.06 -51.88 22.74
N VAL E 213 9.47 -51.50 23.96
CA VAL E 213 10.08 -50.19 24.13
C VAL E 213 11.56 -50.18 24.54
N LYS E 214 12.19 -51.34 24.64
CA LYS E 214 13.63 -51.39 24.92
C LYS E 214 14.34 -50.23 24.22
N ASP E 215 14.11 -50.13 22.90
CA ASP E 215 14.82 -49.20 22.03
C ASP E 215 13.89 -48.35 21.20
N ILE E 216 13.10 -47.51 21.86
CA ILE E 216 12.38 -46.50 21.10
C ILE E 216 12.92 -45.14 21.47
N ASP E 217 12.65 -44.15 20.63
CA ASP E 217 13.11 -42.81 20.90
C ASP E 217 12.10 -42.00 21.69
N ILE E 218 10.82 -42.17 21.38
CA ILE E 218 9.79 -41.37 22.03
C ILE E 218 8.63 -42.27 22.44
N CYS E 219 8.15 -42.11 23.67
CA CYS E 219 7.03 -42.89 24.13
C CYS E 219 5.91 -41.94 24.51
N ILE E 220 4.78 -42.09 23.81
CA ILE E 220 3.61 -41.26 24.05
C ILE E 220 2.48 -42.10 24.63
N ASN E 221 2.12 -41.83 25.88
CA ASN E 221 1.08 -42.61 26.54
C ASN E 221 -0.25 -41.88 26.55
N THR E 222 -1.33 -42.55 26.11
CA THR E 222 -2.68 -42.03 26.29
C THR E 222 -3.48 -42.83 27.29
N ILE E 223 -2.93 -43.93 27.80
CA ILE E 223 -3.68 -44.83 28.68
C ILE E 223 -3.78 -44.28 30.10
N PRO E 224 -5.02 -44.17 30.62
CA PRO E 224 -5.24 -43.56 31.93
C PRO E 224 -5.08 -44.57 33.04
N SER E 225 -3.93 -45.23 33.09
CA SER E 225 -3.65 -46.24 34.11
C SER E 225 -2.17 -46.60 34.05
N MSE E 226 -1.55 -46.71 35.23
CA MSE E 226 -0.15 -47.14 35.38
C MSE E 226 0.27 -48.30 34.48
O MSE E 226 -0.14 -49.45 34.70
CB MSE E 226 0.10 -47.50 36.85
CG MSE E 226 1.43 -48.13 37.14
SE MSE E 226 2.91 -46.90 36.86
CE MSE E 226 2.66 -45.76 38.43
N ILE E 227 1.10 -48.02 33.46
CA ILE E 227 1.72 -49.07 32.61
C ILE E 227 3.22 -48.92 32.45
N LEU E 228 3.67 -47.67 32.40
CA LEU E 228 5.10 -47.37 32.39
C LEU E 228 5.62 -47.43 33.82
N ASN E 229 5.77 -48.66 34.30
CA ASN E 229 6.18 -48.93 35.67
C ASN E 229 7.64 -49.37 35.77
N GLN E 230 8.13 -49.42 37.01
CA GLN E 230 9.51 -49.79 37.27
C GLN E 230 10.00 -50.94 36.38
N THR E 231 9.16 -51.96 36.24
CA THR E 231 9.50 -53.19 35.56
C THR E 231 9.85 -52.94 34.08
N VAL E 232 9.08 -52.04 33.45
CA VAL E 232 9.24 -51.71 32.04
C VAL E 232 10.40 -50.74 31.87
N LEU E 233 10.39 -49.69 32.67
CA LEU E 233 11.42 -48.67 32.65
C LEU E 233 12.83 -49.23 32.87
N SER E 234 12.94 -50.38 33.53
CA SER E 234 14.24 -50.89 33.94
C SER E 234 15.10 -51.30 32.75
N SER E 235 14.45 -51.68 31.65
CA SER E 235 15.15 -52.05 30.42
C SER E 235 15.10 -50.94 29.35
N MSE E 236 14.51 -49.80 29.71
CA MSE E 236 14.59 -48.59 28.90
C MSE E 236 15.82 -47.76 29.28
O MSE E 236 16.31 -47.84 30.40
CB MSE E 236 13.35 -47.74 29.10
CG MSE E 236 12.46 -47.64 27.92
SE MSE E 236 10.90 -46.57 28.42
CE MSE E 236 11.74 -44.91 29.01
N THR E 237 16.28 -46.92 28.36
CA THR E 237 17.48 -46.14 28.51
C THR E 237 17.14 -44.64 28.52
N PRO E 238 17.92 -43.80 29.26
CA PRO E 238 17.84 -42.33 29.24
C PRO E 238 17.53 -41.67 27.88
N LYS E 239 18.00 -42.31 26.80
CA LYS E 239 17.73 -41.85 25.43
C LYS E 239 16.24 -41.68 25.13
N THR E 240 15.41 -42.49 25.80
CA THR E 240 13.97 -42.47 25.51
C THR E 240 13.31 -41.30 26.19
N LEU E 241 12.48 -40.60 25.45
CA LEU E 241 11.66 -39.53 25.98
C LEU E 241 10.22 -40.02 26.19
N ILE E 242 9.75 -40.01 27.43
CA ILE E 242 8.35 -40.26 27.68
C ILE E 242 7.54 -38.96 27.65
N LEU E 243 6.51 -38.90 26.82
CA LEU E 243 5.48 -37.89 26.97
C LEU E 243 4.22 -38.59 27.46
N ASP E 244 3.78 -38.29 28.68
CA ASP E 244 2.55 -38.88 29.23
C ASP E 244 1.37 -37.90 29.19
N LEU E 245 0.37 -38.21 28.36
CA LEU E 245 -0.74 -37.29 28.17
C LEU E 245 -1.95 -37.61 28.99
N ALA E 246 -1.95 -38.76 29.62
CA ALA E 246 -3.07 -39.20 30.47
C ALA E 246 -3.27 -38.33 31.73
N SER E 247 -4.52 -38.20 32.15
CA SER E 247 -4.91 -37.41 33.31
C SER E 247 -4.15 -37.84 34.57
N ARG E 248 -3.92 -36.90 35.49
CA ARG E 248 -3.24 -37.22 36.75
C ARG E 248 -3.83 -38.48 37.36
N PRO E 249 -2.97 -39.31 37.95
CA PRO E 249 -1.53 -39.07 38.13
C PRO E 249 -0.70 -39.58 36.95
N GLY E 250 -1.32 -39.65 35.77
CA GLY E 250 -0.66 -40.18 34.59
C GLY E 250 -0.60 -41.70 34.60
N GLY E 251 0.22 -42.24 33.71
CA GLY E 251 0.38 -43.69 33.56
C GLY E 251 1.84 -44.13 33.63
N THR E 252 2.66 -43.33 34.31
CA THR E 252 4.07 -43.66 34.49
C THR E 252 4.58 -43.37 35.91
N ASP E 253 5.41 -44.30 36.39
CA ASP E 253 6.14 -44.20 37.65
C ASP E 253 7.29 -43.21 37.46
N PHE E 254 6.95 -41.93 37.61
CA PHE E 254 7.88 -40.82 37.31
C PHE E 254 9.10 -40.85 38.18
N LYS E 255 8.89 -41.18 39.45
CA LYS E 255 9.96 -41.23 40.43
C LYS E 255 11.02 -42.32 40.10
N TYR E 256 10.60 -43.51 39.69
CA TYR E 256 11.59 -44.50 39.19
C TYR E 256 12.25 -44.02 37.89
N ALA E 257 11.45 -43.50 36.97
CA ALA E 257 11.97 -42.90 35.73
C ALA E 257 13.03 -41.83 36.02
N GLU E 258 12.74 -40.98 37.00
CA GLU E 258 13.63 -39.90 37.42
C GLU E 258 14.92 -40.50 37.94
N LYS E 259 14.83 -41.62 38.65
CA LYS E 259 15.99 -42.35 39.17
C LYS E 259 16.91 -42.85 38.04
N GLN E 260 16.30 -43.32 36.96
CA GLN E 260 17.04 -43.92 35.85
C GLN E 260 17.54 -42.91 34.84
N GLY E 261 17.37 -41.63 35.15
CA GLY E 261 17.74 -40.54 34.25
C GLY E 261 16.94 -40.55 32.96
N ILE E 262 15.66 -40.87 33.06
CA ILE E 262 14.79 -40.91 31.89
C ILE E 262 13.86 -39.71 32.02
N LYS E 263 13.89 -38.84 31.01
CA LYS E 263 13.05 -37.64 31.02
C LYS E 263 11.63 -38.07 30.68
N ALA E 264 10.72 -37.88 31.63
CA ALA E 264 9.29 -38.20 31.49
C ALA E 264 8.46 -37.00 31.91
N LEU E 265 7.59 -36.54 31.02
CA LEU E 265 6.83 -35.32 31.29
C LEU E 265 5.35 -35.58 31.30
N LEU E 266 4.69 -35.04 32.31
CA LEU E 266 3.25 -34.95 32.31
C LEU E 266 2.96 -33.61 31.64
N ALA E 267 2.01 -33.59 30.71
CA ALA E 267 1.67 -32.32 30.05
C ALA E 267 0.15 -32.20 30.00
N PRO E 268 -0.45 -31.66 31.05
CA PRO E 268 -1.91 -31.70 31.01
C PRO E 268 -2.46 -30.48 30.24
N GLY E 269 -3.74 -30.54 29.87
CA GLY E 269 -4.39 -29.46 29.14
C GLY E 269 -3.54 -28.85 28.03
N LEU E 270 -3.09 -29.69 27.10
CA LEU E 270 -2.40 -29.18 25.93
C LEU E 270 -3.26 -28.30 25.01
N PRO E 271 -4.51 -28.72 24.71
CA PRO E 271 -5.27 -27.93 23.74
C PRO E 271 -5.35 -26.48 24.20
N GLY E 272 -5.55 -26.30 25.51
CA GLY E 272 -5.63 -24.98 26.11
C GLY E 272 -4.34 -24.21 26.02
N ILE E 273 -3.20 -24.90 26.12
CA ILE E 273 -1.91 -24.25 26.08
C ILE E 273 -1.50 -23.91 24.65
N VAL E 274 -1.61 -24.88 23.77
CA VAL E 274 -1.03 -24.79 22.41
C VAL E 274 -1.86 -23.99 21.39
N ALA E 275 -3.19 -24.03 21.51
CA ALA E 275 -4.06 -23.33 20.59
C ALA E 275 -5.35 -22.95 21.28
N PRO E 276 -5.26 -21.95 22.18
CA PRO E 276 -6.40 -21.55 23.00
C PRO E 276 -7.58 -21.08 22.16
N LYS E 277 -7.31 -20.46 21.01
CA LYS E 277 -8.36 -20.03 20.07
C LYS E 277 -9.17 -21.24 19.60
N THR E 278 -8.47 -22.22 19.04
CA THR E 278 -9.10 -23.42 18.54
C THR E 278 -9.86 -24.16 19.65
N ALA E 279 -9.17 -24.36 20.77
CA ALA E 279 -9.74 -25.03 21.93
C ALA E 279 -11.13 -24.51 22.26
N GLY E 280 -11.25 -23.20 22.32
CA GLY E 280 -12.51 -22.54 22.68
C GLY E 280 -13.59 -22.74 21.64
N GLN E 281 -13.25 -22.48 20.38
CA GLN E 281 -14.23 -22.65 19.34
C GLN E 281 -14.79 -24.06 19.39
N ILE E 282 -13.92 -25.03 19.66
CA ILE E 282 -14.33 -26.44 19.76
C ILE E 282 -15.44 -26.51 20.76
N LEU E 283 -15.17 -26.08 21.99
CA LEU E 283 -16.18 -26.05 23.04
C LEU E 283 -17.43 -25.26 22.61
N ALA E 284 -17.23 -24.11 21.96
CA ALA E 284 -18.32 -23.22 21.58
C ALA E 284 -19.30 -23.86 20.58
N ASN E 285 -18.76 -24.48 19.53
CA ASN E 285 -19.56 -25.08 18.49
C ASN E 285 -20.39 -26.22 19.04
N VAL E 286 -19.74 -27.10 19.79
CA VAL E 286 -20.43 -28.24 20.38
C VAL E 286 -21.52 -27.76 21.34
N LEU E 287 -21.23 -26.73 22.13
CA LEU E 287 -22.22 -26.15 23.02
C LEU E 287 -23.39 -25.63 22.23
N SER E 288 -23.08 -24.96 21.12
CA SER E 288 -24.09 -24.38 20.26
C SER E 288 -25.08 -25.43 19.80
N LYS E 289 -24.59 -26.49 19.18
CA LYS E 289 -25.48 -27.54 18.68
C LYS E 289 -26.31 -28.13 19.83
N LEU E 290 -25.65 -28.41 20.96
CA LEU E 290 -26.29 -29.03 22.11
C LEU E 290 -27.41 -28.17 22.72
N LEU E 291 -27.31 -26.86 22.56
CA LEU E 291 -28.31 -25.93 23.07
C LEU E 291 -29.53 -25.74 22.14
N ALA E 292 -29.32 -25.74 20.82
CA ALA E 292 -30.43 -25.72 19.85
C ALA E 292 -31.19 -27.04 19.85
N GLU E 293 -30.56 -28.07 20.40
CA GLU E 293 -31.25 -29.32 20.72
C GLU E 293 -32.22 -29.11 21.87
N ILE E 294 -31.72 -28.55 22.97
CA ILE E 294 -32.53 -28.24 24.15
C ILE E 294 -33.65 -27.25 23.85
N GLN E 295 -33.36 -26.26 22.99
CA GLN E 295 -34.36 -25.29 22.51
C GLN E 295 -35.44 -25.94 21.63
N ALA E 296 -35.09 -27.06 20.99
CA ALA E 296 -36.02 -27.85 20.17
C ALA E 296 -36.94 -28.79 20.97
N GLU E 297 -36.96 -28.63 22.29
CA GLU E 297 -37.80 -29.43 23.17
C GLU E 297 -38.90 -28.61 23.82
N GLU E 298 -38.65 -27.30 23.97
CA GLU E 298 -39.59 -26.37 24.63
C GLU E 298 -40.04 -25.26 23.68
N ASN F 2 6.79 -69.12 16.55
CA ASN F 2 7.12 -70.10 17.64
C ASN F 2 5.87 -70.80 18.22
N ALA F 3 4.70 -70.18 18.04
CA ALA F 3 3.39 -70.73 18.47
C ALA F 3 3.03 -72.00 17.68
N MSE F 4 2.87 -73.12 18.40
CA MSE F 4 2.61 -74.43 17.80
C MSE F 4 1.23 -75.03 18.17
O MSE F 4 0.71 -74.77 19.25
CB MSE F 4 3.72 -75.41 18.18
CG MSE F 4 5.06 -75.06 17.59
SE MSE F 4 4.96 -74.97 15.65
CE MSE F 4 6.54 -73.82 15.36
N LEU F 5 0.69 -75.85 17.28
CA LEU F 5 -0.63 -76.47 17.45
C LEU F 5 -0.55 -78.00 17.31
N THR F 6 0.34 -78.61 18.10
CA THR F 6 0.81 -79.99 17.94
C THR F 6 -0.16 -81.10 18.39
N GLY F 7 -0.76 -80.93 19.56
CA GLY F 7 -1.69 -81.93 20.06
C GLY F 7 -3.11 -81.65 19.61
N LEU F 8 -3.26 -81.17 18.38
CA LEU F 8 -4.56 -80.69 17.93
C LEU F 8 -4.98 -81.28 16.61
N LYS F 9 -6.19 -81.85 16.60
CA LYS F 9 -6.75 -82.54 15.44
C LYS F 9 -7.88 -81.71 14.83
N ILE F 10 -7.69 -81.31 13.57
CA ILE F 10 -8.60 -80.41 12.92
C ILE F 10 -9.12 -80.99 11.61
N ALA F 11 -10.42 -80.82 11.41
CA ALA F 11 -11.05 -81.22 10.18
C ALA F 11 -11.36 -79.96 9.40
N VAL F 12 -10.86 -79.92 8.16
CA VAL F 12 -11.10 -78.81 7.23
C VAL F 12 -11.98 -79.34 6.10
N ILE F 13 -13.24 -78.93 6.10
CA ILE F 13 -14.24 -79.48 5.19
C ILE F 13 -14.71 -78.45 4.18
N GLY F 14 -14.18 -78.54 2.96
CA GLY F 14 -14.60 -77.65 1.88
C GLY F 14 -13.88 -76.34 1.93
N GLY F 15 -14.03 -75.53 0.88
CA GLY F 15 -13.42 -74.22 0.86
C GLY F 15 -12.99 -73.73 -0.51
N ASP F 16 -12.38 -72.54 -0.51
CA ASP F 16 -11.95 -71.77 -1.68
C ASP F 16 -10.46 -71.78 -1.70
N ALA F 17 -9.94 -71.06 -2.68
CA ALA F 17 -8.56 -70.61 -2.67
C ALA F 17 -8.15 -70.12 -1.28
N ARG F 18 -9.10 -69.57 -0.53
CA ARG F 18 -8.80 -69.02 0.80
C ARG F 18 -8.41 -70.10 1.79
N GLN F 19 -9.06 -71.26 1.70
CA GLN F 19 -8.84 -72.29 2.68
C GLN F 19 -7.45 -72.86 2.50
N LEU F 20 -6.90 -72.65 1.31
CA LEU F 20 -5.54 -73.08 1.06
C LEU F 20 -4.63 -72.38 2.04
N GLU F 21 -4.87 -71.09 2.21
CA GLU F 21 -4.09 -70.26 3.14
C GLU F 21 -4.23 -70.67 4.62
N ILE F 22 -5.35 -71.32 4.95
CA ILE F 22 -5.67 -71.70 6.30
C ILE F 22 -4.96 -72.98 6.63
N ILE F 23 -5.00 -73.91 5.67
CA ILE F 23 -4.32 -75.18 5.79
C ILE F 23 -2.82 -74.93 5.92
N ARG F 24 -2.29 -73.97 5.15
CA ARG F 24 -0.87 -73.66 5.20
C ARG F 24 -0.42 -73.16 6.58
N LYS F 25 -1.25 -72.38 7.25
CA LYS F 25 -0.92 -71.93 8.61
C LYS F 25 -0.94 -73.10 9.57
N LEU F 26 -2.04 -73.85 9.52
CA LEU F 26 -2.25 -74.93 10.47
C LEU F 26 -1.18 -76.02 10.39
N THR F 27 -0.82 -76.40 9.17
CA THR F 27 0.21 -77.40 8.99
C THR F 27 1.59 -76.88 9.38
N GLU F 28 1.89 -75.62 9.05
CA GLU F 28 3.10 -74.98 9.56
C GLU F 28 3.14 -75.05 11.08
N GLN F 29 1.95 -75.06 11.69
CA GLN F 29 1.81 -75.13 13.13
C GLN F 29 1.60 -76.55 13.61
N GLN F 30 1.64 -77.47 12.65
CA GLN F 30 1.70 -78.91 12.90
C GLN F 30 0.46 -79.49 13.59
N ALA F 31 -0.71 -79.06 13.13
CA ALA F 31 -1.92 -79.73 13.52
C ALA F 31 -1.99 -81.03 12.76
N ASP F 32 -2.76 -81.98 13.29
CA ASP F 32 -3.12 -83.19 12.57
C ASP F 32 -4.40 -82.89 11.81
N ILE F 33 -4.36 -82.95 10.48
CA ILE F 33 -5.47 -82.41 9.72
C ILE F 33 -6.07 -83.37 8.71
N TYR F 34 -7.40 -83.26 8.55
CA TYR F 34 -8.17 -84.04 7.60
C TYR F 34 -8.80 -83.10 6.57
N LEU F 35 -8.59 -83.40 5.30
CA LEU F 35 -9.07 -82.58 4.20
C LEU F 35 -10.14 -83.26 3.38
N VAL F 36 -11.37 -82.87 3.58
CA VAL F 36 -12.41 -83.33 2.68
C VAL F 36 -12.74 -82.20 1.72
N GLY F 37 -12.87 -82.56 0.44
CA GLY F 37 -13.23 -81.63 -0.64
C GLY F 37 -12.05 -81.15 -1.46
N PHE F 38 -10.94 -81.87 -1.39
CA PHE F 38 -9.72 -81.40 -2.03
C PHE F 38 -9.01 -82.43 -2.86
N ASP F 39 -9.76 -83.35 -3.44
CA ASP F 39 -9.17 -84.38 -4.28
C ASP F 39 -8.75 -83.80 -5.63
N GLN F 40 -9.36 -82.69 -6.03
CA GLN F 40 -8.99 -82.10 -7.32
C GLN F 40 -7.76 -81.22 -7.21
N LEU F 41 -7.43 -80.78 -6.00
CA LEU F 41 -6.19 -80.04 -5.76
C LEU F 41 -4.98 -80.95 -5.99
N ASP F 42 -3.94 -80.43 -6.65
CA ASP F 42 -2.81 -81.23 -7.13
C ASP F 42 -1.53 -81.19 -6.26
N HIS F 43 -1.71 -81.27 -4.95
CA HIS F 43 -0.62 -81.26 -3.97
C HIS F 43 -1.24 -81.29 -2.58
N GLY F 44 -0.51 -81.81 -1.60
CA GLY F 44 -1.04 -81.95 -0.24
C GLY F 44 -0.38 -80.98 0.71
N PHE F 45 -0.60 -81.18 2.01
CA PHE F 45 0.07 -80.38 3.04
C PHE F 45 0.69 -81.28 4.08
N THR F 46 1.86 -80.87 4.57
CA THR F 46 2.57 -81.63 5.59
C THR F 46 1.71 -81.84 6.85
N GLY F 47 1.23 -83.08 7.00
CA GLY F 47 0.49 -83.51 8.18
C GLY F 47 -1.02 -83.54 8.05
N ALA F 48 -1.50 -83.54 6.80
CA ALA F 48 -2.93 -83.59 6.51
C ALA F 48 -3.24 -84.66 5.46
N VAL F 49 -4.24 -85.50 5.72
CA VAL F 49 -4.69 -86.48 4.72
C VAL F 49 -5.96 -86.04 4.03
N LYS F 50 -6.02 -86.27 2.72
CA LYS F 50 -7.25 -86.07 1.94
C LYS F 50 -8.13 -87.31 2.12
N CYS F 51 -9.40 -87.11 2.45
CA CYS F 51 -10.32 -88.24 2.63
C CYS F 51 -11.78 -87.88 2.43
N ASN F 52 -12.66 -88.84 2.68
CA ASN F 52 -14.08 -88.56 2.71
C ASN F 52 -14.54 -88.12 4.07
N ILE F 53 -15.67 -87.43 4.09
CA ILE F 53 -16.32 -87.03 5.34
C ILE F 53 -16.62 -88.24 6.23
N ASP F 54 -17.01 -89.35 5.62
CA ASP F 54 -17.32 -90.57 6.34
C ASP F 54 -16.11 -91.19 7.02
N GLU F 55 -14.91 -90.79 6.58
CA GLU F 55 -13.66 -91.44 7.01
C GLU F 55 -12.95 -90.71 8.16
N ILE F 56 -13.39 -89.48 8.46
CA ILE F 56 -12.77 -88.71 9.52
C ILE F 56 -13.33 -89.09 10.88
N PRO F 57 -12.44 -89.29 11.87
CA PRO F 57 -12.79 -89.74 13.21
C PRO F 57 -13.28 -88.60 14.10
N PHE F 58 -14.48 -88.11 13.83
CA PHE F 58 -15.09 -87.05 14.62
C PHE F 58 -15.07 -87.26 16.13
N GLN F 59 -14.96 -88.51 16.59
CA GLN F 59 -14.81 -88.77 18.02
C GLN F 59 -13.64 -87.98 18.60
N GLN F 60 -12.64 -87.71 17.77
CA GLN F 60 -11.39 -87.06 18.22
C GLN F 60 -11.15 -85.63 17.73
N ILE F 61 -12.08 -85.08 16.95
CA ILE F 61 -11.81 -83.80 16.33
C ILE F 61 -11.97 -82.60 17.27
N ASP F 62 -10.85 -81.94 17.50
CA ASP F 62 -10.79 -80.74 18.32
C ASP F 62 -11.56 -79.59 17.70
N SER F 63 -11.59 -79.48 16.38
CA SER F 63 -12.36 -78.40 15.71
C SER F 63 -12.65 -78.64 14.23
N ILE F 64 -13.78 -78.10 13.78
CA ILE F 64 -14.14 -78.17 12.35
C ILE F 64 -14.15 -76.78 11.68
N ILE F 65 -13.43 -76.68 10.56
CA ILE F 65 -13.36 -75.43 9.80
C ILE F 65 -14.09 -75.59 8.47
N LEU F 66 -15.14 -74.80 8.30
CA LEU F 66 -15.96 -74.80 7.10
C LEU F 66 -15.61 -73.63 6.20
N PRO F 67 -16.15 -73.62 4.95
CA PRO F 67 -16.08 -72.46 4.09
C PRO F 67 -16.66 -71.17 4.70
N VAL F 68 -16.39 -70.03 4.07
CA VAL F 68 -17.01 -68.78 4.50
C VAL F 68 -18.53 -68.92 4.55
N SER F 69 -19.11 -69.28 3.40
CA SER F 69 -20.55 -69.52 3.28
C SER F 69 -20.76 -71.01 3.33
N ALA F 70 -20.97 -71.54 4.54
CA ALA F 70 -20.86 -72.98 4.84
C ALA F 70 -21.54 -73.91 3.85
N THR F 71 -22.88 -73.91 3.89
CA THR F 71 -23.69 -74.93 3.22
C THR F 71 -24.96 -74.40 2.56
N THR F 72 -25.55 -75.26 1.73
CA THR F 72 -26.76 -74.96 0.96
C THR F 72 -28.02 -75.25 1.79
N GLY F 73 -29.13 -75.48 1.09
CA GLY F 73 -30.36 -75.99 1.69
C GLY F 73 -30.19 -77.39 2.26
N GLU F 74 -30.16 -78.40 1.37
CA GLU F 74 -30.00 -79.81 1.78
C GLU F 74 -28.93 -80.05 2.86
N GLY F 75 -27.79 -79.37 2.75
CA GLY F 75 -26.68 -79.52 3.71
C GLY F 75 -25.33 -79.75 3.06
N VAL F 76 -25.24 -79.38 1.78
CA VAL F 76 -24.04 -79.61 0.98
C VAL F 76 -23.00 -78.47 1.11
N VAL F 77 -21.81 -78.87 1.54
CA VAL F 77 -20.68 -77.97 1.70
C VAL F 77 -20.20 -77.53 0.34
N SER F 78 -20.02 -76.21 0.21
CA SER F 78 -19.49 -75.56 -0.99
C SER F 78 -18.02 -75.93 -1.16
N THR F 79 -17.71 -76.68 -2.23
CA THR F 79 -16.33 -77.10 -2.53
C THR F 79 -15.89 -76.66 -3.93
N VAL F 80 -14.60 -76.39 -4.09
CA VAL F 80 -14.09 -75.82 -5.33
C VAL F 80 -13.11 -76.78 -6.02
N PHE F 81 -12.47 -77.62 -5.23
CA PHE F 81 -11.51 -78.59 -5.74
C PHE F 81 -12.02 -80.01 -5.56
N SER F 82 -13.30 -80.19 -5.84
CA SER F 82 -13.96 -81.48 -5.70
C SER F 82 -15.13 -81.57 -6.68
N ASN F 83 -15.33 -82.75 -7.26
CA ASN F 83 -16.50 -83.03 -8.11
C ASN F 83 -17.55 -83.87 -7.37
N GLU F 84 -17.08 -84.65 -6.40
CA GLU F 84 -17.96 -85.44 -5.55
C GLU F 84 -18.60 -84.54 -4.46
N GLU F 85 -19.92 -84.43 -4.53
CA GLU F 85 -20.74 -83.61 -3.62
C GLU F 85 -20.65 -83.99 -2.12
N VAL F 86 -20.02 -83.13 -1.32
CA VAL F 86 -19.89 -83.35 0.13
C VAL F 86 -21.05 -82.77 0.95
N VAL F 87 -21.68 -83.60 1.75
CA VAL F 87 -22.85 -83.19 2.52
C VAL F 87 -22.63 -83.35 4.04
N LEU F 88 -22.50 -82.22 4.75
CA LEU F 88 -22.40 -82.26 6.20
C LEU F 88 -23.76 -82.52 6.87
N LYS F 89 -23.85 -83.61 7.63
CA LYS F 89 -25.06 -84.00 8.35
C LYS F 89 -24.95 -83.80 9.87
N GLN F 90 -26.12 -83.74 10.52
CA GLN F 90 -26.25 -83.68 11.97
C GLN F 90 -25.30 -84.67 12.69
N ASP F 91 -25.12 -85.86 12.11
CA ASP F 91 -24.36 -86.94 12.74
C ASP F 91 -22.93 -86.58 13.10
N HIS F 92 -22.22 -85.99 12.15
CA HIS F 92 -20.79 -85.70 12.30
C HIS F 92 -20.52 -84.88 13.55
N LEU F 93 -21.27 -83.78 13.67
CA LEU F 93 -21.19 -82.88 14.81
C LEU F 93 -21.50 -83.57 16.14
N ASP F 94 -22.42 -84.55 16.10
CA ASP F 94 -22.81 -85.27 17.31
C ASP F 94 -21.78 -86.29 17.78
N ARG F 95 -20.98 -86.83 16.84
CA ARG F 95 -19.88 -87.73 17.16
C ARG F 95 -18.75 -86.93 17.82
N THR F 96 -18.89 -85.60 17.76
CA THR F 96 -17.84 -84.65 18.12
C THR F 96 -17.69 -84.42 19.62
N PRO F 97 -16.44 -84.27 20.12
CA PRO F 97 -16.18 -84.06 21.55
C PRO F 97 -16.85 -82.82 22.13
N ALA F 98 -16.95 -82.82 23.46
CA ALA F 98 -17.56 -81.73 24.24
C ALA F 98 -17.11 -80.36 23.77
N HIS F 99 -15.80 -80.15 23.80
CA HIS F 99 -15.20 -78.84 23.58
C HIS F 99 -15.13 -78.42 22.12
N CYS F 100 -15.21 -79.38 21.20
CA CYS F 100 -15.03 -79.15 19.75
C CYS F 100 -15.82 -77.98 19.18
N VAL F 101 -15.08 -77.12 18.49
CA VAL F 101 -15.60 -75.84 17.99
C VAL F 101 -15.70 -75.81 16.45
N ILE F 102 -16.85 -75.36 15.97
CA ILE F 102 -17.13 -75.26 14.54
C ILE F 102 -16.96 -73.83 14.07
N PHE F 103 -16.15 -73.62 13.03
CA PHE F 103 -15.92 -72.28 12.50
C PHE F 103 -16.49 -72.12 11.10
N SER F 104 -17.05 -70.96 10.84
CA SER F 104 -17.47 -70.59 9.50
C SER F 104 -17.38 -69.08 9.32
N GLY F 105 -17.84 -68.59 8.16
CA GLY F 105 -17.82 -67.16 7.90
C GLY F 105 -19.10 -66.43 8.29
N ILE F 106 -20.14 -66.63 7.50
CA ILE F 106 -21.34 -65.83 7.63
C ILE F 106 -22.53 -66.69 7.98
N SER F 107 -23.59 -66.04 8.47
CA SER F 107 -24.80 -66.69 8.93
C SER F 107 -25.34 -67.73 7.93
N ASN F 108 -25.71 -68.90 8.44
CA ASN F 108 -26.29 -69.95 7.63
C ASN F 108 -27.32 -70.79 8.42
N ALA F 109 -28.57 -70.74 7.96
CA ALA F 109 -29.71 -71.35 8.68
C ALA F 109 -29.51 -72.83 9.01
N TYR F 110 -29.16 -73.64 8.01
CA TYR F 110 -28.92 -75.08 8.19
C TYR F 110 -27.86 -75.37 9.26
N LEU F 111 -26.71 -74.70 9.13
CA LEU F 111 -25.62 -74.89 10.08
C LEU F 111 -25.99 -74.42 11.47
N GLU F 112 -26.64 -73.27 11.57
CA GLU F 112 -27.05 -72.76 12.87
C GLU F 112 -27.99 -73.73 13.55
N ASN F 113 -28.87 -74.36 12.77
CA ASN F 113 -29.79 -75.37 13.30
C ASN F 113 -29.08 -76.57 13.87
N ILE F 114 -28.17 -77.15 13.10
CA ILE F 114 -27.58 -78.42 13.48
C ILE F 114 -26.47 -78.25 14.50
N ALA F 115 -25.80 -77.09 14.47
CA ALA F 115 -24.72 -76.78 15.42
C ALA F 115 -25.20 -76.79 16.86
N ALA F 116 -26.24 -75.99 17.14
CA ALA F 116 -26.82 -75.84 18.47
C ALA F 116 -27.66 -77.04 18.88
N GLN F 117 -28.10 -77.81 17.88
CA GLN F 117 -28.77 -79.09 18.12
C GLN F 117 -27.79 -80.20 18.54
N ALA F 118 -26.59 -80.17 17.98
CA ALA F 118 -25.51 -81.05 18.42
C ALA F 118 -24.94 -80.55 19.76
N LYS F 119 -25.52 -79.44 20.24
CA LYS F 119 -24.96 -78.63 21.33
C LYS F 119 -23.45 -78.39 21.13
N ARG F 120 -23.10 -77.78 19.99
CA ARG F 120 -21.69 -77.55 19.61
C ARG F 120 -21.39 -76.11 19.18
N LYS F 121 -20.42 -75.49 19.86
CA LYS F 121 -20.11 -74.06 19.69
C LYS F 121 -19.83 -73.68 18.23
N LEU F 122 -20.60 -72.73 17.71
CA LEU F 122 -20.46 -72.29 16.33
C LEU F 122 -19.95 -70.86 16.24
N VAL F 123 -18.70 -70.67 15.80
CA VAL F 123 -18.16 -69.30 15.63
C VAL F 123 -18.23 -68.83 14.19
N LYS F 124 -19.01 -67.76 13.97
CA LYS F 124 -19.23 -67.22 12.64
C LYS F 124 -18.25 -66.05 12.39
N LEU F 125 -17.03 -66.38 11.96
CA LEU F 125 -15.90 -65.43 11.91
C LEU F 125 -16.19 -64.02 11.40
N PHE F 126 -17.03 -63.92 10.37
CA PHE F 126 -17.31 -62.62 9.74
C PHE F 126 -18.02 -61.63 10.67
N GLU F 127 -18.39 -62.08 11.85
CA GLU F 127 -19.05 -61.18 12.80
C GLU F 127 -18.06 -60.47 13.73
N ARG F 128 -16.78 -60.82 13.62
CA ARG F 128 -15.75 -60.28 14.50
C ARG F 128 -15.27 -58.90 14.05
N ASP F 129 -15.07 -58.01 15.01
CA ASP F 129 -14.58 -56.67 14.69
C ASP F 129 -13.25 -56.74 13.92
N ASP F 130 -12.32 -57.55 14.42
CA ASP F 130 -10.99 -57.60 13.82
C ASP F 130 -11.00 -58.18 12.39
N ILE F 131 -11.76 -59.26 12.18
CA ILE F 131 -11.93 -59.82 10.85
C ILE F 131 -12.50 -58.76 9.92
N ALA F 132 -13.56 -58.09 10.35
CA ALA F 132 -14.19 -57.07 9.51
C ALA F 132 -13.20 -55.97 9.12
N ILE F 133 -12.41 -55.50 10.09
CA ILE F 133 -11.41 -54.45 9.86
C ILE F 133 -10.35 -54.96 8.92
N TYR F 134 -9.73 -56.11 9.23
CA TYR F 134 -8.75 -56.72 8.34
C TYR F 134 -9.35 -56.92 6.94
N ASN F 135 -10.61 -57.35 6.87
CA ASN F 135 -11.23 -57.49 5.57
C ASN F 135 -11.40 -56.17 4.81
N SER F 136 -11.66 -55.07 5.52
CA SER F 136 -11.90 -53.82 4.85
C SER F 136 -10.81 -53.49 3.81
N ILE F 137 -9.57 -53.92 4.08
CA ILE F 137 -8.45 -53.68 3.15
C ILE F 137 -8.65 -54.34 1.78
N PRO F 138 -8.74 -55.70 1.71
CA PRO F 138 -8.98 -56.29 0.39
C PRO F 138 -10.23 -55.69 -0.18
N THR F 139 -11.22 -55.43 0.65
CA THR F 139 -12.43 -54.82 0.13
C THR F 139 -12.22 -53.39 -0.46
N VAL F 140 -11.38 -52.53 0.13
CA VAL F 140 -11.19 -51.20 -0.50
C VAL F 140 -10.56 -51.36 -1.85
N GLU F 141 -9.52 -52.18 -1.91
CA GLU F 141 -8.83 -52.47 -3.16
C GLU F 141 -9.79 -52.99 -4.22
N GLY F 142 -10.77 -53.78 -3.80
CA GLY F 142 -11.83 -54.23 -4.68
C GLY F 142 -12.67 -53.07 -5.16
N THR F 143 -12.88 -52.11 -4.28
CA THR F 143 -13.67 -50.93 -4.62
C THR F 143 -12.88 -49.98 -5.53
N ILE F 144 -11.55 -50.00 -5.43
CA ILE F 144 -10.70 -49.17 -6.29
C ILE F 144 -10.80 -49.76 -7.68
N MSE F 145 -10.80 -51.08 -7.74
CA MSE F 145 -10.98 -51.76 -9.01
CA MSE F 145 -11.00 -51.79 -9.00
C MSE F 145 -12.27 -51.31 -9.69
O MSE F 145 -12.23 -50.84 -10.83
CB MSE F 145 -10.93 -53.29 -8.86
CB MSE F 145 -11.04 -53.32 -8.76
CG MSE F 145 -10.95 -53.99 -10.21
CG MSE F 145 -11.46 -54.12 -9.99
SE MSE F 145 -9.31 -53.67 -11.24
SE MSE F 145 -11.16 -56.03 -9.78
CE MSE F 145 -8.70 -55.51 -11.22
CE MSE F 145 -12.90 -56.61 -9.06
N LEU F 146 -13.39 -51.45 -8.99
CA LEU F 146 -14.68 -51.07 -9.53
C LEU F 146 -14.71 -49.62 -10.06
N ALA F 147 -14.16 -48.67 -9.31
CA ALA F 147 -14.15 -47.30 -9.82
C ALA F 147 -13.20 -47.11 -10.99
N ILE F 148 -12.02 -47.73 -10.96
CA ILE F 148 -11.15 -47.57 -12.12
C ILE F 148 -11.78 -48.10 -13.39
N GLN F 149 -12.50 -49.22 -13.31
CA GLN F 149 -13.09 -49.76 -14.54
C GLN F 149 -14.45 -49.16 -14.92
N HIS F 150 -15.16 -48.56 -13.99
CA HIS F 150 -16.48 -48.09 -14.33
C HIS F 150 -16.56 -46.58 -14.62
N THR F 151 -15.42 -45.93 -14.64
CA THR F 151 -15.35 -44.52 -15.00
C THR F 151 -14.28 -44.30 -16.07
N ASP F 152 -14.38 -43.18 -16.77
CA ASP F 152 -13.34 -42.77 -17.72
C ASP F 152 -12.47 -41.60 -17.21
N TYR F 153 -12.74 -41.14 -15.99
CA TYR F 153 -11.93 -40.10 -15.33
C TYR F 153 -11.08 -40.73 -14.22
N THR F 154 -10.18 -39.93 -13.68
CA THR F 154 -9.22 -40.37 -12.71
C THR F 154 -9.83 -40.19 -11.32
N ILE F 155 -9.63 -41.17 -10.43
CA ILE F 155 -10.02 -41.04 -9.00
C ILE F 155 -9.41 -39.79 -8.35
N HIS F 156 -8.09 -39.64 -8.48
CA HIS F 156 -7.36 -38.46 -8.09
C HIS F 156 -8.09 -37.21 -8.63
N GLY F 157 -8.35 -36.27 -7.75
CA GLY F 157 -9.08 -35.08 -8.15
C GLY F 157 -10.58 -35.18 -8.29
N SER F 158 -11.18 -36.36 -8.17
CA SER F 158 -12.66 -36.46 -8.31
C SER F 158 -13.44 -36.17 -7.01
N GLN F 159 -14.77 -36.15 -7.13
CA GLN F 159 -15.64 -35.95 -5.96
C GLN F 159 -16.19 -37.29 -5.41
N VAL F 160 -15.61 -37.76 -4.31
CA VAL F 160 -15.96 -39.04 -3.71
C VAL F 160 -16.70 -38.87 -2.41
N ALA F 161 -17.73 -39.68 -2.19
CA ALA F 161 -18.53 -39.60 -0.99
C ALA F 161 -18.68 -40.99 -0.37
N VAL F 162 -18.27 -41.13 0.89
CA VAL F 162 -18.31 -42.44 1.53
C VAL F 162 -19.37 -42.41 2.61
N LEU F 163 -20.33 -43.32 2.57
CA LEU F 163 -21.45 -43.33 3.51
C LEU F 163 -21.22 -44.27 4.68
N GLY F 164 -21.09 -43.70 5.87
CA GLY F 164 -20.88 -44.52 7.06
C GLY F 164 -19.40 -44.61 7.36
N LEU F 165 -19.05 -44.38 8.61
CA LEU F 165 -17.65 -44.45 9.02
C LEU F 165 -17.50 -45.55 10.06
N GLY F 166 -18.05 -46.71 9.73
CA GLY F 166 -17.87 -47.90 10.52
C GLY F 166 -16.56 -48.58 10.20
N ARG F 167 -16.52 -49.86 10.50
CA ARG F 167 -15.28 -50.61 10.44
C ARG F 167 -14.64 -50.61 9.05
N THR F 168 -15.45 -50.73 7.98
CA THR F 168 -14.92 -50.61 6.61
C THR F 168 -14.95 -49.17 6.09
N GLY F 169 -16.06 -48.48 6.37
CA GLY F 169 -16.24 -47.11 5.95
C GLY F 169 -15.03 -46.25 6.24
N MSE F 170 -14.34 -46.58 7.33
CA MSE F 170 -13.18 -45.82 7.77
C MSE F 170 -12.02 -46.09 6.82
O MSE F 170 -11.34 -45.16 6.42
CB MSE F 170 -12.80 -46.21 9.18
CG MSE F 170 -12.71 -45.03 10.12
SE MSE F 170 -11.40 -45.36 11.49
CE MSE F 170 -9.93 -45.72 10.28
N THR F 171 -11.84 -47.34 6.41
CA THR F 171 -10.76 -47.72 5.52
C THR F 171 -10.99 -47.16 4.12
N ILE F 172 -12.21 -47.31 3.64
CA ILE F 172 -12.57 -46.83 2.32
C ILE F 172 -12.22 -45.36 2.20
N ALA F 173 -12.61 -44.57 3.20
CA ALA F 173 -12.44 -43.12 3.12
C ALA F 173 -10.97 -42.69 3.13
N ARG F 174 -10.20 -43.16 4.10
CA ARG F 174 -8.76 -42.86 4.12
C ARG F 174 -8.12 -43.22 2.79
N THR F 175 -8.35 -44.46 2.32
CA THR F 175 -7.72 -44.97 1.13
C THR F 175 -8.11 -44.21 -0.13
N PHE F 176 -9.39 -43.87 -0.28
CA PHE F 176 -9.78 -42.98 -1.37
C PHE F 176 -9.15 -41.58 -1.24
N ALA F 177 -9.07 -41.06 -0.01
CA ALA F 177 -8.37 -39.79 0.22
C ALA F 177 -6.92 -39.92 -0.16
N ALA F 178 -6.28 -41.01 0.27
CA ALA F 178 -4.84 -41.19 0.02
C ALA F 178 -4.57 -41.14 -1.48
N LEU F 179 -5.56 -41.54 -2.26
CA LEU F 179 -5.45 -41.69 -3.70
C LEU F 179 -5.66 -40.37 -4.41
N GLY F 180 -5.85 -39.29 -3.66
CA GLY F 180 -5.99 -37.93 -4.19
C GLY F 180 -7.41 -37.49 -4.51
N ALA F 181 -8.38 -38.31 -4.13
CA ALA F 181 -9.78 -37.95 -4.32
C ALA F 181 -10.16 -36.86 -3.31
N ASN F 182 -11.17 -36.08 -3.66
CA ASN F 182 -11.76 -35.16 -2.70
C ASN F 182 -12.82 -35.90 -1.93
N VAL F 183 -12.53 -36.30 -0.70
CA VAL F 183 -13.42 -37.21 0.00
C VAL F 183 -14.33 -36.51 0.98
N LYS F 184 -15.64 -36.69 0.84
CA LYS F 184 -16.58 -36.30 1.89
C LYS F 184 -17.23 -37.56 2.46
N VAL F 185 -17.66 -37.53 3.72
CA VAL F 185 -18.25 -38.75 4.33
C VAL F 185 -19.40 -38.48 5.29
N GLY F 186 -20.52 -39.15 5.03
CA GLY F 186 -21.71 -39.00 5.82
C GLY F 186 -21.71 -40.00 6.95
N ALA F 187 -22.00 -39.51 8.13
CA ALA F 187 -22.16 -40.36 9.29
C ALA F 187 -23.36 -39.79 10.06
N ARG F 188 -23.57 -40.27 11.28
CA ARG F 188 -24.71 -39.83 12.08
C ARG F 188 -24.27 -39.42 13.49
N SER F 189 -23.30 -40.15 14.07
CA SER F 189 -22.79 -39.83 15.41
C SER F 189 -21.94 -38.56 15.41
N SER F 190 -21.94 -37.83 16.52
CA SER F 190 -21.05 -36.69 16.68
C SER F 190 -19.61 -37.14 16.58
N ALA F 191 -19.34 -38.32 17.12
CA ALA F 191 -18.01 -38.80 17.24
C ALA F 191 -17.51 -39.21 15.87
N HIS F 192 -18.38 -39.70 15.00
CA HIS F 192 -17.93 -40.02 13.63
C HIS F 192 -17.63 -38.75 12.84
N LEU F 193 -18.52 -37.78 12.97
CA LEU F 193 -18.35 -36.47 12.35
C LEU F 193 -17.01 -35.84 12.77
N ALA F 194 -16.67 -35.96 14.05
CA ALA F 194 -15.41 -35.44 14.58
C ALA F 194 -14.26 -36.17 13.95
N ARG F 195 -14.33 -37.50 13.93
CA ARG F 195 -13.26 -38.27 13.34
C ARG F 195 -13.04 -37.92 11.86
N ILE F 196 -14.14 -37.76 11.11
CA ILE F 196 -14.02 -37.37 9.72
C ILE F 196 -13.22 -36.07 9.68
N THR F 197 -13.60 -35.12 10.52
CA THR F 197 -12.87 -33.87 10.43
C THR F 197 -11.40 -34.06 10.81
N GLU F 198 -11.09 -34.86 11.84
CA GLU F 198 -9.68 -34.98 12.20
C GLU F 198 -8.89 -35.73 11.13
N MSE F 199 -9.57 -36.55 10.35
CA MSE F 199 -8.93 -37.30 9.28
C MSE F 199 -8.65 -36.42 8.06
O MSE F 199 -8.13 -36.89 7.05
CB MSE F 199 -9.78 -38.50 8.90
CG MSE F 199 -9.67 -39.66 9.86
SE MSE F 199 -10.97 -41.00 9.37
CE MSE F 199 -10.10 -41.69 7.75
N GLY F 200 -8.99 -35.15 8.16
CA GLY F 200 -8.78 -34.22 7.08
C GLY F 200 -9.83 -34.35 5.98
N LEU F 201 -10.89 -35.11 6.23
CA LEU F 201 -11.98 -35.19 5.25
C LEU F 201 -13.15 -34.24 5.56
N VAL F 202 -14.06 -34.07 4.59
CA VAL F 202 -15.22 -33.17 4.74
C VAL F 202 -16.42 -33.93 5.35
N PRO F 203 -16.79 -33.59 6.60
CA PRO F 203 -17.89 -34.32 7.23
C PRO F 203 -19.25 -33.76 6.85
N PHE F 204 -20.25 -34.64 6.80
CA PHE F 204 -21.65 -34.22 6.68
C PHE F 204 -22.58 -35.24 7.31
N HIS F 205 -23.71 -34.76 7.83
CA HIS F 205 -24.71 -35.62 8.45
C HIS F 205 -25.64 -36.24 7.41
N THR F 206 -25.86 -37.54 7.54
CA THR F 206 -26.70 -38.28 6.60
C THR F 206 -28.15 -37.81 6.58
N ASP F 207 -28.50 -36.89 7.46
CA ASP F 207 -29.79 -36.24 7.37
C ASP F 207 -29.73 -35.25 6.19
N GLU F 208 -28.53 -34.76 5.91
CA GLU F 208 -28.35 -33.75 4.85
C GLU F 208 -28.01 -34.39 3.51
N LEU F 209 -27.93 -35.72 3.48
CA LEU F 209 -27.41 -36.49 2.34
C LEU F 209 -27.88 -36.02 0.96
N LYS F 210 -29.19 -35.83 0.80
CA LYS F 210 -29.77 -35.36 -0.45
C LYS F 210 -28.87 -34.29 -1.08
N GLU F 211 -28.65 -33.21 -0.34
CA GLU F 211 -27.84 -32.06 -0.74
C GLU F 211 -26.40 -32.34 -1.11
N HIS F 212 -25.79 -33.32 -0.46
CA HIS F 212 -24.35 -33.52 -0.59
C HIS F 212 -23.93 -34.42 -1.75
N VAL F 213 -24.88 -35.17 -2.30
CA VAL F 213 -24.61 -36.06 -3.43
C VAL F 213 -25.02 -35.45 -4.77
N LYS F 214 -25.54 -34.22 -4.71
CA LYS F 214 -25.91 -33.47 -5.92
C LYS F 214 -24.84 -33.51 -7.01
N ASP F 215 -23.60 -33.17 -6.66
CA ASP F 215 -22.49 -33.10 -7.62
C ASP F 215 -21.29 -33.97 -7.22
N ILE F 216 -21.53 -35.26 -6.97
CA ILE F 216 -20.41 -36.14 -6.71
C ILE F 216 -20.18 -37.13 -7.85
N ASP F 217 -18.97 -37.65 -7.93
CA ASP F 217 -18.59 -38.54 -9.01
C ASP F 217 -18.79 -39.99 -8.61
N ILE F 218 -18.36 -40.35 -7.41
CA ILE F 218 -18.44 -41.72 -6.92
C ILE F 218 -18.99 -41.69 -5.51
N CYS F 219 -20.04 -42.47 -5.26
CA CYS F 219 -20.65 -42.52 -3.93
C CYS F 219 -20.60 -43.92 -3.36
N ILE F 220 -19.71 -44.16 -2.41
CA ILE F 220 -19.52 -45.50 -1.88
C ILE F 220 -20.33 -45.72 -0.62
N ASN F 221 -21.25 -46.69 -0.66
CA ASN F 221 -22.12 -46.97 0.49
C ASN F 221 -21.60 -48.04 1.45
N THR F 222 -21.73 -47.75 2.73
CA THR F 222 -21.33 -48.69 3.77
C THR F 222 -22.49 -49.05 4.71
N ILE F 223 -23.65 -48.42 4.54
CA ILE F 223 -24.73 -48.57 5.52
C ILE F 223 -25.72 -49.71 5.20
N PRO F 224 -25.85 -50.71 6.11
CA PRO F 224 -26.76 -51.83 5.87
C PRO F 224 -28.19 -51.41 6.17
N SER F 225 -28.74 -50.56 5.31
CA SER F 225 -30.05 -49.93 5.55
C SER F 225 -30.33 -48.99 4.38
N MSE F 226 -31.57 -49.00 3.90
CA MSE F 226 -31.97 -48.18 2.74
C MSE F 226 -31.75 -46.68 2.99
O MSE F 226 -32.57 -46.02 3.62
CB MSE F 226 -33.44 -48.44 2.36
CG MSE F 226 -34.04 -47.46 1.36
SE MSE F 226 -33.35 -47.72 -0.46
CE MSE F 226 -34.93 -48.54 -1.28
N ILE F 227 -30.65 -46.15 2.47
CA ILE F 227 -30.31 -44.74 2.64
C ILE F 227 -30.31 -43.93 1.31
N LEU F 228 -29.83 -44.53 0.23
CA LEU F 228 -29.86 -43.94 -1.12
C LEU F 228 -31.19 -44.27 -1.80
N ASN F 229 -32.25 -43.58 -1.36
CA ASN F 229 -33.58 -43.87 -1.88
C ASN F 229 -34.03 -42.94 -2.99
N GLN F 230 -35.27 -43.14 -3.43
CA GLN F 230 -35.90 -42.28 -4.42
C GLN F 230 -35.72 -40.76 -4.16
N THR F 231 -35.91 -40.32 -2.91
CA THR F 231 -35.71 -38.89 -2.59
C THR F 231 -34.27 -38.46 -2.88
N VAL F 232 -33.30 -39.29 -2.49
CA VAL F 232 -31.90 -38.96 -2.68
C VAL F 232 -31.53 -39.03 -4.15
N LEU F 233 -31.84 -40.15 -4.79
CA LEU F 233 -31.40 -40.42 -6.16
C LEU F 233 -31.98 -39.44 -7.18
N SER F 234 -33.13 -38.87 -6.88
CA SER F 234 -33.78 -37.93 -7.80
C SER F 234 -32.97 -36.64 -8.01
N SER F 235 -32.11 -36.33 -7.04
CA SER F 235 -31.25 -35.14 -7.10
C SER F 235 -29.93 -35.38 -7.82
N MSE F 236 -29.65 -36.65 -8.14
CA MSE F 236 -28.39 -37.02 -8.75
C MSE F 236 -28.45 -36.96 -10.28
O MSE F 236 -29.50 -37.22 -10.88
CB MSE F 236 -28.02 -38.44 -8.36
CG MSE F 236 -27.70 -38.65 -6.90
SE MSE F 236 -27.25 -40.54 -6.60
CE MSE F 236 -25.57 -40.64 -7.57
N THR F 237 -27.31 -36.62 -10.89
CA THR F 237 -27.16 -36.66 -12.33
C THR F 237 -26.73 -38.06 -12.73
N PRO F 238 -27.11 -38.50 -13.94
CA PRO F 238 -26.60 -39.74 -14.56
C PRO F 238 -25.07 -39.93 -14.54
N LYS F 239 -24.33 -38.89 -14.19
CA LYS F 239 -22.88 -38.91 -14.24
C LYS F 239 -22.23 -39.59 -13.02
N THR F 240 -23.05 -40.02 -12.08
CA THR F 240 -22.54 -40.53 -10.83
C THR F 240 -22.57 -42.04 -10.74
N LEU F 241 -21.49 -42.60 -10.22
CA LEU F 241 -21.37 -44.03 -10.04
C LEU F 241 -21.63 -44.39 -8.59
N ILE F 242 -22.60 -45.24 -8.32
CA ILE F 242 -22.77 -45.75 -6.96
C ILE F 242 -22.11 -47.12 -6.77
N LEU F 243 -21.23 -47.22 -5.78
CA LEU F 243 -20.69 -48.52 -5.37
C LEU F 243 -21.26 -48.94 -4.02
N ASP F 244 -22.21 -49.88 -4.03
CA ASP F 244 -22.86 -50.34 -2.79
C ASP F 244 -22.27 -51.65 -2.23
N LEU F 245 -21.54 -51.51 -1.13
CA LEU F 245 -20.78 -52.59 -0.55
C LEU F 245 -21.57 -53.38 0.48
N ALA F 246 -22.58 -52.74 1.06
CA ALA F 246 -23.33 -53.36 2.15
C ALA F 246 -24.03 -54.67 1.74
N SER F 247 -24.09 -55.60 2.69
CA SER F 247 -24.82 -56.85 2.54
C SER F 247 -26.18 -56.68 1.88
N ARG F 248 -26.59 -57.74 1.17
CA ARG F 248 -27.90 -57.84 0.53
C ARG F 248 -29.01 -57.35 1.48
N PRO F 249 -30.00 -56.58 1.00
CA PRO F 249 -30.23 -56.08 -0.34
C PRO F 249 -29.63 -54.69 -0.54
N GLY F 250 -28.59 -54.38 0.23
CA GLY F 250 -27.88 -53.11 0.17
C GLY F 250 -28.66 -51.92 0.68
N GLY F 251 -28.12 -50.73 0.45
CA GLY F 251 -28.78 -49.52 0.86
C GLY F 251 -29.30 -48.67 -0.29
N THR F 252 -29.54 -49.28 -1.45
CA THR F 252 -29.94 -48.51 -2.64
C THR F 252 -31.28 -48.96 -3.27
N ASP F 253 -31.99 -47.99 -3.85
CA ASP F 253 -33.16 -48.25 -4.68
C ASP F 253 -32.67 -48.39 -6.12
N PHE F 254 -32.12 -49.57 -6.44
CA PHE F 254 -31.48 -49.80 -7.73
C PHE F 254 -32.49 -49.63 -8.86
N LYS F 255 -33.66 -50.22 -8.67
CA LYS F 255 -34.72 -50.15 -9.67
C LYS F 255 -35.04 -48.69 -10.08
N TYR F 256 -34.81 -47.76 -9.16
CA TYR F 256 -35.02 -46.33 -9.41
C TYR F 256 -33.80 -45.70 -10.04
N ALA F 257 -32.61 -46.11 -9.56
CA ALA F 257 -31.35 -45.65 -10.12
C ALA F 257 -31.26 -46.08 -11.57
N GLU F 258 -31.65 -47.35 -11.83
CA GLU F 258 -31.80 -47.89 -13.17
C GLU F 258 -32.72 -46.99 -14.00
N LYS F 259 -33.90 -46.71 -13.48
CA LYS F 259 -34.90 -45.89 -14.19
C LYS F 259 -34.37 -44.50 -14.54
N GLN F 260 -33.56 -43.93 -13.66
CA GLN F 260 -33.08 -42.56 -13.83
C GLN F 260 -31.72 -42.49 -14.56
N GLY F 261 -31.21 -43.66 -14.97
CA GLY F 261 -30.02 -43.72 -15.81
C GLY F 261 -28.70 -43.75 -15.05
N ILE F 262 -28.75 -44.06 -13.76
CA ILE F 262 -27.56 -44.04 -12.90
C ILE F 262 -26.99 -45.44 -12.66
N LYS F 263 -25.73 -45.66 -13.04
CA LYS F 263 -25.12 -46.96 -12.83
C LYS F 263 -24.81 -47.11 -11.34
N ALA F 264 -25.60 -47.96 -10.68
CA ALA F 264 -25.36 -48.37 -9.30
C ALA F 264 -25.06 -49.86 -9.27
N LEU F 265 -24.05 -50.24 -8.50
CA LEU F 265 -23.60 -51.61 -8.44
C LEU F 265 -23.66 -52.18 -7.03
N LEU F 266 -24.00 -53.46 -6.95
CA LEU F 266 -23.88 -54.22 -5.72
C LEU F 266 -22.65 -55.13 -5.85
N ALA F 267 -21.79 -55.11 -4.83
CA ALA F 267 -20.53 -55.84 -4.93
C ALA F 267 -20.24 -56.67 -3.69
N PRO F 268 -20.93 -57.82 -3.57
CA PRO F 268 -20.77 -58.78 -2.46
C PRO F 268 -19.42 -59.46 -2.49
N GLY F 269 -18.94 -59.82 -1.30
CA GLY F 269 -17.74 -60.67 -1.15
C GLY F 269 -16.52 -60.29 -1.98
N LEU F 270 -16.20 -59.00 -2.00
CA LEU F 270 -15.10 -58.49 -2.77
C LEU F 270 -13.75 -59.07 -2.35
N PRO F 271 -13.47 -59.23 -1.04
CA PRO F 271 -12.23 -59.86 -0.55
C PRO F 271 -11.96 -61.28 -1.09
N GLY F 272 -12.98 -62.12 -1.06
CA GLY F 272 -12.97 -63.42 -1.73
C GLY F 272 -12.59 -63.30 -3.21
N ILE F 273 -13.22 -62.37 -3.92
CA ILE F 273 -12.92 -62.17 -5.36
C ILE F 273 -11.51 -61.58 -5.68
N VAL F 274 -11.11 -60.53 -4.97
CA VAL F 274 -9.95 -59.73 -5.37
C VAL F 274 -8.62 -60.16 -4.77
N ALA F 275 -8.63 -60.59 -3.51
CA ALA F 275 -7.42 -61.03 -2.84
C ALA F 275 -7.62 -62.30 -2.00
N PRO F 276 -7.86 -63.44 -2.68
CA PRO F 276 -8.14 -64.68 -1.96
C PRO F 276 -6.97 -65.09 -1.07
N LYS F 277 -5.75 -64.81 -1.47
CA LYS F 277 -4.58 -65.14 -0.63
C LYS F 277 -4.55 -64.33 0.66
N THR F 278 -4.90 -63.05 0.57
CA THR F 278 -4.91 -62.15 1.70
C THR F 278 -6.15 -62.41 2.54
N ALA F 279 -7.30 -62.59 1.88
CA ALA F 279 -8.53 -62.90 2.61
C ALA F 279 -8.37 -64.18 3.42
N GLY F 280 -7.66 -65.15 2.83
CA GLY F 280 -7.37 -66.40 3.48
C GLY F 280 -6.40 -66.24 4.65
N GLN F 281 -5.29 -65.55 4.40
CA GLN F 281 -4.36 -65.18 5.46
C GLN F 281 -5.02 -64.51 6.67
N ILE F 282 -5.94 -63.59 6.41
CA ILE F 282 -6.72 -62.97 7.48
C ILE F 282 -7.46 -64.05 8.27
N LEU F 283 -8.01 -65.03 7.56
CA LEU F 283 -8.74 -66.08 8.22
C LEU F 283 -7.79 -67.02 8.95
N ALA F 284 -6.74 -67.48 8.26
CA ALA F 284 -5.71 -68.28 8.90
C ALA F 284 -5.28 -67.68 10.24
N ASN F 285 -4.81 -66.43 10.21
CA ASN F 285 -4.12 -65.80 11.34
C ASN F 285 -4.96 -65.65 12.62
N VAL F 286 -6.25 -65.39 12.41
CA VAL F 286 -7.24 -65.31 13.49
C VAL F 286 -7.63 -66.70 14.00
N LEU F 287 -7.77 -67.67 13.09
CA LEU F 287 -8.03 -69.06 13.47
C LEU F 287 -6.86 -69.61 14.30
N SER F 288 -5.64 -69.28 13.89
CA SER F 288 -4.47 -69.75 14.62
C SER F 288 -4.51 -69.19 16.04
N LYS F 289 -4.76 -67.88 16.15
CA LYS F 289 -4.93 -67.23 17.44
C LYS F 289 -5.98 -67.98 18.27
N LEU F 290 -7.16 -68.20 17.70
CA LEU F 290 -8.31 -68.78 18.42
C LEU F 290 -8.14 -70.25 18.81
N LEU F 291 -7.48 -71.02 17.96
CA LEU F 291 -7.32 -72.44 18.22
C LEU F 291 -6.35 -72.69 19.36
N ALA F 292 -5.37 -71.80 19.52
CA ALA F 292 -4.41 -71.93 20.61
C ALA F 292 -5.10 -71.75 21.95
N GLU F 293 -6.17 -70.95 21.97
CA GLU F 293 -7.00 -70.83 23.18
C GLU F 293 -7.61 -72.19 23.48
N ILE F 294 -8.32 -72.74 22.50
CA ILE F 294 -8.89 -74.09 22.61
C ILE F 294 -7.85 -75.10 23.12
N GLN F 295 -6.66 -75.08 22.51
CA GLN F 295 -5.56 -75.96 22.92
C GLN F 295 -5.26 -75.87 24.42
N ALA F 296 -5.42 -74.68 24.98
CA ALA F 296 -5.03 -74.44 26.36
C ALA F 296 -5.93 -75.17 27.38
N GLU F 297 -7.24 -75.03 27.25
CA GLU F 297 -8.15 -75.55 28.28
C GLU F 297 -8.60 -76.98 28.01
N GLU F 298 -7.98 -77.63 27.02
CA GLU F 298 -8.20 -79.05 26.73
C GLU F 298 -9.68 -79.42 26.61
N ASN G 2 29.68 -52.30 6.24
CA ASN G 2 31.01 -52.97 6.12
C ASN G 2 32.16 -52.05 5.64
N ALA G 3 31.80 -50.98 4.91
CA ALA G 3 32.77 -50.08 4.29
C ALA G 3 33.59 -49.27 5.30
N MSE G 4 34.93 -49.43 5.27
CA MSE G 4 35.84 -48.77 6.22
C MSE G 4 36.73 -47.65 5.60
O MSE G 4 37.07 -47.68 4.41
CB MSE G 4 36.70 -49.80 6.96
CG MSE G 4 35.92 -50.86 7.74
SE MSE G 4 35.16 -50.26 9.44
CE MSE G 4 33.33 -49.82 8.92
N LEU G 5 37.09 -46.66 6.41
CA LEU G 5 37.99 -45.59 5.99
C LEU G 5 39.32 -45.73 6.71
N THR G 6 39.76 -46.97 6.84
CA THR G 6 40.94 -47.33 7.61
C THR G 6 42.23 -46.61 7.22
N GLY G 7 42.56 -46.61 5.92
CA GLY G 7 43.80 -46.04 5.45
C GLY G 7 43.65 -44.57 5.10
N LEU G 8 43.23 -43.78 6.08
CA LEU G 8 42.88 -42.39 5.80
C LEU G 8 43.10 -41.54 7.02
N LYS G 9 43.90 -40.51 6.83
CA LYS G 9 44.32 -39.63 7.90
C LYS G 9 43.52 -38.34 7.74
N ILE G 10 42.83 -37.91 8.77
CA ILE G 10 41.90 -36.78 8.66
C ILE G 10 42.04 -35.75 9.79
N ALA G 11 42.05 -34.47 9.45
CA ALA G 11 42.04 -33.40 10.47
C ALA G 11 40.65 -32.81 10.62
N VAL G 12 40.11 -32.87 11.82
CA VAL G 12 38.82 -32.22 12.08
C VAL G 12 39.05 -31.01 12.92
N ILE G 13 38.97 -29.83 12.30
CA ILE G 13 39.31 -28.58 12.99
C ILE G 13 38.04 -27.79 13.27
N GLY G 14 37.72 -27.64 14.55
CA GLY G 14 36.58 -26.82 15.04
C GLY G 14 35.22 -27.50 14.97
N GLY G 15 34.12 -26.78 15.24
CA GLY G 15 32.74 -27.32 15.04
C GLY G 15 31.71 -27.27 16.19
N ASP G 16 30.49 -27.72 15.91
CA ASP G 16 29.39 -27.77 16.90
C ASP G 16 29.28 -29.15 17.45
N ALA G 17 28.17 -29.34 18.16
CA ALA G 17 27.54 -30.63 18.41
C ALA G 17 27.46 -31.52 17.17
N ARG G 18 27.23 -30.92 15.98
CA ARG G 18 27.20 -31.67 14.73
C ARG G 18 28.51 -32.42 14.50
N GLN G 19 29.64 -31.71 14.50
CA GLN G 19 30.92 -32.33 14.27
C GLN G 19 31.15 -33.57 15.15
N LEU G 20 30.49 -33.64 16.31
CA LEU G 20 30.63 -34.83 17.18
C LEU G 20 30.04 -36.06 16.47
N GLU G 21 28.92 -35.85 15.79
CA GLU G 21 28.30 -36.89 14.99
C GLU G 21 29.15 -37.34 13.82
N ILE G 22 29.85 -36.38 13.19
CA ILE G 22 30.77 -36.67 12.09
C ILE G 22 31.93 -37.47 12.61
N ILE G 23 32.42 -37.09 13.78
CA ILE G 23 33.56 -37.77 14.35
C ILE G 23 33.17 -39.18 14.74
N ARG G 24 32.00 -39.31 15.35
CA ARG G 24 31.48 -40.61 15.73
C ARG G 24 31.62 -41.59 14.56
N LYS G 25 31.07 -41.21 13.41
CA LYS G 25 31.07 -42.05 12.22
C LYS G 25 32.47 -42.31 11.73
N LEU G 26 33.27 -41.26 11.63
CA LEU G 26 34.59 -41.42 11.03
C LEU G 26 35.45 -42.34 11.89
N THR G 27 35.26 -42.27 13.20
CA THR G 27 35.98 -43.15 14.13
C THR G 27 35.37 -44.54 14.05
N GLU G 28 34.06 -44.63 13.96
CA GLU G 28 33.44 -45.94 13.78
C GLU G 28 34.00 -46.66 12.56
N GLN G 29 34.49 -45.90 11.57
CA GLN G 29 35.12 -46.50 10.36
C GLN G 29 36.65 -46.49 10.39
N GLN G 30 37.18 -46.27 11.58
CA GLN G 30 38.59 -46.41 11.89
C GLN G 30 39.50 -45.63 10.99
N ALA G 31 39.20 -44.35 10.83
CA ALA G 31 40.11 -43.44 10.16
C ALA G 31 40.98 -42.82 11.24
N ASP G 32 42.22 -42.48 10.90
CA ASP G 32 43.10 -41.84 11.88
C ASP G 32 42.80 -40.34 11.97
N ILE G 33 42.32 -39.87 13.12
CA ILE G 33 41.74 -38.52 13.17
C ILE G 33 42.45 -37.58 14.13
N TYR G 34 42.72 -36.36 13.67
CA TYR G 34 43.34 -35.35 14.54
C TYR G 34 42.33 -34.28 14.86
N LEU G 35 42.19 -34.00 16.14
CA LEU G 35 41.04 -33.27 16.62
C LEU G 35 41.47 -31.97 17.27
N VAL G 36 41.16 -30.86 16.61
CA VAL G 36 41.52 -29.55 17.16
C VAL G 36 40.28 -28.74 17.47
N GLY G 37 40.26 -28.13 18.65
CA GLY G 37 39.11 -27.34 19.07
C GLY G 37 38.18 -28.10 20.00
N PHE G 38 38.69 -29.14 20.66
CA PHE G 38 37.83 -29.95 21.50
C PHE G 38 38.34 -30.22 22.91
N ASP G 39 39.26 -29.38 23.38
CA ASP G 39 39.90 -29.52 24.70
C ASP G 39 38.91 -29.38 25.86
N GLN G 40 37.87 -28.61 25.65
CA GLN G 40 36.81 -28.42 26.65
C GLN G 40 35.76 -29.52 26.57
N LEU G 41 36.02 -30.55 25.76
CA LEU G 41 35.09 -31.69 25.63
C LEU G 41 35.48 -32.82 26.57
N ASP G 42 34.46 -33.35 27.27
CA ASP G 42 34.67 -34.21 28.46
C ASP G 42 34.86 -35.72 28.18
N HIS G 43 34.82 -36.11 26.91
CA HIS G 43 35.21 -37.46 26.52
C HIS G 43 36.12 -37.38 25.30
N GLY G 44 36.53 -38.53 24.77
CA GLY G 44 37.31 -38.56 23.52
C GLY G 44 36.68 -39.51 22.52
N PHE G 45 37.43 -39.85 21.48
CA PHE G 45 36.92 -40.77 20.44
C PHE G 45 37.93 -41.86 20.11
N THR G 46 37.43 -43.06 19.79
CA THR G 46 38.30 -44.18 19.43
C THR G 46 39.14 -43.89 18.18
N GLY G 47 40.45 -43.83 18.34
CA GLY G 47 41.36 -43.68 17.22
C GLY G 47 41.66 -42.23 16.85
N ALA G 48 41.37 -41.30 17.76
CA ALA G 48 41.49 -39.88 17.47
C ALA G 48 42.12 -39.09 18.60
N VAL G 49 43.23 -38.38 18.33
CA VAL G 49 43.89 -37.54 19.35
C VAL G 49 43.45 -36.11 19.33
N LYS G 50 43.47 -35.47 20.50
CA LYS G 50 43.25 -34.04 20.59
C LYS G 50 44.61 -33.31 20.58
N CYS G 51 44.71 -32.28 19.73
CA CYS G 51 45.92 -31.48 19.61
C CYS G 51 45.64 -30.04 19.09
N ASN G 52 46.71 -29.32 18.80
CA ASN G 52 46.64 -27.98 18.22
C ASN G 52 46.89 -27.99 16.73
N ILE G 53 46.32 -27.03 16.03
CA ILE G 53 46.47 -26.97 14.58
C ILE G 53 47.94 -27.08 14.15
N ASP G 54 48.81 -26.53 15.00
CA ASP G 54 50.25 -26.57 14.73
C ASP G 54 50.90 -27.89 15.14
N GLU G 55 50.10 -28.90 15.46
CA GLU G 55 50.63 -30.22 15.79
C GLU G 55 50.22 -31.28 14.75
N ILE G 56 49.13 -30.99 14.04
CA ILE G 56 48.68 -31.82 12.94
C ILE G 56 49.82 -32.01 11.95
N PRO G 57 50.08 -33.25 11.51
CA PRO G 57 51.15 -33.45 10.54
C PRO G 57 50.55 -33.35 9.14
N PHE G 58 50.34 -32.11 8.71
CA PHE G 58 49.63 -31.82 7.47
C PHE G 58 50.16 -32.50 6.21
N GLN G 59 51.47 -32.63 6.12
CA GLN G 59 52.11 -33.40 5.05
C GLN G 59 51.32 -34.66 4.67
N GLN G 60 50.55 -35.20 5.60
CA GLN G 60 49.93 -36.51 5.44
C GLN G 60 48.44 -36.51 5.46
N ILE G 61 47.85 -35.36 5.75
CA ILE G 61 46.41 -35.29 5.87
C ILE G 61 45.71 -35.47 4.52
N ASP G 62 44.77 -36.40 4.48
CA ASP G 62 44.05 -36.67 3.24
C ASP G 62 42.79 -35.82 3.12
N SER G 63 42.29 -35.35 4.26
CA SER G 63 41.11 -34.50 4.24
C SER G 63 41.01 -33.65 5.48
N ILE G 64 40.43 -32.46 5.33
CA ILE G 64 40.34 -31.52 6.40
C ILE G 64 38.90 -31.16 6.52
N ILE G 65 38.34 -31.32 7.70
CA ILE G 65 36.93 -31.00 7.88
C ILE G 65 36.74 -29.79 8.76
N LEU G 66 36.13 -28.77 8.14
CA LEU G 66 35.81 -27.53 8.81
C LEU G 66 34.32 -27.47 9.23
N PRO G 67 33.96 -26.51 10.12
CA PRO G 67 32.55 -26.37 10.47
C PRO G 67 31.69 -25.97 9.30
N VAL G 68 30.38 -26.06 9.49
CA VAL G 68 29.42 -25.54 8.51
C VAL G 68 29.83 -24.13 8.13
N SER G 69 30.12 -23.34 9.16
CA SER G 69 30.35 -21.90 9.09
C SER G 69 31.84 -21.65 8.97
N ALA G 70 32.40 -22.05 7.84
CA ALA G 70 33.83 -22.38 7.79
C ALA G 70 34.75 -21.55 8.69
N THR G 71 35.05 -20.32 8.29
CA THR G 71 36.05 -19.55 8.98
C THR G 71 35.80 -18.04 8.79
N THR G 72 36.29 -17.18 9.67
CA THR G 72 36.09 -15.70 9.49
C THR G 72 37.14 -15.07 8.55
N GLY G 73 37.15 -13.75 8.46
CA GLY G 73 38.06 -13.06 7.55
C GLY G 73 39.51 -13.05 8.04
N GLU G 74 39.69 -13.03 9.37
CA GLU G 74 41.01 -13.17 9.96
C GLU G 74 41.39 -14.67 9.95
N GLY G 75 40.43 -15.52 9.56
CA GLY G 75 40.65 -16.95 9.41
C GLY G 75 40.56 -17.71 10.72
N VAL G 76 39.72 -17.22 11.62
CA VAL G 76 39.54 -17.90 12.90
C VAL G 76 38.40 -18.90 12.79
N VAL G 77 38.75 -20.16 13.02
CA VAL G 77 37.83 -21.29 12.91
C VAL G 77 36.88 -21.30 14.09
N SER G 78 35.59 -21.34 13.78
CA SER G 78 34.54 -21.47 14.79
C SER G 78 34.72 -22.69 15.71
N THR G 79 34.81 -22.48 17.03
CA THR G 79 34.99 -23.59 17.98
C THR G 79 34.13 -23.45 19.23
N VAL G 80 33.13 -24.31 19.37
CA VAL G 80 32.22 -24.26 20.53
C VAL G 80 32.80 -25.06 21.74
N PHE G 81 33.91 -25.75 21.51
CA PHE G 81 34.46 -26.65 22.50
C PHE G 81 35.93 -26.39 22.77
N SER G 82 36.29 -25.12 22.74
CA SER G 82 37.64 -24.68 23.08
C SER G 82 37.58 -23.30 23.71
N ASN G 83 38.33 -23.10 24.78
CA ASN G 83 38.47 -21.79 25.39
C ASN G 83 39.41 -20.98 24.53
N GLU G 84 40.13 -21.71 23.69
CA GLU G 84 41.39 -21.29 23.11
C GLU G 84 41.25 -21.20 21.59
N GLU G 85 41.79 -20.11 21.03
CA GLU G 85 41.52 -19.68 19.64
C GLU G 85 42.25 -20.46 18.55
N VAL G 86 41.48 -21.04 17.64
CA VAL G 86 42.03 -21.78 16.51
C VAL G 86 42.04 -20.94 15.23
N VAL G 87 43.21 -20.79 14.63
CA VAL G 87 43.32 -20.00 13.40
C VAL G 87 43.94 -20.83 12.27
N LEU G 88 43.26 -20.83 11.13
CA LEU G 88 43.66 -21.65 9.98
C LEU G 88 44.41 -20.86 8.93
N LYS G 89 45.71 -21.13 8.80
CA LYS G 89 46.58 -20.36 7.96
C LYS G 89 46.79 -20.96 6.56
N GLN G 90 47.27 -20.15 5.60
CA GLN G 90 47.65 -20.60 4.27
C GLN G 90 48.64 -21.76 4.30
N ASP G 91 49.73 -21.57 5.05
CA ASP G 91 50.82 -22.55 5.20
C ASP G 91 50.23 -23.92 5.52
N HIS G 92 49.22 -23.95 6.40
CA HIS G 92 48.59 -25.21 6.77
C HIS G 92 48.14 -25.94 5.54
N LEU G 93 47.45 -25.24 4.65
CA LEU G 93 46.99 -25.84 3.42
C LEU G 93 48.11 -26.17 2.43
N ASP G 94 49.12 -25.32 2.35
CA ASP G 94 50.29 -25.61 1.47
C ASP G 94 51.00 -26.91 1.84
N ARG G 95 51.14 -27.18 3.15
CA ARG G 95 51.85 -28.35 3.72
C ARG G 95 51.20 -29.68 3.29
N THR G 96 49.91 -29.58 3.01
CA THR G 96 48.97 -30.67 2.67
C THR G 96 49.26 -31.38 1.32
N PRO G 97 48.98 -32.70 1.22
CA PRO G 97 49.21 -33.42 -0.05
C PRO G 97 48.28 -32.97 -1.17
N ALA G 98 48.79 -32.97 -2.40
CA ALA G 98 48.04 -32.48 -3.55
C ALA G 98 46.55 -32.85 -3.55
N HIS G 99 46.23 -34.07 -3.12
CA HIS G 99 44.88 -34.61 -3.27
C HIS G 99 43.99 -34.26 -2.09
N CYS G 100 44.58 -33.65 -1.06
CA CYS G 100 43.85 -33.43 0.16
C CYS G 100 42.62 -32.56 -0.09
N VAL G 101 41.47 -33.04 0.37
CA VAL G 101 40.21 -32.34 0.14
C VAL G 101 39.80 -31.68 1.42
N ILE G 102 39.43 -30.41 1.28
CA ILE G 102 38.98 -29.60 2.39
C ILE G 102 37.50 -29.52 2.30
N PHE G 103 36.81 -29.89 3.38
CA PHE G 103 35.36 -29.90 3.43
C PHE G 103 34.84 -28.81 4.33
N SER G 104 33.73 -28.21 3.93
CA SER G 104 33.09 -27.16 4.73
C SER G 104 31.62 -27.03 4.39
N GLY G 105 30.92 -26.19 5.14
CA GLY G 105 29.49 -26.10 5.02
C GLY G 105 29.09 -25.14 3.94
N ILE G 106 29.16 -23.86 4.26
CA ILE G 106 28.73 -22.81 3.35
C ILE G 106 29.92 -22.01 2.83
N SER G 107 29.61 -21.02 1.99
CA SER G 107 30.58 -20.11 1.39
C SER G 107 31.33 -19.29 2.44
N ASN G 108 32.53 -18.88 2.09
CA ASN G 108 33.31 -17.99 2.91
C ASN G 108 34.57 -17.59 2.16
N ALA G 109 34.81 -16.29 2.06
CA ALA G 109 35.80 -15.77 1.12
C ALA G 109 37.24 -16.11 1.50
N TYR G 110 37.51 -16.13 2.81
CA TYR G 110 38.85 -16.42 3.28
C TYR G 110 39.27 -17.83 2.89
N LEU G 111 38.38 -18.78 3.20
CA LEU G 111 38.63 -20.19 2.95
C LEU G 111 38.84 -20.41 1.47
N GLU G 112 37.91 -19.87 0.69
CA GLU G 112 37.97 -20.03 -0.73
C GLU G 112 39.31 -19.57 -1.28
N ASN G 113 39.70 -18.33 -0.95
CA ASN G 113 41.04 -17.83 -1.28
C ASN G 113 42.22 -18.75 -0.98
N ILE G 114 42.43 -19.09 0.29
CA ILE G 114 43.59 -19.90 0.62
C ILE G 114 43.53 -21.29 0.02
N ALA G 115 42.33 -21.82 -0.19
CA ALA G 115 42.23 -23.14 -0.82
C ALA G 115 42.67 -22.98 -2.27
N ALA G 116 42.06 -22.01 -2.95
CA ALA G 116 42.37 -21.70 -4.34
C ALA G 116 43.88 -21.53 -4.51
N GLN G 117 44.50 -20.67 -3.72
CA GLN G 117 45.94 -20.40 -3.85
C GLN G 117 46.87 -21.59 -3.52
N ALA G 118 46.46 -22.44 -2.59
CA ALA G 118 47.20 -23.65 -2.25
C ALA G 118 46.93 -24.74 -3.29
N LYS G 119 46.01 -24.45 -4.21
CA LYS G 119 45.63 -25.39 -5.26
C LYS G 119 45.09 -26.69 -4.61
N ARG G 120 44.17 -26.54 -3.68
CA ARG G 120 43.58 -27.69 -2.99
C ARG G 120 42.09 -27.63 -3.10
N LYS G 121 41.46 -28.77 -3.40
CA LYS G 121 40.04 -28.79 -3.71
C LYS G 121 39.22 -28.48 -2.47
N LEU G 122 38.18 -27.68 -2.62
CA LEU G 122 37.38 -27.31 -1.48
C LEU G 122 35.96 -27.68 -1.77
N VAL G 123 35.38 -28.54 -0.95
CA VAL G 123 33.98 -28.92 -1.14
C VAL G 123 33.08 -28.27 -0.11
N LYS G 124 31.97 -27.74 -0.57
CA LYS G 124 31.08 -27.06 0.34
C LYS G 124 29.78 -27.82 0.37
N LEU G 125 29.61 -28.61 1.42
CA LEU G 125 28.53 -29.59 1.44
C LEU G 125 27.17 -28.98 1.23
N PHE G 126 26.98 -27.74 1.68
CA PHE G 126 25.65 -27.14 1.61
C PHE G 126 25.21 -26.81 0.19
N GLU G 127 26.13 -26.84 -0.76
CA GLU G 127 25.76 -26.58 -2.16
C GLU G 127 25.27 -27.83 -2.93
N ARG G 128 25.31 -29.01 -2.29
CA ARG G 128 24.89 -30.27 -2.90
C ARG G 128 23.42 -30.54 -2.71
N ASP G 129 22.84 -31.34 -3.60
CA ASP G 129 21.41 -31.59 -3.54
C ASP G 129 20.97 -32.55 -2.44
N ASP G 130 21.71 -33.64 -2.25
CA ASP G 130 21.39 -34.51 -1.14
C ASP G 130 21.39 -33.71 0.17
N ILE G 131 22.46 -32.98 0.43
CA ILE G 131 22.57 -32.23 1.67
C ILE G 131 21.40 -31.30 1.85
N ALA G 132 21.03 -30.57 0.79
CA ALA G 132 19.92 -29.64 0.85
C ALA G 132 18.62 -30.37 1.14
N ILE G 133 18.49 -31.59 0.59
CA ILE G 133 17.26 -32.38 0.68
C ILE G 133 17.09 -33.13 2.00
N TYR G 134 18.08 -33.90 2.43
CA TYR G 134 18.12 -34.37 3.80
C TYR G 134 17.88 -33.19 4.72
N ASN G 135 18.58 -32.07 4.51
CA ASN G 135 18.45 -30.97 5.45
C ASN G 135 17.06 -30.36 5.46
N SER G 136 16.28 -30.59 4.42
CA SER G 136 14.96 -29.99 4.35
C SER G 136 14.10 -30.58 5.43
N ILE G 137 14.52 -31.74 5.94
CA ILE G 137 13.73 -32.43 6.97
C ILE G 137 13.83 -31.75 8.33
N PRO G 138 15.04 -31.61 8.89
CA PRO G 138 15.08 -30.88 10.15
C PRO G 138 14.44 -29.55 9.97
N THR G 139 14.73 -28.88 8.84
CA THR G 139 14.25 -27.51 8.66
C THR G 139 12.74 -27.38 8.68
N VAL G 140 12.02 -28.31 8.06
CA VAL G 140 10.56 -28.30 8.21
C VAL G 140 10.12 -28.46 9.66
N GLU G 141 10.84 -29.28 10.44
CA GLU G 141 10.50 -29.46 11.85
C GLU G 141 10.64 -28.12 12.58
N GLY G 142 11.72 -27.40 12.30
CA GLY G 142 11.86 -26.04 12.84
C GLY G 142 10.68 -25.17 12.43
N THR G 143 10.35 -25.18 11.14
CA THR G 143 9.23 -24.40 10.66
C THR G 143 7.98 -24.75 11.47
N ILE G 144 7.71 -26.03 11.66
CA ILE G 144 6.56 -26.49 12.44
C ILE G 144 6.58 -25.86 13.85
N MSE G 145 7.72 -25.97 14.52
CA MSE G 145 7.93 -25.32 15.81
CA MSE G 145 7.93 -25.33 15.81
C MSE G 145 7.52 -23.86 15.73
O MSE G 145 6.60 -23.42 16.43
CB MSE G 145 9.39 -25.44 16.21
CB MSE G 145 9.40 -25.47 16.21
CG MSE G 145 9.63 -25.19 17.66
CG MSE G 145 9.74 -24.90 17.57
SE MSE G 145 8.25 -26.08 18.71
SE MSE G 145 11.63 -25.17 17.94
CE MSE G 145 9.40 -26.57 20.19
CE MSE G 145 12.32 -23.50 17.16
N LEU G 146 8.18 -23.11 14.84
CA LEU G 146 7.88 -21.70 14.71
C LEU G 146 6.38 -21.44 14.54
N ALA G 147 5.69 -22.26 13.75
CA ALA G 147 4.29 -22.02 13.46
C ALA G 147 3.45 -22.26 14.70
N ILE G 148 3.65 -23.41 15.33
CA ILE G 148 2.87 -23.77 16.51
C ILE G 148 3.03 -22.76 17.65
N GLN G 149 4.22 -22.20 17.81
CA GLN G 149 4.44 -21.33 18.96
C GLN G 149 4.13 -19.88 18.67
N HIS G 150 4.02 -19.51 17.39
CA HIS G 150 3.72 -18.13 17.03
C HIS G 150 2.26 -17.94 16.57
N THR G 151 1.40 -18.91 16.83
CA THR G 151 -0.01 -18.86 16.45
C THR G 151 -0.84 -19.38 17.63
N ASP G 152 -2.08 -18.91 17.78
CA ASP G 152 -2.91 -19.38 18.89
C ASP G 152 -3.91 -20.38 18.38
N TYR G 153 -3.76 -20.71 17.11
CA TYR G 153 -4.63 -21.68 16.45
C TYR G 153 -3.87 -22.94 16.07
N THR G 154 -4.64 -23.90 15.57
CA THR G 154 -4.17 -25.21 15.21
C THR G 154 -3.73 -25.18 13.72
N ILE G 155 -2.54 -25.70 13.44
CA ILE G 155 -2.06 -25.83 12.05
C ILE G 155 -3.03 -26.68 11.22
N HIS G 156 -3.50 -27.77 11.82
CA HIS G 156 -4.50 -28.61 11.22
C HIS G 156 -5.80 -27.80 10.92
N GLY G 157 -6.12 -27.64 9.64
CA GLY G 157 -7.32 -26.89 9.23
C GLY G 157 -7.14 -25.39 9.00
N SER G 158 -5.90 -24.92 9.05
CA SER G 158 -5.55 -23.56 8.68
C SER G 158 -5.29 -23.44 7.15
N GLN G 159 -5.05 -22.22 6.67
CA GLN G 159 -4.63 -22.00 5.27
C GLN G 159 -3.15 -21.70 5.26
N VAL G 160 -2.35 -22.60 4.69
CA VAL G 160 -0.91 -22.39 4.64
C VAL G 160 -0.50 -22.23 3.20
N ALA G 161 0.43 -21.32 2.94
CA ALA G 161 0.98 -21.13 1.59
C ALA G 161 2.49 -21.33 1.62
N VAL G 162 2.99 -22.18 0.73
CA VAL G 162 4.41 -22.41 0.59
C VAL G 162 4.82 -21.80 -0.72
N LEU G 163 5.92 -21.04 -0.70
CA LEU G 163 6.41 -20.40 -1.92
C LEU G 163 7.64 -21.12 -2.44
N GLY G 164 7.51 -21.71 -3.62
CA GLY G 164 8.61 -22.37 -4.29
C GLY G 164 8.64 -23.84 -3.97
N LEU G 165 8.67 -24.67 -5.00
CA LEU G 165 8.72 -26.12 -4.81
C LEU G 165 10.11 -26.70 -5.13
N GLY G 166 11.14 -26.09 -4.58
CA GLY G 166 12.48 -26.57 -4.80
C GLY G 166 12.83 -27.63 -3.78
N ARG G 167 14.12 -27.78 -3.51
CA ARG G 167 14.54 -28.90 -2.67
C ARG G 167 13.86 -28.91 -1.30
N THR G 168 13.74 -27.75 -0.66
CA THR G 168 13.10 -27.62 0.65
C THR G 168 11.59 -27.36 0.54
N GLY G 169 11.18 -26.60 -0.45
CA GLY G 169 9.75 -26.33 -0.64
C GLY G 169 8.87 -27.59 -0.65
N MSE G 170 9.35 -28.64 -1.32
CA MSE G 170 8.57 -29.84 -1.50
C MSE G 170 8.37 -30.46 -0.16
O MSE G 170 7.25 -30.77 0.23
CB MSE G 170 9.30 -30.80 -2.43
CG MSE G 170 8.42 -31.31 -3.53
SE MSE G 170 9.20 -32.83 -4.39
CE MSE G 170 9.15 -34.00 -2.86
N THR G 171 9.47 -30.59 0.57
CA THR G 171 9.42 -31.08 1.92
C THR G 171 8.43 -30.28 2.75
N ILE G 172 8.54 -28.96 2.75
CA ILE G 172 7.65 -28.16 3.59
C ILE G 172 6.17 -28.37 3.23
N ALA G 173 5.86 -28.41 1.95
CA ALA G 173 4.47 -28.52 1.56
C ALA G 173 3.90 -29.90 1.88
N ARG G 174 4.63 -30.96 1.54
CA ARG G 174 4.14 -32.30 1.86
C ARG G 174 3.84 -32.35 3.35
N THR G 175 4.81 -31.89 4.14
CA THR G 175 4.75 -32.03 5.59
C THR G 175 3.66 -31.17 6.17
N PHE G 176 3.54 -29.93 5.75
CA PHE G 176 2.42 -29.17 6.29
C PHE G 176 1.05 -29.76 5.89
N ALA G 177 0.98 -30.44 4.73
CA ALA G 177 -0.27 -31.05 4.29
C ALA G 177 -0.55 -32.28 5.18
N ALA G 178 0.46 -33.12 5.37
CA ALA G 178 0.35 -34.29 6.24
C ALA G 178 -0.24 -33.95 7.59
N LEU G 179 -0.05 -32.69 7.98
CA LEU G 179 -0.36 -32.24 9.30
C LEU G 179 -1.75 -31.66 9.37
N GLY G 180 -2.51 -31.80 8.29
CA GLY G 180 -3.93 -31.38 8.28
C GLY G 180 -4.23 -29.97 7.80
N ALA G 181 -3.18 -29.22 7.46
CA ALA G 181 -3.32 -27.89 6.92
C ALA G 181 -3.89 -27.95 5.51
N ASN G 182 -4.48 -26.84 5.09
CA ASN G 182 -4.97 -26.66 3.75
C ASN G 182 -3.87 -25.94 3.04
N VAL G 183 -3.04 -26.71 2.38
CA VAL G 183 -1.81 -26.20 1.83
C VAL G 183 -2.00 -25.82 0.39
N LYS G 184 -1.61 -24.60 0.05
CA LYS G 184 -1.49 -24.12 -1.35
C LYS G 184 -0.02 -23.69 -1.58
N VAL G 185 0.50 -23.94 -2.77
CA VAL G 185 1.91 -23.61 -3.10
C VAL G 185 2.12 -22.99 -4.49
N GLY G 186 2.69 -21.78 -4.50
CA GLY G 186 3.04 -21.13 -5.74
C GLY G 186 4.43 -21.52 -6.19
N ALA G 187 4.60 -21.57 -7.50
CA ALA G 187 5.89 -21.80 -8.12
C ALA G 187 5.75 -21.12 -9.44
N ARG G 188 6.76 -21.23 -10.29
CA ARG G 188 6.67 -20.53 -11.57
C ARG G 188 6.64 -21.49 -12.76
N SER G 189 7.37 -22.60 -12.71
CA SER G 189 7.43 -23.49 -13.90
C SER G 189 6.18 -24.37 -14.01
N SER G 190 5.85 -24.80 -15.23
CA SER G 190 4.67 -25.64 -15.48
C SER G 190 4.76 -26.98 -14.80
N ALA G 191 6.00 -27.46 -14.63
CA ALA G 191 6.35 -28.76 -14.08
C ALA G 191 6.08 -28.78 -12.60
N HIS G 192 6.50 -27.71 -11.95
CA HIS G 192 6.31 -27.60 -10.56
C HIS G 192 4.84 -27.54 -10.28
N LEU G 193 4.15 -26.66 -11.00
CA LEU G 193 2.69 -26.58 -10.90
C LEU G 193 2.01 -27.95 -11.08
N ALA G 194 2.45 -28.75 -12.04
CA ALA G 194 1.88 -30.08 -12.22
C ALA G 194 2.11 -30.98 -10.99
N ARG G 195 3.35 -31.01 -10.49
CA ARG G 195 3.74 -31.86 -9.36
C ARG G 195 2.87 -31.48 -8.18
N ILE G 196 2.67 -30.17 -7.99
CA ILE G 196 1.85 -29.69 -6.89
C ILE G 196 0.45 -30.29 -6.93
N THR G 197 -0.13 -30.40 -8.12
CA THR G 197 -1.43 -31.00 -8.17
C THR G 197 -1.36 -32.54 -8.02
N GLU G 198 -0.26 -33.19 -8.44
CA GLU G 198 -0.24 -34.66 -8.21
C GLU G 198 -0.12 -34.96 -6.76
N MSE G 199 0.78 -34.25 -6.10
CA MSE G 199 0.86 -34.20 -4.64
C MSE G 199 -0.43 -33.82 -3.94
O MSE G 199 -0.47 -33.73 -2.71
CB MSE G 199 1.95 -33.21 -4.21
CG MSE G 199 3.33 -33.75 -4.31
SE MSE G 199 4.55 -32.31 -4.09
CE MSE G 199 4.32 -32.03 -2.18
N GLY G 200 -1.48 -33.55 -4.72
CA GLY G 200 -2.78 -33.22 -4.18
C GLY G 200 -2.91 -31.87 -3.48
N LEU G 201 -1.99 -30.95 -3.73
CA LEU G 201 -2.13 -29.64 -3.15
C LEU G 201 -2.69 -28.63 -4.17
N VAL G 202 -2.86 -27.38 -3.73
CA VAL G 202 -3.42 -26.35 -4.61
C VAL G 202 -2.26 -25.51 -5.12
N PRO G 203 -2.02 -25.53 -6.45
CA PRO G 203 -0.93 -24.75 -7.07
C PRO G 203 -1.37 -23.36 -7.45
N PHE G 204 -0.41 -22.44 -7.56
CA PHE G 204 -0.67 -21.17 -8.24
C PHE G 204 0.63 -20.59 -8.78
N HIS G 205 0.53 -19.73 -9.76
CA HIS G 205 1.71 -19.13 -10.32
C HIS G 205 2.08 -17.88 -9.54
N THR G 206 3.36 -17.70 -9.21
CA THR G 206 3.79 -16.58 -8.32
C THR G 206 3.40 -15.19 -8.83
N ASP G 207 3.31 -15.04 -10.15
CA ASP G 207 2.74 -13.84 -10.80
C ASP G 207 1.40 -13.40 -10.21
N GLU G 208 0.58 -14.35 -9.80
CA GLU G 208 -0.70 -13.98 -9.18
C GLU G 208 -0.61 -14.13 -7.64
N LEU G 209 0.57 -13.87 -7.09
CA LEU G 209 0.81 -14.00 -5.63
C LEU G 209 -0.15 -13.18 -4.77
N LYS G 210 -0.10 -11.86 -4.91
CA LYS G 210 -0.99 -10.93 -4.20
C LYS G 210 -2.38 -11.53 -3.95
N GLU G 211 -2.95 -12.18 -4.96
CA GLU G 211 -4.29 -12.75 -4.82
C GLU G 211 -4.35 -13.97 -3.89
N HIS G 212 -3.34 -14.81 -3.95
CA HIS G 212 -3.43 -16.06 -3.22
C HIS G 212 -3.13 -15.97 -1.75
N VAL G 213 -2.50 -14.88 -1.32
CA VAL G 213 -2.16 -14.68 0.10
C VAL G 213 -2.94 -13.58 0.82
N LYS G 214 -3.94 -13.03 0.13
CA LYS G 214 -4.90 -12.12 0.75
C LYS G 214 -5.30 -12.62 2.12
N ASP G 215 -5.85 -13.83 2.17
CA ASP G 215 -6.50 -14.32 3.37
C ASP G 215 -5.95 -15.64 3.85
N ILE G 216 -4.64 -15.71 4.06
CA ILE G 216 -4.04 -16.94 4.58
C ILE G 216 -3.54 -16.79 5.99
N ASP G 217 -3.29 -17.92 6.64
CA ASP G 217 -2.92 -17.95 8.03
C ASP G 217 -1.42 -17.93 8.11
N ILE G 218 -0.78 -18.84 7.41
CA ILE G 218 0.66 -18.95 7.54
C ILE G 218 1.28 -18.95 6.15
N CYS G 219 2.19 -18.04 5.88
CA CYS G 219 2.88 -18.02 4.59
C CYS G 219 4.36 -18.36 4.79
N ILE G 220 4.78 -19.49 4.23
CA ILE G 220 6.17 -19.90 4.34
C ILE G 220 6.86 -19.67 3.01
N ASN G 221 7.91 -18.86 3.01
CA ASN G 221 8.69 -18.63 1.80
C ASN G 221 10.03 -19.34 1.74
N THR G 222 10.32 -19.87 0.56
CA THR G 222 11.47 -20.70 0.35
C THR G 222 12.33 -20.11 -0.77
N ILE G 223 11.88 -18.98 -1.33
CA ILE G 223 12.46 -18.43 -2.55
C ILE G 223 13.48 -17.31 -2.27
N PRO G 224 14.73 -17.47 -2.76
CA PRO G 224 15.86 -16.53 -2.57
C PRO G 224 15.80 -15.23 -3.43
N SER G 225 14.70 -14.48 -3.32
CA SER G 225 14.47 -13.33 -4.18
C SER G 225 13.36 -12.48 -3.56
N MSE G 226 13.42 -11.16 -3.72
CA MSE G 226 12.34 -10.36 -3.14
C MSE G 226 11.01 -10.80 -3.76
O MSE G 226 10.77 -10.56 -4.95
CB MSE G 226 12.55 -8.88 -3.36
CG MSE G 226 11.33 -8.03 -3.03
SE MSE G 226 10.90 -8.05 -1.16
CE MSE G 226 12.41 -7.00 -0.51
N ILE G 227 10.17 -11.47 -2.99
CA ILE G 227 8.92 -11.95 -3.53
C ILE G 227 7.70 -11.43 -2.76
N LEU G 228 7.82 -11.39 -1.43
CA LEU G 228 6.83 -10.82 -0.57
C LEU G 228 7.11 -9.31 -0.45
N ASN G 229 7.02 -8.63 -1.59
CA ASN G 229 7.35 -7.22 -1.67
C ASN G 229 6.20 -6.39 -1.16
N GLN G 230 6.44 -5.10 -1.06
CA GLN G 230 5.48 -4.13 -0.57
C GLN G 230 4.07 -4.29 -1.13
N THR G 231 3.97 -4.51 -2.44
CA THR G 231 2.67 -4.55 -3.11
C THR G 231 1.84 -5.71 -2.62
N VAL G 232 2.46 -6.91 -2.66
CA VAL G 232 1.94 -8.16 -2.10
C VAL G 232 1.53 -7.97 -0.64
N LEU G 233 2.47 -7.47 0.17
CA LEU G 233 2.28 -7.29 1.61
C LEU G 233 1.13 -6.37 1.93
N SER G 234 0.80 -5.51 0.97
CA SER G 234 -0.24 -4.50 1.12
C SER G 234 -1.65 -5.11 1.14
N SER G 235 -1.77 -6.32 0.60
CA SER G 235 -3.05 -7.03 0.55
C SER G 235 -3.27 -7.92 1.74
N MSE G 236 -2.19 -8.29 2.41
CA MSE G 236 -2.28 -9.13 3.57
C MSE G 236 -2.86 -8.36 4.73
O MSE G 236 -2.81 -7.13 4.78
CB MSE G 236 -0.92 -9.68 3.95
CG MSE G 236 -0.35 -10.61 2.92
SE MSE G 236 1.31 -11.43 3.49
CE MSE G 236 1.09 -11.17 5.41
N THR G 237 -3.42 -9.12 5.67
CA THR G 237 -4.01 -8.58 6.87
C THR G 237 -3.01 -8.98 7.96
N PRO G 238 -3.01 -8.30 9.12
CA PRO G 238 -2.10 -8.75 10.19
C PRO G 238 -2.45 -10.13 10.77
N LYS G 239 -3.42 -10.82 10.20
CA LYS G 239 -3.72 -12.22 10.54
C LYS G 239 -2.67 -13.19 10.03
N THR G 240 -1.85 -12.77 9.05
CA THR G 240 -0.89 -13.65 8.39
C THR G 240 0.48 -13.65 9.07
N LEU G 241 1.05 -14.83 9.28
CA LEU G 241 2.39 -14.99 9.81
C LEU G 241 3.30 -15.40 8.67
N ILE G 242 4.36 -14.66 8.46
CA ILE G 242 5.31 -14.98 7.40
C ILE G 242 6.50 -15.62 8.05
N LEU G 243 6.83 -16.81 7.58
CA LEU G 243 8.02 -17.53 8.00
C LEU G 243 8.91 -17.60 6.79
N ASP G 244 10.00 -16.83 6.83
CA ASP G 244 10.87 -16.70 5.67
C ASP G 244 12.14 -17.49 5.83
N LEU G 245 12.23 -18.62 5.11
CA LEU G 245 13.37 -19.53 5.25
C LEU G 245 14.55 -19.27 4.32
N ALA G 246 14.36 -18.36 3.37
CA ALA G 246 15.34 -18.09 2.33
C ALA G 246 16.55 -17.45 2.98
N SER G 247 17.73 -17.64 2.40
CA SER G 247 18.95 -17.03 2.94
C SER G 247 18.92 -15.51 3.02
N ARG G 248 19.84 -14.91 3.80
CA ARG G 248 19.94 -13.44 3.90
C ARG G 248 19.97 -12.81 2.50
N PRO G 249 19.12 -11.79 2.24
CA PRO G 249 18.28 -11.05 3.16
C PRO G 249 16.80 -11.51 3.26
N GLY G 250 16.51 -12.76 2.88
CA GLY G 250 15.15 -13.31 2.96
C GLY G 250 14.43 -13.17 1.63
N GLY G 251 13.11 -13.17 1.66
CA GLY G 251 12.34 -12.98 0.44
C GLY G 251 11.22 -11.99 0.66
N THR G 252 11.37 -11.20 1.70
CA THR G 252 10.33 -10.34 2.22
C THR G 252 10.81 -8.92 2.39
N ASP G 253 9.88 -7.96 2.30
CA ASP G 253 10.14 -6.62 2.77
C ASP G 253 9.80 -6.56 4.27
N PHE G 254 10.82 -6.70 5.12
CA PHE G 254 10.59 -6.77 6.54
C PHE G 254 10.15 -5.45 7.16
N LYS G 255 10.80 -4.36 6.75
CA LYS G 255 10.43 -3.01 7.19
C LYS G 255 8.95 -2.73 6.92
N TYR G 256 8.45 -3.10 5.74
CA TYR G 256 7.05 -2.89 5.42
C TYR G 256 6.12 -3.79 6.24
N ALA G 257 6.40 -5.09 6.25
CA ALA G 257 5.68 -6.02 7.12
C ALA G 257 5.52 -5.43 8.52
N GLU G 258 6.66 -5.01 9.06
CA GLU G 258 6.75 -4.21 10.27
C GLU G 258 5.64 -3.17 10.43
N LYS G 259 5.62 -2.17 9.55
CA LYS G 259 4.65 -1.07 9.60
C LYS G 259 3.21 -1.58 9.63
N GLN G 260 2.91 -2.57 8.79
CA GLN G 260 1.55 -3.12 8.67
C GLN G 260 1.17 -4.00 9.84
N GLY G 261 2.14 -4.30 10.70
CA GLY G 261 1.91 -5.11 11.88
C GLY G 261 1.91 -6.62 11.61
N ILE G 262 2.38 -7.00 10.42
CA ILE G 262 2.50 -8.41 10.03
C ILE G 262 3.76 -9.02 10.64
N LYS G 263 3.59 -10.10 11.41
CA LYS G 263 4.73 -10.79 11.96
C LYS G 263 5.50 -11.50 10.84
N ALA G 264 6.71 -11.05 10.53
CA ALA G 264 7.51 -11.80 9.56
C ALA G 264 8.87 -12.18 10.18
N LEU G 265 9.23 -13.46 10.05
CA LEU G 265 10.40 -13.99 10.74
C LEU G 265 11.43 -14.50 9.79
N LEU G 266 12.67 -14.16 10.04
CA LEU G 266 13.78 -14.74 9.32
C LEU G 266 14.32 -15.84 10.21
N ALA G 267 14.59 -17.00 9.64
CA ALA G 267 15.09 -18.09 10.47
C ALA G 267 16.32 -18.79 9.91
N PRO G 268 17.50 -18.18 10.09
CA PRO G 268 18.74 -18.77 9.61
C PRO G 268 19.09 -20.03 10.37
N GLY G 269 19.52 -21.05 9.64
CA GLY G 269 20.24 -22.21 10.19
C GLY G 269 19.46 -23.09 11.13
N LEU G 270 18.16 -23.26 10.83
CA LEU G 270 17.19 -24.05 11.58
C LEU G 270 17.63 -25.49 11.86
N PRO G 271 18.13 -26.23 10.83
CA PRO G 271 18.66 -27.57 11.14
C PRO G 271 19.56 -27.61 12.35
N GLY G 272 20.62 -26.80 12.35
CA GLY G 272 21.57 -26.78 13.46
C GLY G 272 20.95 -26.49 14.82
N ILE G 273 19.93 -25.63 14.84
CA ILE G 273 19.25 -25.25 16.07
C ILE G 273 18.29 -26.36 16.53
N VAL G 274 17.49 -26.86 15.60
CA VAL G 274 16.40 -27.71 15.97
C VAL G 274 16.78 -29.16 16.22
N ALA G 275 17.81 -29.64 15.53
CA ALA G 275 18.13 -31.05 15.57
C ALA G 275 19.59 -31.28 15.28
N PRO G 276 20.48 -30.82 16.16
CA PRO G 276 21.90 -31.07 15.95
C PRO G 276 22.25 -32.52 15.61
N LYS G 277 21.75 -33.52 16.35
CA LYS G 277 22.08 -34.94 16.07
C LYS G 277 21.85 -35.32 14.59
N THR G 278 20.61 -35.08 14.13
CA THR G 278 20.20 -35.40 12.77
C THR G 278 21.02 -34.57 11.78
N ALA G 279 21.25 -33.31 12.13
CA ALA G 279 21.99 -32.41 11.28
C ALA G 279 23.39 -32.94 11.08
N GLY G 280 24.05 -33.29 12.17
CA GLY G 280 25.43 -33.77 12.10
C GLY G 280 25.47 -35.12 11.43
N GLN G 281 24.38 -35.87 11.58
CA GLN G 281 24.33 -37.21 11.07
C GLN G 281 24.31 -37.16 9.54
N ILE G 282 23.48 -36.29 8.99
CA ILE G 282 23.38 -36.06 7.55
C ILE G 282 24.75 -35.70 6.95
N LEU G 283 25.43 -34.74 7.57
CA LEU G 283 26.77 -34.36 7.14
C LEU G 283 27.73 -35.55 7.10
N ALA G 284 27.76 -36.24 8.24
CA ALA G 284 28.60 -37.39 8.48
C ALA G 284 28.39 -38.47 7.42
N ASN G 285 27.14 -38.76 7.09
CA ASN G 285 26.89 -39.81 6.14
C ASN G 285 27.38 -39.46 4.77
N VAL G 286 27.36 -38.17 4.43
CA VAL G 286 27.76 -37.76 3.10
C VAL G 286 29.27 -37.68 3.08
N LEU G 287 29.82 -37.09 4.13
CA LEU G 287 31.26 -37.13 4.35
C LEU G 287 31.77 -38.54 4.18
N SER G 288 31.08 -39.50 4.78
CA SER G 288 31.56 -40.86 4.76
C SER G 288 31.68 -41.37 3.33
N LYS G 289 30.62 -41.22 2.57
CA LYS G 289 30.58 -41.76 1.20
C LYS G 289 31.62 -41.03 0.30
N LEU G 290 31.83 -39.76 0.61
CA LEU G 290 32.71 -38.92 -0.18
C LEU G 290 34.16 -39.15 0.14
N LEU G 291 34.42 -39.59 1.37
CA LEU G 291 35.78 -39.84 1.81
C LEU G 291 36.26 -41.16 1.27
N ALA G 292 35.32 -42.08 1.06
CA ALA G 292 35.61 -43.36 0.44
C ALA G 292 36.03 -43.17 -1.02
N GLU G 293 35.44 -42.17 -1.69
CA GLU G 293 35.81 -41.88 -3.08
C GLU G 293 37.26 -41.41 -3.17
N ILE G 294 37.66 -40.55 -2.23
CA ILE G 294 39.04 -40.07 -2.16
C ILE G 294 39.99 -41.24 -1.95
N GLN G 295 39.63 -42.11 -1.00
CA GLN G 295 40.43 -43.27 -0.64
C GLN G 295 40.59 -44.28 -1.78
N ALA G 296 39.50 -44.54 -2.50
CA ALA G 296 39.55 -45.46 -3.61
C ALA G 296 40.53 -44.97 -4.69
N GLU G 297 40.79 -43.67 -4.73
CA GLU G 297 41.65 -43.14 -5.79
C GLU G 297 43.12 -42.98 -5.38
N GLU G 298 43.36 -42.72 -4.09
CA GLU G 298 44.69 -42.36 -3.54
C GLU G 298 45.40 -41.13 -4.20
N ASN H 2 -12.38 -16.27 -18.92
CA ASN H 2 -11.50 -15.07 -18.96
C ASN H 2 -10.41 -15.10 -20.06
N ALA H 3 -9.54 -16.12 -20.05
CA ALA H 3 -8.49 -16.29 -21.08
C ALA H 3 -9.10 -16.84 -22.37
N MSE H 4 -8.70 -16.28 -23.50
CA MSE H 4 -9.37 -16.57 -24.77
C MSE H 4 -8.44 -16.78 -25.97
O MSE H 4 -7.33 -16.27 -26.02
CB MSE H 4 -10.37 -15.46 -25.07
CG MSE H 4 -11.44 -15.29 -24.00
SE MSE H 4 -12.88 -16.63 -24.02
CE MSE H 4 -12.65 -17.49 -22.29
N LEU H 5 -8.94 -17.57 -26.92
CA LEU H 5 -8.25 -17.86 -28.18
C LEU H 5 -9.07 -17.36 -29.38
N THR H 6 -9.58 -16.14 -29.26
CA THR H 6 -10.60 -15.62 -30.15
C THR H 6 -10.14 -15.44 -31.61
N GLY H 7 -8.92 -14.97 -31.81
CA GLY H 7 -8.44 -14.79 -33.17
C GLY H 7 -7.37 -15.80 -33.47
N LEU H 8 -7.79 -17.03 -33.78
CA LEU H 8 -6.86 -18.16 -33.95
C LEU H 8 -7.55 -19.34 -34.56
N LYS H 9 -7.03 -19.82 -35.67
CA LYS H 9 -7.70 -20.89 -36.38
C LYS H 9 -6.84 -22.12 -36.18
N ILE H 10 -7.48 -23.22 -35.82
CA ILE H 10 -6.80 -24.43 -35.45
C ILE H 10 -7.40 -25.59 -36.21
N ALA H 11 -6.56 -26.50 -36.68
CA ALA H 11 -7.04 -27.69 -37.33
C ALA H 11 -6.81 -28.84 -36.39
N VAL H 12 -7.87 -29.58 -36.09
CA VAL H 12 -7.76 -30.74 -35.26
C VAL H 12 -8.02 -31.88 -36.23
N ILE H 13 -6.98 -32.68 -36.48
CA ILE H 13 -7.08 -33.78 -37.44
C ILE H 13 -6.89 -35.10 -36.73
N GLY H 14 -7.90 -35.98 -36.82
CA GLY H 14 -7.84 -37.32 -36.19
C GLY H 14 -8.09 -37.32 -34.69
N GLY H 15 -8.24 -38.50 -34.10
CA GLY H 15 -8.23 -38.61 -32.63
C GLY H 15 -9.18 -39.58 -31.97
N ASP H 16 -9.16 -39.57 -30.63
CA ASP H 16 -9.96 -40.46 -29.78
C ASP H 16 -10.94 -39.59 -29.04
N ALA H 17 -11.50 -40.16 -27.97
CA ALA H 17 -12.27 -39.40 -27.00
C ALA H 17 -11.37 -38.32 -26.41
N ARG H 18 -10.07 -38.59 -26.39
CA ARG H 18 -9.12 -37.58 -25.97
C ARG H 18 -9.27 -36.26 -26.72
N GLN H 19 -9.41 -36.35 -28.04
CA GLN H 19 -9.41 -35.14 -28.86
C GLN H 19 -10.67 -34.32 -28.59
N LEU H 20 -11.77 -35.02 -28.34
CA LEU H 20 -13.03 -34.40 -27.86
C LEU H 20 -12.84 -33.42 -26.69
N GLU H 21 -12.07 -33.80 -25.69
CA GLU H 21 -11.79 -32.92 -24.56
C GLU H 21 -11.08 -31.64 -25.02
N ILE H 22 -10.17 -31.79 -26.00
CA ILE H 22 -9.40 -30.66 -26.50
C ILE H 22 -10.29 -29.71 -27.28
N ILE H 23 -11.08 -30.25 -28.18
CA ILE H 23 -12.02 -29.45 -28.95
C ILE H 23 -12.94 -28.69 -28.00
N ARG H 24 -13.46 -29.40 -26.98
CA ARG H 24 -14.36 -28.81 -25.99
C ARG H 24 -13.72 -27.58 -25.40
N LYS H 25 -12.45 -27.72 -24.99
CA LYS H 25 -11.73 -26.64 -24.35
C LYS H 25 -11.58 -25.47 -25.32
N LEU H 26 -11.20 -25.76 -26.57
CA LEU H 26 -10.89 -24.70 -27.50
C LEU H 26 -12.13 -24.00 -27.94
N THR H 27 -13.24 -24.73 -28.10
CA THR H 27 -14.50 -24.08 -28.50
C THR H 27 -15.08 -23.19 -27.38
N GLU H 28 -14.84 -23.56 -26.12
CA GLU H 28 -15.15 -22.70 -24.99
C GLU H 28 -14.31 -21.43 -25.03
N GLN H 29 -13.11 -21.55 -25.60
CA GLN H 29 -12.15 -20.48 -25.59
C GLN H 29 -12.24 -19.73 -26.90
N GLN H 30 -13.20 -20.15 -27.71
CA GLN H 30 -13.67 -19.47 -28.91
C GLN H 30 -12.70 -19.33 -30.06
N ALA H 31 -11.89 -20.36 -30.24
CA ALA H 31 -10.97 -20.45 -31.35
C ALA H 31 -11.76 -20.89 -32.58
N ASP H 32 -11.16 -20.79 -33.75
CA ASP H 32 -11.85 -21.26 -34.91
C ASP H 32 -11.34 -22.65 -35.12
N ILE H 33 -12.26 -23.60 -35.21
CA ILE H 33 -11.87 -24.99 -35.33
C ILE H 33 -12.31 -25.61 -36.63
N TYR H 34 -11.34 -26.26 -37.27
CA TYR H 34 -11.56 -27.09 -38.43
C TYR H 34 -11.24 -28.51 -37.99
N LEU H 35 -12.25 -29.37 -38.09
CA LEU H 35 -12.17 -30.73 -37.65
C LEU H 35 -12.16 -31.66 -38.86
N VAL H 36 -11.10 -32.43 -39.01
CA VAL H 36 -11.15 -33.53 -39.95
C VAL H 36 -11.05 -34.86 -39.21
N GLY H 37 -11.87 -35.82 -39.65
CA GLY H 37 -11.84 -37.15 -39.10
C GLY H 37 -12.93 -37.45 -38.11
N PHE H 38 -13.93 -36.57 -38.01
CA PHE H 38 -15.01 -36.77 -37.06
C PHE H 38 -16.42 -36.78 -37.66
N ASP H 39 -16.51 -37.13 -38.94
CA ASP H 39 -17.81 -37.13 -39.64
C ASP H 39 -18.86 -38.09 -39.06
N GLN H 40 -18.42 -39.26 -38.57
CA GLN H 40 -19.36 -40.28 -38.02
C GLN H 40 -19.98 -39.85 -36.69
N LEU H 41 -19.44 -38.78 -36.10
CA LEU H 41 -19.80 -38.32 -34.77
C LEU H 41 -20.77 -37.12 -34.77
N ASP H 42 -21.81 -37.22 -33.94
CA ASP H 42 -22.71 -36.12 -33.63
C ASP H 42 -22.14 -35.48 -32.37
N HIS H 43 -21.06 -34.72 -32.53
CA HIS H 43 -20.29 -34.20 -31.39
C HIS H 43 -20.95 -32.97 -30.74
N GLY H 44 -21.83 -32.29 -31.48
CA GLY H 44 -22.47 -31.08 -30.99
C GLY H 44 -21.57 -29.85 -30.88
N PHE H 45 -20.42 -29.87 -31.52
CA PHE H 45 -19.56 -28.71 -31.60
C PHE H 45 -19.91 -27.89 -32.80
N THR H 46 -21.06 -27.23 -32.70
CA THR H 46 -21.65 -26.56 -33.85
C THR H 46 -20.76 -25.42 -34.35
N GLY H 47 -19.86 -24.95 -33.51
CA GLY H 47 -18.93 -23.90 -33.91
C GLY H 47 -17.72 -24.34 -34.72
N ALA H 48 -17.67 -25.63 -35.07
CA ALA H 48 -16.53 -26.14 -35.79
C ALA H 48 -16.88 -26.38 -37.25
N VAL H 49 -15.92 -26.16 -38.13
CA VAL H 49 -16.07 -26.53 -39.52
C VAL H 49 -15.72 -28.00 -39.64
N LYS H 50 -16.62 -28.77 -40.24
CA LYS H 50 -16.40 -30.18 -40.51
C LYS H 50 -16.00 -30.34 -41.98
N CYS H 51 -14.86 -30.98 -42.25
CA CYS H 51 -14.38 -31.13 -43.64
C CYS H 51 -13.27 -32.17 -43.83
N ASN H 52 -12.89 -32.41 -45.09
CA ASN H 52 -11.71 -33.21 -45.44
C ASN H 52 -10.43 -32.44 -45.22
N ILE H 53 -9.32 -33.16 -45.25
CA ILE H 53 -8.01 -32.55 -45.11
C ILE H 53 -7.66 -31.73 -46.34
N ASP H 54 -8.14 -32.18 -47.49
CA ASP H 54 -7.86 -31.54 -48.75
C ASP H 54 -8.74 -30.29 -48.92
N GLU H 55 -9.62 -30.09 -47.94
CA GLU H 55 -10.59 -29.00 -47.93
C GLU H 55 -10.24 -27.89 -46.95
N ILE H 56 -9.30 -28.11 -46.05
CA ILE H 56 -9.01 -27.06 -45.07
C ILE H 56 -8.00 -26.01 -45.59
N PRO H 57 -8.19 -24.72 -45.20
CA PRO H 57 -7.39 -23.64 -45.78
C PRO H 57 -6.08 -23.44 -45.05
N PHE H 58 -5.14 -24.36 -45.22
CA PHE H 58 -3.89 -24.36 -44.44
C PHE H 58 -3.14 -23.02 -44.41
N GLN H 59 -3.33 -22.22 -45.46
CA GLN H 59 -2.76 -20.87 -45.57
C GLN H 59 -3.03 -20.01 -44.30
N GLN H 60 -4.19 -20.23 -43.68
CA GLN H 60 -4.67 -19.50 -42.48
C GLN H 60 -4.56 -20.24 -41.15
N ILE H 61 -4.06 -21.48 -41.14
CA ILE H 61 -4.04 -22.26 -39.90
C ILE H 61 -2.89 -21.85 -38.97
N ASP H 62 -3.16 -21.69 -37.69
CA ASP H 62 -2.10 -21.34 -36.75
C ASP H 62 -1.60 -22.55 -36.00
N SER H 63 -2.42 -23.59 -35.99
CA SER H 63 -2.05 -24.81 -35.31
C SER H 63 -2.80 -26.01 -35.86
N ILE H 64 -2.07 -27.10 -36.02
CA ILE H 64 -2.60 -28.40 -36.39
C ILE H 64 -2.45 -29.24 -35.16
N ILE H 65 -3.54 -29.85 -34.68
CA ILE H 65 -3.47 -30.76 -33.54
C ILE H 65 -3.72 -32.18 -34.00
N LEU H 66 -2.67 -33.00 -33.92
CA LEU H 66 -2.74 -34.42 -34.24
C LEU H 66 -3.07 -35.25 -33.02
N PRO H 67 -3.36 -36.54 -33.23
CA PRO H 67 -3.61 -37.44 -32.12
C PRO H 67 -2.32 -37.83 -31.41
N VAL H 68 -2.46 -38.44 -30.25
CA VAL H 68 -1.31 -38.87 -29.46
C VAL H 68 -0.44 -39.73 -30.36
N SER H 69 -1.13 -40.64 -31.06
CA SER H 69 -0.55 -41.59 -32.00
C SER H 69 0.32 -40.83 -32.97
N ALA H 70 -0.29 -39.88 -33.68
CA ALA H 70 0.37 -39.11 -34.71
C ALA H 70 0.02 -39.80 -36.00
N THR H 71 1.03 -39.89 -36.85
CA THR H 71 0.85 -40.38 -38.19
C THR H 71 1.30 -41.86 -38.27
N THR H 72 1.57 -42.39 -39.46
CA THR H 72 2.04 -43.78 -39.60
C THR H 72 3.18 -43.94 -40.60
N GLY H 73 4.13 -43.01 -40.63
CA GLY H 73 5.25 -43.17 -41.57
C GLY H 73 4.79 -43.12 -43.02
N GLU H 74 3.61 -43.68 -43.27
CA GLU H 74 2.92 -43.54 -44.53
C GLU H 74 2.10 -42.24 -44.51
N GLY H 75 1.88 -41.70 -43.31
CA GLY H 75 1.11 -40.47 -43.17
C GLY H 75 -0.32 -40.68 -42.73
N VAL H 76 -0.73 -41.93 -42.57
CA VAL H 76 -2.11 -42.24 -42.17
C VAL H 76 -2.36 -41.81 -40.72
N VAL H 77 -3.22 -40.82 -40.57
CA VAL H 77 -3.61 -40.31 -39.25
C VAL H 77 -4.73 -41.16 -38.66
N SER H 78 -4.52 -41.62 -37.43
CA SER H 78 -5.52 -42.38 -36.71
C SER H 78 -6.81 -41.57 -36.49
N THR H 79 -7.96 -42.09 -36.94
CA THR H 79 -9.24 -41.46 -36.61
C THR H 79 -10.33 -42.47 -36.26
N VAL H 80 -10.62 -42.65 -34.99
CA VAL H 80 -11.67 -43.56 -34.52
C VAL H 80 -13.11 -43.22 -34.97
N PHE H 81 -13.35 -41.98 -35.42
CA PHE H 81 -14.72 -41.52 -35.75
C PHE H 81 -14.97 -41.24 -37.24
N SER H 82 -14.11 -41.75 -38.10
CA SER H 82 -14.21 -41.54 -39.53
C SER H 82 -13.92 -42.85 -40.25
N ASN H 83 -14.69 -43.12 -41.28
CA ASN H 83 -14.37 -44.21 -42.18
C ASN H 83 -13.45 -43.76 -43.30
N GLU H 84 -13.69 -42.55 -43.79
CA GLU H 84 -12.70 -41.85 -44.59
C GLU H 84 -11.31 -42.14 -44.05
N GLU H 85 -10.38 -42.51 -44.92
CA GLU H 85 -8.97 -42.58 -44.55
C GLU H 85 -8.39 -41.19 -44.68
N VAL H 86 -7.51 -40.83 -43.75
CA VAL H 86 -6.95 -39.49 -43.69
C VAL H 86 -5.42 -39.53 -43.69
N VAL H 87 -4.82 -38.88 -44.67
CA VAL H 87 -3.36 -38.83 -44.77
C VAL H 87 -2.86 -37.39 -44.83
N LEU H 88 -1.90 -37.07 -43.95
CA LEU H 88 -1.26 -35.75 -43.89
C LEU H 88 0.01 -35.73 -44.74
N LYS H 89 0.00 -34.95 -45.80
CA LYS H 89 1.07 -34.95 -46.80
C LYS H 89 2.04 -33.82 -46.51
N GLN H 90 3.24 -33.92 -47.07
CA GLN H 90 4.19 -32.82 -47.02
C GLN H 90 3.51 -31.51 -47.43
N ASP H 91 2.80 -31.52 -48.56
CA ASP H 91 2.32 -30.27 -49.18
C ASP H 91 1.54 -29.42 -48.18
N HIS H 92 0.60 -30.05 -47.49
CA HIS H 92 -0.15 -29.39 -46.43
C HIS H 92 0.70 -28.42 -45.57
N LEU H 93 1.71 -28.96 -44.89
CA LEU H 93 2.56 -28.15 -44.02
C LEU H 93 3.31 -27.04 -44.76
N ASP H 94 3.55 -27.23 -46.06
CA ASP H 94 4.25 -26.23 -46.89
C ASP H 94 3.45 -24.96 -47.10
N ARG H 95 2.13 -25.09 -47.19
CA ARG H 95 1.25 -23.94 -47.40
C ARG H 95 0.77 -23.35 -46.05
N THR H 96 1.72 -23.09 -45.16
CA THR H 96 1.41 -22.80 -43.76
C THR H 96 2.32 -21.68 -43.26
N PRO H 97 1.76 -20.74 -42.48
CA PRO H 97 2.53 -19.64 -41.93
C PRO H 97 3.82 -20.07 -41.22
N ALA H 98 4.80 -19.19 -41.17
CA ALA H 98 6.07 -19.53 -40.54
C ALA H 98 5.82 -19.96 -39.10
N HIS H 99 4.91 -19.25 -38.44
CA HIS H 99 4.64 -19.38 -37.00
C HIS H 99 3.79 -20.59 -36.58
N CYS H 100 3.18 -21.24 -37.56
CA CYS H 100 2.25 -22.31 -37.29
C CYS H 100 2.98 -23.48 -36.66
N VAL H 101 2.38 -24.02 -35.60
CA VAL H 101 2.97 -25.09 -34.82
C VAL H 101 2.16 -26.35 -34.92
N ILE H 102 2.85 -27.47 -35.09
CA ILE H 102 2.24 -28.79 -35.13
C ILE H 102 2.37 -29.52 -33.77
N PHE H 103 1.23 -29.94 -33.22
CA PHE H 103 1.18 -30.63 -31.96
C PHE H 103 0.87 -32.11 -32.10
N SER H 104 1.67 -32.92 -31.42
CA SER H 104 1.45 -34.34 -31.35
C SER H 104 1.85 -34.87 -29.98
N GLY H 105 1.52 -36.13 -29.75
CA GLY H 105 1.89 -36.83 -28.54
C GLY H 105 3.32 -37.30 -28.63
N ILE H 106 3.55 -38.36 -29.41
CA ILE H 106 4.89 -38.93 -29.52
C ILE H 106 5.56 -38.70 -30.86
N SER H 107 6.88 -38.92 -30.82
CA SER H 107 7.77 -39.03 -31.97
C SER H 107 7.20 -39.90 -33.11
N ASN H 108 7.58 -39.57 -34.33
CA ASN H 108 7.43 -40.49 -35.45
C ASN H 108 8.17 -39.96 -36.67
N ALA H 109 8.98 -40.82 -37.28
CA ALA H 109 9.98 -40.43 -38.27
C ALA H 109 9.44 -39.62 -39.46
N TYR H 110 8.37 -40.11 -40.08
CA TYR H 110 7.74 -39.45 -41.23
C TYR H 110 7.20 -38.06 -40.87
N LEU H 111 6.63 -37.95 -39.68
CA LEU H 111 6.12 -36.67 -39.22
C LEU H 111 7.28 -35.75 -38.97
N GLU H 112 8.40 -36.30 -38.48
CA GLU H 112 9.59 -35.52 -38.20
C GLU H 112 10.24 -34.93 -39.45
N ASN H 113 10.24 -35.71 -40.55
CA ASN H 113 10.69 -35.24 -41.86
C ASN H 113 9.86 -34.11 -42.42
N ILE H 114 8.59 -34.39 -42.67
CA ILE H 114 7.74 -33.43 -43.34
C ILE H 114 7.65 -32.11 -42.58
N ALA H 115 7.78 -32.18 -41.26
CA ALA H 115 7.90 -30.97 -40.44
C ALA H 115 9.20 -30.21 -40.69
N ALA H 116 10.32 -30.94 -40.64
CA ALA H 116 11.66 -30.37 -40.84
C ALA H 116 11.78 -29.69 -42.20
N GLN H 117 11.39 -30.41 -43.26
CA GLN H 117 11.37 -29.86 -44.59
C GLN H 117 10.54 -28.56 -44.67
N ALA H 118 9.30 -28.59 -44.19
CA ALA H 118 8.38 -27.44 -44.28
C ALA H 118 8.75 -26.26 -43.40
N LYS H 119 9.76 -26.47 -42.54
CA LYS H 119 10.20 -25.50 -41.54
C LYS H 119 9.07 -25.02 -40.62
N ARG H 120 8.37 -25.99 -40.04
CA ARG H 120 7.35 -25.72 -39.04
C ARG H 120 7.73 -26.40 -37.74
N LYS H 121 7.51 -25.71 -36.62
CA LYS H 121 7.82 -26.28 -35.31
C LYS H 121 7.00 -27.55 -35.12
N LEU H 122 7.63 -28.60 -34.60
CA LEU H 122 6.88 -29.77 -34.16
C LEU H 122 7.02 -29.95 -32.64
N VAL H 123 5.91 -29.82 -31.92
CA VAL H 123 5.92 -30.00 -30.48
C VAL H 123 5.42 -31.38 -30.14
N LYS H 124 6.28 -32.15 -29.48
CA LYS H 124 5.96 -33.49 -29.03
C LYS H 124 5.59 -33.36 -27.56
N LEU H 125 4.30 -33.46 -27.27
CA LEU H 125 3.79 -33.06 -25.97
C LEU H 125 4.25 -33.96 -24.84
N PHE H 126 4.49 -35.23 -25.18
CA PHE H 126 4.83 -36.26 -24.20
C PHE H 126 6.28 -36.13 -23.74
N GLU H 127 7.06 -35.34 -24.46
CA GLU H 127 8.41 -34.99 -24.02
C GLU H 127 8.43 -34.00 -22.87
N ARG H 128 7.34 -33.24 -22.70
CA ARG H 128 7.35 -32.11 -21.77
C ARG H 128 7.24 -32.55 -20.29
N ASP H 129 7.91 -31.82 -19.42
CA ASP H 129 7.80 -32.12 -18.01
C ASP H 129 6.37 -32.13 -17.48
N ASP H 130 5.61 -31.06 -17.70
CA ASP H 130 4.22 -30.96 -17.16
C ASP H 130 3.32 -32.11 -17.63
N ILE H 131 3.37 -32.40 -18.94
CA ILE H 131 2.58 -33.47 -19.52
C ILE H 131 2.97 -34.81 -18.91
N ALA H 132 4.28 -35.07 -18.81
CA ALA H 132 4.74 -36.25 -18.09
C ALA H 132 4.19 -36.27 -16.66
N ILE H 133 4.41 -35.20 -15.89
CA ILE H 133 3.94 -35.22 -14.51
C ILE H 133 2.42 -35.37 -14.38
N TYR H 134 1.65 -34.66 -15.19
CA TYR H 134 0.19 -34.86 -15.18
C TYR H 134 -0.17 -36.27 -15.61
N ASN H 135 0.26 -36.70 -16.78
CA ASN H 135 -0.09 -38.03 -17.25
C ASN H 135 0.22 -39.12 -16.20
N SER H 136 1.30 -38.94 -15.45
CA SER H 136 1.69 -39.93 -14.42
C SER H 136 0.52 -40.27 -13.51
N ILE H 137 -0.41 -39.33 -13.27
CA ILE H 137 -1.57 -39.62 -12.42
C ILE H 137 -2.49 -40.74 -13.01
N PRO H 138 -2.99 -40.53 -14.24
CA PRO H 138 -3.68 -41.69 -14.80
C PRO H 138 -2.78 -42.88 -14.79
N THR H 139 -1.48 -42.72 -15.06
CA THR H 139 -0.72 -43.95 -15.20
C THR H 139 -0.59 -44.79 -13.92
N VAL H 140 -0.35 -44.17 -12.77
CA VAL H 140 -0.46 -44.94 -11.54
C VAL H 140 -1.78 -45.65 -11.44
N GLU H 141 -2.85 -44.96 -11.84
CA GLU H 141 -4.17 -45.53 -11.61
C GLU H 141 -4.32 -46.78 -12.45
N GLY H 142 -3.79 -46.71 -13.68
CA GLY H 142 -3.57 -47.89 -14.50
C GLY H 142 -2.69 -48.95 -13.86
N THR H 143 -1.56 -48.54 -13.25
CA THR H 143 -0.67 -49.51 -12.65
C THR H 143 -1.32 -50.28 -11.50
N ILE H 144 -2.03 -49.54 -10.64
CA ILE H 144 -2.77 -50.11 -9.52
C ILE H 144 -3.74 -51.14 -10.08
N MSE H 145 -4.52 -50.75 -11.09
CA MSE H 145 -5.44 -51.65 -11.81
CA MSE H 145 -5.43 -51.66 -11.77
C MSE H 145 -4.71 -52.95 -12.16
O MSE H 145 -5.13 -54.03 -11.78
CB MSE H 145 -6.02 -50.99 -13.09
CB MSE H 145 -6.05 -50.97 -13.01
CG MSE H 145 -6.97 -51.88 -13.92
CG MSE H 145 -7.22 -51.68 -13.66
SE MSE H 145 -7.46 -51.24 -15.73
SE MSE H 145 -8.52 -52.34 -12.37
CE MSE H 145 -5.82 -51.68 -16.76
CE MSE H 145 -10.12 -52.24 -13.49
N LEU H 146 -3.59 -52.82 -12.87
CA LEU H 146 -2.83 -53.99 -13.31
C LEU H 146 -2.39 -54.85 -12.13
N ALA H 147 -1.89 -54.21 -11.07
CA ALA H 147 -1.43 -54.95 -9.90
C ALA H 147 -2.60 -55.74 -9.31
N ILE H 148 -3.76 -55.09 -9.26
CA ILE H 148 -4.93 -55.71 -8.66
C ILE H 148 -5.34 -56.94 -9.45
N GLN H 149 -5.50 -56.81 -10.77
CA GLN H 149 -5.92 -57.96 -11.58
C GLN H 149 -4.89 -59.05 -11.77
N HIS H 150 -3.61 -58.79 -11.47
CA HIS H 150 -2.59 -59.81 -11.73
C HIS H 150 -1.93 -60.40 -10.47
N THR H 151 -2.59 -60.25 -9.33
CA THR H 151 -2.12 -60.86 -8.08
C THR H 151 -3.31 -61.48 -7.32
N ASP H 152 -3.01 -62.30 -6.32
CA ASP H 152 -4.06 -62.88 -5.49
C ASP H 152 -4.03 -62.34 -4.06
N TYR H 153 -3.18 -61.35 -3.82
CA TYR H 153 -2.99 -60.75 -2.50
C TYR H 153 -3.13 -59.28 -2.68
N THR H 154 -3.13 -58.59 -1.56
CA THR H 154 -3.50 -57.19 -1.46
C THR H 154 -2.25 -56.27 -1.63
N ILE H 155 -2.40 -55.08 -2.18
CA ILE H 155 -1.25 -54.21 -2.36
C ILE H 155 -0.72 -53.81 -1.00
N HIS H 156 -1.61 -53.25 -0.20
CA HIS H 156 -1.40 -53.01 1.22
C HIS H 156 -0.65 -54.20 1.85
N GLY H 157 0.38 -53.92 2.63
CA GLY H 157 1.23 -54.98 3.14
C GLY H 157 2.25 -55.57 2.18
N SER H 158 2.07 -55.39 0.87
CA SER H 158 2.99 -56.09 -0.04
C SER H 158 4.33 -55.41 -0.10
N GLN H 159 5.31 -56.04 -0.74
CA GLN H 159 6.63 -55.44 -0.89
C GLN H 159 6.75 -54.95 -2.33
N VAL H 160 6.91 -53.63 -2.51
CA VAL H 160 6.90 -53.06 -3.85
C VAL H 160 8.19 -52.33 -4.15
N ALA H 161 8.80 -52.66 -5.27
CA ALA H 161 9.98 -51.96 -5.70
C ALA H 161 9.60 -51.07 -6.90
N VAL H 162 9.93 -49.78 -6.84
CA VAL H 162 9.72 -48.90 -7.99
C VAL H 162 11.06 -48.52 -8.53
N LEU H 163 11.24 -48.69 -9.83
CA LEU H 163 12.51 -48.40 -10.44
C LEU H 163 12.51 -47.00 -11.05
N GLY H 164 13.32 -46.12 -10.48
CA GLY H 164 13.53 -44.79 -11.03
C GLY H 164 12.56 -43.74 -10.55
N LEU H 165 13.11 -42.67 -9.98
CA LEU H 165 12.37 -41.55 -9.43
C LEU H 165 12.43 -40.39 -10.41
N GLY H 166 12.04 -40.63 -11.66
CA GLY H 166 11.80 -39.58 -12.63
C GLY H 166 10.40 -38.99 -12.45
N ARG H 167 9.81 -38.51 -13.53
CA ARG H 167 8.57 -37.81 -13.44
C ARG H 167 7.43 -38.72 -13.02
N THR H 168 7.32 -39.89 -13.67
CA THR H 168 6.27 -40.85 -13.30
C THR H 168 6.65 -41.65 -12.05
N GLY H 169 7.89 -42.14 -11.98
CA GLY H 169 8.41 -42.88 -10.82
C GLY H 169 8.05 -42.26 -9.49
N MSE H 170 8.16 -40.93 -9.40
CA MSE H 170 7.91 -40.27 -8.15
C MSE H 170 6.47 -40.41 -7.72
O MSE H 170 6.17 -40.53 -6.52
CB MSE H 170 8.30 -38.80 -8.21
CG MSE H 170 9.12 -38.35 -6.99
SE MSE H 170 8.89 -36.46 -6.75
CE MSE H 170 6.97 -36.57 -6.35
N THR H 171 5.57 -40.39 -8.70
CA THR H 171 4.14 -40.56 -8.42
C THR H 171 3.84 -42.03 -8.10
N ILE H 172 4.49 -42.93 -8.80
CA ILE H 172 4.16 -44.30 -8.60
C ILE H 172 4.54 -44.68 -7.18
N ALA H 173 5.79 -44.41 -6.80
CA ALA H 173 6.25 -44.67 -5.45
C ALA H 173 5.31 -44.07 -4.41
N ARG H 174 4.97 -42.79 -4.56
CA ARG H 174 4.17 -42.15 -3.54
C ARG H 174 2.85 -42.89 -3.33
N THR H 175 2.17 -43.19 -4.44
CA THR H 175 0.82 -43.71 -4.36
C THR H 175 0.78 -45.15 -3.82
N PHE H 176 1.64 -46.01 -4.35
CA PHE H 176 1.71 -47.36 -3.82
C PHE H 176 1.99 -47.34 -2.32
N ALA H 177 2.78 -46.36 -1.89
CA ALA H 177 3.03 -46.24 -0.46
C ALA H 177 1.74 -45.79 0.23
N ALA H 178 1.11 -44.74 -0.29
CA ALA H 178 -0.17 -44.27 0.27
C ALA H 178 -1.21 -45.40 0.35
N LEU H 179 -1.09 -46.41 -0.50
CA LEU H 179 -1.98 -47.56 -0.45
C LEU H 179 -1.66 -48.64 0.61
N GLY H 180 -0.53 -48.49 1.31
CA GLY H 180 -0.13 -49.47 2.34
C GLY H 180 0.97 -50.47 1.99
N ALA H 181 1.54 -50.35 0.79
CA ALA H 181 2.61 -51.23 0.37
C ALA H 181 3.81 -50.73 1.09
N ASN H 182 4.75 -51.62 1.38
CA ASN H 182 6.07 -51.19 1.77
C ASN H 182 6.84 -50.97 0.49
N VAL H 183 7.19 -49.73 0.22
CA VAL H 183 7.81 -49.39 -1.03
C VAL H 183 9.28 -49.16 -0.86
N LYS H 184 10.03 -49.69 -1.80
CA LYS H 184 11.42 -49.33 -1.99
C LYS H 184 11.53 -48.76 -3.39
N VAL H 185 12.52 -47.88 -3.59
CA VAL H 185 12.72 -47.33 -4.91
C VAL H 185 14.20 -47.33 -5.22
N GLY H 186 14.55 -47.79 -6.43
CA GLY H 186 15.92 -47.74 -6.89
C GLY H 186 16.16 -46.51 -7.74
N ALA H 187 17.27 -45.84 -7.49
CA ALA H 187 17.67 -44.71 -8.31
C ALA H 187 19.17 -44.74 -8.38
N ARG H 188 19.78 -43.69 -8.93
CA ARG H 188 21.24 -43.66 -9.00
C ARG H 188 21.84 -42.32 -8.59
N SER H 189 21.12 -41.22 -8.79
CA SER H 189 21.61 -39.89 -8.36
C SER H 189 21.53 -39.80 -6.85
N SER H 190 22.52 -39.18 -6.20
CA SER H 190 22.44 -38.98 -4.76
C SER H 190 21.25 -38.14 -4.41
N ALA H 191 20.92 -37.20 -5.29
CA ALA H 191 19.75 -36.36 -5.12
C ALA H 191 18.49 -37.20 -4.97
N HIS H 192 18.27 -38.14 -5.90
CA HIS H 192 17.10 -39.01 -5.83
C HIS H 192 16.97 -39.83 -4.55
N LEU H 193 18.02 -40.58 -4.25
CA LEU H 193 18.15 -41.36 -3.03
C LEU H 193 17.75 -40.58 -1.77
N ALA H 194 18.27 -39.36 -1.61
CA ALA H 194 17.91 -38.51 -0.45
C ALA H 194 16.39 -38.26 -0.40
N ARG H 195 15.81 -37.91 -1.55
CA ARG H 195 14.39 -37.60 -1.64
C ARG H 195 13.51 -38.78 -1.31
N ILE H 196 13.85 -39.93 -1.87
CA ILE H 196 13.25 -41.18 -1.46
C ILE H 196 13.24 -41.26 0.08
N THR H 197 14.37 -40.99 0.74
CA THR H 197 14.33 -41.18 2.18
C THR H 197 13.47 -40.10 2.80
N GLU H 198 13.42 -38.92 2.19
CA GLU H 198 12.54 -37.84 2.67
C GLU H 198 11.09 -38.23 2.57
N MSE H 199 10.71 -38.81 1.44
CA MSE H 199 9.36 -39.29 1.25
C MSE H 199 9.00 -40.48 2.16
O MSE H 199 7.92 -41.05 2.04
CB MSE H 199 9.19 -39.70 -0.21
CG MSE H 199 9.15 -38.54 -1.14
SE MSE H 199 9.39 -39.21 -2.91
CE MSE H 199 7.52 -39.69 -3.28
N GLY H 200 9.91 -40.83 3.06
CA GLY H 200 9.71 -41.92 4.01
C GLY H 200 9.79 -43.33 3.44
N LEU H 201 10.44 -43.47 2.28
CA LEU H 201 10.57 -44.74 1.58
C LEU H 201 11.97 -45.33 1.75
N VAL H 202 12.18 -46.57 1.29
CA VAL H 202 13.47 -47.21 1.45
C VAL H 202 14.25 -47.11 0.15
N PRO H 203 15.42 -46.46 0.18
CA PRO H 203 16.16 -46.24 -1.07
C PRO H 203 17.15 -47.33 -1.38
N PHE H 204 17.55 -47.42 -2.63
CA PHE H 204 18.74 -48.18 -3.01
C PHE H 204 19.28 -47.76 -4.36
N HIS H 205 20.57 -47.99 -4.52
CA HIS H 205 21.24 -47.71 -5.77
C HIS H 205 21.05 -48.88 -6.75
N THR H 206 20.69 -48.54 -7.98
CA THR H 206 20.39 -49.59 -8.96
C THR H 206 21.60 -50.44 -9.30
N ASP H 207 22.77 -50.11 -8.76
CA ASP H 207 23.91 -51.02 -8.87
C ASP H 207 23.71 -52.24 -7.98
N GLU H 208 22.92 -52.10 -6.90
CA GLU H 208 22.54 -53.22 -6.05
C GLU H 208 21.29 -53.94 -6.53
N LEU H 209 20.74 -53.55 -7.68
CA LEU H 209 19.41 -54.03 -8.06
C LEU H 209 19.12 -55.51 -7.78
N LYS H 210 20.01 -56.39 -8.24
CA LYS H 210 19.87 -57.85 -8.04
C LYS H 210 19.45 -58.22 -6.60
N GLU H 211 20.09 -57.59 -5.62
CA GLU H 211 19.87 -57.93 -4.20
C GLU H 211 18.55 -57.43 -3.64
N HIS H 212 18.00 -56.36 -4.24
CA HIS H 212 16.80 -55.69 -3.72
C HIS H 212 15.51 -56.12 -4.38
N VAL H 213 15.59 -57.00 -5.38
CA VAL H 213 14.40 -57.59 -6.00
C VAL H 213 14.28 -59.10 -5.76
N LYS H 214 15.28 -59.67 -5.11
CA LYS H 214 15.23 -61.04 -4.69
C LYS H 214 13.82 -61.38 -4.17
N ASP H 215 13.44 -60.76 -3.06
CA ASP H 215 12.20 -61.08 -2.36
C ASP H 215 11.15 -59.97 -2.40
N ILE H 216 10.76 -59.49 -3.59
CA ILE H 216 9.65 -58.52 -3.69
C ILE H 216 8.41 -59.08 -4.35
N ASP H 217 7.28 -58.48 -4.10
CA ASP H 217 6.06 -58.98 -4.68
C ASP H 217 5.79 -58.37 -6.03
N ILE H 218 5.93 -57.05 -6.15
CA ILE H 218 5.67 -56.36 -7.40
C ILE H 218 6.88 -55.49 -7.76
N CYS H 219 7.29 -55.51 -9.03
CA CYS H 219 8.39 -54.67 -9.47
C CYS H 219 7.94 -53.75 -10.58
N ILE H 220 7.75 -52.48 -10.26
CA ILE H 220 7.35 -51.53 -11.27
C ILE H 220 8.55 -50.76 -11.82
N ASN H 221 8.63 -50.73 -13.15
CA ASN H 221 9.76 -50.13 -13.83
C ASN H 221 9.43 -48.88 -14.66
N THR H 222 10.41 -47.99 -14.71
CA THR H 222 10.25 -46.63 -15.19
C THR H 222 11.49 -46.21 -15.96
N ILE H 223 12.55 -47.00 -15.87
CA ILE H 223 13.78 -46.63 -16.54
C ILE H 223 13.77 -47.05 -18.00
N PRO H 224 13.90 -46.10 -18.93
CA PRO H 224 13.86 -46.39 -20.37
C PRO H 224 15.16 -47.04 -20.90
N SER H 225 15.52 -48.21 -20.38
CA SER H 225 16.82 -48.83 -20.66
C SER H 225 16.85 -50.25 -20.08
N MSE H 226 17.62 -51.15 -20.65
CA MSE H 226 17.74 -52.51 -20.08
C MSE H 226 18.34 -52.50 -18.66
O MSE H 226 19.53 -52.23 -18.48
CB MSE H 226 18.55 -53.44 -20.99
CG MSE H 226 18.76 -54.83 -20.39
SE MSE H 226 17.12 -55.89 -20.33
CE MSE H 226 17.01 -56.23 -22.25
N ILE H 227 17.52 -52.81 -17.66
CA ILE H 227 18.04 -52.99 -16.30
C ILE H 227 17.55 -54.29 -15.70
N LEU H 228 16.28 -54.60 -15.93
CA LEU H 228 15.74 -55.88 -15.54
C LEU H 228 16.27 -57.00 -16.43
N ASN H 229 17.60 -57.08 -16.50
CA ASN H 229 18.34 -58.04 -17.34
C ASN H 229 18.31 -59.46 -16.80
N GLN H 230 19.02 -60.35 -17.47
CA GLN H 230 18.97 -61.75 -17.11
C GLN H 230 19.66 -62.08 -15.79
N THR H 231 20.77 -61.41 -15.50
CA THR H 231 21.49 -61.60 -14.23
C THR H 231 20.56 -61.28 -13.08
N VAL H 232 19.81 -60.19 -13.25
CA VAL H 232 18.90 -59.74 -12.24
C VAL H 232 17.70 -60.69 -12.11
N LEU H 233 17.04 -60.98 -13.23
CA LEU H 233 15.87 -61.87 -13.20
C LEU H 233 16.19 -63.26 -12.66
N SER H 234 17.44 -63.73 -12.80
CA SER H 234 17.79 -65.11 -12.42
C SER H 234 17.52 -65.38 -10.95
N SER H 235 17.90 -64.41 -10.10
CA SER H 235 17.78 -64.53 -8.66
C SER H 235 16.36 -64.19 -8.19
N MSE H 236 15.48 -63.91 -9.16
CA MSE H 236 14.07 -63.65 -8.88
C MSE H 236 13.19 -64.90 -8.92
O MSE H 236 13.46 -65.85 -9.65
CB MSE H 236 13.52 -62.64 -9.88
CG MSE H 236 13.31 -61.27 -9.32
SE MSE H 236 12.43 -60.18 -10.68
CE MSE H 236 10.83 -61.22 -10.89
N THR H 237 12.14 -64.85 -8.13
CA THR H 237 11.19 -65.95 -8.01
C THR H 237 9.92 -65.62 -8.83
N PRO H 238 9.24 -66.65 -9.38
CA PRO H 238 7.92 -66.46 -9.99
C PRO H 238 6.82 -65.83 -9.10
N LYS H 239 7.08 -65.58 -7.82
CA LYS H 239 6.16 -64.89 -6.91
C LYS H 239 5.98 -63.40 -7.28
N THR H 240 6.78 -62.97 -8.25
CA THR H 240 7.03 -61.57 -8.51
C THR H 240 6.43 -61.17 -9.85
N LEU H 241 5.69 -60.08 -9.82
CA LEU H 241 5.02 -59.58 -10.98
C LEU H 241 5.80 -58.36 -11.42
N ILE H 242 6.26 -58.36 -12.67
CA ILE H 242 6.90 -57.18 -13.24
C ILE H 242 5.87 -56.40 -14.04
N LEU H 243 5.74 -55.12 -13.69
CA LEU H 243 4.95 -54.18 -14.44
C LEU H 243 5.92 -53.18 -15.03
N ASP H 244 6.21 -53.35 -16.32
CA ASP H 244 7.19 -52.49 -17.01
C ASP H 244 6.52 -51.32 -17.75
N LEU H 245 6.62 -50.12 -17.20
CA LEU H 245 5.97 -48.98 -17.79
C LEU H 245 6.86 -48.29 -18.79
N ALA H 246 8.10 -48.74 -18.91
CA ALA H 246 9.05 -48.07 -19.78
C ALA H 246 8.60 -48.18 -21.23
N SER H 247 9.01 -47.20 -22.04
CA SER H 247 8.73 -47.22 -23.49
C SER H 247 9.48 -48.33 -24.22
N ARG H 248 8.86 -48.85 -25.29
CA ARG H 248 9.43 -49.99 -26.06
C ARG H 248 10.92 -49.84 -26.36
N PRO H 249 11.69 -50.91 -26.15
CA PRO H 249 11.25 -52.25 -25.73
C PRO H 249 11.16 -52.43 -24.20
N GLY H 250 10.93 -51.31 -23.49
CA GLY H 250 10.82 -51.31 -22.04
C GLY H 250 12.17 -51.49 -21.41
N GLY H 251 12.18 -52.06 -20.21
CA GLY H 251 13.40 -52.25 -19.47
C GLY H 251 13.65 -53.69 -19.09
N THR H 252 12.80 -54.60 -19.56
CA THR H 252 12.91 -56.03 -19.20
C THR H 252 13.27 -56.97 -20.37
N ASP H 253 14.17 -57.90 -20.08
CA ASP H 253 14.44 -59.04 -20.92
C ASP H 253 13.27 -60.01 -20.80
N PHE H 254 12.22 -59.77 -21.58
CA PHE H 254 10.98 -60.52 -21.47
C PHE H 254 11.13 -61.99 -21.83
N LYS H 255 11.92 -62.30 -22.87
CA LYS H 255 12.09 -63.69 -23.31
C LYS H 255 12.46 -64.50 -22.10
N TYR H 256 13.42 -64.00 -21.33
CA TYR H 256 14.01 -64.75 -20.25
C TYR H 256 13.08 -64.92 -19.07
N ALA H 257 12.37 -63.86 -18.73
CA ALA H 257 11.43 -63.90 -17.63
C ALA H 257 10.32 -64.87 -17.95
N GLU H 258 9.92 -64.91 -19.21
CA GLU H 258 8.96 -65.90 -19.69
C GLU H 258 9.54 -67.30 -19.48
N LYS H 259 10.75 -67.54 -19.99
CA LYS H 259 11.50 -68.79 -19.78
C LYS H 259 11.53 -69.18 -18.30
N GLN H 260 11.61 -68.17 -17.42
CA GLN H 260 11.70 -68.41 -15.97
C GLN H 260 10.34 -68.36 -15.25
N GLY H 261 9.26 -68.21 -16.02
CA GLY H 261 7.90 -68.24 -15.48
C GLY H 261 7.57 -67.07 -14.58
N ILE H 262 8.08 -65.89 -14.95
CA ILE H 262 7.77 -64.65 -14.25
C ILE H 262 6.77 -63.85 -15.10
N LYS H 263 5.63 -63.47 -14.53
CA LYS H 263 4.68 -62.68 -15.29
C LYS H 263 5.20 -61.28 -15.38
N ALA H 264 5.64 -60.88 -16.57
CA ALA H 264 6.14 -59.55 -16.79
C ALA H 264 5.32 -58.92 -17.88
N LEU H 265 4.73 -57.77 -17.58
CA LEU H 265 3.88 -57.08 -18.53
C LEU H 265 4.45 -55.74 -19.01
N LEU H 266 4.42 -55.55 -20.33
CA LEU H 266 4.51 -54.22 -20.89
C LEU H 266 3.12 -53.62 -20.91
N ALA H 267 3.01 -52.32 -20.62
CA ALA H 267 1.69 -51.67 -20.63
C ALA H 267 1.73 -50.26 -21.22
N PRO H 268 1.90 -50.17 -22.55
CA PRO H 268 2.07 -48.86 -23.19
C PRO H 268 0.75 -48.08 -23.23
N GLY H 269 0.82 -46.76 -23.05
CA GLY H 269 -0.36 -45.89 -23.22
C GLY H 269 -1.45 -46.05 -22.17
N LEU H 270 -1.03 -46.17 -20.92
CA LEU H 270 -1.95 -46.39 -19.83
C LEU H 270 -2.96 -45.24 -19.61
N PRO H 271 -2.52 -43.97 -19.67
CA PRO H 271 -3.48 -42.89 -19.55
C PRO H 271 -4.65 -42.99 -20.53
N GLY H 272 -4.38 -43.27 -21.80
CA GLY H 272 -5.44 -43.37 -22.80
C GLY H 272 -6.46 -44.46 -22.54
N ILE H 273 -6.01 -45.59 -21.98
CA ILE H 273 -6.87 -46.74 -21.77
C ILE H 273 -7.71 -46.57 -20.50
N VAL H 274 -7.04 -46.24 -19.41
CA VAL H 274 -7.67 -46.15 -18.09
C VAL H 274 -8.55 -44.94 -17.84
N ALA H 275 -8.11 -43.76 -18.28
CA ALA H 275 -8.86 -42.56 -17.98
C ALA H 275 -8.85 -41.61 -19.15
N PRO H 276 -9.44 -42.03 -20.29
CA PRO H 276 -9.33 -41.18 -21.48
C PRO H 276 -9.85 -39.74 -21.27
N LYS H 277 -10.86 -39.54 -20.42
CA LYS H 277 -11.38 -38.19 -20.19
C LYS H 277 -10.32 -37.28 -19.59
N THR H 278 -9.71 -37.75 -18.50
CA THR H 278 -8.61 -37.05 -17.87
C THR H 278 -7.43 -36.86 -18.83
N ALA H 279 -6.97 -37.95 -19.45
CA ALA H 279 -5.91 -37.86 -20.45
C ALA H 279 -6.14 -36.69 -21.43
N GLY H 280 -7.39 -36.53 -21.87
CA GLY H 280 -7.76 -35.51 -22.82
C GLY H 280 -7.67 -34.16 -22.18
N GLN H 281 -8.30 -34.04 -21.00
CA GLN H 281 -8.22 -32.83 -20.16
C GLN H 281 -6.80 -32.38 -19.86
N ILE H 282 -5.88 -33.31 -19.63
CA ILE H 282 -4.47 -32.97 -19.46
C ILE H 282 -3.93 -32.35 -20.74
N LEU H 283 -4.16 -33.03 -21.86
CA LEU H 283 -3.77 -32.51 -23.17
C LEU H 283 -4.36 -31.12 -23.49
N ALA H 284 -5.66 -30.93 -23.25
CA ALA H 284 -6.33 -29.66 -23.55
C ALA H 284 -5.85 -28.50 -22.69
N ASN H 285 -5.53 -28.75 -21.42
CA ASN H 285 -5.08 -27.63 -20.60
C ASN H 285 -3.71 -27.12 -21.01
N VAL H 286 -2.74 -28.01 -21.18
CA VAL H 286 -1.45 -27.58 -21.71
C VAL H 286 -1.62 -27.02 -23.14
N LEU H 287 -2.40 -27.67 -23.99
CA LEU H 287 -2.61 -27.11 -25.31
C LEU H 287 -3.07 -25.64 -25.21
N SER H 288 -4.13 -25.39 -24.47
CA SER H 288 -4.71 -24.06 -24.35
C SER H 288 -3.68 -23.03 -23.87
N LYS H 289 -2.78 -23.42 -23.00
CA LYS H 289 -1.82 -22.47 -22.48
C LYS H 289 -0.79 -22.21 -23.54
N LEU H 290 -0.44 -23.24 -24.28
CA LEU H 290 0.58 -23.11 -25.30
C LEU H 290 0.05 -22.32 -26.48
N LEU H 291 -1.21 -22.55 -26.85
CA LEU H 291 -1.86 -21.78 -27.91
C LEU H 291 -1.99 -20.30 -27.58
N ALA H 292 -2.18 -20.00 -26.30
CA ALA H 292 -2.24 -18.63 -25.84
C ALA H 292 -0.91 -17.95 -26.06
N GLU H 293 0.19 -18.66 -25.81
CA GLU H 293 1.53 -18.11 -26.03
C GLU H 293 1.79 -17.81 -27.48
N ILE H 294 1.20 -18.59 -28.39
CA ILE H 294 1.33 -18.36 -29.81
C ILE H 294 0.53 -17.12 -30.22
N GLN H 295 -0.64 -16.97 -29.63
CA GLN H 295 -1.56 -15.90 -30.01
C GLN H 295 -0.98 -14.55 -29.61
N ALA H 296 -0.42 -14.51 -28.40
CA ALA H 296 0.26 -13.33 -27.88
C ALA H 296 1.41 -12.88 -28.79
N GLU H 297 1.84 -13.73 -29.73
CA GLU H 297 2.96 -13.41 -30.60
C GLU H 297 2.61 -12.77 -31.96
N GLU H 298 1.33 -12.54 -32.24
CA GLU H 298 0.88 -11.70 -33.38
C GLU H 298 -0.43 -10.93 -33.08
CL CL I . 17.14 62.96 -6.10
PA NAP J . 6.24 59.22 -16.96
O1A NAP J . 6.13 60.01 -15.72
O2A NAP J . 6.30 60.05 -18.18
O5B NAP J . 7.52 58.24 -16.95
C5B NAP J . 8.82 58.71 -17.24
C4B NAP J . 9.77 58.40 -16.08
O4B NAP J . 11.09 58.25 -16.57
C3B NAP J . 9.82 59.48 -15.00
O3B NAP J . 9.42 58.97 -13.75
C2B NAP J . 11.29 59.90 -14.91
O2B NAP J . 11.77 60.01 -13.58
C1B NAP J . 12.04 58.85 -15.69
N9A NAP J . 13.11 59.39 -16.55
C8A NAP J . 12.94 60.35 -17.53
N7A NAP J . 14.15 60.56 -18.13
C5A NAP J . 15.06 59.75 -17.55
C6A NAP J . 16.43 59.57 -17.80
N6A NAP J . 17.03 60.29 -18.76
N1A NAP J . 17.13 58.63 -17.04
C2A NAP J . 16.48 57.90 -16.06
N3A NAP J . 15.13 58.08 -15.83
C4A NAP J . 14.42 58.99 -16.56
O3 NAP J . 4.98 58.31 -17.02
PN NAP J . 4.45 57.53 -18.29
O1N NAP J . 4.52 56.12 -17.88
O2N NAP J . 3.15 58.14 -18.68
O5D NAP J . 5.55 57.74 -19.45
C5D NAP J . 6.27 56.64 -19.97
C4D NAP J . 6.39 56.64 -21.50
O4D NAP J . 5.56 55.62 -22.01
C3D NAP J . 6.00 57.93 -22.21
O3D NAP J . 6.99 58.19 -23.21
C2D NAP J . 4.68 57.63 -22.90
O2D NAP J . 4.56 58.32 -24.12
C1D NAP J . 4.78 56.11 -23.10
N1N NAP J . 3.47 55.40 -23.15
C2N NAP J . 3.25 54.50 -24.17
C3N NAP J . 2.05 53.78 -24.26
C7N NAP J . 1.95 52.54 -25.12
O7N NAP J . 1.14 51.48 -24.70
N7N NAP J . 2.60 52.45 -26.27
C4N NAP J . 1.07 54.00 -23.27
C5N NAP J . 1.29 54.92 -22.23
C6N NAP J . 2.50 55.61 -22.19
P2B NAP J . 12.15 61.49 -13.05
O1X NAP J . 13.28 61.34 -12.04
O2X NAP J . 10.92 62.16 -12.49
O3X NAP J . 12.61 62.30 -14.23
CL CL K . -15.53 17.79 3.10
PA NAP L . -6.22 18.03 -10.00
O1A NAP L . -5.76 17.76 -8.62
O2A NAP L . -6.91 16.90 -10.66
O5B NAP L . -7.29 19.22 -10.10
C5B NAP L . -8.63 18.82 -10.18
C4B NAP L . -9.40 19.38 -9.01
O4B NAP L . -10.74 19.41 -9.42
C3B NAP L . -9.34 18.55 -7.74
O3B NAP L . -8.82 19.30 -6.66
C2B NAP L . -10.77 18.16 -7.40
O2B NAP L . -11.10 18.49 -6.07
C1B NAP L . -11.57 19.05 -8.33
N9A NAP L . -12.83 18.45 -8.80
C8A NAP L . -12.98 17.33 -9.57
N7A NAP L . -14.31 17.15 -9.78
C5A NAP L . -14.99 18.16 -9.14
C6A NAP L . -16.34 18.46 -9.04
N6A NAP L . -17.21 17.65 -9.64
N1A NAP L . -16.75 19.57 -8.32
C2A NAP L . -15.80 20.39 -7.71
N3A NAP L . -14.45 20.09 -7.82
C4A NAP L . -14.05 18.99 -8.53
O3 NAP L . -4.92 18.48 -10.77
PN NAP L . -4.88 19.30 -12.12
O1N NAP L . -5.08 20.70 -11.68
O2N NAP L . -3.66 18.82 -12.80
O5D NAP L . -6.16 18.93 -13.01
C5D NAP L . -6.47 19.76 -14.11
C4D NAP L . -6.99 19.05 -15.37
O4D NAP L . -6.60 19.80 -16.51
C3D NAP L . -6.49 17.63 -15.63
O3D NAP L . -7.50 16.93 -16.32
C2D NAP L . -5.28 17.85 -16.53
O2D NAP L . -4.98 16.76 -17.38
C1D NAP L . -5.65 19.10 -17.31
N1N NAP L . -4.51 19.98 -17.67
C2N NAP L . -4.54 20.58 -18.90
C3N NAP L . -3.53 21.43 -19.33
C7N NAP L . -3.55 21.89 -20.75
O7N NAP L . -2.51 22.70 -21.24
N7N NAP L . -4.55 21.51 -21.52
C4N NAP L . -2.44 21.69 -18.50
C5N NAP L . -2.39 21.08 -17.25
C6N NAP L . -3.43 20.23 -16.83
P2B NAP L . -11.76 17.46 -4.99
O1X NAP L . -13.00 18.11 -4.41
O2X NAP L . -10.75 17.19 -3.88
O3X NAP L . -12.11 16.17 -5.70
PA NAP M . 0.07 19.96 8.61
O1A NAP M . -0.45 19.85 7.23
O2A NAP M . 0.11 18.62 9.25
O5B NAP M . 1.51 20.64 8.71
C5B NAP M . 2.64 19.82 8.82
C4B NAP M . 3.32 19.72 7.46
O4B NAP M . 4.66 19.45 7.72
C3B NAP M . 2.80 18.61 6.57
O3B NAP M . 2.39 19.09 5.31
C2B NAP M . 3.98 17.69 6.34
O2B NAP M . 4.16 17.31 4.99
C1B NAP M . 5.17 18.47 6.84
N9A NAP M . 6.05 17.59 7.61
C8A NAP M . 5.67 16.70 8.61
N7A NAP M . 6.78 16.08 9.07
C5A NAP M . 7.85 16.57 8.38
C6A NAP M . 9.21 16.29 8.46
N6A NAP M . 9.65 15.39 9.35
N1A NAP M . 10.08 16.98 7.61
C2A NAP M . 9.63 17.92 6.69
N3A NAP M . 8.27 18.19 6.62
C4A NAP M . 7.41 17.52 7.46
O3 NAP M . -0.88 21.03 9.29
PN NAP M . -0.53 22.15 10.34
O1N NAP M . 0.05 23.35 9.70
O2N NAP M . -1.80 22.37 11.03
O5D NAP M . 0.55 21.53 11.32
C5D NAP M . 1.21 22.54 12.08
C4D NAP M . 1.56 22.14 13.51
O4D NAP M . 1.53 23.36 14.23
C3D NAP M . 0.63 21.15 14.20
O3D NAP M . 1.33 20.28 15.06
C2D NAP M . -0.27 22.02 15.07
O2D NAP M . -0.67 21.41 16.29
C1D NAP M . 0.58 23.28 15.29
N1N NAP M . -0.25 24.49 15.28
C2N NAP M . -0.05 25.39 16.29
C3N NAP M . -0.80 26.54 16.34
C7N NAP M . -0.44 27.58 17.34
O7N NAP M . -1.31 28.68 17.52
N7N NAP M . 0.68 27.45 18.04
C4N NAP M . -1.76 26.80 15.36
C5N NAP M . -1.96 25.86 14.35
C6N NAP M . -1.19 24.71 14.30
P2B NAP M . 4.45 15.77 4.59
O1X NAP M . 5.78 15.62 3.87
O2X NAP M . 3.28 15.38 3.72
O3X NAP M . 4.58 14.91 5.82
CL CL N . -7.18 66.82 -10.18
PA NAP O . 2.87 62.90 2.33
O1A NAP O . 3.20 62.48 0.94
O2A NAP O . 2.87 64.37 2.42
O5B NAP O . 1.46 62.38 2.86
C5B NAP O . 0.39 63.31 2.92
C4B NAP O . -0.58 63.04 1.79
O4B NAP O . -1.88 63.38 2.21
C3B NAP O . -0.29 63.87 0.57
O3B NAP O . -0.13 62.98 -0.51
C2B NAP O . -1.52 64.68 0.27
O2B NAP O . -1.92 64.53 -1.07
C1B NAP O . -2.55 64.01 1.14
N9A NAP O . -3.54 64.97 1.64
C8A NAP O . -3.32 66.12 2.36
N7A NAP O . -4.52 66.69 2.63
C5A NAP O . -5.49 65.92 2.09
C6A NAP O . -6.89 66.05 2.05
N6A NAP O . -7.50 67.07 2.64
N1A NAP O . -7.64 65.07 1.41
C2A NAP O . -7.01 63.99 0.78
N3A NAP O . -5.63 63.88 0.81
C4A NAP O . -4.89 64.84 1.46
O3 NAP O . 3.99 62.23 3.23
PN NAP O . 3.86 61.30 4.50
O1N NAP O . 3.16 60.07 4.07
O2N NAP O . 5.24 61.19 5.02
O5D NAP O . 2.96 62.18 5.50
C5D NAP O . 2.11 61.59 6.45
C4D NAP O . 2.21 62.22 7.85
O4D NAP O . 2.54 61.20 8.79
C3D NAP O . 3.24 63.33 8.01
O3D NAP O . 2.72 64.31 8.87
C2D NAP O . 4.41 62.61 8.67
O2D NAP O . 5.20 63.46 9.48
C1D NAP O . 3.71 61.54 9.50
N1N NAP O . 4.53 60.33 9.70
C2N NAP O . 4.50 59.78 10.95
C3N NAP O . 5.22 58.64 11.23
C7N NAP O . 5.05 57.99 12.58
O7N NAP O . 6.16 57.36 13.19
N7N NAP O . 3.85 58.01 13.17
C4N NAP O . 5.98 58.04 10.22
C5N NAP O . 5.99 58.59 8.93
C6N NAP O . 5.26 59.75 8.69
P2B NAP O . -2.43 65.74 -2.03
O1X NAP O . -3.69 65.28 -2.73
O2X NAP O . -1.38 66.06 -3.07
O3X NAP O . -2.79 66.94 -1.16
CL CL P . -10.49 -59.26 21.90
PA NAP Q . -9.76 -43.16 25.40
O1A NAP Q . -10.64 -43.55 24.26
O2A NAP Q . -10.25 -43.72 26.69
O5B NAP Q . -8.24 -43.67 25.28
C5B NAP Q . -7.83 -44.73 26.10
C4B NAP Q . -7.68 -46.04 25.33
O4B NAP Q . -6.71 -46.83 25.97
C3B NAP Q . -8.96 -46.87 25.25
O3B NAP Q . -9.35 -47.06 23.91
C2B NAP Q . -8.63 -48.22 25.87
O2B NAP Q . -8.89 -49.26 24.97
C1B NAP Q . -7.12 -48.19 26.05
N9A NAP Q . -6.61 -48.81 27.31
C8A NAP Q . -7.06 -48.58 28.59
N7A NAP Q . -6.31 -49.32 29.45
C5A NAP Q . -5.41 -50.02 28.73
C6A NAP Q . -4.40 -50.91 29.12
N6A NAP Q . -4.24 -51.21 30.41
N1A NAP Q . -3.61 -51.48 28.13
C2A NAP Q . -3.79 -51.16 26.80
N3A NAP Q . -4.79 -50.28 26.43
C4A NAP Q . -5.57 -49.72 27.38
O3 NAP Q . -9.79 -41.56 25.43
PN NAP Q . -8.55 -40.55 25.36
O1N NAP Q . -7.78 -40.93 24.14
O2N NAP Q . -9.15 -39.22 25.52
O5D NAP Q . -7.66 -40.91 26.64
C5D NAP Q . -6.46 -40.19 26.86
C4D NAP Q . -6.34 -39.72 28.31
O4D NAP Q . -5.49 -38.58 28.33
C3D NAP Q . -7.69 -39.32 28.92
O3D NAP Q . -7.91 -39.96 30.16
C2D NAP Q . -7.65 -37.79 29.04
O2D NAP Q . -7.98 -37.35 30.34
C1D NAP Q . -6.19 -37.40 28.74
N1N NAP Q . -6.06 -36.24 27.81
C2N NAP Q . -5.09 -35.32 28.11
C3N NAP Q . -4.87 -34.21 27.32
C7N NAP Q . -3.64 -33.40 27.61
O7N NAP Q . -3.49 -32.14 27.04
N7N NAP Q . -2.70 -33.89 28.43
C4N NAP Q . -5.66 -33.98 26.19
C5N NAP Q . -6.67 -34.90 25.86
C6N NAP Q . -6.86 -36.03 26.69
P2B NAP Q . -9.39 -50.74 25.41
O1X NAP Q . -8.34 -51.76 25.01
O2X NAP Q . -10.69 -50.96 24.64
O3X NAP Q . -9.62 -50.78 26.90
PA NAP R . -20.17 -51.39 10.60
O1A NAP R . -19.49 -50.96 11.83
O2A NAP R . -21.38 -52.21 10.85
O5B NAP R . -20.47 -50.17 9.57
C5B NAP R . -21.74 -49.54 9.53
C4B NAP R . -21.68 -48.12 10.08
O4B NAP R . -22.75 -47.39 9.52
C3B NAP R . -21.83 -48.03 11.59
O3B NAP R . -20.67 -47.58 12.24
C2B NAP R . -22.97 -47.05 11.82
O2B NAP R . -22.62 -45.97 12.64
C1B NAP R . -23.31 -46.50 10.46
N9A NAP R . -24.77 -46.43 10.30
C8A NAP R . -25.70 -47.41 10.60
N7A NAP R . -26.92 -46.93 10.27
C5A NAP R . -26.79 -45.67 9.76
C6A NAP R . -27.70 -44.72 9.28
N6A NAP R . -29.00 -45.01 9.26
N1A NAP R . -27.25 -43.49 8.81
C2A NAP R . -25.90 -43.19 8.84
N3A NAP R . -25.00 -44.14 9.32
C4A NAP R . -25.44 -45.35 9.78
O3 NAP R . -19.11 -52.29 9.81
PN NAP R . -19.05 -52.63 8.27
O1N NAP R . -18.19 -51.60 7.65
O2N NAP R . -18.70 -54.06 8.19
O5D NAP R . -20.54 -52.49 7.69
C5D NAP R . -20.63 -52.32 6.29
C4D NAP R . -21.56 -53.25 5.50
O4D NAP R . -20.84 -53.66 4.35
C3D NAP R . -22.06 -54.53 6.18
O3D NAP R . -23.44 -54.72 5.90
C2D NAP R . -21.30 -55.66 5.53
O2D NAP R . -22.23 -56.65 5.20
C1D NAP R . -20.82 -55.07 4.22
N1N NAP R . -19.50 -55.54 3.76
C2N NAP R . -19.39 -55.80 2.42
C3N NAP R . -18.19 -56.22 1.86
C7N NAP R . -18.18 -56.60 0.42
O7N NAP R . -16.98 -57.02 -0.16
N7N NAP R . -19.30 -56.54 -0.30
C4N NAP R . -17.08 -56.38 2.68
C5N NAP R . -17.19 -56.11 4.04
C6N NAP R . -18.41 -55.69 4.58
P2B NAP R . -23.44 -45.74 14.01
O1X NAP R . -23.62 -44.25 14.25
O2X NAP R . -22.59 -46.28 15.14
O3X NAP R . -24.82 -46.38 13.84
CL CL S . 8.01 -23.61 -18.14
PA NAP T . 16.09 -24.50 -4.40
O1A NAP T . 15.65 -25.76 -5.03
O2A NAP T . 16.97 -23.68 -5.28
O5B NAP T . 14.76 -23.70 -4.00
C5B NAP T . 14.41 -22.58 -4.77
C4B NAP T . 13.21 -22.84 -5.67
O4B NAP T . 12.58 -21.61 -5.89
C3B NAP T . 13.51 -23.41 -7.04
O3B NAP T . 12.67 -24.52 -7.26
C2B NAP T . 13.19 -22.30 -8.03
O2B NAP T . 12.40 -22.73 -9.11
C1B NAP T . 12.21 -21.47 -7.26
N9A NAP T . 12.17 -20.05 -7.63
C8A NAP T . 13.21 -19.17 -7.74
N7A NAP T . 12.69 -17.96 -8.06
C5A NAP T . 11.33 -18.07 -8.12
C6A NAP T . 10.32 -17.15 -8.39
N6A NAP T . 10.63 -15.89 -8.67
N1A NAP T . 8.99 -17.55 -8.38
C2A NAP T . 8.68 -18.89 -8.10
N3A NAP T . 9.70 -19.80 -7.84
C4A NAP T . 10.99 -19.39 -7.84
O3 NAP T . 16.85 -24.96 -3.09
PN NAP T . 16.36 -24.84 -1.58
O1N NAP T . 14.90 -25.13 -1.48
O2N NAP T . 17.41 -25.62 -0.87
O5D NAP T . 16.53 -23.25 -1.33
C5D NAP T . 15.56 -22.45 -0.71
C4D NAP T . 16.23 -21.42 0.18
O4D NAP T . 16.09 -21.80 1.54
C3D NAP T . 17.73 -21.25 -0.07
O3D NAP T . 18.06 -19.88 -0.15
C2D NAP T . 18.39 -21.88 1.14
O2D NAP T . 19.64 -21.32 1.50
C1D NAP T . 17.34 -21.64 2.21
N1N NAP T . 17.49 -22.54 3.37
C2N NAP T . 17.72 -21.98 4.60
C3N NAP T . 17.82 -22.77 5.76
C7N NAP T . 17.05 -22.24 6.93
O7N NAP T . 16.91 -23.02 8.10
N7N NAP T . 16.48 -21.05 6.86
C4N NAP T . 17.73 -24.16 5.60
C5N NAP T . 17.50 -24.74 4.34
C6N NAP T . 17.38 -23.90 3.23
P2B NAP T . 12.70 -22.34 -10.63
O1X NAP T . 11.37 -21.98 -11.30
O2X NAP T . 13.33 -23.57 -11.23
O3X NAP T . 13.69 -21.22 -10.64
CL CL U . 25.70 -37.86 -7.63
CL CL V . -2.62 -34.46 -29.03
PA NAP W . 11.97 -39.66 -16.55
O1A NAP W . 12.54 -38.51 -15.81
O2A NAP W . 12.40 -39.63 -17.95
O5B NAP W . 12.26 -41.08 -15.86
C5B NAP W . 13.49 -41.74 -16.05
C4B NAP W . 14.19 -41.85 -14.71
O4B NAP W . 14.99 -43.01 -14.66
C3B NAP W . 15.13 -40.67 -14.45
O3B NAP W . 14.85 -40.15 -13.16
C2B NAP W . 16.52 -41.25 -14.46
O2B NAP W . 17.31 -40.73 -13.42
C1B NAP W . 16.27 -42.72 -14.16
N9A NAP W . 17.26 -43.61 -14.77
C8A NAP W . 17.58 -43.70 -16.11
N7A NAP W . 18.51 -44.66 -16.27
C5A NAP W . 18.77 -45.20 -15.05
C6A NAP W . 19.62 -46.22 -14.66
N6A NAP W . 20.37 -46.82 -15.58
N1A NAP W . 19.69 -46.57 -13.32
C2A NAP W . 18.92 -45.90 -12.40
N3A NAP W . 18.05 -44.89 -12.79
C4A NAP W . 17.99 -44.55 -14.11
O3 NAP W . 10.40 -39.57 -16.44
PN NAP W . 9.27 -40.51 -17.03
O1N NAP W . 8.53 -40.98 -15.84
O2N NAP W . 8.53 -39.78 -18.10
O5D NAP W . 10.05 -41.75 -17.68
C5D NAP W . 9.54 -43.05 -17.44
C4D NAP W . 9.28 -43.96 -18.63
O4D NAP W . 7.95 -44.38 -18.58
C3D NAP W . 9.46 -43.35 -20.00
O3D NAP W . 10.05 -44.33 -20.81
C2D NAP W . 8.09 -43.14 -20.56
O2D NAP W . 8.12 -43.51 -21.90
C1D NAP W . 7.29 -44.18 -19.83
N1N NAP W . 5.86 -43.85 -19.65
C2N NAP W . 4.98 -44.83 -20.01
C3N NAP W . 3.60 -44.67 -19.88
C7N NAP W . 2.74 -45.91 -20.07
O7N NAP W . 1.32 -45.85 -20.19
N7N NAP W . 3.33 -47.09 -20.11
C4N NAP W . 3.14 -43.46 -19.34
C5N NAP W . 4.03 -42.45 -18.96
C6N NAP W . 5.40 -42.67 -19.11
P2B NAP W . 18.73 -39.99 -13.64
O1X NAP W . 19.73 -40.58 -12.65
O2X NAP W . 18.46 -38.51 -13.35
O3X NAP W . 19.27 -40.20 -15.05
#